data_2ML1
#
_entry.id   2ML1
#
loop_
_entity.id
_entity.type
_entity.pdbx_description
1 polymer 'Poly(beta-D-mannuronate) C5 epimerase 6'
2 non-polymer 'CALCIUM ION'
#
_entity_poly.entity_id   1
_entity_poly.type   'polypeptide(L)'
_entity_poly.pdbx_seq_one_letter_code
;AQGTDGNDVLIGSDVGEQISGGAGDDRLDGGAGDDLLDGGAGRDRLTGGLGADTFRFALREDSHRSPLGTFSDLILDFDP
SQDKIDVSALGFIGLGNGYAGTLAVSLSADGLRTYLKSYDADAQGRSFELALDGNHAATLSAGNIVFAAATPG
;
_entity_poly.pdbx_strand_id   A
#
loop_
_chem_comp.id
_chem_comp.type
_chem_comp.name
_chem_comp.formula
CA non-polymer 'CALCIUM ION' 'Ca 2'
#
# COMPACT_ATOMS: atom_id res chain seq x y z
N ALA A 1 18.93 10.52 -6.74
CA ALA A 1 17.45 10.49 -6.86
C ALA A 1 16.96 9.06 -6.86
N GLN A 2 15.80 8.82 -6.23
CA GLN A 2 15.26 7.47 -5.99
C GLN A 2 16.22 6.69 -5.07
N GLY A 3 15.84 5.47 -4.72
CA GLY A 3 16.65 4.66 -3.83
C GLY A 3 17.41 3.58 -4.58
N THR A 4 18.18 2.81 -3.85
CA THR A 4 18.98 1.73 -4.41
C THR A 4 18.76 0.52 -3.49
N ASP A 5 19.50 -0.56 -3.69
CA ASP A 5 19.36 -1.72 -2.83
C ASP A 5 20.03 -1.40 -1.49
N GLY A 6 19.40 -1.84 -0.41
CA GLY A 6 19.81 -1.43 0.93
C GLY A 6 18.73 -0.51 1.47
N ASN A 7 18.91 0.07 2.65
CA ASN A 7 17.86 0.91 3.25
C ASN A 7 18.03 2.36 2.80
N ASP A 8 16.93 3.03 2.48
CA ASP A 8 16.95 4.43 2.01
C ASP A 8 15.93 5.28 2.74
N VAL A 9 16.21 6.57 2.83
CA VAL A 9 15.24 7.56 3.33
C VAL A 9 15.15 8.59 2.20
N LEU A 10 14.00 8.68 1.58
CA LEU A 10 13.82 9.52 0.40
C LEU A 10 12.76 10.56 0.69
N ILE A 11 13.05 11.81 0.35
CA ILE A 11 12.12 12.91 0.58
C ILE A 11 11.91 13.64 -0.74
N GLY A 12 10.66 13.76 -1.17
CA GLY A 12 10.34 14.41 -2.41
C GLY A 12 10.13 15.91 -2.24
N SER A 13 10.30 16.63 -3.34
CA SER A 13 10.14 18.08 -3.39
C SER A 13 8.70 18.46 -3.73
N ASP A 14 8.43 19.75 -3.83
CA ASP A 14 7.09 20.26 -4.11
C ASP A 14 6.51 19.87 -5.48
N VAL A 15 7.37 19.63 -6.46
CA VAL A 15 6.89 19.29 -7.80
C VAL A 15 6.46 17.81 -7.84
N GLY A 16 5.75 17.42 -8.89
CA GLY A 16 5.37 16.03 -9.04
C GLY A 16 6.58 15.19 -9.39
N GLU A 17 6.69 14.01 -8.81
CA GLU A 17 7.89 13.18 -8.96
C GLU A 17 7.52 11.70 -9.07
N GLN A 18 8.45 10.91 -9.59
CA GLN A 18 8.33 9.46 -9.63
C GLN A 18 9.48 8.93 -8.79
N ILE A 19 9.14 8.27 -7.69
CA ILE A 19 10.14 7.85 -6.70
C ILE A 19 10.00 6.35 -6.42
N SER A 20 11.09 5.60 -6.59
CA SER A 20 11.11 4.19 -6.24
C SER A 20 12.12 3.97 -5.11
N GLY A 21 11.79 3.07 -4.18
CA GLY A 21 12.66 2.82 -3.04
C GLY A 21 13.68 1.72 -3.27
N GLY A 22 13.41 0.84 -4.23
CA GLY A 22 14.28 -0.30 -4.48
C GLY A 22 14.12 -1.38 -3.41
N ALA A 23 15.07 -2.31 -3.35
CA ALA A 23 15.02 -3.34 -2.31
C ALA A 23 15.37 -2.70 -0.95
N GLY A 24 15.18 -3.47 0.11
CA GLY A 24 15.50 -2.98 1.45
C GLY A 24 14.36 -2.22 2.11
N ASP A 25 14.57 -1.84 3.36
CA ASP A 25 13.56 -1.13 4.15
C ASP A 25 13.68 0.35 3.87
N ASP A 26 12.66 0.95 3.26
CA ASP A 26 12.75 2.35 2.86
C ASP A 26 11.61 3.20 3.41
N ARG A 27 11.88 4.49 3.56
CA ARG A 27 10.82 5.47 3.80
C ARG A 27 10.79 6.36 2.58
N LEU A 28 9.61 6.55 2.02
CA LEU A 28 9.44 7.44 0.88
C LEU A 28 8.50 8.55 1.32
N ASP A 29 8.86 9.78 1.01
CA ASP A 29 8.05 10.95 1.31
C ASP A 29 7.84 11.67 -0.01
N GLY A 30 6.62 12.09 -0.29
CA GLY A 30 6.31 12.70 -1.58
C GLY A 30 6.20 14.21 -1.56
N GLY A 31 5.77 14.77 -0.44
CA GLY A 31 5.56 16.22 -0.37
C GLY A 31 4.41 16.66 -1.25
N ALA A 32 4.44 17.92 -1.68
CA ALA A 32 3.40 18.45 -2.55
C ALA A 32 3.56 17.89 -3.97
N GLY A 33 2.62 18.22 -4.84
CA GLY A 33 2.63 17.72 -6.20
C GLY A 33 2.07 16.32 -6.27
N ASP A 34 1.67 15.91 -7.47
CA ASP A 34 1.11 14.58 -7.66
C ASP A 34 2.30 13.63 -7.83
N ASP A 35 2.39 12.60 -7.02
CA ASP A 35 3.59 11.75 -7.00
C ASP A 35 3.29 10.27 -7.25
N LEU A 36 4.26 9.58 -7.81
CA LEU A 36 4.19 8.13 -8.04
C LEU A 36 5.21 7.49 -7.11
N LEU A 37 4.77 6.56 -6.27
CA LEU A 37 5.65 5.96 -5.27
C LEU A 37 5.69 4.42 -5.37
N ASP A 38 6.86 3.89 -5.71
CA ASP A 38 7.07 2.44 -5.83
C ASP A 38 7.86 1.93 -4.62
N GLY A 39 7.26 1.07 -3.83
CA GLY A 39 7.93 0.57 -2.62
C GLY A 39 9.15 -0.31 -2.88
N GLY A 40 9.03 -1.24 -3.80
CA GLY A 40 10.13 -2.17 -4.07
C GLY A 40 10.19 -3.26 -3.02
N ALA A 41 11.07 -4.24 -3.21
CA ALA A 41 11.22 -5.34 -2.27
C ALA A 41 11.53 -4.83 -0.85
N GLY A 42 11.16 -5.62 0.15
CA GLY A 42 11.32 -5.23 1.54
C GLY A 42 10.09 -4.47 2.04
N ARG A 43 9.98 -4.27 3.33
CA ARG A 43 8.85 -3.53 3.92
C ARG A 43 9.16 -2.06 3.77
N ASP A 44 8.14 -1.25 3.54
CA ASP A 44 8.35 0.18 3.28
C ASP A 44 7.30 1.03 3.96
N ARG A 45 7.59 2.32 4.10
CA ARG A 45 6.65 3.28 4.69
C ARG A 45 6.53 4.41 3.69
N LEU A 46 5.33 4.59 3.14
CA LEU A 46 5.11 5.55 2.06
C LEU A 46 4.22 6.71 2.51
N THR A 47 4.69 7.93 2.29
CA THR A 47 3.95 9.13 2.68
C THR A 47 3.68 9.96 1.44
N GLY A 48 2.42 10.12 1.07
CA GLY A 48 2.10 10.83 -0.18
C GLY A 48 2.14 12.34 -0.11
N GLY A 49 1.64 12.90 0.99
CA GLY A 49 1.55 14.35 1.11
C GLY A 49 0.43 14.92 0.26
N LEU A 50 0.41 16.23 0.07
CA LEU A 50 -0.61 16.91 -0.74
C LEU A 50 -0.56 16.44 -2.20
N GLY A 51 -1.67 16.62 -2.90
CA GLY A 51 -1.76 16.18 -4.28
C GLY A 51 -2.30 14.77 -4.37
N ALA A 52 -2.66 14.34 -5.58
CA ALA A 52 -3.14 12.99 -5.81
C ALA A 52 -1.89 12.12 -5.98
N ASP A 53 -1.79 11.07 -5.20
CA ASP A 53 -0.58 10.24 -5.22
C ASP A 53 -0.98 8.81 -5.49
N THR A 54 -0.13 8.08 -6.18
CA THR A 54 -0.39 6.67 -6.44
C THR A 54 0.74 5.84 -5.82
N PHE A 55 0.35 4.80 -5.11
CA PHE A 55 1.29 3.93 -4.42
C PHE A 55 1.21 2.59 -5.12
N ARG A 56 2.34 2.09 -5.60
CA ARG A 56 2.34 0.90 -6.43
C ARG A 56 3.34 -0.16 -6.00
N PHE A 57 3.01 -1.39 -6.31
CA PHE A 57 3.96 -2.50 -6.22
C PHE A 57 4.99 -2.31 -7.33
N ALA A 58 6.17 -2.88 -7.13
CA ALA A 58 7.18 -2.98 -8.20
C ALA A 58 7.55 -4.46 -8.40
N LEU A 59 7.24 -5.28 -7.39
CA LEU A 59 7.52 -6.71 -7.43
C LEU A 59 6.24 -7.45 -7.06
N ARG A 60 6.16 -8.75 -7.35
CA ARG A 60 5.02 -9.56 -6.92
C ARG A 60 5.13 -9.86 -5.41
N GLU A 61 6.32 -9.66 -4.87
CA GLU A 61 6.65 -9.96 -3.47
C GLU A 61 6.77 -8.66 -2.67
N ASP A 62 6.31 -7.57 -3.27
CA ASP A 62 6.48 -6.23 -2.69
C ASP A 62 5.90 -6.06 -1.30
N SER A 63 4.80 -6.75 -1.02
CA SER A 63 4.15 -6.67 0.29
C SER A 63 3.54 -8.01 0.69
N HIS A 64 4.26 -8.78 1.50
CA HIS A 64 3.75 -10.06 1.99
C HIS A 64 4.17 -10.27 3.44
N ARG A 65 3.57 -11.25 4.10
CA ARG A 65 3.87 -11.59 5.49
C ARG A 65 4.05 -13.09 5.56
N SER A 66 4.83 -13.54 6.53
CA SER A 66 5.15 -14.96 6.65
C SER A 66 5.52 -15.18 8.11
N PRO A 67 5.65 -16.44 8.57
CA PRO A 67 6.11 -16.58 9.96
C PRO A 67 7.59 -16.17 10.15
N LEU A 68 8.29 -15.96 9.03
CA LEU A 68 9.67 -15.51 9.05
C LEU A 68 9.75 -14.00 9.29
N GLY A 69 8.59 -13.35 9.30
CA GLY A 69 8.52 -11.92 9.50
C GLY A 69 7.57 -11.24 8.54
N THR A 70 7.29 -9.97 8.79
CA THR A 70 6.43 -9.18 7.92
C THR A 70 7.31 -8.40 6.96
N PHE A 71 6.89 -8.35 5.70
CA PHE A 71 7.60 -7.62 4.66
C PHE A 71 6.58 -6.75 3.94
N SER A 72 5.46 -6.51 4.61
CA SER A 72 4.36 -5.73 4.04
C SER A 72 4.68 -4.25 4.11
N ASP A 73 4.01 -3.47 3.28
CA ASP A 73 4.20 -2.03 3.28
C ASP A 73 3.11 -1.35 4.06
N LEU A 74 3.42 -0.16 4.55
CA LEU A 74 2.48 0.68 5.29
C LEU A 74 2.42 2.01 4.57
N ILE A 75 1.24 2.54 4.38
CA ILE A 75 1.09 3.87 3.79
C ILE A 75 0.64 4.72 4.96
N LEU A 76 1.09 5.95 4.97
CA LEU A 76 0.88 6.85 6.11
C LEU A 76 -0.09 7.97 5.76
N ASP A 77 -0.99 8.22 6.69
CA ASP A 77 -2.01 9.30 6.65
C ASP A 77 -3.08 9.15 5.56
N PHE A 78 -2.63 9.11 4.31
CA PHE A 78 -3.46 8.84 3.11
C PHE A 78 -4.66 9.79 2.84
N ASP A 79 -4.76 10.26 1.61
CA ASP A 79 -5.91 11.11 1.21
C ASP A 79 -6.91 10.28 0.41
N PRO A 80 -7.96 9.75 1.06
CA PRO A 80 -8.88 8.89 0.29
C PRO A 80 -9.71 9.61 -0.76
N SER A 81 -9.72 10.92 -0.74
CA SER A 81 -10.42 11.70 -1.76
C SER A 81 -9.64 11.79 -3.06
N GLN A 82 -8.35 11.46 -3.03
CA GLN A 82 -7.44 11.72 -4.17
C GLN A 82 -6.47 10.58 -4.51
N ASP A 83 -6.01 9.85 -3.51
CA ASP A 83 -4.90 8.90 -3.70
C ASP A 83 -5.35 7.52 -4.19
N LYS A 84 -4.42 6.79 -4.79
CA LYS A 84 -4.69 5.47 -5.39
C LYS A 84 -3.68 4.41 -4.90
N ILE A 85 -4.14 3.18 -4.71
CA ILE A 85 -3.28 2.07 -4.30
C ILE A 85 -3.48 0.94 -5.31
N ASP A 86 -2.38 0.44 -5.87
CA ASP A 86 -2.45 -0.68 -6.81
C ASP A 86 -1.84 -1.92 -6.17
N VAL A 87 -2.55 -3.05 -6.25
CA VAL A 87 -2.12 -4.31 -5.62
C VAL A 87 -2.21 -5.49 -6.59
N SER A 88 -2.42 -5.19 -7.85
CA SER A 88 -2.67 -6.22 -8.87
C SER A 88 -1.63 -7.32 -9.05
N ALA A 89 -0.36 -7.04 -8.78
CA ALA A 89 0.70 -8.04 -8.96
C ALA A 89 0.74 -9.10 -7.85
N LEU A 90 0.01 -8.88 -6.77
CA LEU A 90 0.00 -9.84 -5.67
C LEU A 90 -1.06 -10.87 -6.03
N GLY A 91 -2.19 -10.36 -6.51
CA GLY A 91 -3.31 -11.19 -6.90
C GLY A 91 -4.16 -11.61 -5.71
N PHE A 92 -5.47 -11.68 -5.92
CA PHE A 92 -6.40 -12.10 -4.88
C PHE A 92 -7.56 -12.79 -5.58
N ILE A 93 -8.03 -13.90 -5.01
CA ILE A 93 -9.10 -14.69 -5.63
C ILE A 93 -10.49 -14.16 -5.22
N GLY A 94 -10.52 -13.28 -4.24
CA GLY A 94 -11.78 -12.67 -3.81
C GLY A 94 -11.53 -11.38 -3.06
N LEU A 95 -12.59 -10.60 -2.83
CA LEU A 95 -12.45 -9.27 -2.22
C LEU A 95 -13.24 -9.08 -0.93
N GLY A 96 -13.91 -10.14 -0.47
CA GLY A 96 -14.80 -10.01 0.68
C GLY A 96 -14.90 -11.19 1.62
N ASN A 97 -13.78 -11.61 2.19
CA ASN A 97 -13.79 -12.69 3.21
C ASN A 97 -12.56 -12.64 4.12
N GLY A 98 -11.36 -12.50 3.55
CA GLY A 98 -10.16 -12.25 4.34
C GLY A 98 -9.28 -13.46 4.60
N TYR A 99 -9.66 -14.60 4.06
CA TYR A 99 -8.88 -15.82 4.24
C TYR A 99 -8.71 -16.53 2.91
N ALA A 100 -7.70 -17.38 2.82
CA ALA A 100 -7.44 -18.21 1.64
C ALA A 100 -7.35 -17.39 0.34
N GLY A 101 -6.66 -16.27 0.39
CA GLY A 101 -6.40 -15.49 -0.82
C GLY A 101 -7.49 -14.50 -1.15
N THR A 102 -8.49 -14.40 -0.30
CA THR A 102 -9.55 -13.41 -0.50
C THR A 102 -9.25 -12.24 0.42
N LEU A 103 -9.48 -11.02 -0.04
CA LEU A 103 -9.21 -9.85 0.79
C LEU A 103 -10.34 -9.56 1.75
N ALA A 104 -10.02 -8.79 2.78
CA ALA A 104 -10.99 -8.17 3.66
C ALA A 104 -10.27 -6.94 4.23
N VAL A 105 -11.01 -6.06 4.87
CA VAL A 105 -10.46 -4.87 5.49
C VAL A 105 -10.71 -4.97 6.99
N SER A 106 -9.83 -4.42 7.79
CA SER A 106 -9.97 -4.44 9.25
C SER A 106 -9.52 -3.08 9.75
N LEU A 107 -9.89 -2.75 10.98
CA LEU A 107 -9.53 -1.48 11.59
C LEU A 107 -8.96 -1.76 12.97
N SER A 108 -8.23 -0.80 13.51
CA SER A 108 -7.78 -0.86 14.89
C SER A 108 -8.96 -0.45 15.76
N ALA A 109 -8.87 -0.68 17.06
CA ALA A 109 -9.96 -0.40 17.99
C ALA A 109 -10.30 1.10 18.10
N ASP A 110 -9.42 1.96 17.61
CA ASP A 110 -9.60 3.41 17.71
C ASP A 110 -9.81 3.97 16.30
N GLY A 111 -9.84 3.08 15.32
CA GLY A 111 -10.02 3.49 13.93
C GLY A 111 -8.84 4.22 13.32
N LEU A 112 -7.76 4.36 14.08
CA LEU A 112 -6.60 5.16 13.62
C LEU A 112 -5.68 4.39 12.67
N ARG A 113 -5.91 3.10 12.54
CA ARG A 113 -5.13 2.26 11.63
C ARG A 113 -6.09 1.35 10.89
N THR A 114 -5.70 0.98 9.68
CA THR A 114 -6.54 0.15 8.81
C THR A 114 -5.63 -0.93 8.25
N TYR A 115 -6.18 -2.12 8.02
CA TYR A 115 -5.38 -3.25 7.53
C TYR A 115 -6.11 -3.92 6.40
N LEU A 116 -5.36 -4.48 5.46
CA LEU A 116 -5.93 -5.27 4.37
C LEU A 116 -5.29 -6.63 4.53
N LYS A 117 -6.10 -7.65 4.72
CA LYS A 117 -5.58 -8.99 5.01
C LYS A 117 -6.18 -10.03 4.09
N SER A 118 -5.45 -11.11 3.88
CA SER A 118 -5.91 -12.16 2.97
C SER A 118 -5.65 -13.60 3.42
N TYR A 119 -4.73 -13.80 4.36
CA TYR A 119 -4.29 -15.14 4.77
C TYR A 119 -4.08 -16.07 3.55
N ASP A 120 -3.41 -15.56 2.52
CA ASP A 120 -3.18 -16.33 1.30
C ASP A 120 -2.27 -17.53 1.58
N ALA A 121 -2.57 -18.64 0.92
CA ALA A 121 -1.83 -19.86 1.03
C ALA A 121 -2.00 -20.65 -0.27
N ASP A 122 -2.08 -19.96 -1.40
CA ASP A 122 -2.33 -20.60 -2.71
C ASP A 122 -1.43 -21.79 -2.99
N ALA A 123 -0.16 -21.66 -2.62
CA ALA A 123 0.80 -22.76 -2.75
C ALA A 123 1.96 -22.66 -1.76
N GLN A 124 2.43 -21.43 -1.53
CA GLN A 124 3.62 -21.23 -0.70
C GLN A 124 3.31 -20.87 0.76
N GLY A 125 2.04 -20.68 1.07
CA GLY A 125 1.66 -20.30 2.43
C GLY A 125 2.18 -18.94 2.81
N ARG A 126 2.18 -18.01 1.86
CA ARG A 126 2.67 -16.65 2.09
C ARG A 126 1.54 -15.66 1.90
N SER A 127 1.08 -15.07 2.99
CA SER A 127 -0.05 -14.17 2.93
C SER A 127 0.36 -12.80 2.40
N PHE A 128 -0.41 -12.27 1.47
CA PHE A 128 -0.13 -10.94 0.93
C PHE A 128 -1.05 -9.93 1.60
N GLU A 129 -0.49 -9.13 2.51
CA GLU A 129 -1.27 -8.22 3.35
C GLU A 129 -0.63 -6.83 3.35
N LEU A 130 -1.44 -5.81 3.61
CA LEU A 130 -0.99 -4.41 3.63
C LEU A 130 -1.57 -3.70 4.86
N ALA A 131 -1.07 -2.51 5.17
CA ALA A 131 -1.60 -1.72 6.27
C ALA A 131 -1.57 -0.23 5.93
N LEU A 132 -2.41 0.53 6.61
CA LEU A 132 -2.47 1.98 6.46
C LEU A 132 -2.47 2.53 7.89
N ASP A 133 -1.51 3.38 8.23
CA ASP A 133 -1.43 3.92 9.59
C ASP A 133 -1.70 5.42 9.53
N GLY A 134 -2.60 5.90 10.40
CA GLY A 134 -2.98 7.30 10.39
C GLY A 134 -4.07 7.55 9.35
N ASN A 135 -4.56 6.46 8.78
CA ASN A 135 -5.53 6.52 7.69
C ASN A 135 -6.80 7.31 8.04
N HIS A 136 -7.27 8.13 7.10
CA HIS A 136 -8.56 8.81 7.22
C HIS A 136 -9.68 7.83 6.93
N ALA A 137 -9.85 6.87 7.83
CA ALA A 137 -10.89 5.85 7.72
C ALA A 137 -12.27 6.51 7.78
N ALA A 138 -12.33 7.66 8.44
CA ALA A 138 -13.57 8.43 8.54
C ALA A 138 -14.07 8.88 7.17
N THR A 139 -13.17 9.03 6.20
CA THR A 139 -13.56 9.47 4.85
C THR A 139 -13.10 8.49 3.76
N LEU A 140 -12.84 7.23 4.13
CA LEU A 140 -12.35 6.25 3.15
C LEU A 140 -13.39 5.98 2.07
N SER A 141 -12.92 5.66 0.87
CA SER A 141 -13.82 5.35 -0.25
C SER A 141 -13.24 4.21 -1.07
N ALA A 142 -14.11 3.42 -1.69
CA ALA A 142 -13.67 2.25 -2.48
C ALA A 142 -12.93 2.65 -3.77
N GLY A 143 -12.92 3.92 -4.11
CA GLY A 143 -12.24 4.38 -5.31
C GLY A 143 -10.73 4.25 -5.23
N ASN A 144 -10.20 4.21 -4.01
CA ASN A 144 -8.76 4.15 -3.78
C ASN A 144 -8.10 2.86 -4.26
N ILE A 145 -8.81 1.75 -4.29
CA ILE A 145 -8.20 0.48 -4.67
C ILE A 145 -8.34 0.22 -6.17
N VAL A 146 -7.43 -0.57 -6.72
CA VAL A 146 -7.37 -0.83 -8.17
C VAL A 146 -8.68 -1.45 -8.71
N PHE A 147 -9.37 -2.23 -7.89
CA PHE A 147 -10.59 -2.89 -8.33
C PHE A 147 -11.73 -1.91 -8.50
N ALA A 148 -11.77 -0.90 -7.62
CA ALA A 148 -12.80 0.14 -7.62
C ALA A 148 -14.23 -0.44 -7.69
N ALA A 149 -15.16 0.39 -8.17
CA ALA A 149 -16.55 0.00 -8.47
C ALA A 149 -17.38 -0.71 -7.36
N ALA A 150 -16.90 -0.76 -6.13
CA ALA A 150 -17.63 -1.43 -5.06
C ALA A 150 -18.81 -0.57 -4.58
N THR A 151 -19.97 -0.80 -5.18
CA THR A 151 -21.19 -0.11 -4.82
C THR A 151 -21.68 -0.64 -3.47
N PRO A 152 -22.32 0.22 -2.65
CA PRO A 152 -22.87 -0.38 -1.42
C PRO A 152 -24.03 -1.30 -1.76
N GLY A 153 -24.26 -2.30 -0.91
CA GLY A 153 -25.33 -3.25 -1.09
C GLY A 153 -25.25 -4.18 0.08
CA CA B . 16.32 0.89 -0.81
CA CA C . 6.55 15.74 -4.87
CA CA D . 11.81 -1.17 -0.45
CA CA E . 2.24 14.30 -3.19
CA CA F . 7.55 -3.06 -0.38
CA CA G . -2.08 12.57 -1.39
N ALA A 1 19.35 10.16 -7.09
CA ALA A 1 17.87 10.33 -7.06
C ALA A 1 17.20 9.00 -6.83
N GLN A 2 16.06 9.00 -6.14
CA GLN A 2 15.33 7.80 -5.71
C GLN A 2 16.23 6.79 -4.97
N GLY A 3 15.69 5.61 -4.69
CA GLY A 3 16.41 4.62 -3.90
C GLY A 3 17.15 3.58 -4.73
N THR A 4 17.95 2.79 -4.04
CA THR A 4 18.73 1.71 -4.63
C THR A 4 18.66 0.55 -3.62
N ASP A 5 19.53 -0.44 -3.72
CA ASP A 5 19.54 -1.52 -2.73
C ASP A 5 20.04 -0.98 -1.40
N GLY A 6 19.67 -1.63 -0.31
CA GLY A 6 19.99 -1.11 1.02
C GLY A 6 18.84 -0.25 1.50
N ASN A 7 18.97 0.34 2.68
CA ASN A 7 17.88 1.12 3.28
C ASN A 7 18.04 2.60 2.91
N ASP A 8 16.99 3.20 2.36
CA ASP A 8 17.03 4.61 1.95
C ASP A 8 15.98 5.42 2.71
N VAL A 9 16.25 6.71 2.85
CA VAL A 9 15.26 7.64 3.39
C VAL A 9 15.12 8.72 2.32
N LEU A 10 13.97 8.75 1.69
CA LEU A 10 13.71 9.61 0.55
C LEU A 10 12.63 10.61 0.92
N ILE A 11 12.85 11.87 0.59
CA ILE A 11 11.94 12.97 0.95
C ILE A 11 11.60 13.66 -0.37
N GLY A 12 10.33 13.99 -0.57
CA GLY A 12 9.90 14.61 -1.81
C GLY A 12 9.98 16.12 -1.80
N SER A 13 9.62 16.72 -2.93
CA SER A 13 9.63 18.17 -3.09
C SER A 13 8.26 18.61 -3.57
N ASP A 14 8.08 19.91 -3.74
CA ASP A 14 6.79 20.49 -4.14
C ASP A 14 6.27 19.99 -5.50
N VAL A 15 7.15 19.86 -6.47
CA VAL A 15 6.75 19.45 -7.82
C VAL A 15 6.36 17.98 -7.86
N GLY A 16 5.69 17.57 -8.94
CA GLY A 16 5.32 16.17 -9.10
C GLY A 16 6.55 15.32 -9.34
N GLU A 17 6.60 14.14 -8.74
CA GLU A 17 7.79 13.28 -8.80
C GLU A 17 7.42 11.80 -8.95
N GLN A 18 8.40 11.00 -9.33
CA GLN A 18 8.27 9.55 -9.45
C GLN A 18 9.44 8.97 -8.69
N ILE A 19 9.16 8.27 -7.57
CA ILE A 19 10.21 7.80 -6.67
C ILE A 19 10.01 6.34 -6.31
N SER A 20 11.01 5.52 -6.53
CA SER A 20 10.97 4.12 -6.10
C SER A 20 12.02 3.89 -5.02
N GLY A 21 11.72 2.99 -4.09
CA GLY A 21 12.64 2.73 -2.98
C GLY A 21 13.61 1.59 -3.24
N GLY A 22 13.26 0.69 -4.16
CA GLY A 22 14.10 -0.47 -4.43
C GLY A 22 14.04 -1.50 -3.31
N ALA A 23 15.05 -2.36 -3.23
CA ALA A 23 15.10 -3.37 -2.17
C ALA A 23 15.43 -2.67 -0.84
N GLY A 24 15.35 -3.43 0.25
CA GLY A 24 15.66 -2.90 1.57
C GLY A 24 14.46 -2.22 2.19
N ASP A 25 14.59 -1.85 3.45
CA ASP A 25 13.51 -1.21 4.21
C ASP A 25 13.67 0.28 4.03
N ASP A 26 12.71 0.90 3.35
CA ASP A 26 12.85 2.30 2.97
C ASP A 26 11.77 3.20 3.55
N ARG A 27 12.10 4.48 3.62
CA ARG A 27 11.11 5.51 3.92
C ARG A 27 11.01 6.33 2.65
N LEU A 28 9.80 6.61 2.24
CA LEU A 28 9.56 7.43 1.06
C LEU A 28 8.58 8.51 1.45
N ASP A 29 8.69 9.65 0.82
CA ASP A 29 7.77 10.75 1.01
C ASP A 29 7.67 11.45 -0.33
N GLY A 30 6.50 11.94 -0.66
CA GLY A 30 6.25 12.59 -1.93
C GLY A 30 6.15 14.09 -1.79
N GLY A 31 5.85 14.57 -0.58
CA GLY A 31 5.64 15.99 -0.39
C GLY A 31 4.40 16.47 -1.12
N ALA A 32 4.37 17.76 -1.47
CA ALA A 32 3.24 18.31 -2.22
C ALA A 32 3.29 17.85 -3.69
N GLY A 33 2.28 18.22 -4.45
CA GLY A 33 2.18 17.80 -5.84
C GLY A 33 1.73 16.37 -5.95
N ASP A 34 1.34 15.95 -7.14
CA ASP A 34 0.89 14.58 -7.36
C ASP A 34 2.14 13.73 -7.57
N ASP A 35 2.20 12.56 -6.94
CA ASP A 35 3.43 11.75 -6.96
C ASP A 35 3.17 10.28 -7.21
N LEU A 36 4.18 9.62 -7.76
CA LEU A 36 4.15 8.17 -8.01
C LEU A 36 5.17 7.55 -7.06
N LEU A 37 4.76 6.58 -6.25
CA LEU A 37 5.65 5.98 -5.26
C LEU A 37 5.64 4.44 -5.33
N ASP A 38 6.82 3.84 -5.49
CA ASP A 38 6.95 2.37 -5.53
C ASP A 38 7.79 1.87 -4.35
N GLY A 39 7.28 0.89 -3.61
CA GLY A 39 7.96 0.42 -2.42
C GLY A 39 9.11 -0.55 -2.64
N GLY A 40 8.91 -1.52 -3.52
CA GLY A 40 9.92 -2.54 -3.77
C GLY A 40 9.95 -3.58 -2.66
N ALA A 41 10.91 -4.48 -2.73
CA ALA A 41 11.08 -5.51 -1.70
C ALA A 41 11.42 -4.86 -0.35
N GLY A 42 11.25 -5.61 0.73
CA GLY A 42 11.47 -5.10 2.08
C GLY A 42 10.20 -4.50 2.63
N ARG A 43 10.20 -4.07 3.89
CA ARG A 43 9.01 -3.46 4.51
C ARG A 43 9.24 -1.95 4.50
N ASP A 44 8.30 -1.23 3.92
CA ASP A 44 8.50 0.18 3.61
C ASP A 44 7.45 1.06 4.23
N ARG A 45 7.78 2.33 4.38
CA ARG A 45 6.83 3.34 4.89
C ARG A 45 6.78 4.45 3.86
N LEU A 46 5.64 4.59 3.21
CA LEU A 46 5.48 5.56 2.12
C LEU A 46 4.55 6.67 2.59
N THR A 47 4.88 7.91 2.28
CA THR A 47 4.06 9.05 2.69
C THR A 47 3.69 9.83 1.44
N GLY A 48 2.42 10.05 1.21
CA GLY A 48 2.01 10.73 -0.01
C GLY A 48 2.06 12.25 0.09
N GLY A 49 1.64 12.77 1.23
CA GLY A 49 1.58 14.22 1.39
C GLY A 49 0.41 14.80 0.62
N LEU A 50 0.41 16.11 0.43
CA LEU A 50 -0.65 16.78 -0.34
C LEU A 50 -0.64 16.31 -1.78
N GLY A 51 -1.79 16.47 -2.44
CA GLY A 51 -1.94 16.04 -3.82
C GLY A 51 -2.42 14.60 -3.91
N ALA A 52 -2.76 14.20 -5.13
CA ALA A 52 -3.22 12.84 -5.39
C ALA A 52 -1.97 11.99 -5.62
N ASP A 53 -1.83 10.92 -4.84
CA ASP A 53 -0.64 10.10 -4.91
C ASP A 53 -1.02 8.68 -5.27
N THR A 54 -0.22 8.06 -6.12
CA THR A 54 -0.48 6.68 -6.50
C THR A 54 0.68 5.83 -6.01
N PHE A 55 0.32 4.75 -5.33
CA PHE A 55 1.30 3.86 -4.75
C PHE A 55 1.23 2.58 -5.54
N ARG A 56 2.36 2.11 -6.01
CA ARG A 56 2.38 0.99 -6.95
C ARG A 56 3.31 -0.11 -6.49
N PHE A 57 2.93 -1.34 -6.79
CA PHE A 57 3.83 -2.46 -6.59
C PHE A 57 4.95 -2.40 -7.64
N ALA A 58 6.13 -2.87 -7.27
CA ALA A 58 7.19 -3.10 -8.24
C ALA A 58 7.16 -4.60 -8.56
N LEU A 59 6.90 -5.39 -7.54
CA LEU A 59 6.73 -6.83 -7.65
C LEU A 59 5.58 -7.19 -6.71
N ARG A 60 4.93 -8.33 -6.92
CA ARG A 60 3.84 -8.76 -6.02
C ARG A 60 4.32 -8.95 -4.58
N GLU A 61 5.61 -9.20 -4.43
CA GLU A 61 6.20 -9.47 -3.12
C GLU A 61 6.46 -8.18 -2.34
N ASP A 62 6.09 -7.04 -2.92
CA ASP A 62 6.26 -5.74 -2.27
C ASP A 62 5.50 -5.66 -0.96
N SER A 63 4.37 -6.35 -0.87
CA SER A 63 3.53 -6.29 0.33
C SER A 63 2.97 -7.66 0.70
N HIS A 64 3.69 -8.38 1.55
CA HIS A 64 3.23 -9.71 1.98
C HIS A 64 3.71 -9.99 3.40
N ARG A 65 3.11 -10.98 4.04
CA ARG A 65 3.51 -11.39 5.40
C ARG A 65 3.62 -12.91 5.44
N SER A 66 4.35 -13.39 6.43
CA SER A 66 4.60 -14.82 6.60
C SER A 66 4.83 -15.04 8.08
N PRO A 67 4.80 -16.30 8.57
CA PRO A 67 5.14 -16.45 9.99
C PRO A 67 6.61 -16.18 10.30
N LEU A 68 7.41 -16.05 9.25
CA LEU A 68 8.84 -15.77 9.38
C LEU A 68 9.10 -14.27 9.50
N GLY A 69 8.04 -13.48 9.35
CA GLY A 69 8.17 -12.04 9.43
C GLY A 69 7.29 -11.30 8.45
N THR A 70 7.20 -10.00 8.63
CA THR A 70 6.38 -9.14 7.77
C THR A 70 7.26 -8.45 6.75
N PHE A 71 6.74 -8.30 5.54
CA PHE A 71 7.43 -7.56 4.47
C PHE A 71 6.36 -6.66 3.84
N SER A 72 5.30 -6.45 4.60
CA SER A 72 4.17 -5.63 4.17
C SER A 72 4.57 -4.17 4.27
N ASP A 73 3.88 -3.33 3.50
CA ASP A 73 4.16 -1.91 3.47
C ASP A 73 3.06 -1.14 4.14
N LEU A 74 3.44 0.01 4.69
CA LEU A 74 2.53 0.89 5.39
C LEU A 74 2.54 2.19 4.62
N ILE A 75 1.36 2.76 4.40
CA ILE A 75 1.31 4.10 3.82
C ILE A 75 0.87 4.96 4.96
N LEU A 76 1.49 6.11 5.08
CA LEU A 76 1.31 7.02 6.18
C LEU A 76 0.54 8.23 5.70
N ASP A 77 -0.32 8.75 6.58
CA ASP A 77 -1.10 9.97 6.33
C ASP A 77 -1.89 9.82 5.04
N PHE A 78 -2.54 8.67 4.92
CA PHE A 78 -3.26 8.31 3.70
C PHE A 78 -4.53 9.13 3.47
N ASP A 79 -4.65 9.68 2.27
CA ASP A 79 -5.84 10.44 1.87
C ASP A 79 -6.80 9.56 1.07
N PRO A 80 -7.86 9.01 1.70
CA PRO A 80 -8.78 8.21 0.87
C PRO A 80 -9.58 9.03 -0.15
N SER A 81 -9.54 10.35 0.00
CA SER A 81 -10.22 11.25 -0.91
C SER A 81 -9.37 11.57 -2.15
N GLN A 82 -8.10 11.14 -2.16
CA GLN A 82 -7.17 11.52 -3.22
C GLN A 82 -6.22 10.41 -3.69
N ASP A 83 -5.82 9.53 -2.79
CA ASP A 83 -4.74 8.59 -3.08
C ASP A 83 -5.25 7.23 -3.54
N LYS A 84 -4.45 6.56 -4.37
CA LYS A 84 -4.86 5.30 -5.00
C LYS A 84 -3.74 4.26 -4.87
N ILE A 85 -4.10 2.99 -4.82
CA ILE A 85 -3.10 1.92 -4.69
C ILE A 85 -3.27 0.86 -5.78
N ASP A 86 -2.21 0.65 -6.55
CA ASP A 86 -2.18 -0.39 -7.58
C ASP A 86 -1.78 -1.69 -6.89
N VAL A 87 -2.66 -2.68 -6.95
CA VAL A 87 -2.44 -3.97 -6.28
C VAL A 87 -2.71 -5.16 -7.19
N SER A 88 -2.75 -4.90 -8.49
CA SER A 88 -3.12 -5.93 -9.47
C SER A 88 -2.24 -7.19 -9.42
N ALA A 89 -0.96 -7.02 -9.17
CA ALA A 89 -0.02 -8.15 -9.19
C ALA A 89 -0.20 -9.17 -8.05
N LEU A 90 -0.90 -8.79 -6.99
CA LEU A 90 -1.10 -9.72 -5.87
C LEU A 90 -2.05 -10.79 -6.35
N GLY A 91 -3.10 -10.31 -7.01
CA GLY A 91 -4.13 -11.16 -7.57
C GLY A 91 -5.16 -11.59 -6.54
N PHE A 92 -6.41 -11.68 -6.94
CA PHE A 92 -7.50 -12.09 -6.05
C PHE A 92 -8.48 -12.95 -6.85
N ILE A 93 -8.99 -14.00 -6.23
CA ILE A 93 -9.89 -14.93 -6.92
C ILE A 93 -11.36 -14.53 -6.70
N GLY A 94 -11.59 -13.58 -5.81
CA GLY A 94 -12.95 -13.14 -5.52
C GLY A 94 -12.99 -11.72 -5.01
N LEU A 95 -14.20 -11.17 -4.92
CA LEU A 95 -14.40 -9.75 -4.59
C LEU A 95 -14.05 -9.37 -3.15
N GLY A 96 -13.96 -10.35 -2.26
CA GLY A 96 -13.64 -10.06 -0.87
C GLY A 96 -14.39 -10.87 0.16
N ASN A 97 -13.75 -11.91 0.66
CA ASN A 97 -14.30 -12.74 1.74
C ASN A 97 -13.26 -12.93 2.84
N GLY A 98 -12.05 -12.43 2.62
CA GLY A 98 -10.98 -12.53 3.60
C GLY A 98 -10.25 -13.86 3.67
N TYR A 99 -10.60 -14.79 2.80
CA TYR A 99 -10.00 -16.12 2.81
C TYR A 99 -9.70 -16.60 1.41
N ALA A 100 -8.68 -17.44 1.28
CA ALA A 100 -8.32 -18.10 0.03
C ALA A 100 -8.14 -17.14 -1.16
N GLY A 101 -7.43 -16.04 -0.95
CA GLY A 101 -7.15 -15.13 -2.04
C GLY A 101 -8.26 -14.12 -2.29
N THR A 102 -8.95 -13.74 -1.23
CA THR A 102 -10.01 -12.73 -1.33
C THR A 102 -9.80 -11.80 -0.15
N LEU A 103 -10.10 -10.52 -0.30
CA LEU A 103 -9.77 -9.55 0.75
C LEU A 103 -10.79 -9.37 1.86
N ALA A 104 -10.29 -8.95 3.00
CA ALA A 104 -11.10 -8.47 4.12
C ALA A 104 -10.37 -7.22 4.60
N VAL A 105 -11.08 -6.36 5.31
CA VAL A 105 -10.53 -5.12 5.81
C VAL A 105 -10.73 -5.09 7.31
N SER A 106 -9.87 -4.37 8.02
CA SER A 106 -10.00 -4.19 9.46
C SER A 106 -9.53 -2.78 9.78
N LEU A 107 -9.98 -2.25 10.91
CA LEU A 107 -9.62 -0.89 11.32
C LEU A 107 -9.14 -0.90 12.76
N SER A 108 -8.45 0.15 13.17
CA SER A 108 -8.10 0.35 14.57
C SER A 108 -9.36 0.90 15.26
N ALA A 109 -9.32 1.00 16.58
CA ALA A 109 -10.49 1.45 17.35
C ALA A 109 -11.07 2.81 16.92
N ASP A 110 -10.21 3.72 16.48
CA ASP A 110 -10.64 5.07 16.12
C ASP A 110 -10.69 5.24 14.60
N GLY A 111 -10.49 4.14 13.88
CA GLY A 111 -10.45 4.17 12.42
C GLY A 111 -9.20 4.83 11.86
N LEU A 112 -8.27 5.19 12.73
CA LEU A 112 -7.06 5.93 12.31
C LEU A 112 -6.01 5.07 11.61
N ARG A 113 -6.21 3.76 11.62
CA ARG A 113 -5.31 2.83 10.95
C ARG A 113 -6.18 1.78 10.29
N THR A 114 -5.73 1.26 9.17
CA THR A 114 -6.50 0.28 8.38
C THR A 114 -5.61 -0.88 7.99
N TYR A 115 -6.17 -2.08 7.87
CA TYR A 115 -5.41 -3.27 7.54
C TYR A 115 -6.16 -4.07 6.49
N LEU A 116 -5.44 -4.75 5.62
CA LEU A 116 -6.03 -5.59 4.56
C LEU A 116 -5.41 -6.98 4.61
N LYS A 117 -6.25 -7.99 4.48
CA LYS A 117 -5.81 -9.39 4.56
C LYS A 117 -6.43 -10.22 3.44
N SER A 118 -5.62 -10.94 2.66
CA SER A 118 -6.13 -11.81 1.58
C SER A 118 -6.21 -13.30 1.98
N TYR A 119 -5.31 -13.70 2.89
CA TYR A 119 -5.22 -15.09 3.39
C TYR A 119 -5.15 -16.08 2.23
N ASP A 120 -4.21 -15.82 1.33
CA ASP A 120 -3.95 -16.67 0.18
C ASP A 120 -3.40 -18.01 0.67
N ALA A 121 -3.65 -19.08 -0.08
CA ALA A 121 -3.23 -20.42 0.35
C ALA A 121 -2.59 -21.18 -0.80
N ASP A 122 -2.26 -20.44 -1.84
CA ASP A 122 -1.72 -20.98 -3.09
C ASP A 122 -0.34 -21.56 -2.89
N ALA A 123 0.42 -20.97 -1.97
CA ALA A 123 1.78 -21.41 -1.68
C ALA A 123 2.07 -21.33 -0.19
N GLN A 124 1.99 -22.47 0.48
CA GLN A 124 2.32 -22.60 1.91
C GLN A 124 1.63 -21.58 2.83
N GLY A 125 0.45 -21.13 2.43
CA GLY A 125 -0.31 -20.19 3.24
C GLY A 125 0.36 -18.84 3.44
N ARG A 126 1.26 -18.46 2.54
CA ARG A 126 1.89 -17.13 2.61
C ARG A 126 0.84 -16.19 2.05
N SER A 127 0.74 -14.98 2.56
CA SER A 127 -0.33 -14.08 2.13
C SER A 127 0.11 -12.66 1.85
N PHE A 128 -0.55 -12.06 0.88
CA PHE A 128 -0.38 -10.66 0.55
C PHE A 128 -1.24 -9.86 1.53
N GLU A 129 -0.63 -8.91 2.22
CA GLU A 129 -1.31 -8.15 3.26
C GLU A 129 -0.77 -6.73 3.23
N LEU A 130 -1.61 -5.76 3.57
CA LEU A 130 -1.25 -4.35 3.52
C LEU A 130 -1.74 -3.64 4.78
N ALA A 131 -1.20 -2.45 5.04
CA ALA A 131 -1.62 -1.64 6.17
C ALA A 131 -1.56 -0.16 5.79
N LEU A 132 -2.39 0.64 6.44
CA LEU A 132 -2.42 2.09 6.25
C LEU A 132 -2.43 2.71 7.64
N ASP A 133 -1.78 3.85 7.78
CA ASP A 133 -1.74 4.59 9.02
C ASP A 133 -2.12 6.03 8.71
N GLY A 134 -2.63 6.76 9.70
CA GLY A 134 -2.97 8.16 9.51
C GLY A 134 -4.19 8.33 8.65
N ASN A 135 -5.06 7.34 8.69
CA ASN A 135 -6.26 7.35 7.86
C ASN A 135 -7.23 8.42 8.31
N HIS A 136 -7.89 9.04 7.34
CA HIS A 136 -8.99 9.93 7.59
C HIS A 136 -10.19 9.08 7.94
N ALA A 137 -10.39 8.83 9.22
CA ALA A 137 -11.54 8.06 9.69
C ALA A 137 -12.83 8.78 9.29
N ALA A 138 -12.75 10.10 9.25
CA ALA A 138 -13.86 10.93 8.85
C ALA A 138 -14.31 10.65 7.41
N THR A 139 -13.39 10.22 6.55
CA THR A 139 -13.72 9.95 5.14
C THR A 139 -13.25 8.58 4.66
N LEU A 140 -13.18 7.61 5.55
CA LEU A 140 -12.64 6.29 5.21
C LEU A 140 -13.50 5.61 4.13
N SER A 141 -12.83 4.82 3.29
CA SER A 141 -13.48 4.14 2.18
C SER A 141 -12.65 2.91 1.82
N ALA A 142 -13.30 1.91 1.24
CA ALA A 142 -12.62 0.67 0.82
C ALA A 142 -12.19 0.76 -0.67
N GLY A 143 -12.62 1.81 -1.36
CA GLY A 143 -12.36 1.92 -2.79
C GLY A 143 -10.98 2.41 -3.18
N ASN A 144 -10.04 2.40 -2.25
CA ASN A 144 -8.69 2.92 -2.49
C ASN A 144 -7.89 2.07 -3.48
N ILE A 145 -8.22 0.79 -3.58
CA ILE A 145 -7.49 -0.13 -4.45
C ILE A 145 -7.96 -0.02 -5.90
N VAL A 146 -7.11 -0.43 -6.82
CA VAL A 146 -7.39 -0.35 -8.26
C VAL A 146 -8.66 -1.11 -8.69
N PHE A 147 -8.97 -2.21 -8.04
CA PHE A 147 -10.15 -3.00 -8.38
C PHE A 147 -11.44 -2.28 -7.99
N ALA A 148 -11.38 -1.55 -6.88
CA ALA A 148 -12.53 -0.83 -6.31
C ALA A 148 -13.77 -1.74 -6.18
N ALA A 149 -14.94 -1.12 -6.09
CA ALA A 149 -16.26 -1.79 -6.03
C ALA A 149 -16.49 -2.82 -4.91
N ALA A 150 -15.50 -3.03 -4.05
CA ALA A 150 -15.62 -3.99 -2.96
C ALA A 150 -16.68 -3.52 -1.98
N THR A 151 -17.44 -4.46 -1.44
CA THR A 151 -18.47 -4.15 -0.46
C THR A 151 -17.74 -3.71 0.82
N PRO A 152 -18.34 -2.77 1.59
CA PRO A 152 -17.65 -2.38 2.82
C PRO A 152 -17.74 -3.46 3.89
N GLY A 153 -17.04 -3.22 5.00
CA GLY A 153 -17.07 -4.13 6.13
C GLY A 153 -16.72 -3.29 7.34
CA CA B . 16.37 0.93 -0.83
CA CA C . 6.21 15.90 -4.94
CA CA D . 11.91 -1.17 -0.29
CA CA E . 2.15 14.22 -2.98
CA CA F . 7.70 -3.33 0.29
CA CA G . -2.11 12.42 -0.88
N ALA A 1 19.89 9.34 -7.19
CA ALA A 1 18.48 9.84 -7.18
C ALA A 1 17.54 8.69 -6.87
N GLN A 2 16.46 8.98 -6.14
CA GLN A 2 15.53 7.98 -5.62
C GLN A 2 16.26 6.81 -4.93
N GLY A 3 15.60 5.69 -4.73
CA GLY A 3 16.20 4.58 -4.01
C GLY A 3 16.95 3.60 -4.88
N THR A 4 17.78 2.82 -4.22
CA THR A 4 18.59 1.78 -4.87
C THR A 4 18.50 0.57 -3.96
N ASP A 5 19.28 -0.47 -4.20
CA ASP A 5 19.25 -1.63 -3.31
C ASP A 5 19.89 -1.26 -1.97
N GLY A 6 19.39 -1.84 -0.89
CA GLY A 6 19.80 -1.43 0.44
C GLY A 6 18.76 -0.52 1.06
N ASN A 7 19.00 0.00 2.25
CA ASN A 7 17.99 0.80 2.94
C ASN A 7 18.16 2.28 2.58
N ASP A 8 17.06 2.94 2.21
CA ASP A 8 17.09 4.35 1.83
C ASP A 8 16.12 5.17 2.66
N VAL A 9 16.41 6.45 2.81
CA VAL A 9 15.48 7.41 3.42
C VAL A 9 15.34 8.51 2.38
N LEU A 10 14.14 8.65 1.83
CA LEU A 10 13.88 9.56 0.73
C LEU A 10 12.81 10.54 1.15
N ILE A 11 12.98 11.81 0.79
CA ILE A 11 12.06 12.87 1.17
C ILE A 11 11.68 13.63 -0.11
N GLY A 12 10.39 13.83 -0.33
CA GLY A 12 9.92 14.53 -1.53
C GLY A 12 9.81 16.03 -1.33
N SER A 13 9.48 16.71 -2.42
CA SER A 13 9.33 18.17 -2.44
C SER A 13 7.93 18.54 -2.92
N ASP A 14 7.63 19.83 -3.01
CA ASP A 14 6.29 20.30 -3.37
C ASP A 14 5.86 19.99 -4.81
N VAL A 15 6.82 19.87 -5.72
CA VAL A 15 6.49 19.60 -7.12
C VAL A 15 6.10 18.14 -7.30
N GLY A 16 5.52 17.80 -8.44
CA GLY A 16 5.18 16.42 -8.72
C GLY A 16 6.43 15.60 -8.96
N GLU A 17 6.49 14.40 -8.41
CA GLU A 17 7.70 13.56 -8.46
C GLU A 17 7.37 12.10 -8.68
N GLN A 18 8.39 11.32 -9.01
CA GLN A 18 8.28 9.88 -9.16
C GLN A 18 9.46 9.31 -8.37
N ILE A 19 9.17 8.54 -7.32
CA ILE A 19 10.19 8.06 -6.40
C ILE A 19 9.98 6.58 -6.08
N SER A 20 10.92 5.75 -6.47
CA SER A 20 10.89 4.33 -6.14
C SER A 20 11.93 4.03 -5.08
N GLY A 21 11.64 3.07 -4.20
CA GLY A 21 12.57 2.74 -3.13
C GLY A 21 13.50 1.59 -3.45
N GLY A 22 13.11 0.73 -4.38
CA GLY A 22 13.93 -0.43 -4.72
C GLY A 22 13.86 -1.49 -3.63
N ALA A 23 14.84 -2.39 -3.60
CA ALA A 23 14.88 -3.42 -2.55
C ALA A 23 15.29 -2.78 -1.22
N GLY A 24 15.25 -3.55 -0.16
CA GLY A 24 15.63 -3.07 1.17
C GLY A 24 14.52 -2.34 1.89
N ASP A 25 14.75 -2.03 3.16
CA ASP A 25 13.76 -1.35 4.00
C ASP A 25 13.88 0.14 3.77
N ASP A 26 12.86 0.74 3.18
CA ASP A 26 12.93 2.14 2.81
C ASP A 26 11.89 3.02 3.52
N ARG A 27 12.18 4.31 3.52
CA ARG A 27 11.23 5.33 3.96
C ARG A 27 11.12 6.26 2.77
N LEU A 28 9.91 6.52 2.34
CA LEU A 28 9.66 7.38 1.18
C LEU A 28 8.65 8.42 1.62
N ASP A 29 8.79 9.61 1.07
CA ASP A 29 7.84 10.70 1.32
C ASP A 29 7.70 11.39 -0.03
N GLY A 30 6.48 11.80 -0.34
CA GLY A 30 6.19 12.46 -1.59
C GLY A 30 6.02 13.95 -1.40
N GLY A 31 5.69 14.38 -0.20
CA GLY A 31 5.41 15.79 0.04
C GLY A 31 4.17 16.26 -0.70
N ALA A 32 4.06 17.56 -0.94
CA ALA A 32 2.92 18.09 -1.67
C ALA A 32 3.05 17.73 -3.17
N GLY A 33 2.00 18.05 -3.93
CA GLY A 33 1.98 17.74 -5.35
C GLY A 33 1.58 16.30 -5.60
N ASP A 34 1.26 15.98 -6.83
CA ASP A 34 0.83 14.63 -7.21
C ASP A 34 2.08 13.79 -7.39
N ASP A 35 2.15 12.61 -6.77
CA ASP A 35 3.38 11.82 -6.77
C ASP A 35 3.17 10.34 -7.08
N LEU A 36 4.18 9.72 -7.64
CA LEU A 36 4.16 8.28 -7.93
C LEU A 36 5.20 7.63 -7.02
N LEU A 37 4.77 6.73 -6.15
CA LEU A 37 5.66 6.12 -5.16
C LEU A 37 5.64 4.58 -5.22
N ASP A 38 6.81 3.96 -5.40
CA ASP A 38 6.91 2.50 -5.48
C ASP A 38 7.74 1.94 -4.32
N GLY A 39 7.17 1.01 -3.56
CA GLY A 39 7.87 0.48 -2.39
C GLY A 39 8.94 -0.55 -2.70
N GLY A 40 8.63 -1.49 -3.59
CA GLY A 40 9.57 -2.56 -3.93
C GLY A 40 9.74 -3.57 -2.81
N ALA A 41 10.71 -4.47 -2.96
CA ALA A 41 10.98 -5.50 -1.97
C ALA A 41 11.44 -4.89 -0.63
N GLY A 42 11.30 -5.64 0.45
CA GLY A 42 11.60 -5.14 1.80
C GLY A 42 10.37 -4.49 2.40
N ARG A 43 10.41 -4.13 3.67
CA ARG A 43 9.24 -3.49 4.33
C ARG A 43 9.45 -1.98 4.26
N ASP A 44 8.45 -1.26 3.80
CA ASP A 44 8.60 0.14 3.46
C ASP A 44 7.53 1.02 4.09
N ARG A 45 7.77 2.32 4.09
CA ARG A 45 6.83 3.31 4.63
C ARG A 45 6.73 4.38 3.56
N LEU A 46 5.52 4.69 3.13
CA LEU A 46 5.32 5.58 1.99
C LEU A 46 4.36 6.73 2.34
N THR A 47 4.90 7.91 2.59
CA THR A 47 4.06 9.06 2.92
C THR A 47 3.63 9.77 1.64
N GLY A 48 2.32 9.83 1.38
CA GLY A 48 1.85 10.46 0.16
C GLY A 48 1.69 11.95 0.33
N GLY A 49 1.13 12.36 1.46
CA GLY A 49 0.90 13.78 1.71
C GLY A 49 -0.17 14.35 0.81
N LEU A 50 -0.21 15.67 0.70
CA LEU A 50 -1.18 16.35 -0.16
C LEU A 50 -0.97 16.00 -1.62
N GLY A 51 -2.03 16.14 -2.40
CA GLY A 51 -1.99 15.82 -3.82
C GLY A 51 -2.55 14.42 -4.08
N ALA A 52 -2.87 14.14 -5.33
CA ALA A 52 -3.38 12.83 -5.74
C ALA A 52 -2.15 11.95 -6.00
N ASP A 53 -1.94 10.98 -5.14
CA ASP A 53 -0.75 10.14 -5.20
C ASP A 53 -1.11 8.75 -5.64
N THR A 54 -0.21 8.08 -6.33
CA THR A 54 -0.44 6.70 -6.72
C THR A 54 0.70 5.86 -6.22
N PHE A 55 0.34 4.68 -5.73
CA PHE A 55 1.30 3.76 -5.16
C PHE A 55 1.20 2.49 -5.95
N ARG A 56 2.33 1.99 -6.44
CA ARG A 56 2.31 0.87 -7.36
C ARG A 56 3.18 -0.28 -6.91
N PHE A 57 2.72 -1.49 -7.21
CA PHE A 57 3.47 -2.69 -6.92
C PHE A 57 4.63 -2.81 -7.91
N ALA A 58 5.70 -3.44 -7.48
CA ALA A 58 6.78 -3.84 -8.37
C ALA A 58 6.74 -5.37 -8.46
N LEU A 59 6.49 -5.99 -7.31
CA LEU A 59 6.37 -7.44 -7.21
C LEU A 59 5.28 -7.76 -6.19
N ARG A 60 4.65 -8.91 -6.32
CA ARG A 60 3.60 -9.35 -5.39
C ARG A 60 4.11 -9.49 -3.95
N GLU A 61 5.42 -9.72 -3.81
CA GLU A 61 6.04 -9.97 -2.52
C GLU A 61 6.37 -8.66 -1.80
N ASP A 62 6.02 -7.54 -2.41
CA ASP A 62 6.24 -6.23 -1.81
C ASP A 62 5.35 -6.04 -0.58
N SER A 63 4.25 -6.79 -0.53
CA SER A 63 3.23 -6.67 0.52
C SER A 63 2.93 -7.98 1.26
N HIS A 64 3.98 -8.73 1.57
CA HIS A 64 3.83 -10.04 2.21
C HIS A 64 4.06 -10.02 3.73
N ARG A 65 3.28 -10.80 4.48
CA ARG A 65 3.51 -10.97 5.92
C ARG A 65 3.36 -12.45 6.25
N SER A 66 4.00 -12.88 7.33
CA SER A 66 3.94 -14.27 7.78
C SER A 66 4.02 -14.21 9.30
N PRO A 67 3.75 -15.32 10.03
CA PRO A 67 3.89 -15.18 11.49
C PRO A 67 5.35 -15.01 11.94
N LEU A 68 6.29 -15.25 11.04
CA LEU A 68 7.71 -15.12 11.35
C LEU A 68 8.17 -13.67 11.17
N GLY A 69 7.31 -12.82 10.64
CA GLY A 69 7.65 -11.42 10.45
C GLY A 69 6.90 -10.75 9.33
N THR A 70 6.98 -9.42 9.28
CA THR A 70 6.31 -8.66 8.24
C THR A 70 7.34 -8.19 7.23
N PHE A 71 6.95 -8.15 5.97
CA PHE A 71 7.80 -7.68 4.88
C PHE A 71 6.95 -6.74 4.03
N SER A 72 5.80 -6.38 4.58
CA SER A 72 4.81 -5.56 3.89
C SER A 72 5.01 -4.08 4.19
N ASP A 73 4.20 -3.26 3.56
CA ASP A 73 4.39 -1.81 3.61
C ASP A 73 3.23 -1.09 4.29
N LEU A 74 3.52 0.10 4.76
CA LEU A 74 2.50 0.99 5.33
C LEU A 74 2.50 2.25 4.49
N ILE A 75 1.32 2.73 4.14
CA ILE A 75 1.21 4.01 3.42
C ILE A 75 0.72 4.98 4.46
N LEU A 76 1.23 6.19 4.39
CA LEU A 76 0.96 7.25 5.37
C LEU A 76 0.27 8.39 4.65
N ASP A 77 -0.69 9.02 5.32
CA ASP A 77 -1.43 10.18 4.81
C ASP A 77 -2.08 9.84 3.47
N PHE A 78 -2.72 8.69 3.44
CA PHE A 78 -3.41 8.22 2.24
C PHE A 78 -4.80 8.85 2.17
N ASP A 79 -5.10 9.44 1.02
CA ASP A 79 -6.40 10.08 0.79
C ASP A 79 -7.30 9.15 0.00
N PRO A 80 -8.28 8.50 0.65
CA PRO A 80 -9.18 7.61 -0.11
C PRO A 80 -10.15 8.31 -1.07
N SER A 81 -9.99 9.61 -1.22
CA SER A 81 -10.79 10.41 -2.14
C SER A 81 -9.95 10.90 -3.33
N GLN A 82 -8.64 10.65 -3.29
CA GLN A 82 -7.73 11.17 -4.33
C GLN A 82 -6.62 10.19 -4.72
N ASP A 83 -6.14 9.42 -3.77
CA ASP A 83 -4.98 8.55 -3.98
C ASP A 83 -5.42 7.17 -4.50
N LYS A 84 -4.48 6.47 -5.14
CA LYS A 84 -4.79 5.15 -5.73
C LYS A 84 -3.72 4.13 -5.37
N ILE A 85 -4.11 2.87 -5.20
CA ILE A 85 -3.14 1.80 -4.94
C ILE A 85 -3.30 0.71 -6.01
N ASP A 86 -2.29 0.57 -6.86
CA ASP A 86 -2.29 -0.47 -7.87
C ASP A 86 -1.87 -1.76 -7.16
N VAL A 87 -2.73 -2.77 -7.21
CA VAL A 87 -2.51 -4.03 -6.50
C VAL A 87 -2.70 -5.24 -7.40
N SER A 88 -2.49 -5.04 -8.70
CA SER A 88 -2.74 -6.10 -9.68
C SER A 88 -1.91 -7.37 -9.47
N ALA A 89 -0.71 -7.21 -8.92
CA ALA A 89 0.15 -8.37 -8.68
C ALA A 89 -0.30 -9.24 -7.51
N LEU A 90 -1.13 -8.69 -6.63
CA LEU A 90 -1.64 -9.44 -5.47
C LEU A 90 -2.84 -10.22 -5.96
N GLY A 91 -3.47 -9.64 -6.97
CA GLY A 91 -4.46 -10.37 -7.76
C GLY A 91 -5.70 -10.85 -7.03
N PHE A 92 -6.33 -9.98 -6.26
CA PHE A 92 -7.55 -10.35 -5.55
C PHE A 92 -8.68 -10.65 -6.56
N ILE A 93 -8.98 -11.92 -6.74
CA ILE A 93 -9.93 -12.37 -7.76
C ILE A 93 -11.36 -12.42 -7.20
N GLY A 94 -11.48 -12.46 -5.88
CA GLY A 94 -12.79 -12.53 -5.25
C GLY A 94 -13.13 -11.29 -4.45
N LEU A 95 -14.41 -10.98 -4.41
CA LEU A 95 -14.92 -9.75 -3.80
C LEU A 95 -14.59 -9.60 -2.31
N GLY A 96 -14.55 -10.71 -1.58
CA GLY A 96 -14.23 -10.66 -0.17
C GLY A 96 -14.40 -11.98 0.54
N ASN A 97 -13.73 -12.09 1.69
CA ASN A 97 -13.73 -13.26 2.63
C ASN A 97 -12.40 -13.22 3.41
N GLY A 98 -11.31 -12.96 2.70
CA GLY A 98 -10.00 -12.81 3.32
C GLY A 98 -9.07 -14.00 3.10
N TYR A 99 -9.57 -15.02 2.43
CA TYR A 99 -8.79 -16.23 2.11
C TYR A 99 -9.12 -16.64 0.69
N ALA A 100 -8.24 -17.43 0.09
CA ALA A 100 -8.39 -17.92 -1.29
C ALA A 100 -8.51 -16.77 -2.31
N GLY A 101 -7.61 -15.79 -2.22
CA GLY A 101 -7.56 -14.72 -3.20
C GLY A 101 -8.67 -13.70 -3.09
N THR A 102 -9.19 -13.54 -1.88
CA THR A 102 -10.27 -12.58 -1.61
C THR A 102 -9.83 -11.69 -0.47
N LEU A 103 -10.39 -10.49 -0.36
CA LEU A 103 -9.94 -9.52 0.64
C LEU A 103 -10.78 -9.48 1.93
N ALA A 104 -10.19 -8.91 2.97
CA ALA A 104 -10.87 -8.62 4.23
C ALA A 104 -10.18 -7.34 4.74
N VAL A 105 -10.92 -6.53 5.48
CA VAL A 105 -10.42 -5.24 5.95
C VAL A 105 -10.76 -5.05 7.43
N SER A 106 -9.98 -4.22 8.12
CA SER A 106 -10.20 -3.90 9.53
C SER A 106 -9.73 -2.47 9.75
N LEU A 107 -10.19 -1.85 10.84
CA LEU A 107 -9.82 -0.48 11.18
C LEU A 107 -9.44 -0.44 12.65
N SER A 108 -8.69 0.57 13.06
CA SER A 108 -8.40 0.78 14.48
C SER A 108 -9.62 1.47 15.09
N ALA A 109 -9.65 1.58 16.41
CA ALA A 109 -10.80 2.14 17.12
C ALA A 109 -11.18 3.56 16.67
N ASP A 110 -10.20 4.37 16.30
CA ASP A 110 -10.45 5.76 15.93
C ASP A 110 -10.40 5.93 14.42
N GLY A 111 -10.28 4.80 13.71
CA GLY A 111 -10.16 4.84 12.26
C GLY A 111 -8.82 5.36 11.76
N LEU A 112 -7.91 5.64 12.70
CA LEU A 112 -6.60 6.23 12.35
C LEU A 112 -5.68 5.27 11.62
N ARG A 113 -6.00 3.99 11.66
CA ARG A 113 -5.23 2.96 10.95
C ARG A 113 -6.19 1.99 10.31
N THR A 114 -5.77 1.45 9.18
CA THR A 114 -6.55 0.47 8.43
C THR A 114 -5.65 -0.73 8.22
N TYR A 115 -6.23 -1.91 8.18
CA TYR A 115 -5.46 -3.15 7.97
C TYR A 115 -6.20 -3.98 6.94
N LEU A 116 -5.48 -4.70 6.10
CA LEU A 116 -6.09 -5.52 5.06
C LEU A 116 -5.45 -6.89 5.05
N LYS A 117 -6.24 -7.91 4.75
CA LYS A 117 -5.73 -9.28 4.67
C LYS A 117 -6.33 -10.00 3.48
N SER A 118 -5.48 -10.65 2.71
CA SER A 118 -5.93 -11.55 1.65
C SER A 118 -4.98 -12.73 1.65
N TYR A 119 -5.41 -13.85 2.20
CA TYR A 119 -4.59 -15.04 2.17
C TYR A 119 -4.76 -15.62 0.78
N ASP A 120 -3.67 -15.93 0.12
CA ASP A 120 -3.70 -16.44 -1.25
C ASP A 120 -3.07 -17.82 -1.27
N ALA A 121 -3.50 -18.69 -2.18
CA ALA A 121 -2.97 -20.05 -2.23
C ALA A 121 -2.58 -20.49 -3.64
N ASP A 122 -2.50 -19.52 -4.53
CA ASP A 122 -2.11 -19.79 -5.92
C ASP A 122 -0.67 -19.33 -6.11
N ALA A 123 -0.37 -18.17 -5.54
CA ALA A 123 0.96 -17.58 -5.57
C ALA A 123 1.84 -18.19 -4.47
N GLN A 124 1.98 -19.51 -4.49
CA GLN A 124 2.84 -20.25 -3.56
C GLN A 124 2.43 -20.05 -2.09
N GLY A 125 1.15 -19.82 -1.85
CA GLY A 125 0.66 -19.67 -0.48
C GLY A 125 1.09 -18.38 0.21
N ARG A 126 1.46 -17.38 -0.57
CA ARG A 126 1.95 -16.12 -0.02
C ARG A 126 0.81 -15.18 0.30
N SER A 127 0.46 -15.09 1.58
CA SER A 127 -0.57 -14.16 2.02
C SER A 127 -0.15 -12.71 1.75
N PHE A 128 -1.06 -11.94 1.17
CA PHE A 128 -0.84 -10.54 0.89
C PHE A 128 -1.62 -9.75 1.95
N GLU A 129 -0.89 -9.14 2.87
CA GLU A 129 -1.52 -8.42 3.98
C GLU A 129 -0.89 -7.04 4.06
N LEU A 130 -1.72 -6.02 4.22
CA LEU A 130 -1.27 -4.64 4.13
C LEU A 130 -1.76 -3.84 5.33
N ALA A 131 -1.22 -2.63 5.50
CA ALA A 131 -1.68 -1.73 6.54
C ALA A 131 -1.57 -0.29 6.01
N LEU A 132 -2.41 0.59 6.50
CA LEU A 132 -2.43 1.99 6.09
C LEU A 132 -2.56 2.83 7.35
N ASP A 133 -1.89 3.97 7.40
CA ASP A 133 -1.97 4.87 8.54
C ASP A 133 -2.47 6.24 8.05
N GLY A 134 -3.20 6.95 8.89
CA GLY A 134 -3.60 8.31 8.55
C GLY A 134 -4.58 8.39 7.39
N ASN A 135 -5.63 7.59 7.44
CA ASN A 135 -6.62 7.58 6.36
C ASN A 135 -7.80 8.46 6.73
N HIS A 136 -8.40 9.11 5.74
CA HIS A 136 -9.63 9.87 5.96
C HIS A 136 -10.79 8.90 6.03
N ALA A 137 -11.11 8.45 7.24
CA ALA A 137 -12.26 7.59 7.47
C ALA A 137 -13.53 8.35 7.09
N ALA A 138 -13.46 9.67 7.18
CA ALA A 138 -14.56 10.53 6.79
C ALA A 138 -14.90 10.38 5.29
N THR A 139 -13.91 9.99 4.49
CA THR A 139 -14.13 9.79 3.04
C THR A 139 -13.67 8.42 2.57
N LEU A 140 -13.75 7.41 3.44
CA LEU A 140 -13.32 6.06 3.07
C LEU A 140 -14.16 5.50 1.93
N SER A 141 -13.54 4.69 1.09
CA SER A 141 -14.20 4.09 -0.06
C SER A 141 -13.48 2.81 -0.44
N ALA A 142 -14.20 1.85 -1.01
CA ALA A 142 -13.59 0.60 -1.48
C ALA A 142 -12.90 0.79 -2.84
N GLY A 143 -13.18 1.92 -3.47
CA GLY A 143 -12.71 2.18 -4.83
C GLY A 143 -11.23 2.45 -5.00
N ASN A 144 -10.46 2.41 -3.93
CA ASN A 144 -9.01 2.66 -3.99
C ASN A 144 -8.25 1.55 -4.71
N ILE A 145 -8.85 0.37 -4.80
CA ILE A 145 -8.20 -0.78 -5.41
C ILE A 145 -8.23 -0.68 -6.94
N VAL A 146 -7.24 -1.29 -7.58
CA VAL A 146 -7.11 -1.24 -9.05
C VAL A 146 -8.28 -1.92 -9.77
N PHE A 147 -8.92 -2.87 -9.11
CA PHE A 147 -9.98 -3.67 -9.72
C PHE A 147 -11.26 -2.87 -9.89
N ALA A 148 -11.47 -1.91 -9.00
CA ALA A 148 -12.63 -1.02 -9.02
C ALA A 148 -13.97 -1.80 -9.08
N ALA A 149 -15.00 -1.12 -9.57
CA ALA A 149 -16.35 -1.69 -9.79
C ALA A 149 -17.02 -2.33 -8.55
N ALA A 150 -16.52 -2.03 -7.36
CA ALA A 150 -17.08 -2.59 -6.14
C ALA A 150 -18.49 -2.03 -5.92
N THR A 151 -19.40 -2.88 -5.47
CA THR A 151 -20.77 -2.46 -5.17
C THR A 151 -20.75 -1.70 -3.84
N PRO A 152 -21.59 -0.66 -3.68
CA PRO A 152 -21.53 0.02 -2.38
C PRO A 152 -22.22 -0.79 -1.27
N GLY A 153 -21.65 -0.72 -0.07
CA GLY A 153 -22.18 -1.44 1.07
C GLY A 153 -21.07 -1.60 2.09
CA CA B . 16.23 0.83 -1.11
CA CA C . 6.00 15.88 -4.47
CA CA D . 11.86 -1.25 -0.53
CA CA E . 1.95 14.03 -2.68
CA CA F . 7.57 -3.51 0.21
CA CA G . -2.47 12.10 -1.10
N ALA A 1 17.91 10.96 -7.25
CA ALA A 1 16.48 10.59 -7.04
C ALA A 1 16.35 9.08 -7.05
N GLN A 2 15.31 8.56 -6.40
CA GLN A 2 15.05 7.11 -6.24
C GLN A 2 16.15 6.42 -5.41
N GLY A 3 15.84 5.24 -4.91
CA GLY A 3 16.75 4.51 -4.05
C GLY A 3 17.47 3.37 -4.74
N THR A 4 18.28 2.65 -3.98
CA THR A 4 19.01 1.49 -4.47
C THR A 4 18.34 0.25 -3.85
N ASP A 5 18.89 -0.93 -4.03
CA ASP A 5 18.27 -2.15 -3.47
C ASP A 5 18.67 -2.39 -2.02
N GLY A 6 19.42 -1.44 -1.49
CA GLY A 6 19.74 -1.41 -0.07
C GLY A 6 18.62 -0.67 0.66
N ASN A 7 18.86 -0.24 1.89
CA ASN A 7 17.84 0.53 2.62
C ASN A 7 18.01 2.01 2.29
N ASP A 8 16.91 2.71 2.04
CA ASP A 8 16.96 4.13 1.65
C ASP A 8 15.96 4.97 2.42
N VAL A 9 16.25 6.26 2.55
CA VAL A 9 15.30 7.23 3.09
C VAL A 9 15.18 8.30 2.03
N LEU A 10 14.01 8.41 1.44
CA LEU A 10 13.76 9.31 0.33
C LEU A 10 12.65 10.26 0.72
N ILE A 11 12.86 11.56 0.51
CA ILE A 11 11.88 12.58 0.88
C ILE A 11 11.73 13.51 -0.31
N GLY A 12 10.50 13.72 -0.77
CA GLY A 12 10.23 14.58 -1.90
C GLY A 12 9.97 16.02 -1.52
N SER A 13 9.58 16.80 -2.51
CA SER A 13 9.31 18.22 -2.34
C SER A 13 7.89 18.52 -2.81
N ASP A 14 7.55 19.80 -2.96
CA ASP A 14 6.18 20.20 -3.28
C ASP A 14 5.77 19.98 -4.74
N VAL A 15 6.75 19.79 -5.62
CA VAL A 15 6.45 19.55 -7.04
C VAL A 15 6.08 18.08 -7.22
N GLY A 16 5.52 17.73 -8.38
CA GLY A 16 5.17 16.35 -8.65
C GLY A 16 6.41 15.53 -8.94
N GLU A 17 6.52 14.36 -8.34
CA GLU A 17 7.74 13.55 -8.43
C GLU A 17 7.44 12.06 -8.58
N GLN A 18 8.43 11.31 -9.05
CA GLN A 18 8.36 9.86 -9.10
C GLN A 18 9.46 9.37 -8.17
N ILE A 19 9.08 8.60 -7.16
CA ILE A 19 10.02 8.13 -6.15
C ILE A 19 9.91 6.61 -6.06
N SER A 20 11.01 5.94 -6.35
CA SER A 20 11.03 4.48 -6.33
C SER A 20 12.01 3.99 -5.27
N GLY A 21 11.54 3.13 -4.39
CA GLY A 21 12.38 2.67 -3.28
C GLY A 21 13.24 1.46 -3.62
N GLY A 22 12.77 0.60 -4.51
CA GLY A 22 13.53 -0.60 -4.85
C GLY A 22 13.45 -1.65 -3.75
N ALA A 23 14.36 -2.61 -3.75
CA ALA A 23 14.39 -3.63 -2.69
C ALA A 23 14.89 -2.98 -1.40
N GLY A 24 14.96 -3.76 -0.33
CA GLY A 24 15.38 -3.24 0.96
C GLY A 24 14.26 -2.49 1.66
N ASP A 25 14.51 -2.13 2.91
CA ASP A 25 13.51 -1.42 3.72
C ASP A 25 13.65 0.06 3.46
N ASP A 26 12.57 0.71 3.04
CA ASP A 26 12.65 2.11 2.64
C ASP A 26 11.59 2.99 3.27
N ARG A 27 11.94 4.25 3.47
CA ARG A 27 10.93 5.29 3.74
C ARG A 27 10.88 6.11 2.47
N LEU A 28 9.69 6.28 1.94
CA LEU A 28 9.45 7.17 0.82
C LEU A 28 8.54 8.23 1.41
N ASP A 29 8.73 9.46 1.00
CA ASP A 29 7.88 10.55 1.42
C ASP A 29 7.73 11.43 0.20
N GLY A 30 6.51 11.82 -0.11
CA GLY A 30 6.22 12.53 -1.35
C GLY A 30 6.04 14.02 -1.17
N GLY A 31 5.70 14.45 0.03
CA GLY A 31 5.39 15.86 0.26
C GLY A 31 4.15 16.29 -0.52
N ALA A 32 4.02 17.58 -0.78
CA ALA A 32 2.89 18.10 -1.53
C ALA A 32 3.01 17.74 -3.02
N GLY A 33 1.98 18.08 -3.78
CA GLY A 33 1.95 17.76 -5.20
C GLY A 33 1.55 16.31 -5.42
N ASP A 34 1.21 15.97 -6.64
CA ASP A 34 0.80 14.60 -6.96
C ASP A 34 2.07 13.79 -7.16
N ASP A 35 2.12 12.57 -6.62
CA ASP A 35 3.36 11.79 -6.65
C ASP A 35 3.17 10.31 -6.98
N LEU A 36 4.21 9.70 -7.52
CA LEU A 36 4.22 8.27 -7.84
C LEU A 36 5.20 7.62 -6.88
N LEU A 37 4.78 6.59 -6.17
CA LEU A 37 5.63 5.96 -5.16
C LEU A 37 5.71 4.42 -5.32
N ASP A 38 6.86 3.91 -5.73
CA ASP A 38 7.06 2.45 -5.89
C ASP A 38 7.70 1.89 -4.62
N GLY A 39 7.01 1.01 -3.91
CA GLY A 39 7.56 0.45 -2.67
C GLY A 39 8.73 -0.50 -2.88
N GLY A 40 8.53 -1.49 -3.75
CA GLY A 40 9.55 -2.48 -4.01
C GLY A 40 9.63 -3.54 -2.92
N ALA A 41 10.46 -4.55 -3.14
CA ALA A 41 10.63 -5.61 -2.15
C ALA A 41 11.07 -5.02 -0.80
N GLY A 42 10.79 -5.74 0.28
CA GLY A 42 11.08 -5.27 1.62
C GLY A 42 9.90 -4.54 2.22
N ARG A 43 9.96 -4.26 3.52
CA ARG A 43 8.87 -3.56 4.22
C ARG A 43 9.13 -2.07 4.10
N ASP A 44 8.12 -1.33 3.68
CA ASP A 44 8.30 0.08 3.35
C ASP A 44 7.28 0.98 4.02
N ARG A 45 7.62 2.26 4.11
CA ARG A 45 6.74 3.30 4.65
C ARG A 45 6.58 4.33 3.55
N LEU A 46 5.38 4.43 3.00
CA LEU A 46 5.12 5.31 1.86
C LEU A 46 4.25 6.48 2.28
N THR A 47 4.85 7.63 2.51
CA THR A 47 4.10 8.82 2.92
C THR A 47 3.69 9.61 1.68
N GLY A 48 2.40 9.69 1.41
CA GLY A 48 1.96 10.38 0.21
C GLY A 48 1.87 11.88 0.40
N GLY A 49 1.37 12.30 1.55
CA GLY A 49 1.19 13.72 1.81
C GLY A 49 0.04 14.28 1.02
N LEU A 50 -0.02 15.59 0.92
CA LEU A 50 -1.06 16.28 0.14
C LEU A 50 -0.94 15.93 -1.33
N GLY A 51 -2.04 16.07 -2.04
CA GLY A 51 -2.09 15.75 -3.45
C GLY A 51 -2.54 14.33 -3.68
N ALA A 52 -2.85 13.99 -4.93
CA ALA A 52 -3.27 12.66 -5.30
C ALA A 52 -2.00 11.84 -5.50
N ASP A 53 -1.88 10.75 -4.78
CA ASP A 53 -0.67 9.94 -4.81
C ASP A 53 -1.01 8.54 -5.26
N THR A 54 -0.15 7.95 -6.06
CA THR A 54 -0.35 6.57 -6.50
C THR A 54 0.77 5.73 -5.92
N PHE A 55 0.37 4.71 -5.17
CA PHE A 55 1.30 3.84 -4.49
C PHE A 55 1.31 2.54 -5.28
N ARG A 56 2.50 2.06 -5.63
CA ARG A 56 2.61 0.97 -6.58
C ARG A 56 3.54 -0.15 -6.14
N PHE A 57 3.20 -1.35 -6.57
CA PHE A 57 4.05 -2.51 -6.37
C PHE A 57 5.18 -2.47 -7.42
N ALA A 58 6.24 -3.20 -7.16
CA ALA A 58 7.26 -3.48 -8.17
C ALA A 58 7.53 -5.00 -8.23
N LEU A 59 6.86 -5.75 -7.37
CA LEU A 59 7.01 -7.20 -7.30
C LEU A 59 5.72 -7.78 -6.72
N ARG A 60 5.48 -9.08 -6.85
CA ARG A 60 4.29 -9.70 -6.23
C ARG A 60 4.48 -9.88 -4.72
N GLU A 61 5.73 -9.82 -4.27
CA GLU A 61 6.07 -10.02 -2.85
C GLU A 61 6.28 -8.67 -2.16
N ASP A 62 5.86 -7.62 -2.84
CA ASP A 62 6.01 -6.25 -2.33
C ASP A 62 5.35 -6.05 -0.96
N SER A 63 4.28 -6.78 -0.73
CA SER A 63 3.53 -6.70 0.52
C SER A 63 3.13 -8.12 0.95
N HIS A 64 4.03 -8.79 1.65
CA HIS A 64 3.86 -10.21 1.99
C HIS A 64 4.21 -10.45 3.46
N ARG A 65 3.59 -11.44 4.10
CA ARG A 65 3.93 -11.79 5.49
C ARG A 65 4.10 -13.29 5.64
N SER A 66 5.05 -13.67 6.48
CA SER A 66 5.42 -15.05 6.73
C SER A 66 5.81 -15.11 8.20
N PRO A 67 5.75 -16.29 8.86
CA PRO A 67 6.24 -16.28 10.24
C PRO A 67 7.76 -16.06 10.33
N LEU A 68 8.45 -16.19 9.21
CA LEU A 68 9.88 -15.94 9.14
C LEU A 68 10.19 -14.45 9.00
N GLY A 69 9.14 -13.64 8.87
CA GLY A 69 9.33 -12.21 8.74
C GLY A 69 8.21 -11.53 7.98
N THR A 70 7.96 -10.26 8.31
CA THR A 70 6.94 -9.48 7.63
C THR A 70 7.61 -8.58 6.61
N PHE A 71 6.96 -8.38 5.47
CA PHE A 71 7.48 -7.53 4.40
C PHE A 71 6.34 -6.63 3.94
N SER A 72 5.33 -6.49 4.80
CA SER A 72 4.16 -5.68 4.49
C SER A 72 4.52 -4.21 4.51
N ASP A 73 3.76 -3.41 3.78
CA ASP A 73 4.00 -1.97 3.71
C ASP A 73 2.97 -1.20 4.49
N LEU A 74 3.36 0.00 4.91
CA LEU A 74 2.50 0.93 5.60
C LEU A 74 2.45 2.20 4.76
N ILE A 75 1.27 2.72 4.50
CA ILE A 75 1.13 3.95 3.74
C ILE A 75 0.70 4.97 4.77
N LEU A 76 1.13 6.20 4.58
CA LEU A 76 0.87 7.29 5.51
C LEU A 76 0.22 8.40 4.71
N ASP A 77 -0.66 9.15 5.38
CA ASP A 77 -1.37 10.29 4.78
C ASP A 77 -2.16 9.85 3.56
N PHE A 78 -2.85 8.73 3.70
CA PHE A 78 -3.64 8.19 2.61
C PHE A 78 -4.97 8.92 2.51
N ASP A 79 -5.23 9.46 1.33
CA ASP A 79 -6.46 10.17 1.04
C ASP A 79 -7.35 9.28 0.18
N PRO A 80 -8.27 8.51 0.76
CA PRO A 80 -9.10 7.65 -0.11
C PRO A 80 -9.96 8.40 -1.14
N SER A 81 -10.15 9.70 -0.94
CA SER A 81 -10.86 10.53 -1.91
C SER A 81 -10.02 10.88 -3.15
N GLN A 82 -8.72 10.62 -3.11
CA GLN A 82 -7.80 11.06 -4.19
C GLN A 82 -6.71 10.03 -4.56
N ASP A 83 -6.18 9.35 -3.57
CA ASP A 83 -5.02 8.46 -3.74
C ASP A 83 -5.42 7.12 -4.34
N LYS A 84 -4.45 6.43 -4.93
CA LYS A 84 -4.69 5.15 -5.59
C LYS A 84 -3.64 4.12 -5.18
N ILE A 85 -4.02 2.85 -5.16
CA ILE A 85 -3.08 1.76 -4.85
C ILE A 85 -3.10 0.74 -5.99
N ASP A 86 -1.97 0.56 -6.65
CA ASP A 86 -1.85 -0.45 -7.70
C ASP A 86 -1.44 -1.76 -7.06
N VAL A 87 -2.17 -2.78 -7.44
CA VAL A 87 -2.01 -4.13 -6.90
C VAL A 87 -2.11 -5.17 -8.01
N SER A 88 -1.89 -4.75 -9.25
CA SER A 88 -2.07 -5.64 -10.41
C SER A 88 -1.30 -6.96 -10.30
N ALA A 89 -0.09 -6.94 -9.75
CA ALA A 89 0.71 -8.17 -9.59
C ALA A 89 0.22 -9.08 -8.45
N LEU A 90 -0.73 -8.61 -7.65
CA LEU A 90 -1.27 -9.38 -6.54
C LEU A 90 -2.63 -9.93 -6.97
N GLY A 91 -3.37 -9.08 -7.67
CA GLY A 91 -4.66 -9.45 -8.24
C GLY A 91 -5.82 -9.53 -7.26
N PHE A 92 -5.54 -9.42 -5.97
CA PHE A 92 -6.58 -9.54 -4.96
C PHE A 92 -7.55 -8.36 -5.04
N ILE A 93 -8.84 -8.65 -5.08
CA ILE A 93 -9.87 -7.61 -5.18
C ILE A 93 -11.14 -7.92 -4.36
N GLY A 94 -11.58 -9.18 -4.37
CA GLY A 94 -12.76 -9.55 -3.59
C GLY A 94 -12.47 -9.36 -2.11
N LEU A 95 -13.47 -8.99 -1.33
CA LEU A 95 -13.28 -8.68 0.11
C LEU A 95 -13.94 -9.72 1.00
N GLY A 96 -14.38 -10.79 0.39
CA GLY A 96 -15.22 -11.78 1.06
C GLY A 96 -14.66 -12.59 2.23
N ASN A 97 -13.45 -13.09 2.14
CA ASN A 97 -12.95 -14.03 3.17
C ASN A 97 -11.56 -13.77 3.74
N GLY A 98 -10.70 -13.09 2.98
CA GLY A 98 -9.33 -12.91 3.43
C GLY A 98 -8.47 -14.11 3.11
N TYR A 99 -9.04 -15.04 2.33
CA TYR A 99 -8.36 -16.27 1.93
C TYR A 99 -8.77 -16.53 0.49
N ALA A 100 -8.10 -17.47 -0.18
CA ALA A 100 -8.41 -17.87 -1.55
C ALA A 100 -8.45 -16.68 -2.52
N GLY A 101 -7.47 -15.79 -2.40
CA GLY A 101 -7.37 -14.66 -3.31
C GLY A 101 -8.25 -13.48 -2.94
N THR A 102 -8.99 -13.58 -1.86
CA THR A 102 -9.81 -12.45 -1.40
C THR A 102 -9.11 -11.78 -0.24
N LEU A 103 -9.51 -10.57 0.04
CA LEU A 103 -8.98 -9.78 1.14
C LEU A 103 -10.00 -9.79 2.25
N ALA A 104 -9.59 -9.29 3.40
CA ALA A 104 -10.45 -8.96 4.51
C ALA A 104 -9.87 -7.62 4.93
N VAL A 105 -10.73 -6.69 5.29
CA VAL A 105 -10.28 -5.35 5.63
C VAL A 105 -10.84 -5.02 7.01
N SER A 106 -10.07 -4.25 7.78
CA SER A 106 -10.45 -3.90 9.13
C SER A 106 -9.91 -2.51 9.42
N LEU A 107 -10.40 -1.90 10.49
CA LEU A 107 -10.03 -0.54 10.86
C LEU A 107 -9.64 -0.52 12.32
N SER A 108 -8.99 0.55 12.75
CA SER A 108 -8.79 0.80 14.17
C SER A 108 -10.13 1.27 14.71
N ALA A 109 -10.24 1.39 16.03
CA ALA A 109 -11.50 1.78 16.67
C ALA A 109 -12.02 3.15 16.19
N ASP A 110 -11.14 4.02 15.73
CA ASP A 110 -11.52 5.37 15.35
C ASP A 110 -11.62 5.49 13.83
N GLY A 111 -11.34 4.40 13.15
CA GLY A 111 -11.29 4.40 11.70
C GLY A 111 -10.04 5.08 11.16
N LEU A 112 -9.18 5.56 12.04
CA LEU A 112 -8.01 6.36 11.65
C LEU A 112 -6.86 5.53 11.07
N ARG A 113 -6.97 4.22 11.18
CA ARG A 113 -5.97 3.31 10.60
C ARG A 113 -6.74 2.19 9.95
N THR A 114 -6.17 1.63 8.90
CA THR A 114 -6.80 0.54 8.14
C THR A 114 -5.82 -0.59 7.99
N TYR A 115 -6.29 -1.82 8.08
CA TYR A 115 -5.43 -2.98 7.90
C TYR A 115 -6.06 -3.88 6.86
N LEU A 116 -5.26 -4.37 5.93
CA LEU A 116 -5.75 -5.18 4.82
C LEU A 116 -5.00 -6.51 4.85
N LYS A 117 -5.72 -7.61 4.82
CA LYS A 117 -5.09 -8.94 4.85
C LYS A 117 -5.69 -9.80 3.76
N SER A 118 -4.84 -10.49 3.02
CA SER A 118 -5.27 -11.45 2.00
C SER A 118 -4.40 -12.67 2.17
N TYR A 119 -4.79 -13.79 1.58
CA TYR A 119 -4.03 -15.02 1.66
C TYR A 119 -4.33 -15.83 0.41
N ASP A 120 -3.29 -16.40 -0.18
CA ASP A 120 -3.43 -17.24 -1.37
C ASP A 120 -2.89 -18.62 -1.04
N ALA A 121 -3.45 -19.66 -1.65
CA ALA A 121 -2.92 -21.01 -1.52
C ALA A 121 -2.95 -21.76 -2.84
N ASP A 122 -3.11 -21.02 -3.92
CA ASP A 122 -3.14 -21.61 -5.26
C ASP A 122 -1.70 -21.92 -5.67
N ALA A 123 -0.81 -21.01 -5.32
CA ALA A 123 0.62 -21.19 -5.63
C ALA A 123 1.54 -20.59 -4.57
N GLN A 124 1.00 -20.30 -3.38
CA GLN A 124 1.78 -19.67 -2.31
C GLN A 124 1.63 -20.30 -0.94
N GLY A 125 0.43 -20.21 -0.42
CA GLY A 125 0.15 -20.63 0.94
C GLY A 125 0.66 -19.56 1.90
N ARG A 126 0.57 -18.31 1.46
CA ARG A 126 1.15 -17.17 2.21
C ARG A 126 0.18 -16.01 2.32
N SER A 127 0.41 -15.17 3.32
CA SER A 127 -0.40 -13.98 3.53
C SER A 127 0.20 -12.80 2.79
N PHE A 128 -0.65 -11.91 2.31
CA PHE A 128 -0.22 -10.70 1.63
C PHE A 128 -1.00 -9.58 2.30
N GLU A 129 -0.29 -8.66 2.94
CA GLU A 129 -0.93 -7.73 3.87
C GLU A 129 -0.38 -6.32 3.73
N LEU A 130 -1.23 -5.32 3.94
CA LEU A 130 -0.88 -3.91 3.84
C LEU A 130 -1.56 -3.18 4.99
N ALA A 131 -1.13 -1.96 5.25
CA ALA A 131 -1.78 -1.12 6.26
C ALA A 131 -1.77 0.34 5.81
N LEU A 132 -2.75 1.10 6.27
CA LEU A 132 -2.85 2.53 5.97
C LEU A 132 -2.95 3.26 7.29
N ASP A 133 -2.12 4.26 7.49
CA ASP A 133 -2.20 5.11 8.68
C ASP A 133 -2.64 6.49 8.20
N GLY A 134 -3.39 7.21 9.02
CA GLY A 134 -3.89 8.52 8.62
C GLY A 134 -5.04 8.37 7.66
N ASN A 135 -5.77 7.27 7.83
CA ASN A 135 -6.90 6.97 6.96
C ASN A 135 -8.06 7.92 7.18
N HIS A 136 -8.40 8.68 6.14
CA HIS A 136 -9.58 9.55 6.19
C HIS A 136 -10.84 8.73 5.92
N ALA A 137 -11.29 8.03 6.95
CA ALA A 137 -12.53 7.25 6.87
C ALA A 137 -13.71 8.20 6.60
N ALA A 138 -13.56 9.45 7.00
CA ALA A 138 -14.57 10.47 6.74
C ALA A 138 -14.76 10.68 5.23
N THR A 139 -13.73 10.38 4.45
CA THR A 139 -13.81 10.53 2.99
C THR A 139 -13.59 9.18 2.28
N LEU A 140 -14.05 8.10 2.89
CA LEU A 140 -13.82 6.75 2.35
C LEU A 140 -14.34 6.61 0.91
N SER A 141 -13.75 5.66 0.19
CA SER A 141 -14.11 5.42 -1.21
C SER A 141 -13.90 3.95 -1.55
N ALA A 142 -14.69 3.44 -2.48
CA ALA A 142 -14.54 2.06 -2.97
C ALA A 142 -13.55 2.03 -4.14
N GLY A 143 -12.99 3.19 -4.46
CA GLY A 143 -12.12 3.32 -5.63
C GLY A 143 -10.63 3.31 -5.33
N ASN A 144 -10.22 2.99 -4.11
CA ASN A 144 -8.78 3.04 -3.76
C ASN A 144 -7.95 2.06 -4.59
N ILE A 145 -8.49 0.86 -4.75
CA ILE A 145 -7.80 -0.21 -5.47
C ILE A 145 -7.84 0.14 -6.95
N VAL A 146 -6.78 -0.19 -7.69
CA VAL A 146 -6.69 0.10 -9.13
C VAL A 146 -7.89 -0.46 -9.93
N PHE A 147 -8.43 -1.60 -9.52
CA PHE A 147 -9.58 -2.20 -10.20
C PHE A 147 -10.90 -1.47 -9.90
N ALA A 148 -10.89 -0.68 -8.83
CA ALA A 148 -12.07 0.02 -8.32
C ALA A 148 -13.21 -0.96 -7.97
N ALA A 149 -14.41 -0.41 -7.77
CA ALA A 149 -15.62 -1.18 -7.44
C ALA A 149 -15.48 -2.09 -6.19
N ALA A 150 -14.55 -1.75 -5.30
CA ALA A 150 -14.31 -2.54 -4.10
C ALA A 150 -15.33 -2.18 -3.00
N THR A 151 -16.60 -2.42 -3.28
CA THR A 151 -17.67 -2.11 -2.34
C THR A 151 -17.67 -3.20 -1.25
N PRO A 152 -17.95 -2.82 0.02
CA PRO A 152 -17.97 -3.86 1.05
C PRO A 152 -19.21 -4.74 0.98
N GLY A 153 -19.18 -5.84 1.73
CA GLY A 153 -20.30 -6.75 1.80
C GLY A 153 -20.10 -7.54 3.07
CA CA B . 15.86 0.58 -1.28
CA CA C . 5.99 15.83 -4.33
CA CA D . 11.51 -1.36 -0.60
CA CA E . 1.95 14.00 -2.55
CA CA F . 7.17 -3.19 -0.08
CA CA G . -2.40 11.92 -0.71
N ALA A 1 14.48 11.24 -5.25
CA ALA A 1 13.89 10.15 -6.09
C ALA A 1 14.86 9.00 -6.21
N GLN A 2 14.40 7.87 -6.74
CA GLN A 2 15.23 6.66 -6.98
C GLN A 2 16.12 6.19 -5.83
N GLY A 3 15.58 5.31 -5.00
CA GLY A 3 16.35 4.68 -3.94
C GLY A 3 17.14 3.50 -4.48
N THR A 4 18.08 3.01 -3.68
CA THR A 4 18.89 1.85 -4.06
C THR A 4 18.17 0.57 -3.63
N ASP A 5 18.79 -0.59 -3.80
CA ASP A 5 18.22 -1.83 -3.29
C ASP A 5 18.63 -2.09 -1.85
N GLY A 6 19.29 -1.09 -1.29
CA GLY A 6 19.66 -1.10 0.13
C GLY A 6 18.53 -0.45 0.91
N ASN A 7 18.81 0.00 2.13
CA ASN A 7 17.80 0.68 2.94
C ASN A 7 17.96 2.19 2.72
N ASP A 8 16.92 2.85 2.26
CA ASP A 8 16.98 4.28 1.91
C ASP A 8 15.94 5.10 2.66
N VAL A 9 16.20 6.39 2.78
CA VAL A 9 15.23 7.34 3.30
C VAL A 9 15.09 8.41 2.21
N LEU A 10 13.92 8.48 1.61
CA LEU A 10 13.67 9.41 0.51
C LEU A 10 12.66 10.44 0.97
N ILE A 11 12.85 11.67 0.53
CA ILE A 11 12.00 12.80 0.90
C ILE A 11 11.51 13.45 -0.39
N GLY A 12 10.23 13.80 -0.45
CA GLY A 12 9.68 14.44 -1.64
C GLY A 12 9.68 15.95 -1.54
N SER A 13 9.19 16.59 -2.59
CA SER A 13 9.10 18.04 -2.67
C SER A 13 7.70 18.41 -3.15
N ASP A 14 7.42 19.70 -3.28
CA ASP A 14 6.07 20.15 -3.63
C ASP A 14 5.64 19.86 -5.07
N VAL A 15 6.60 19.71 -5.97
CA VAL A 15 6.29 19.41 -7.37
C VAL A 15 5.91 17.94 -7.52
N GLY A 16 5.32 17.57 -8.64
CA GLY A 16 4.99 16.17 -8.87
C GLY A 16 6.24 15.36 -9.12
N GLU A 17 6.31 14.16 -8.54
CA GLU A 17 7.53 13.35 -8.60
C GLU A 17 7.24 11.86 -8.80
N GLN A 18 8.28 11.13 -9.20
CA GLN A 18 8.24 9.68 -9.29
C GLN A 18 9.34 9.22 -8.35
N ILE A 19 9.00 8.44 -7.34
CA ILE A 19 9.97 7.99 -6.35
C ILE A 19 9.83 6.50 -6.11
N SER A 20 10.79 5.78 -6.65
CA SER A 20 10.88 4.34 -6.47
C SER A 20 11.78 4.05 -5.27
N GLY A 21 11.40 3.06 -4.46
CA GLY A 21 12.18 2.72 -3.27
C GLY A 21 13.14 1.56 -3.47
N GLY A 22 12.84 0.68 -4.42
CA GLY A 22 13.68 -0.50 -4.65
C GLY A 22 13.53 -1.54 -3.56
N ALA A 23 14.42 -2.53 -3.55
CA ALA A 23 14.42 -3.55 -2.51
C ALA A 23 14.88 -2.92 -1.18
N GLY A 24 14.96 -3.72 -0.13
CA GLY A 24 15.36 -3.22 1.18
C GLY A 24 14.21 -2.51 1.89
N ASP A 25 14.42 -2.18 3.15
CA ASP A 25 13.40 -1.54 3.97
C ASP A 25 13.59 -0.04 3.88
N ASP A 26 12.57 0.67 3.38
CA ASP A 26 12.73 2.10 3.06
C ASP A 26 11.67 2.99 3.69
N ARG A 27 11.97 4.29 3.71
CA ARG A 27 10.93 5.30 3.93
C ARG A 27 10.90 6.12 2.66
N LEU A 28 9.70 6.33 2.15
CA LEU A 28 9.48 7.17 0.98
C LEU A 28 8.56 8.26 1.44
N ASP A 29 8.67 9.43 0.84
CA ASP A 29 7.83 10.56 1.19
C ASP A 29 7.64 11.30 -0.12
N GLY A 30 6.43 11.77 -0.35
CA GLY A 30 6.09 12.43 -1.60
C GLY A 30 5.94 13.93 -1.48
N GLY A 31 5.74 14.43 -0.28
CA GLY A 31 5.48 15.84 -0.08
C GLY A 31 4.16 16.26 -0.75
N ALA A 32 4.01 17.55 -1.02
CA ALA A 32 2.82 18.05 -1.70
C ALA A 32 2.85 17.66 -3.19
N GLY A 33 1.78 17.97 -3.88
CA GLY A 33 1.66 17.63 -5.30
C GLY A 33 1.29 16.17 -5.49
N ASP A 34 0.93 15.82 -6.70
CA ASP A 34 0.53 14.45 -7.02
C ASP A 34 1.81 13.66 -7.25
N ASP A 35 1.88 12.43 -6.76
CA ASP A 35 3.13 11.65 -6.81
C ASP A 35 2.94 10.18 -7.13
N LEU A 36 3.97 9.58 -7.71
CA LEU A 36 3.99 8.16 -8.05
C LEU A 36 5.06 7.50 -7.19
N LEU A 37 4.67 6.59 -6.31
CA LEU A 37 5.62 5.95 -5.39
C LEU A 37 5.61 4.42 -5.54
N ASP A 38 6.80 3.81 -5.60
CA ASP A 38 6.91 2.35 -5.68
C ASP A 38 7.60 1.82 -4.44
N GLY A 39 7.00 0.86 -3.75
CA GLY A 39 7.61 0.36 -2.53
C GLY A 39 8.78 -0.57 -2.78
N GLY A 40 8.59 -1.51 -3.68
CA GLY A 40 9.59 -2.53 -3.96
C GLY A 40 9.56 -3.60 -2.87
N ALA A 41 10.46 -4.56 -2.97
CA ALA A 41 10.57 -5.61 -1.96
C ALA A 41 10.95 -4.98 -0.61
N GLY A 42 10.75 -5.73 0.47
CA GLY A 42 11.01 -5.24 1.81
C GLY A 42 9.81 -4.50 2.36
N ARG A 43 9.81 -4.17 3.64
CA ARG A 43 8.70 -3.44 4.26
C ARG A 43 9.04 -1.95 4.14
N ASP A 44 8.06 -1.15 3.77
CA ASP A 44 8.31 0.26 3.48
C ASP A 44 7.29 1.16 4.15
N ARG A 45 7.67 2.42 4.34
CA ARG A 45 6.77 3.44 4.90
C ARG A 45 6.62 4.51 3.84
N LEU A 46 5.47 4.53 3.17
CA LEU A 46 5.24 5.43 2.04
C LEU A 46 4.35 6.61 2.46
N THR A 47 4.94 7.77 2.67
CA THR A 47 4.17 8.95 3.08
C THR A 47 3.71 9.71 1.84
N GLY A 48 2.41 9.75 1.61
CA GLY A 48 1.90 10.39 0.40
C GLY A 48 1.75 11.89 0.55
N GLY A 49 1.22 12.32 1.68
CA GLY A 49 1.00 13.73 1.93
C GLY A 49 -0.11 14.28 1.06
N LEU A 50 -0.15 15.59 0.92
CA LEU A 50 -1.15 16.27 0.10
C LEU A 50 -1.02 15.87 -1.36
N GLY A 51 -2.13 15.98 -2.08
CA GLY A 51 -2.19 15.62 -3.49
C GLY A 51 -2.63 14.19 -3.67
N ALA A 52 -2.98 13.83 -4.90
CA ALA A 52 -3.41 12.48 -5.23
C ALA A 52 -2.14 11.66 -5.49
N ASP A 53 -1.94 10.63 -4.68
CA ASP A 53 -0.72 9.84 -4.74
C ASP A 53 -1.06 8.42 -5.14
N THR A 54 -0.25 7.83 -5.99
CA THR A 54 -0.46 6.43 -6.36
C THR A 54 0.70 5.61 -5.82
N PHE A 55 0.36 4.49 -5.22
CA PHE A 55 1.33 3.60 -4.60
C PHE A 55 1.28 2.29 -5.37
N ARG A 56 2.36 1.96 -6.05
CA ARG A 56 2.37 0.81 -6.94
C ARG A 56 3.30 -0.29 -6.45
N PHE A 57 2.93 -1.52 -6.75
CA PHE A 57 3.81 -2.66 -6.51
C PHE A 57 4.91 -2.63 -7.56
N ALA A 58 6.04 -3.27 -7.26
CA ALA A 58 7.08 -3.51 -8.25
C ALA A 58 7.11 -5.02 -8.52
N LEU A 59 7.01 -5.81 -7.45
CA LEU A 59 6.93 -7.26 -7.52
C LEU A 59 5.80 -7.71 -6.60
N ARG A 60 5.46 -8.99 -6.64
CA ARG A 60 4.48 -9.56 -5.69
C ARG A 60 5.02 -9.54 -4.26
N GLU A 61 6.33 -9.33 -4.16
CA GLU A 61 7.03 -9.30 -2.88
C GLU A 61 6.89 -7.95 -2.17
N ASP A 62 6.18 -7.02 -2.81
CA ASP A 62 6.02 -5.69 -2.25
C ASP A 62 5.30 -5.68 -0.91
N SER A 63 4.39 -6.60 -0.69
CA SER A 63 3.68 -6.69 0.59
C SER A 63 3.28 -8.14 0.83
N HIS A 64 4.09 -8.80 1.64
CA HIS A 64 3.95 -10.23 1.89
C HIS A 64 4.23 -10.48 3.37
N ARG A 65 3.58 -11.48 3.97
CA ARG A 65 3.85 -11.86 5.36
C ARG A 65 3.94 -13.36 5.45
N SER A 66 4.85 -13.84 6.29
CA SER A 66 5.03 -15.26 6.54
C SER A 66 5.55 -15.34 7.96
N PRO A 67 5.61 -16.54 8.58
CA PRO A 67 6.18 -16.53 9.93
C PRO A 67 7.69 -16.28 9.95
N LEU A 68 8.30 -16.25 8.77
CA LEU A 68 9.74 -16.00 8.66
C LEU A 68 10.05 -14.50 8.50
N GLY A 69 9.01 -13.69 8.34
CA GLY A 69 9.24 -12.26 8.20
C GLY A 69 8.04 -11.48 7.67
N THR A 70 8.01 -10.19 7.95
CA THR A 70 6.96 -9.32 7.48
C THR A 70 7.55 -8.27 6.54
N PHE A 71 6.97 -8.21 5.34
CA PHE A 71 7.44 -7.34 4.28
C PHE A 71 6.30 -6.43 3.86
N SER A 72 5.26 -6.41 4.69
CA SER A 72 4.07 -5.61 4.43
C SER A 72 4.39 -4.13 4.50
N ASP A 73 3.81 -3.36 3.59
CA ASP A 73 4.03 -1.93 3.56
C ASP A 73 3.02 -1.17 4.40
N LEU A 74 3.46 0.00 4.84
CA LEU A 74 2.64 0.92 5.58
C LEU A 74 2.57 2.20 4.76
N ILE A 75 1.39 2.73 4.55
CA ILE A 75 1.23 3.99 3.83
C ILE A 75 0.84 4.99 4.90
N LEU A 76 1.32 6.20 4.75
CA LEU A 76 1.13 7.27 5.72
C LEU A 76 0.46 8.44 5.04
N ASP A 77 -0.43 9.11 5.77
CA ASP A 77 -1.16 10.29 5.29
C ASP A 77 -1.94 9.93 4.03
N PHE A 78 -2.69 8.85 4.14
CA PHE A 78 -3.43 8.30 3.01
C PHE A 78 -4.81 8.95 2.87
N ASP A 79 -5.11 9.37 1.65
CA ASP A 79 -6.41 9.98 1.32
C ASP A 79 -7.27 8.96 0.57
N PRO A 80 -8.16 8.24 1.27
CA PRO A 80 -8.91 7.18 0.56
C PRO A 80 -9.85 7.63 -0.56
N SER A 81 -10.17 8.92 -0.63
CA SER A 81 -10.98 9.47 -1.72
C SER A 81 -10.16 10.12 -2.83
N GLN A 82 -8.83 10.10 -2.74
CA GLN A 82 -7.96 10.76 -3.74
C GLN A 82 -6.78 9.91 -4.17
N ASP A 83 -6.18 9.17 -3.24
CA ASP A 83 -5.00 8.38 -3.52
C ASP A 83 -5.39 7.06 -4.20
N LYS A 84 -4.39 6.30 -4.64
CA LYS A 84 -4.61 5.05 -5.37
C LYS A 84 -3.63 3.98 -4.92
N ILE A 85 -4.07 2.73 -4.84
CA ILE A 85 -3.18 1.62 -4.48
C ILE A 85 -3.29 0.54 -5.56
N ASP A 86 -2.19 0.30 -6.27
CA ASP A 86 -2.14 -0.70 -7.32
C ASP A 86 -1.54 -2.00 -6.78
N VAL A 87 -2.38 -3.02 -6.67
CA VAL A 87 -1.97 -4.34 -6.15
C VAL A 87 -2.12 -5.41 -7.24
N SER A 88 -2.02 -4.97 -8.48
CA SER A 88 -2.19 -5.82 -9.67
C SER A 88 -1.05 -6.82 -9.92
N ALA A 89 -0.25 -7.12 -8.90
CA ALA A 89 0.83 -8.09 -9.02
C ALA A 89 0.27 -9.49 -9.26
N LEU A 90 -0.88 -9.74 -8.65
CA LEU A 90 -1.60 -11.01 -8.81
C LEU A 90 -3.02 -10.66 -9.21
N GLY A 91 -3.55 -9.67 -8.50
CA GLY A 91 -4.93 -9.26 -8.68
C GLY A 91 -5.79 -10.03 -7.70
N PHE A 92 -6.99 -9.56 -7.42
CA PHE A 92 -7.88 -10.21 -6.49
C PHE A 92 -9.28 -10.24 -7.09
N ILE A 93 -9.95 -11.37 -6.97
CA ILE A 93 -11.26 -11.59 -7.59
C ILE A 93 -12.40 -11.13 -6.67
N GLY A 94 -12.06 -10.82 -5.42
CA GLY A 94 -13.05 -10.36 -4.46
C GLY A 94 -12.41 -9.43 -3.47
N LEU A 95 -13.23 -8.68 -2.73
CA LEU A 95 -12.73 -7.63 -1.83
C LEU A 95 -13.14 -7.81 -0.37
N GLY A 96 -13.83 -8.90 -0.06
CA GLY A 96 -14.38 -9.08 1.28
C GLY A 96 -13.90 -10.26 2.12
N ASN A 97 -13.48 -11.36 1.51
CA ASN A 97 -13.22 -12.59 2.28
C ASN A 97 -11.79 -12.73 2.81
N GLY A 98 -10.81 -12.15 2.13
CA GLY A 98 -9.44 -12.19 2.59
C GLY A 98 -8.68 -13.49 2.33
N TYR A 99 -9.30 -14.43 1.64
CA TYR A 99 -8.69 -15.73 1.34
C TYR A 99 -9.07 -16.13 -0.07
N ALA A 100 -8.40 -17.15 -0.60
CA ALA A 100 -8.68 -17.68 -1.96
C ALA A 100 -8.63 -16.57 -3.03
N GLY A 101 -7.60 -15.75 -2.98
CA GLY A 101 -7.42 -14.72 -4.00
C GLY A 101 -8.37 -13.54 -3.85
N THR A 102 -8.83 -13.27 -2.63
CA THR A 102 -9.68 -12.11 -2.38
C THR A 102 -9.05 -11.26 -1.29
N LEU A 103 -9.47 -10.01 -1.22
CA LEU A 103 -8.98 -9.06 -0.22
C LEU A 103 -9.99 -9.00 0.92
N ALA A 104 -9.62 -8.31 1.99
CA ALA A 104 -10.49 -8.00 3.12
C ALA A 104 -9.85 -6.78 3.77
N VAL A 105 -10.61 -6.06 4.59
CA VAL A 105 -10.11 -4.86 5.24
C VAL A 105 -10.50 -4.89 6.72
N SER A 106 -9.73 -4.22 7.56
CA SER A 106 -9.99 -4.11 8.99
C SER A 106 -9.57 -2.72 9.42
N LEU A 107 -10.08 -2.24 10.53
CA LEU A 107 -9.78 -0.88 11.00
C LEU A 107 -9.39 -0.89 12.46
N SER A 108 -8.71 0.17 12.88
CA SER A 108 -8.48 0.44 14.30
C SER A 108 -9.80 0.98 14.85
N ALA A 109 -9.90 1.11 16.16
CA ALA A 109 -11.15 1.55 16.81
C ALA A 109 -11.70 2.89 16.29
N ASP A 110 -10.82 3.81 15.93
CA ASP A 110 -11.24 5.15 15.55
C ASP A 110 -11.16 5.31 14.03
N GLY A 111 -10.82 4.22 13.37
CA GLY A 111 -10.62 4.24 11.92
C GLY A 111 -9.35 4.95 11.50
N LEU A 112 -8.58 5.45 12.46
CA LEU A 112 -7.38 6.26 12.16
C LEU A 112 -6.27 5.45 11.53
N ARG A 113 -6.34 4.14 11.71
CA ARG A 113 -5.41 3.20 11.08
C ARG A 113 -6.24 2.10 10.45
N THR A 114 -5.74 1.54 9.37
CA THR A 114 -6.45 0.54 8.57
C THR A 114 -5.49 -0.60 8.28
N TYR A 115 -6.03 -1.79 8.08
CA TYR A 115 -5.22 -2.96 7.78
C TYR A 115 -5.92 -3.68 6.63
N LEU A 116 -5.15 -4.26 5.72
CA LEU A 116 -5.70 -4.94 4.55
C LEU A 116 -5.14 -6.35 4.59
N LYS A 117 -5.96 -7.33 4.27
CA LYS A 117 -5.54 -8.74 4.35
C LYS A 117 -5.99 -9.54 3.14
N SER A 118 -5.09 -10.37 2.61
CA SER A 118 -5.42 -11.27 1.52
C SER A 118 -4.59 -12.52 1.67
N TYR A 119 -4.99 -13.61 1.02
CA TYR A 119 -4.27 -14.87 1.08
C TYR A 119 -4.49 -15.65 -0.22
N ASP A 120 -3.43 -16.27 -0.73
CA ASP A 120 -3.53 -17.17 -1.89
C ASP A 120 -3.16 -18.54 -1.39
N ALA A 121 -3.85 -19.56 -1.88
CA ALA A 121 -3.52 -20.94 -1.50
C ALA A 121 -3.69 -21.88 -2.67
N ASP A 122 -3.78 -21.30 -3.85
CA ASP A 122 -3.99 -22.08 -5.08
C ASP A 122 -2.65 -22.69 -5.47
N ALA A 123 -1.58 -21.97 -5.14
CA ALA A 123 -0.23 -22.44 -5.42
C ALA A 123 0.82 -21.91 -4.44
N GLN A 124 0.67 -20.68 -3.96
CA GLN A 124 1.70 -20.07 -3.13
C GLN A 124 1.54 -20.39 -1.66
N GLY A 125 0.31 -20.37 -1.19
CA GLY A 125 0.03 -20.62 0.22
C GLY A 125 0.58 -19.52 1.10
N ARG A 126 0.42 -18.26 0.69
CA ARG A 126 1.02 -17.12 1.40
C ARG A 126 0.03 -15.98 1.66
N SER A 127 0.33 -15.21 2.69
CA SER A 127 -0.44 -14.02 3.05
C SER A 127 0.14 -12.77 2.39
N PHE A 128 -0.73 -11.92 1.90
CA PHE A 128 -0.35 -10.65 1.28
C PHE A 128 -1.16 -9.58 1.99
N GLU A 129 -0.51 -8.82 2.86
CA GLU A 129 -1.22 -7.94 3.79
C GLU A 129 -0.54 -6.57 3.82
N LEU A 130 -1.31 -5.52 4.08
CA LEU A 130 -0.81 -4.13 4.08
C LEU A 130 -1.41 -3.38 5.26
N ALA A 131 -0.94 -2.16 5.51
CA ALA A 131 -1.53 -1.30 6.53
C ALA A 131 -1.49 0.17 6.09
N LEU A 132 -2.38 0.97 6.66
CA LEU A 132 -2.43 2.41 6.40
C LEU A 132 -2.47 3.09 7.77
N ASP A 133 -1.62 4.08 7.98
CA ASP A 133 -1.66 4.87 9.21
C ASP A 133 -1.95 6.30 8.77
N GLY A 134 -2.68 7.06 9.57
CA GLY A 134 -3.06 8.41 9.17
C GLY A 134 -4.16 8.31 8.12
N ASN A 135 -5.04 7.34 8.31
CA ASN A 135 -6.13 7.11 7.38
C ASN A 135 -7.30 8.04 7.67
N HIS A 136 -7.70 8.79 6.66
CA HIS A 136 -8.87 9.66 6.76
C HIS A 136 -10.15 8.84 6.56
N ALA A 137 -10.52 8.10 7.59
CA ALA A 137 -11.75 7.31 7.59
C ALA A 137 -12.97 8.22 7.44
N ALA A 138 -12.83 9.46 7.87
CA ALA A 138 -13.90 10.46 7.71
C ALA A 138 -14.18 10.70 6.23
N THR A 139 -13.20 10.40 5.38
CA THR A 139 -13.37 10.55 3.93
C THR A 139 -13.26 9.21 3.20
N LEU A 140 -13.59 8.10 3.87
CA LEU A 140 -13.39 6.79 3.26
C LEU A 140 -14.19 6.62 1.96
N SER A 141 -13.56 5.94 1.02
CA SER A 141 -14.14 5.65 -0.28
C SER A 141 -13.41 4.42 -0.76
N ALA A 142 -14.03 3.63 -1.63
CA ALA A 142 -13.42 2.42 -2.16
C ALA A 142 -12.75 2.70 -3.51
N GLY A 143 -12.86 3.94 -3.98
CA GLY A 143 -12.33 4.28 -5.31
C GLY A 143 -10.82 4.15 -5.46
N ASN A 144 -10.10 4.11 -4.35
CA ASN A 144 -8.64 4.02 -4.39
C ASN A 144 -8.10 2.66 -4.84
N ILE A 145 -8.93 1.63 -4.90
CA ILE A 145 -8.45 0.31 -5.32
C ILE A 145 -8.32 0.26 -6.83
N VAL A 146 -7.30 -0.46 -7.32
CA VAL A 146 -7.04 -0.58 -8.76
C VAL A 146 -8.22 -1.22 -9.51
N PHE A 147 -9.00 -2.03 -8.81
CA PHE A 147 -10.11 -2.76 -9.41
C PHE A 147 -11.32 -1.86 -9.72
N ALA A 148 -11.39 -0.72 -9.03
CA ALA A 148 -12.51 0.21 -9.17
C ALA A 148 -13.85 -0.53 -8.95
N ALA A 149 -14.90 0.02 -9.55
CA ALA A 149 -16.26 -0.56 -9.59
C ALA A 149 -17.01 -0.74 -8.24
N ALA A 150 -16.31 -0.69 -7.12
CA ALA A 150 -16.91 -0.88 -5.80
C ALA A 150 -17.71 0.34 -5.31
N THR A 151 -18.82 0.63 -5.98
CA THR A 151 -19.71 1.71 -5.61
C THR A 151 -20.81 1.12 -4.71
N PRO A 152 -21.35 1.91 -3.75
CA PRO A 152 -22.40 1.31 -2.92
C PRO A 152 -23.73 1.22 -3.67
N GLY A 153 -24.66 0.45 -3.12
CA GLY A 153 -25.98 0.29 -3.70
C GLY A 153 -26.74 -0.61 -2.76
CA CA B . 15.75 0.66 -1.04
CA CA C . 5.74 15.75 -4.64
CA CA D . 11.62 -1.27 -0.42
CA CA E . 1.88 13.95 -2.56
CA CA F . 7.33 -3.11 0.05
CA CA G . -2.44 11.89 -0.67
N ALA A 1 16.79 11.15 -4.25
CA ALA A 1 16.11 10.42 -5.37
C ALA A 1 16.71 9.03 -5.50
N GLN A 2 16.11 8.18 -6.34
CA GLN A 2 16.54 6.80 -6.61
C GLN A 2 17.06 5.96 -5.43
N GLY A 3 16.19 5.17 -4.83
CA GLY A 3 16.62 4.29 -3.76
C GLY A 3 17.47 3.15 -4.25
N THR A 4 18.42 2.73 -3.43
CA THR A 4 19.29 1.60 -3.73
C THR A 4 18.59 0.32 -3.27
N ASP A 5 19.23 -0.82 -3.35
CA ASP A 5 18.66 -2.06 -2.79
C ASP A 5 19.01 -2.22 -1.32
N GLY A 6 19.66 -1.20 -0.78
CA GLY A 6 19.93 -1.12 0.65
C GLY A 6 18.77 -0.41 1.32
N ASN A 7 18.95 0.12 2.52
CA ASN A 7 17.89 0.86 3.20
C ASN A 7 18.06 2.34 2.87
N ASP A 8 17.00 3.00 2.39
CA ASP A 8 17.08 4.39 1.96
C ASP A 8 16.01 5.25 2.62
N VAL A 9 16.28 6.54 2.70
CA VAL A 9 15.29 7.51 3.14
C VAL A 9 15.14 8.48 1.97
N LEU A 10 13.95 8.54 1.40
CA LEU A 10 13.69 9.36 0.22
C LEU A 10 12.59 10.34 0.56
N ILE A 11 12.80 11.61 0.22
CA ILE A 11 11.85 12.66 0.52
C ILE A 11 11.66 13.47 -0.77
N GLY A 12 10.41 13.67 -1.18
CA GLY A 12 10.12 14.40 -2.38
C GLY A 12 9.87 15.88 -2.15
N SER A 13 9.94 16.64 -3.23
CA SER A 13 9.73 18.08 -3.22
C SER A 13 8.27 18.38 -3.57
N ASP A 14 7.90 19.65 -3.65
CA ASP A 14 6.52 20.05 -3.92
C ASP A 14 6.01 19.81 -5.35
N VAL A 15 6.91 19.58 -6.30
CA VAL A 15 6.47 19.30 -7.67
C VAL A 15 6.11 17.82 -7.79
N GLY A 16 5.45 17.45 -8.88
CA GLY A 16 5.10 16.05 -9.09
C GLY A 16 6.34 15.22 -9.40
N GLU A 17 6.44 14.02 -8.83
CA GLU A 17 7.65 13.19 -8.94
C GLU A 17 7.32 11.70 -9.01
N GLN A 18 8.31 10.91 -9.42
CA GLN A 18 8.22 9.46 -9.42
C GLN A 18 9.33 8.96 -8.49
N ILE A 19 8.96 8.32 -7.39
CA ILE A 19 9.92 7.89 -6.37
C ILE A 19 9.89 6.37 -6.24
N SER A 20 11.05 5.73 -6.38
CA SER A 20 11.14 4.29 -6.25
C SER A 20 12.18 3.93 -5.19
N GLY A 21 11.84 3.00 -4.31
CA GLY A 21 12.69 2.65 -3.19
C GLY A 21 13.61 1.44 -3.37
N GLY A 22 13.28 0.55 -4.29
CA GLY A 22 14.08 -0.65 -4.49
C GLY A 22 13.91 -1.67 -3.36
N ALA A 23 14.81 -2.65 -3.28
CA ALA A 23 14.76 -3.64 -2.20
C ALA A 23 15.17 -2.98 -0.87
N GLY A 24 15.17 -3.74 0.20
CA GLY A 24 15.51 -3.19 1.51
C GLY A 24 14.34 -2.45 2.14
N ASP A 25 14.49 -2.08 3.40
CA ASP A 25 13.45 -1.39 4.15
C ASP A 25 13.64 0.11 3.99
N ASP A 26 12.67 0.79 3.39
CA ASP A 26 12.83 2.20 3.03
C ASP A 26 11.74 3.11 3.59
N ARG A 27 11.95 4.41 3.47
CA ARG A 27 10.90 5.40 3.68
C ARG A 27 10.80 6.25 2.42
N LEU A 28 9.59 6.41 1.90
CA LEU A 28 9.36 7.21 0.69
C LEU A 28 8.31 8.27 0.98
N ASP A 29 8.73 9.50 1.13
CA ASP A 29 7.79 10.62 1.32
C ASP A 29 7.71 11.34 -0.01
N GLY A 30 6.50 11.69 -0.43
CA GLY A 30 6.30 12.33 -1.72
C GLY A 30 6.17 13.85 -1.68
N GLY A 31 5.75 14.38 -0.54
CA GLY A 31 5.54 15.82 -0.42
C GLY A 31 4.32 16.28 -1.22
N ALA A 32 4.26 17.56 -1.54
CA ALA A 32 3.13 18.08 -2.32
C ALA A 32 3.28 17.64 -3.78
N GLY A 33 2.28 17.98 -4.58
CA GLY A 33 2.25 17.60 -5.98
C GLY A 33 1.76 16.16 -6.11
N ASP A 34 1.43 15.77 -7.33
CA ASP A 34 0.92 14.43 -7.58
C ASP A 34 2.13 13.52 -7.71
N ASP A 35 2.15 12.40 -7.00
CA ASP A 35 3.37 11.57 -6.96
C ASP A 35 3.11 10.09 -7.20
N LEU A 36 4.10 9.44 -7.78
CA LEU A 36 4.08 7.99 -8.00
C LEU A 36 5.08 7.40 -7.01
N LEU A 37 4.66 6.40 -6.24
CA LEU A 37 5.51 5.82 -5.21
C LEU A 37 5.58 4.28 -5.31
N ASP A 38 6.77 3.76 -5.56
CA ASP A 38 7.01 2.32 -5.67
C ASP A 38 7.93 1.86 -4.53
N GLY A 39 7.36 1.18 -3.55
CA GLY A 39 8.13 0.75 -2.39
C GLY A 39 9.25 -0.25 -2.68
N GLY A 40 8.98 -1.21 -3.56
CA GLY A 40 9.95 -2.24 -3.87
C GLY A 40 9.95 -3.32 -2.81
N ALA A 41 10.79 -4.34 -2.97
CA ALA A 41 10.86 -5.43 -1.99
C ALA A 41 11.23 -4.87 -0.59
N GLY A 42 10.89 -5.63 0.45
CA GLY A 42 11.11 -5.18 1.81
C GLY A 42 9.91 -4.41 2.33
N ARG A 43 9.83 -4.17 3.63
CA ARG A 43 8.71 -3.43 4.20
C ARG A 43 9.06 -1.95 4.15
N ASP A 44 8.14 -1.14 3.70
CA ASP A 44 8.43 0.28 3.47
C ASP A 44 7.39 1.14 4.16
N ARG A 45 7.76 2.40 4.35
CA ARG A 45 6.91 3.37 5.04
C ARG A 45 6.74 4.50 4.05
N LEU A 46 5.52 4.85 3.71
CA LEU A 46 5.29 5.82 2.63
C LEU A 46 4.38 6.95 3.08
N THR A 47 4.66 8.16 2.63
CA THR A 47 3.83 9.32 2.98
C THR A 47 3.46 10.09 1.71
N GLY A 48 2.21 10.01 1.29
CA GLY A 48 1.83 10.63 0.03
C GLY A 48 1.70 12.14 0.09
N GLY A 49 1.15 12.65 1.18
CA GLY A 49 0.96 14.08 1.32
C GLY A 49 -0.14 14.61 0.42
N LEU A 50 -0.14 15.93 0.22
CA LEU A 50 -1.13 16.57 -0.66
C LEU A 50 -0.92 16.13 -2.10
N GLY A 51 -1.96 16.32 -2.90
CA GLY A 51 -1.95 15.89 -4.29
C GLY A 51 -2.49 14.49 -4.43
N ALA A 52 -2.79 14.08 -5.66
CA ALA A 52 -3.26 12.73 -5.94
C ALA A 52 -2.01 11.86 -6.04
N ASP A 53 -1.97 10.80 -5.24
CA ASP A 53 -0.78 9.96 -5.19
C ASP A 53 -1.15 8.53 -5.51
N THR A 54 -0.28 7.82 -6.20
CA THR A 54 -0.53 6.40 -6.47
C THR A 54 0.63 5.59 -5.90
N PHE A 55 0.27 4.51 -5.24
CA PHE A 55 1.22 3.63 -4.60
C PHE A 55 1.15 2.33 -5.38
N ARG A 56 2.25 1.96 -6.00
CA ARG A 56 2.25 0.82 -6.92
C ARG A 56 3.27 -0.23 -6.54
N PHE A 57 2.88 -1.48 -6.78
CA PHE A 57 3.76 -2.61 -6.56
C PHE A 57 4.85 -2.64 -7.64
N ALA A 58 6.08 -2.90 -7.24
CA ALA A 58 7.16 -3.11 -8.21
C ALA A 58 7.36 -4.63 -8.40
N LEU A 59 6.99 -5.40 -7.39
CA LEU A 59 7.09 -6.86 -7.42
C LEU A 59 5.82 -7.42 -6.82
N ARG A 60 5.54 -8.71 -7.02
CA ARG A 60 4.39 -9.35 -6.37
C ARG A 60 4.66 -9.54 -4.87
N GLU A 61 5.92 -9.39 -4.50
CA GLU A 61 6.36 -9.58 -3.12
C GLU A 61 6.61 -8.22 -2.47
N ASP A 62 6.16 -7.16 -3.13
CA ASP A 62 6.34 -5.80 -2.63
C ASP A 62 5.65 -5.63 -1.27
N SER A 63 4.51 -6.31 -1.09
CA SER A 63 3.80 -6.33 0.19
C SER A 63 3.30 -7.75 0.41
N HIS A 64 3.91 -8.43 1.38
CA HIS A 64 3.69 -9.87 1.59
C HIS A 64 3.96 -10.16 3.06
N ARG A 65 3.35 -11.20 3.61
CA ARG A 65 3.60 -11.61 5.01
C ARG A 65 3.70 -13.12 5.08
N SER A 66 4.59 -13.60 5.93
CA SER A 66 4.82 -15.04 6.10
C SER A 66 5.35 -15.23 7.52
N PRO A 67 5.46 -16.48 8.02
CA PRO A 67 6.04 -16.56 9.38
C PRO A 67 7.53 -16.22 9.43
N LEU A 68 8.14 -16.05 8.26
CA LEU A 68 9.55 -15.67 8.17
C LEU A 68 9.71 -14.16 8.39
N GLY A 69 8.61 -13.44 8.38
CA GLY A 69 8.64 -12.00 8.59
C GLY A 69 7.60 -11.26 7.78
N THR A 70 7.51 -9.96 8.01
CA THR A 70 6.56 -9.12 7.29
C THR A 70 7.32 -8.24 6.30
N PHE A 71 6.73 -8.06 5.14
CA PHE A 71 7.29 -7.26 4.08
C PHE A 71 6.21 -6.29 3.62
N SER A 72 5.12 -6.24 4.37
CA SER A 72 3.97 -5.39 4.04
C SER A 72 4.33 -3.94 4.23
N ASP A 73 3.84 -3.10 3.33
CA ASP A 73 4.11 -1.67 3.42
C ASP A 73 3.06 -0.97 4.25
N LEU A 74 3.48 0.14 4.86
CA LEU A 74 2.61 0.95 5.69
C LEU A 74 2.60 2.36 5.11
N ILE A 75 1.42 2.91 4.87
CA ILE A 75 1.32 4.29 4.41
C ILE A 75 0.87 5.09 5.62
N LEU A 76 1.49 6.24 5.79
CA LEU A 76 1.31 7.09 6.98
C LEU A 76 0.16 8.06 6.80
N ASP A 77 0.01 8.52 5.57
CA ASP A 77 -1.01 9.50 5.19
C ASP A 77 -1.58 9.07 3.86
N PHE A 78 -2.89 8.81 3.83
CA PHE A 78 -3.55 8.36 2.61
C PHE A 78 -4.91 9.04 2.47
N ASP A 79 -5.13 9.65 1.32
CA ASP A 79 -6.38 10.36 1.03
C ASP A 79 -7.32 9.46 0.22
N PRO A 80 -8.37 8.91 0.84
CA PRO A 80 -9.26 8.06 0.03
C PRO A 80 -10.07 8.83 -1.02
N SER A 81 -10.01 10.15 -0.98
CA SER A 81 -10.67 11.00 -1.96
C SER A 81 -9.78 11.31 -3.16
N GLN A 82 -8.49 10.99 -3.07
CA GLN A 82 -7.52 11.43 -4.10
C GLN A 82 -6.49 10.37 -4.50
N ASP A 83 -6.17 9.46 -3.60
CA ASP A 83 -5.04 8.54 -3.77
C ASP A 83 -5.47 7.15 -4.23
N LYS A 84 -4.53 6.41 -4.83
CA LYS A 84 -4.82 5.11 -5.42
C LYS A 84 -3.80 4.05 -4.99
N ILE A 85 -4.23 2.81 -4.89
CA ILE A 85 -3.33 1.69 -4.55
C ILE A 85 -3.40 0.62 -5.65
N ASP A 86 -2.30 0.40 -6.34
CA ASP A 86 -2.25 -0.61 -7.40
C ASP A 86 -1.73 -1.91 -6.85
N VAL A 87 -2.57 -2.93 -6.89
CA VAL A 87 -2.23 -4.28 -6.36
C VAL A 87 -2.43 -5.32 -7.45
N SER A 88 -2.26 -4.88 -8.69
CA SER A 88 -2.47 -5.71 -9.89
C SER A 88 -1.38 -6.76 -10.13
N ALA A 89 -0.64 -7.12 -9.11
CA ALA A 89 0.45 -8.10 -9.22
C ALA A 89 -0.10 -9.47 -9.58
N LEU A 90 -1.22 -9.81 -8.94
CA LEU A 90 -1.95 -11.06 -9.17
C LEU A 90 -3.40 -10.67 -9.37
N GLY A 91 -3.82 -9.74 -8.52
CA GLY A 91 -5.19 -9.26 -8.52
C GLY A 91 -5.96 -10.02 -7.47
N PHE A 92 -7.15 -9.56 -7.15
CA PHE A 92 -8.01 -10.21 -6.16
C PHE A 92 -9.40 -10.28 -6.75
N ILE A 93 -10.01 -11.46 -6.69
CA ILE A 93 -11.30 -11.71 -7.35
C ILE A 93 -12.47 -11.20 -6.50
N GLY A 94 -12.17 -10.80 -5.28
CA GLY A 94 -13.20 -10.26 -4.40
C GLY A 94 -12.53 -9.40 -3.35
N LEU A 95 -13.30 -8.61 -2.62
CA LEU A 95 -12.74 -7.66 -1.65
C LEU A 95 -13.21 -7.90 -0.21
N GLY A 96 -13.98 -8.95 0.00
CA GLY A 96 -14.62 -9.18 1.30
C GLY A 96 -14.16 -10.32 2.20
N ASN A 97 -13.67 -11.43 1.65
CA ASN A 97 -13.44 -12.63 2.48
C ASN A 97 -12.01 -12.83 3.01
N GLY A 98 -11.02 -12.29 2.31
CA GLY A 98 -9.64 -12.40 2.77
C GLY A 98 -8.96 -13.74 2.52
N TYR A 99 -9.65 -14.64 1.83
CA TYR A 99 -9.12 -15.98 1.54
C TYR A 99 -9.53 -16.33 0.11
N ALA A 100 -8.95 -17.38 -0.46
CA ALA A 100 -9.28 -17.85 -1.81
C ALA A 100 -9.15 -16.74 -2.86
N GLY A 101 -8.07 -15.99 -2.77
CA GLY A 101 -7.81 -14.95 -3.76
C GLY A 101 -8.63 -13.69 -3.58
N THR A 102 -9.20 -13.47 -2.41
CA THR A 102 -9.98 -12.26 -2.15
C THR A 102 -9.33 -11.43 -1.06
N LEU A 103 -9.63 -10.15 -1.04
CA LEU A 103 -9.14 -9.20 -0.03
C LEU A 103 -10.14 -9.15 1.11
N ALA A 104 -9.78 -8.47 2.18
CA ALA A 104 -10.64 -8.17 3.32
C ALA A 104 -9.96 -6.96 3.99
N VAL A 105 -10.69 -6.22 4.79
CA VAL A 105 -10.15 -5.02 5.43
C VAL A 105 -10.66 -4.87 6.88
N SER A 106 -9.90 -4.18 7.70
CA SER A 106 -10.28 -3.79 9.06
C SER A 106 -9.76 -2.37 9.10
N LEU A 107 -10.45 -1.45 9.78
CA LEU A 107 -10.15 -0.01 9.61
C LEU A 107 -9.88 0.82 10.87
N SER A 108 -9.12 1.87 10.65
CA SER A 108 -8.79 2.92 11.62
C SER A 108 -9.96 3.83 12.03
N ALA A 109 -11.10 3.27 12.35
CA ALA A 109 -12.29 4.06 12.71
C ALA A 109 -11.99 5.01 13.86
N ASP A 110 -11.44 4.48 14.93
CA ASP A 110 -11.08 5.26 16.12
C ASP A 110 -9.57 5.44 16.16
N GLY A 111 -8.94 5.55 14.99
CA GLY A 111 -7.48 5.64 14.92
C GLY A 111 -6.82 4.29 15.08
N LEU A 112 -7.60 3.24 14.89
CA LEU A 112 -7.19 1.86 15.13
C LEU A 112 -6.15 1.28 14.16
N ARG A 113 -5.91 2.00 13.05
CA ARG A 113 -5.00 1.62 11.93
C ARG A 113 -5.78 0.68 11.02
N THR A 114 -5.58 0.81 9.73
CA THR A 114 -6.33 0.03 8.75
C THR A 114 -5.40 -1.05 8.24
N TYR A 115 -5.90 -2.27 8.19
CA TYR A 115 -5.12 -3.40 7.70
C TYR A 115 -5.89 -4.05 6.57
N LEU A 116 -5.19 -4.34 5.49
CA LEU A 116 -5.76 -4.99 4.32
C LEU A 116 -5.15 -6.38 4.31
N LYS A 117 -5.98 -7.41 4.25
CA LYS A 117 -5.49 -8.79 4.31
C LYS A 117 -6.06 -9.64 3.19
N SER A 118 -5.21 -10.38 2.52
CA SER A 118 -5.64 -11.31 1.48
C SER A 118 -4.80 -12.56 1.58
N TYR A 119 -5.34 -13.66 1.09
CA TYR A 119 -4.63 -14.94 1.04
C TYR A 119 -5.00 -15.63 -0.25
N ASP A 120 -3.98 -15.97 -1.02
CA ASP A 120 -4.14 -16.70 -2.28
C ASP A 120 -3.97 -18.17 -1.95
N ALA A 121 -4.69 -19.05 -2.62
CA ALA A 121 -4.57 -20.49 -2.41
C ALA A 121 -4.54 -21.20 -3.76
N ASP A 122 -4.27 -20.42 -4.79
CA ASP A 122 -4.49 -20.85 -6.17
C ASP A 122 -3.24 -20.75 -7.04
N ALA A 123 -2.49 -19.66 -6.88
CA ALA A 123 -1.30 -19.41 -7.70
C ALA A 123 0.00 -19.34 -6.90
N GLN A 124 -0.11 -18.97 -5.63
CA GLN A 124 1.05 -18.76 -4.76
C GLN A 124 0.95 -19.44 -3.39
N GLY A 125 -0.25 -19.50 -2.86
CA GLY A 125 -0.45 -20.07 -1.53
C GLY A 125 0.13 -19.20 -0.43
N ARG A 126 0.06 -17.87 -0.59
CA ARG A 126 0.69 -16.94 0.35
C ARG A 126 -0.24 -15.80 0.74
N SER A 127 0.08 -15.14 1.85
CA SER A 127 -0.68 -13.99 2.33
C SER A 127 -0.06 -12.71 1.79
N PHE A 128 -0.90 -11.81 1.29
CA PHE A 128 -0.46 -10.53 0.78
C PHE A 128 -1.28 -9.48 1.52
N GLU A 129 -0.58 -8.61 2.25
CA GLU A 129 -1.23 -7.74 3.23
C GLU A 129 -0.59 -6.35 3.18
N LEU A 130 -1.35 -5.32 3.54
CA LEU A 130 -0.87 -3.93 3.54
C LEU A 130 -1.44 -3.23 4.77
N ALA A 131 -0.94 -2.06 5.11
CA ALA A 131 -1.48 -1.28 6.22
C ALA A 131 -1.54 0.22 5.89
N LEU A 132 -2.52 0.90 6.48
CA LEU A 132 -2.67 2.35 6.35
C LEU A 132 -2.86 2.91 7.76
N ASP A 133 -1.90 3.67 8.23
CA ASP A 133 -1.99 4.32 9.53
C ASP A 133 -2.59 5.69 9.24
N GLY A 134 -3.21 6.32 10.23
CA GLY A 134 -3.79 7.65 10.03
C GLY A 134 -4.87 7.69 8.95
N ASN A 135 -5.39 6.53 8.60
CA ASN A 135 -6.32 6.41 7.51
C ASN A 135 -7.65 7.10 7.82
N HIS A 136 -8.14 7.87 6.86
CA HIS A 136 -9.43 8.55 6.95
C HIS A 136 -10.58 7.55 6.80
N ALA A 137 -10.80 6.73 7.81
CA ALA A 137 -11.90 5.77 7.81
C ALA A 137 -13.24 6.52 7.82
N ALA A 138 -13.22 7.74 8.32
CA ALA A 138 -14.41 8.58 8.34
C ALA A 138 -14.90 8.89 6.92
N THR A 139 -14.00 8.85 5.95
CA THR A 139 -14.34 9.09 4.55
C THR A 139 -13.83 7.94 3.69
N LEU A 140 -13.91 6.72 4.22
CA LEU A 140 -13.40 5.54 3.53
C LEU A 140 -14.09 5.33 2.18
N SER A 141 -13.43 4.56 1.33
CA SER A 141 -14.00 4.15 0.06
C SER A 141 -13.44 2.78 -0.26
N ALA A 142 -14.24 1.93 -0.86
CA ALA A 142 -13.79 0.60 -1.23
C ALA A 142 -13.07 0.67 -2.58
N GLY A 143 -13.26 1.76 -3.29
CA GLY A 143 -12.71 1.93 -4.63
C GLY A 143 -11.27 2.41 -4.71
N ASN A 144 -10.56 2.45 -3.60
CA ASN A 144 -9.15 2.90 -3.60
C ASN A 144 -8.23 1.94 -4.34
N ILE A 145 -8.65 0.69 -4.46
CA ILE A 145 -7.87 -0.31 -5.17
C ILE A 145 -8.02 -0.17 -6.69
N VAL A 146 -7.06 -0.72 -7.42
CA VAL A 146 -7.01 -0.66 -8.88
C VAL A 146 -8.26 -1.22 -9.59
N PHE A 147 -8.97 -2.13 -8.93
CA PHE A 147 -10.15 -2.75 -9.55
C PHE A 147 -11.32 -1.77 -9.65
N ALA A 148 -11.30 -0.74 -8.82
CA ALA A 148 -12.33 0.30 -8.80
C ALA A 148 -13.74 -0.31 -8.69
N ALA A 149 -14.71 0.42 -9.25
CA ALA A 149 -16.12 0.00 -9.32
C ALA A 149 -16.79 -0.30 -7.97
N ALA A 150 -16.20 0.17 -6.89
CA ALA A 150 -16.72 -0.08 -5.55
C ALA A 150 -17.05 1.24 -4.84
N THR A 151 -18.35 1.48 -4.66
CA THR A 151 -18.85 2.69 -4.01
C THR A 151 -18.51 2.69 -2.51
N PRO A 152 -18.33 3.88 -1.89
CA PRO A 152 -18.19 3.88 -0.43
C PRO A 152 -19.54 3.57 0.24
N GLY A 153 -19.50 3.35 1.55
CA GLY A 153 -20.69 3.07 2.33
C GLY A 153 -20.21 2.85 3.74
CA CA B . 16.05 0.57 -0.81
CA CA C . 6.27 15.60 -4.88
CA CA D . 11.84 -1.26 -0.31
CA CA E . 1.98 14.06 -3.08
CA CA F . 7.41 -2.85 -0.12
CA CA G . -2.49 12.34 -1.39
N ALA A 1 18.56 10.74 -6.20
CA ALA A 1 17.13 10.36 -6.42
C ALA A 1 17.01 8.86 -6.58
N GLN A 2 15.87 8.31 -6.17
CA GLN A 2 15.60 6.85 -6.15
C GLN A 2 16.50 6.14 -5.12
N GLY A 3 16.05 4.99 -4.65
CA GLY A 3 16.79 4.26 -3.64
C GLY A 3 17.69 3.18 -4.22
N THR A 4 18.60 2.68 -3.40
CA THR A 4 19.44 1.55 -3.77
C THR A 4 18.76 0.33 -3.11
N ASP A 5 19.36 -0.84 -3.17
CA ASP A 5 18.74 -2.03 -2.58
C ASP A 5 19.04 -2.17 -1.10
N GLY A 6 19.76 -1.19 -0.59
CA GLY A 6 19.97 -1.05 0.85
C GLY A 6 18.78 -0.29 1.45
N ASN A 7 18.86 0.08 2.72
CA ASN A 7 17.76 0.84 3.34
C ASN A 7 17.97 2.32 3.01
N ASP A 8 16.91 2.99 2.55
CA ASP A 8 16.99 4.40 2.14
C ASP A 8 15.92 5.26 2.82
N VAL A 9 16.18 6.55 2.87
CA VAL A 9 15.15 7.52 3.26
C VAL A 9 15.09 8.50 2.10
N LEU A 10 13.94 8.55 1.43
CA LEU A 10 13.75 9.39 0.25
C LEU A 10 12.66 10.39 0.55
N ILE A 11 12.87 11.65 0.18
CA ILE A 11 11.91 12.72 0.45
C ILE A 11 11.71 13.54 -0.83
N GLY A 12 10.46 13.74 -1.22
CA GLY A 12 10.16 14.49 -2.43
C GLY A 12 9.95 15.97 -2.23
N SER A 13 9.88 16.69 -3.34
CA SER A 13 9.66 18.13 -3.35
C SER A 13 8.19 18.43 -3.61
N ASP A 14 7.84 19.69 -3.75
CA ASP A 14 6.45 20.11 -3.96
C ASP A 14 5.91 19.73 -5.34
N VAL A 15 6.82 19.59 -6.30
CA VAL A 15 6.44 19.23 -7.67
C VAL A 15 6.02 17.76 -7.73
N GLY A 16 5.35 17.36 -8.81
CA GLY A 16 4.97 15.96 -8.97
C GLY A 16 6.18 15.12 -9.32
N GLU A 17 6.30 13.95 -8.70
CA GLU A 17 7.49 13.12 -8.85
C GLU A 17 7.16 11.63 -8.92
N GLN A 18 8.13 10.84 -9.37
CA GLN A 18 8.06 9.39 -9.38
C GLN A 18 9.24 8.91 -8.53
N ILE A 19 8.95 8.22 -7.43
CA ILE A 19 9.98 7.84 -6.47
C ILE A 19 9.92 6.33 -6.20
N SER A 20 11.02 5.64 -6.41
CA SER A 20 11.09 4.20 -6.17
C SER A 20 12.11 3.88 -5.09
N GLY A 21 11.76 3.00 -4.18
CA GLY A 21 12.62 2.68 -3.04
C GLY A 21 13.57 1.52 -3.26
N GLY A 22 13.23 0.61 -4.16
CA GLY A 22 14.05 -0.58 -4.39
C GLY A 22 13.91 -1.57 -3.24
N ALA A 23 14.84 -2.52 -3.12
CA ALA A 23 14.81 -3.49 -2.02
C ALA A 23 15.17 -2.79 -0.72
N GLY A 24 15.18 -3.55 0.37
CA GLY A 24 15.48 -2.99 1.68
C GLY A 24 14.29 -2.32 2.32
N ASP A 25 14.39 -2.04 3.61
CA ASP A 25 13.31 -1.39 4.35
C ASP A 25 13.50 0.11 4.20
N ASP A 26 12.59 0.77 3.50
CA ASP A 26 12.77 2.17 3.14
C ASP A 26 11.70 3.08 3.71
N ARG A 27 11.97 4.39 3.66
CA ARG A 27 10.94 5.39 3.94
C ARG A 27 10.90 6.25 2.70
N LEU A 28 9.72 6.46 2.17
CA LEU A 28 9.55 7.32 1.00
C LEU A 28 8.57 8.38 1.46
N ASP A 29 8.81 9.60 1.02
CA ASP A 29 7.90 10.70 1.27
C ASP A 29 7.78 11.39 -0.07
N GLY A 30 6.56 11.71 -0.46
CA GLY A 30 6.30 12.36 -1.73
C GLY A 30 6.19 13.86 -1.58
N GLY A 31 5.91 14.32 -0.38
CA GLY A 31 5.69 15.73 -0.16
C GLY A 31 4.42 16.20 -0.86
N ALA A 32 4.34 17.49 -1.17
CA ALA A 32 3.19 18.04 -1.87
C ALA A 32 3.22 17.61 -3.35
N GLY A 33 2.15 17.93 -4.07
CA GLY A 33 2.05 17.56 -5.47
C GLY A 33 1.57 16.13 -5.64
N ASP A 34 1.19 15.77 -6.84
CA ASP A 34 0.70 14.43 -7.13
C ASP A 34 1.91 13.54 -7.40
N ASP A 35 2.02 12.41 -6.72
CA ASP A 35 3.23 11.60 -6.78
C ASP A 35 2.98 10.11 -7.01
N LEU A 36 3.97 9.46 -7.61
CA LEU A 36 3.94 8.00 -7.83
C LEU A 36 5.01 7.39 -6.94
N LEU A 37 4.63 6.47 -6.06
CA LEU A 37 5.57 5.87 -5.12
C LEU A 37 5.59 4.34 -5.23
N ASP A 38 6.78 3.79 -5.46
CA ASP A 38 6.98 2.33 -5.55
C ASP A 38 7.82 1.84 -4.39
N GLY A 39 7.27 0.93 -3.58
CA GLY A 39 7.96 0.46 -2.39
C GLY A 39 9.12 -0.51 -2.64
N GLY A 40 8.89 -1.50 -3.48
CA GLY A 40 9.90 -2.51 -3.73
C GLY A 40 9.95 -3.55 -2.63
N ALA A 41 10.90 -4.49 -2.72
CA ALA A 41 11.04 -5.53 -1.70
C ALA A 41 11.33 -4.88 -0.34
N GLY A 42 10.99 -5.59 0.74
CA GLY A 42 11.15 -5.07 2.09
C GLY A 42 9.90 -4.33 2.53
N ARG A 43 9.82 -4.05 3.82
CA ARG A 43 8.66 -3.34 4.40
C ARG A 43 8.98 -1.87 4.36
N ASP A 44 8.09 -1.09 3.77
CA ASP A 44 8.36 0.31 3.50
C ASP A 44 7.32 1.20 4.14
N ARG A 45 7.67 2.47 4.30
CA ARG A 45 6.75 3.48 4.83
C ARG A 45 6.55 4.47 3.71
N LEU A 46 5.37 4.45 3.12
CA LEU A 46 5.07 5.25 1.93
C LEU A 46 4.22 6.45 2.32
N THR A 47 4.86 7.59 2.49
CA THR A 47 4.16 8.81 2.88
C THR A 47 3.78 9.57 1.61
N GLY A 48 2.49 9.70 1.36
CA GLY A 48 2.06 10.37 0.13
C GLY A 48 2.03 11.87 0.29
N GLY A 49 1.60 12.32 1.45
CA GLY A 49 1.46 13.75 1.69
C GLY A 49 0.29 14.33 0.93
N LEU A 50 0.25 15.64 0.82
CA LEU A 50 -0.81 16.32 0.07
C LEU A 50 -0.74 15.98 -1.41
N GLY A 51 -1.87 16.11 -2.08
CA GLY A 51 -1.97 15.79 -3.50
C GLY A 51 -2.53 14.39 -3.69
N ALA A 52 -2.95 14.08 -4.91
CA ALA A 52 -3.48 12.76 -5.25
C ALA A 52 -2.28 11.88 -5.58
N ASP A 53 -2.04 10.90 -4.74
CA ASP A 53 -0.85 10.05 -4.89
C ASP A 53 -1.26 8.66 -5.26
N THR A 54 -0.39 7.94 -5.95
CA THR A 54 -0.65 6.54 -6.24
C THR A 54 0.53 5.72 -5.77
N PHE A 55 0.21 4.60 -5.13
CA PHE A 55 1.22 3.73 -4.56
C PHE A 55 1.18 2.46 -5.36
N ARG A 56 2.33 2.04 -5.89
CA ARG A 56 2.38 0.93 -6.83
C ARG A 56 3.27 -0.19 -6.33
N PHE A 57 2.92 -1.41 -6.71
CA PHE A 57 3.76 -2.56 -6.47
C PHE A 57 4.91 -2.52 -7.47
N ALA A 58 6.08 -2.99 -7.07
CA ALA A 58 7.20 -3.17 -7.97
C ALA A 58 7.61 -4.65 -7.98
N LEU A 59 6.95 -5.45 -7.15
CA LEU A 59 7.26 -6.87 -7.01
C LEU A 59 6.01 -7.60 -6.50
N ARG A 60 5.92 -8.90 -6.72
CA ARG A 60 4.81 -9.68 -6.17
C ARG A 60 4.90 -9.73 -4.63
N GLU A 61 6.11 -9.57 -4.09
CA GLU A 61 6.34 -9.67 -2.66
C GLU A 61 6.49 -8.30 -2.01
N ASP A 62 6.06 -7.28 -2.73
CA ASP A 62 6.12 -5.90 -2.23
C ASP A 62 5.34 -5.74 -0.92
N SER A 63 4.28 -6.53 -0.76
CA SER A 63 3.41 -6.49 0.41
C SER A 63 3.24 -7.87 1.04
N HIS A 64 4.35 -8.55 1.27
CA HIS A 64 4.34 -9.98 1.65
C HIS A 64 4.58 -10.21 3.14
N ARG A 65 3.91 -11.20 3.72
CA ARG A 65 4.19 -11.66 5.08
C ARG A 65 4.36 -13.18 5.08
N SER A 66 5.42 -13.63 5.71
CA SER A 66 5.73 -15.05 5.81
C SER A 66 5.77 -15.37 7.30
N PRO A 67 5.77 -16.66 7.67
CA PRO A 67 5.89 -16.89 9.12
C PRO A 67 7.29 -16.59 9.66
N LEU A 68 8.23 -16.25 8.77
CA LEU A 68 9.61 -15.96 9.15
C LEU A 68 9.89 -14.46 9.16
N GLY A 69 8.92 -13.66 8.75
CA GLY A 69 9.11 -12.22 8.70
C GLY A 69 8.07 -11.47 7.90
N THR A 70 7.93 -10.17 8.19
CA THR A 70 6.96 -9.33 7.51
C THR A 70 7.63 -8.28 6.64
N PHE A 71 7.13 -8.15 5.42
CA PHE A 71 7.67 -7.22 4.43
C PHE A 71 6.53 -6.36 3.89
N SER A 72 5.41 -6.37 4.61
CA SER A 72 4.23 -5.59 4.23
C SER A 72 4.47 -4.12 4.45
N ASP A 73 3.89 -3.28 3.60
CA ASP A 73 4.10 -1.84 3.67
C ASP A 73 3.06 -1.12 4.49
N LEU A 74 3.45 0.05 4.98
CA LEU A 74 2.55 0.94 5.71
C LEU A 74 2.49 2.21 4.89
N ILE A 75 1.29 2.72 4.63
CA ILE A 75 1.12 3.96 3.89
C ILE A 75 0.74 5.00 4.92
N LEU A 76 1.26 6.21 4.72
CA LEU A 76 1.09 7.32 5.65
C LEU A 76 0.54 8.51 4.86
N ASP A 77 -0.19 9.36 5.56
CA ASP A 77 -0.82 10.57 4.99
C ASP A 77 -1.69 10.18 3.79
N PHE A 78 -2.45 9.11 3.98
CA PHE A 78 -3.31 8.58 2.94
C PHE A 78 -4.64 9.33 2.88
N ASP A 79 -4.99 9.78 1.69
CA ASP A 79 -6.24 10.48 1.43
C ASP A 79 -7.20 9.50 0.75
N PRO A 80 -8.16 8.91 1.48
CA PRO A 80 -9.05 7.94 0.84
C PRO A 80 -10.02 8.54 -0.19
N SER A 81 -10.03 9.86 -0.31
CA SER A 81 -10.86 10.55 -1.29
C SER A 81 -10.07 10.92 -2.54
N GLN A 82 -8.76 10.67 -2.56
CA GLN A 82 -7.88 11.11 -3.66
C GLN A 82 -6.80 10.10 -4.07
N ASP A 83 -6.22 9.42 -3.09
CA ASP A 83 -5.07 8.54 -3.34
C ASP A 83 -5.50 7.18 -3.88
N LYS A 84 -4.58 6.47 -4.54
CA LYS A 84 -4.87 5.17 -5.14
C LYS A 84 -3.81 4.13 -4.80
N ILE A 85 -4.18 2.86 -4.78
CA ILE A 85 -3.24 1.78 -4.48
C ILE A 85 -3.32 0.67 -5.54
N ASP A 86 -2.22 0.40 -6.21
CA ASP A 86 -2.15 -0.70 -7.18
C ASP A 86 -1.54 -1.93 -6.51
N VAL A 87 -2.30 -3.02 -6.47
CA VAL A 87 -1.85 -4.29 -5.86
C VAL A 87 -2.12 -5.43 -6.84
N SER A 88 -2.17 -5.09 -8.12
CA SER A 88 -2.53 -6.02 -9.17
C SER A 88 -1.60 -7.23 -9.34
N ALA A 89 -0.43 -7.18 -8.72
CA ALA A 89 0.52 -8.30 -8.77
C ALA A 89 0.08 -9.51 -7.94
N LEU A 90 -0.85 -9.28 -7.01
CA LEU A 90 -1.33 -10.38 -6.16
C LEU A 90 -2.48 -11.05 -6.90
N GLY A 91 -3.42 -10.21 -7.29
CA GLY A 91 -4.63 -10.68 -7.95
C GLY A 91 -5.61 -11.18 -6.90
N PHE A 92 -6.88 -11.30 -7.25
CA PHE A 92 -7.89 -11.76 -6.33
C PHE A 92 -8.82 -12.70 -7.09
N ILE A 93 -9.14 -13.84 -6.49
CA ILE A 93 -9.93 -14.88 -7.16
C ILE A 93 -11.35 -14.94 -6.61
N GLY A 94 -11.61 -14.20 -5.55
CA GLY A 94 -12.93 -14.16 -4.95
C GLY A 94 -13.31 -12.79 -4.47
N LEU A 95 -14.61 -12.62 -4.19
CA LEU A 95 -15.20 -11.30 -3.88
C LEU A 95 -14.68 -10.63 -2.63
N GLY A 96 -14.19 -11.38 -1.65
CA GLY A 96 -13.69 -10.78 -0.43
C GLY A 96 -13.99 -11.47 0.88
N ASN A 97 -13.24 -12.51 1.21
CA ASN A 97 -13.39 -13.20 2.50
C ASN A 97 -12.18 -12.90 3.40
N GLY A 98 -11.13 -12.31 2.83
CA GLY A 98 -9.90 -12.04 3.57
C GLY A 98 -8.94 -13.21 3.64
N TYR A 99 -9.32 -14.31 2.99
CA TYR A 99 -8.50 -15.52 2.98
C TYR A 99 -8.53 -16.15 1.61
N ALA A 100 -7.47 -16.87 1.27
CA ALA A 100 -7.35 -17.62 0.02
C ALA A 100 -7.48 -16.75 -1.24
N GLY A 101 -6.74 -15.64 -1.27
CA GLY A 101 -6.70 -14.81 -2.47
C GLY A 101 -7.96 -13.98 -2.61
N THR A 102 -8.54 -13.60 -1.49
CA THR A 102 -9.74 -12.77 -1.49
C THR A 102 -9.50 -11.69 -0.44
N LEU A 103 -10.06 -10.51 -0.63
CA LEU A 103 -9.70 -9.36 0.21
C LEU A 103 -10.60 -9.10 1.42
N ALA A 104 -10.02 -8.53 2.47
CA ALA A 104 -10.79 -8.00 3.59
C ALA A 104 -10.05 -6.77 4.10
N VAL A 105 -10.77 -5.93 4.82
CA VAL A 105 -10.22 -4.73 5.41
C VAL A 105 -10.55 -4.78 6.91
N SER A 106 -9.72 -4.15 7.72
CA SER A 106 -9.92 -4.09 9.16
C SER A 106 -9.44 -2.75 9.66
N LEU A 107 -9.86 -2.34 10.85
CA LEU A 107 -9.46 -1.08 11.44
C LEU A 107 -8.93 -1.37 12.84
N SER A 108 -8.18 -0.44 13.41
CA SER A 108 -7.80 -0.54 14.82
C SER A 108 -9.03 -0.13 15.62
N ALA A 109 -8.98 -0.32 16.94
CA ALA A 109 -10.10 0.00 17.81
C ALA A 109 -10.56 1.47 17.70
N ASP A 110 -9.63 2.36 17.37
CA ASP A 110 -9.92 3.79 17.35
C ASP A 110 -10.08 4.28 15.92
N GLY A 111 -9.99 3.34 14.98
CA GLY A 111 -10.03 3.67 13.56
C GLY A 111 -8.76 4.33 13.05
N LEU A 112 -7.79 4.55 13.94
CA LEU A 112 -6.57 5.30 13.60
C LEU A 112 -5.62 4.55 12.66
N ARG A 113 -5.85 3.26 12.49
CA ARG A 113 -5.05 2.44 11.57
C ARG A 113 -6.00 1.58 10.79
N THR A 114 -5.58 1.19 9.60
CA THR A 114 -6.38 0.34 8.73
C THR A 114 -5.47 -0.78 8.24
N TYR A 115 -6.03 -1.94 7.96
CA TYR A 115 -5.26 -3.09 7.53
C TYR A 115 -5.99 -3.76 6.37
N LEU A 116 -5.24 -4.37 5.46
CA LEU A 116 -5.82 -5.07 4.30
C LEU A 116 -5.17 -6.45 4.24
N LYS A 117 -5.96 -7.48 3.95
CA LYS A 117 -5.44 -8.85 3.91
C LYS A 117 -6.00 -9.69 2.77
N SER A 118 -5.13 -10.41 2.08
CA SER A 118 -5.52 -11.34 1.00
C SER A 118 -5.28 -12.80 1.39
N TYR A 119 -4.19 -13.04 2.12
CA TYR A 119 -3.79 -14.38 2.61
C TYR A 119 -3.86 -15.45 1.50
N ASP A 120 -3.03 -15.28 0.49
CA ASP A 120 -3.05 -16.13 -0.71
C ASP A 120 -2.74 -17.59 -0.36
N ALA A 121 -3.51 -18.51 -0.95
CA ALA A 121 -3.34 -19.94 -0.69
C ALA A 121 -3.41 -20.71 -2.00
N ASP A 122 -3.29 -19.96 -3.07
CA ASP A 122 -3.44 -20.44 -4.44
C ASP A 122 -2.43 -21.51 -4.79
N ALA A 123 -1.22 -21.36 -4.27
CA ALA A 123 -0.16 -22.34 -4.51
C ALA A 123 0.92 -22.30 -3.42
N GLN A 124 1.37 -21.11 -3.04
CA GLN A 124 2.50 -20.98 -2.12
C GLN A 124 2.11 -20.87 -0.65
N GLY A 125 0.85 -20.57 -0.36
CA GLY A 125 0.40 -20.43 1.02
C GLY A 125 1.18 -19.36 1.75
N ARG A 126 1.11 -18.13 1.26
CA ARG A 126 1.85 -17.01 1.83
C ARG A 126 0.88 -15.86 2.00
N SER A 127 1.02 -15.11 3.07
CA SER A 127 0.10 -14.02 3.30
C SER A 127 0.60 -12.79 2.59
N PHE A 128 -0.33 -12.00 2.10
CA PHE A 128 -0.01 -10.73 1.49
C PHE A 128 -0.96 -9.73 2.12
N GLU A 129 -0.37 -8.71 2.70
CA GLU A 129 -1.09 -7.78 3.58
C GLU A 129 -0.52 -6.37 3.45
N LEU A 130 -1.33 -5.37 3.71
CA LEU A 130 -0.91 -3.97 3.67
C LEU A 130 -1.50 -3.27 4.89
N ALA A 131 -1.02 -2.08 5.22
CA ALA A 131 -1.57 -1.30 6.32
C ALA A 131 -1.55 0.19 5.97
N LEU A 132 -2.45 0.93 6.60
CA LEU A 132 -2.49 2.38 6.46
C LEU A 132 -2.43 2.92 7.89
N ASP A 133 -1.56 3.89 8.13
CA ASP A 133 -1.47 4.51 9.46
C ASP A 133 -1.91 5.95 9.29
N GLY A 134 -2.74 6.45 10.20
CA GLY A 134 -3.19 7.83 10.11
C GLY A 134 -4.26 8.01 9.05
N ASN A 135 -4.89 6.91 8.65
CA ASN A 135 -5.93 6.94 7.63
C ASN A 135 -7.12 7.76 8.10
N HIS A 136 -7.71 8.53 7.19
CA HIS A 136 -8.93 9.28 7.46
C HIS A 136 -10.12 8.33 7.44
N ALA A 137 -10.30 7.59 8.53
CA ALA A 137 -11.42 6.67 8.66
C ALA A 137 -12.74 7.44 8.60
N ALA A 138 -12.70 8.69 9.03
CA ALA A 138 -13.85 9.58 8.99
C ALA A 138 -14.33 9.82 7.55
N THR A 139 -13.45 9.72 6.58
CA THR A 139 -13.81 9.94 5.17
C THR A 139 -13.42 8.74 4.29
N LEU A 140 -13.38 7.54 4.88
CA LEU A 140 -12.98 6.36 4.12
C LEU A 140 -13.94 6.06 2.98
N SER A 141 -13.44 5.39 1.96
CA SER A 141 -14.21 5.04 0.78
C SER A 141 -13.72 3.70 0.28
N ALA A 142 -14.59 2.96 -0.40
CA ALA A 142 -14.26 1.63 -0.91
C ALA A 142 -13.53 1.69 -2.27
N GLY A 143 -13.08 2.88 -2.65
CA GLY A 143 -12.44 3.08 -3.94
C GLY A 143 -10.92 3.21 -3.93
N ASN A 144 -10.29 2.94 -2.79
CA ASN A 144 -8.83 3.15 -2.65
C ASN A 144 -7.99 2.31 -3.61
N ILE A 145 -8.37 1.05 -3.77
CA ILE A 145 -7.58 0.12 -4.57
C ILE A 145 -7.96 0.37 -6.04
N VAL A 146 -7.00 0.14 -6.94
CA VAL A 146 -7.19 0.37 -8.38
C VAL A 146 -8.45 -0.30 -8.98
N PHE A 147 -8.82 -1.46 -8.46
CA PHE A 147 -10.01 -2.18 -8.94
C PHE A 147 -11.31 -1.49 -8.49
N ALA A 148 -11.23 -0.81 -7.36
CA ALA A 148 -12.33 -0.04 -6.76
C ALA A 148 -13.61 -0.87 -6.52
N ALA A 149 -14.70 -0.15 -6.24
CA ALA A 149 -16.04 -0.72 -6.04
C ALA A 149 -16.15 -1.85 -4.99
N ALA A 150 -15.25 -1.88 -4.02
CA ALA A 150 -15.29 -2.89 -2.95
C ALA A 150 -16.31 -2.53 -1.86
N THR A 151 -17.50 -2.13 -2.29
CA THR A 151 -18.54 -1.65 -1.38
C THR A 151 -19.15 -2.79 -0.58
N PRO A 152 -19.54 -2.54 0.69
CA PRO A 152 -20.33 -3.57 1.37
C PRO A 152 -21.75 -3.58 0.81
N GLY A 153 -22.52 -4.58 1.18
CA GLY A 153 -23.92 -4.66 0.80
C GLY A 153 -24.77 -4.22 1.98
CA CA B . 16.08 0.77 -0.74
CA CA C . 6.11 15.66 -4.76
CA CA D . 11.81 -1.22 -0.24
CA CA E . 2.08 13.99 -2.69
CA CA F . 7.34 -3.03 0.06
CA CA G . -2.26 12.09 -0.71
N ALA A 1 13.82 11.59 -5.72
CA ALA A 1 15.06 10.74 -5.81
C ALA A 1 14.67 9.28 -5.99
N GLN A 2 15.64 8.41 -6.21
CA GLN A 2 15.39 6.98 -6.36
C GLN A 2 16.23 6.27 -5.32
N GLY A 3 15.79 5.10 -4.90
CA GLY A 3 16.48 4.36 -3.86
C GLY A 3 17.45 3.34 -4.40
N THR A 4 18.08 2.63 -3.48
CA THR A 4 19.00 1.54 -3.80
C THR A 4 18.28 0.27 -3.37
N ASP A 5 18.92 -0.88 -3.50
CA ASP A 5 18.32 -2.12 -3.01
C ASP A 5 18.64 -2.36 -1.54
N GLY A 6 19.30 -1.37 -0.95
CA GLY A 6 19.54 -1.33 0.48
C GLY A 6 18.37 -0.65 1.16
N ASN A 7 18.53 -0.25 2.41
CA ASN A 7 17.46 0.45 3.12
C ASN A 7 17.65 1.95 2.89
N ASP A 8 16.61 2.63 2.41
CA ASP A 8 16.69 4.06 2.11
C ASP A 8 15.63 4.86 2.85
N VAL A 9 15.92 6.14 3.08
CA VAL A 9 14.94 7.08 3.58
C VAL A 9 14.97 8.24 2.59
N LEU A 10 13.91 8.39 1.82
CA LEU A 10 13.87 9.42 0.77
C LEU A 10 12.74 10.39 1.01
N ILE A 11 13.00 11.67 0.82
CA ILE A 11 11.99 12.72 1.00
C ILE A 11 11.91 13.53 -0.28
N GLY A 12 10.71 13.68 -0.82
CA GLY A 12 10.52 14.42 -2.05
C GLY A 12 10.35 15.92 -1.85
N SER A 13 10.42 16.64 -2.95
CA SER A 13 10.26 18.10 -2.98
C SER A 13 8.81 18.47 -3.31
N ASP A 14 8.53 19.75 -3.41
CA ASP A 14 7.18 20.23 -3.69
C ASP A 14 6.76 20.02 -5.15
N VAL A 15 7.73 19.85 -6.03
CA VAL A 15 7.44 19.60 -7.44
C VAL A 15 6.96 18.16 -7.61
N GLY A 16 6.35 17.85 -8.75
CA GLY A 16 5.91 16.49 -9.01
C GLY A 16 7.10 15.59 -9.26
N GLU A 17 7.07 14.37 -8.72
CA GLU A 17 8.22 13.46 -8.80
C GLU A 17 7.80 12.01 -8.94
N GLN A 18 8.77 11.17 -9.28
CA GLN A 18 8.61 9.73 -9.24
C GLN A 18 9.66 9.25 -8.24
N ILE A 19 9.20 8.56 -7.21
CA ILE A 19 10.06 8.11 -6.11
C ILE A 19 10.01 6.58 -6.10
N SER A 20 11.15 5.92 -6.06
CA SER A 20 11.17 4.47 -6.03
C SER A 20 11.97 3.96 -4.84
N GLY A 21 11.48 2.92 -4.20
CA GLY A 21 12.18 2.35 -3.05
C GLY A 21 13.12 1.22 -3.41
N GLY A 22 12.75 0.41 -4.40
CA GLY A 22 13.56 -0.75 -4.74
C GLY A 22 13.45 -1.82 -3.67
N ALA A 23 14.40 -2.75 -3.60
CA ALA A 23 14.39 -3.76 -2.54
C ALA A 23 14.77 -3.07 -1.22
N GLY A 24 14.80 -3.82 -0.13
CA GLY A 24 15.13 -3.26 1.17
C GLY A 24 13.96 -2.56 1.82
N ASP A 25 14.11 -2.26 3.09
CA ASP A 25 13.05 -1.67 3.92
C ASP A 25 13.19 -0.14 3.88
N ASP A 26 12.24 0.53 3.24
CA ASP A 26 12.39 1.96 2.96
C ASP A 26 11.31 2.85 3.57
N ARG A 27 11.59 4.14 3.66
CA ARG A 27 10.57 5.14 3.97
C ARG A 27 10.64 6.14 2.83
N LEU A 28 9.51 6.45 2.24
CA LEU A 28 9.45 7.36 1.12
C LEU A 28 8.45 8.45 1.45
N ASP A 29 8.81 9.70 1.21
CA ASP A 29 7.88 10.81 1.36
C ASP A 29 7.83 11.48 0.00
N GLY A 30 6.64 11.88 -0.42
CA GLY A 30 6.47 12.52 -1.72
C GLY A 30 6.45 14.03 -1.63
N GLY A 31 6.04 14.55 -0.48
CA GLY A 31 5.93 15.99 -0.31
C GLY A 31 4.73 16.53 -1.08
N ALA A 32 4.72 17.82 -1.36
CA ALA A 32 3.64 18.42 -2.13
C ALA A 32 3.77 18.03 -3.61
N GLY A 33 2.79 18.43 -4.40
CA GLY A 33 2.76 18.08 -5.81
C GLY A 33 2.26 16.67 -5.99
N ASP A 34 1.95 16.31 -7.21
CA ASP A 34 1.44 14.97 -7.52
C ASP A 34 2.65 14.05 -7.64
N ASP A 35 2.59 12.86 -7.06
CA ASP A 35 3.77 11.99 -7.00
C ASP A 35 3.46 10.53 -7.30
N LEU A 36 4.45 9.84 -7.85
CA LEU A 36 4.36 8.39 -8.11
C LEU A 36 5.32 7.76 -7.11
N LEU A 37 4.87 6.74 -6.39
CA LEU A 37 5.71 6.10 -5.37
C LEU A 37 5.70 4.56 -5.48
N ASP A 38 6.84 3.99 -5.86
CA ASP A 38 6.99 2.52 -6.01
C ASP A 38 7.64 1.90 -4.76
N GLY A 39 7.01 0.89 -4.19
CA GLY A 39 7.54 0.29 -2.96
C GLY A 39 8.64 -0.74 -3.13
N GLY A 40 8.38 -1.77 -3.93
CA GLY A 40 9.36 -2.84 -4.13
C GLY A 40 9.37 -3.83 -2.98
N ALA A 41 10.31 -4.76 -3.01
CA ALA A 41 10.46 -5.75 -1.94
C ALA A 41 10.83 -5.06 -0.61
N GLY A 42 10.65 -5.77 0.50
CA GLY A 42 10.92 -5.23 1.83
C GLY A 42 9.72 -4.47 2.35
N ARG A 43 9.71 -4.11 3.63
CA ARG A 43 8.58 -3.35 4.21
C ARG A 43 8.80 -1.88 3.97
N ASP A 44 7.81 -1.22 3.40
CA ASP A 44 7.95 0.16 2.98
C ASP A 44 6.91 1.03 3.64
N ARG A 45 7.26 2.28 3.88
CA ARG A 45 6.39 3.24 4.55
C ARG A 45 6.28 4.43 3.61
N LEU A 46 5.15 4.52 2.91
CA LEU A 46 5.00 5.49 1.81
C LEU A 46 4.07 6.64 2.20
N THR A 47 4.60 7.85 2.21
CA THR A 47 3.82 9.04 2.59
C THR A 47 3.56 9.91 1.37
N GLY A 48 2.29 10.06 1.00
CA GLY A 48 1.97 10.82 -0.21
C GLY A 48 1.98 12.32 -0.01
N GLY A 49 1.43 12.78 1.09
CA GLY A 49 1.33 14.21 1.35
C GLY A 49 0.27 14.85 0.46
N LEU A 50 0.32 16.17 0.34
CA LEU A 50 -0.62 16.91 -0.51
C LEU A 50 -0.43 16.54 -1.97
N GLY A 51 -1.48 16.77 -2.75
CA GLY A 51 -1.49 16.43 -4.17
C GLY A 51 -2.05 15.04 -4.37
N ALA A 52 -2.34 14.70 -5.62
CA ALA A 52 -2.85 13.38 -5.97
C ALA A 52 -1.63 12.47 -6.12
N ASP A 53 -1.60 11.39 -5.38
CA ASP A 53 -0.45 10.51 -5.37
C ASP A 53 -0.88 9.13 -5.80
N THR A 54 0.02 8.38 -6.42
CA THR A 54 -0.27 7.00 -6.75
C THR A 54 0.82 6.12 -6.19
N PHE A 55 0.41 5.09 -5.46
CA PHE A 55 1.34 4.19 -4.80
C PHE A 55 1.30 2.90 -5.59
N ARG A 56 2.45 2.37 -5.94
CA ARG A 56 2.51 1.25 -6.88
C ARG A 56 3.30 0.06 -6.37
N PHE A 57 2.78 -1.12 -6.66
CA PHE A 57 3.45 -2.37 -6.33
C PHE A 57 4.36 -2.79 -7.50
N ALA A 58 5.44 -3.48 -7.21
CA ALA A 58 6.34 -3.98 -8.24
C ALA A 58 6.07 -5.47 -8.48
N LEU A 59 5.92 -6.21 -7.39
CA LEU A 59 5.65 -7.65 -7.45
C LEU A 59 4.65 -7.92 -6.34
N ARG A 60 3.89 -9.01 -6.42
CA ARG A 60 2.91 -9.35 -5.37
C ARG A 60 3.58 -9.55 -4.01
N GLU A 61 4.87 -9.83 -4.04
CA GLU A 61 5.66 -10.09 -2.84
C GLU A 61 6.12 -8.79 -2.19
N ASP A 62 5.69 -7.66 -2.74
CA ASP A 62 5.98 -6.35 -2.15
C ASP A 62 5.37 -6.26 -0.77
N SER A 63 4.25 -6.93 -0.56
CA SER A 63 3.53 -6.88 0.72
C SER A 63 3.18 -8.31 1.16
N HIS A 64 4.05 -8.89 1.96
CA HIS A 64 3.95 -10.29 2.35
C HIS A 64 4.25 -10.44 3.84
N ARG A 65 3.71 -11.47 4.49
CA ARG A 65 4.04 -11.75 5.89
C ARG A 65 4.35 -13.23 6.04
N SER A 66 5.15 -13.55 7.04
CA SER A 66 5.60 -14.92 7.26
C SER A 66 5.84 -15.07 8.76
N PRO A 67 6.00 -16.30 9.28
CA PRO A 67 6.31 -16.37 10.71
C PRO A 67 7.72 -15.86 11.05
N LEU A 68 8.53 -15.66 10.01
CA LEU A 68 9.91 -15.17 10.18
C LEU A 68 9.95 -13.64 10.17
N GLY A 69 8.80 -13.00 9.95
CA GLY A 69 8.76 -11.55 9.93
C GLY A 69 7.77 -10.98 8.93
N THR A 70 7.59 -9.67 9.00
CA THR A 70 6.66 -8.96 8.13
C THR A 70 7.40 -8.14 7.09
N PHE A 71 6.85 -8.13 5.89
CA PHE A 71 7.38 -7.36 4.76
C PHE A 71 6.21 -6.55 4.21
N SER A 72 5.17 -6.45 5.03
CA SER A 72 3.94 -5.75 4.69
C SER A 72 4.22 -4.27 4.55
N ASP A 73 3.51 -3.61 3.64
CA ASP A 73 3.71 -2.19 3.39
C ASP A 73 2.69 -1.35 4.11
N LEU A 74 3.11 -0.16 4.48
CA LEU A 74 2.26 0.83 5.13
C LEU A 74 2.20 2.03 4.21
N ILE A 75 1.01 2.53 3.95
CA ILE A 75 0.87 3.81 3.27
C ILE A 75 0.41 4.73 4.38
N LEU A 76 0.91 5.95 4.36
CA LEU A 76 0.72 6.91 5.42
C LEU A 76 0.06 8.15 4.84
N ASP A 77 -0.87 8.73 5.60
CA ASP A 77 -1.52 10.01 5.26
C ASP A 77 -2.14 9.96 3.86
N PHE A 78 -2.89 8.88 3.62
CA PHE A 78 -3.53 8.64 2.34
C PHE A 78 -4.82 9.46 2.19
N ASP A 79 -4.99 10.09 1.04
CA ASP A 79 -6.19 10.87 0.73
C ASP A 79 -7.15 10.04 -0.13
N PRO A 80 -8.23 9.49 0.46
CA PRO A 80 -9.16 8.69 -0.36
C PRO A 80 -10.04 9.50 -1.33
N SER A 81 -9.75 10.79 -1.43
CA SER A 81 -10.45 11.69 -2.34
C SER A 81 -9.54 12.08 -3.51
N GLN A 82 -8.27 11.69 -3.45
CA GLN A 82 -7.27 12.11 -4.45
C GLN A 82 -6.26 11.02 -4.84
N ASP A 83 -5.90 10.17 -3.90
CA ASP A 83 -4.82 9.22 -4.09
C ASP A 83 -5.31 7.88 -4.63
N LYS A 84 -4.41 7.14 -5.27
CA LYS A 84 -4.74 5.88 -5.92
C LYS A 84 -3.69 4.81 -5.58
N ILE A 85 -4.08 3.55 -5.64
CA ILE A 85 -3.14 2.46 -5.42
C ILE A 85 -3.15 1.57 -6.67
N ASP A 86 -2.00 1.48 -7.33
CA ASP A 86 -1.84 0.69 -8.54
C ASP A 86 -1.51 -0.74 -8.16
N VAL A 87 -2.45 -1.63 -8.44
CA VAL A 87 -2.30 -3.06 -8.15
C VAL A 87 -2.71 -3.85 -9.37
N SER A 88 -2.28 -5.09 -9.46
CA SER A 88 -2.65 -5.95 -10.59
C SER A 88 -2.54 -7.44 -10.23
N ALA A 89 -1.31 -7.94 -10.14
CA ALA A 89 -1.04 -9.37 -9.94
C ALA A 89 -1.26 -9.87 -8.50
N LEU A 90 -2.32 -9.42 -7.85
CA LEU A 90 -2.67 -9.90 -6.51
C LEU A 90 -3.86 -10.82 -6.66
N GLY A 91 -4.78 -10.40 -7.52
CA GLY A 91 -5.91 -11.23 -7.91
C GLY A 91 -6.85 -11.67 -6.80
N PHE A 92 -7.03 -10.85 -5.76
CA PHE A 92 -7.91 -11.22 -4.66
C PHE A 92 -9.35 -11.42 -5.17
N ILE A 93 -9.91 -12.59 -4.87
CA ILE A 93 -11.19 -13.02 -5.43
C ILE A 93 -12.39 -12.55 -4.59
N GLY A 94 -12.14 -11.96 -3.42
CA GLY A 94 -13.24 -11.49 -2.59
C GLY A 94 -12.78 -10.75 -1.36
N LEU A 95 -13.73 -10.34 -0.53
CA LEU A 95 -13.46 -9.53 0.66
C LEU A 95 -13.90 -10.23 1.95
N GLY A 96 -14.20 -11.51 1.82
CA GLY A 96 -14.77 -12.28 2.92
C GLY A 96 -13.91 -12.58 4.14
N ASN A 97 -13.22 -13.72 4.13
CA ASN A 97 -12.62 -14.27 5.36
C ASN A 97 -11.11 -14.09 5.48
N GLY A 98 -10.46 -13.51 4.49
CA GLY A 98 -9.01 -13.36 4.56
C GLY A 98 -8.27 -14.64 4.25
N TYR A 99 -8.95 -15.60 3.64
CA TYR A 99 -8.36 -16.90 3.29
C TYR A 99 -8.85 -17.27 1.90
N ALA A 100 -8.22 -18.27 1.28
CA ALA A 100 -8.60 -18.77 -0.04
C ALA A 100 -8.67 -17.64 -1.09
N GLY A 101 -7.70 -16.74 -1.03
CA GLY A 101 -7.63 -15.65 -2.00
C GLY A 101 -8.54 -14.48 -1.70
N THR A 102 -9.25 -14.51 -0.57
CA THR A 102 -10.11 -13.39 -0.21
C THR A 102 -9.40 -12.52 0.81
N LEU A 103 -9.84 -11.28 0.92
CA LEU A 103 -9.30 -10.32 1.87
C LEU A 103 -10.18 -10.33 3.13
N ALA A 104 -9.70 -9.63 4.15
CA ALA A 104 -10.43 -9.34 5.37
C ALA A 104 -9.84 -7.98 5.75
N VAL A 105 -10.58 -7.15 6.47
CA VAL A 105 -10.15 -5.79 6.75
C VAL A 105 -10.46 -5.33 8.18
N SER A 106 -9.66 -4.38 8.67
CA SER A 106 -9.90 -3.69 9.93
C SER A 106 -9.56 -2.25 9.59
N LEU A 107 -10.19 -1.26 10.19
CA LEU A 107 -10.02 0.13 9.76
C LEU A 107 -9.81 1.13 10.88
N SER A 108 -9.08 2.20 10.56
CA SER A 108 -8.87 3.37 11.41
C SER A 108 -10.12 4.22 11.67
N ALA A 109 -11.28 3.60 11.86
CA ALA A 109 -12.52 4.34 12.15
C ALA A 109 -12.41 4.92 13.56
N ASP A 110 -11.61 4.23 14.37
CA ASP A 110 -11.30 4.62 15.76
C ASP A 110 -9.91 5.24 15.82
N GLY A 111 -9.34 5.52 14.65
CA GLY A 111 -8.01 6.10 14.57
C GLY A 111 -6.85 5.11 14.67
N LEU A 112 -7.14 3.82 14.85
CA LEU A 112 -6.08 2.84 15.11
C LEU A 112 -5.49 2.10 13.90
N ARG A 113 -5.64 2.67 12.69
CA ARG A 113 -4.97 2.23 11.42
C ARG A 113 -5.77 1.16 10.72
N THR A 114 -5.62 1.10 9.42
CA THR A 114 -6.34 0.17 8.58
C THR A 114 -5.41 -0.99 8.30
N TYR A 115 -5.93 -2.20 8.34
CA TYR A 115 -5.14 -3.39 8.05
C TYR A 115 -5.92 -4.25 7.08
N LEU A 116 -5.21 -4.85 6.14
CA LEU A 116 -5.82 -5.70 5.13
C LEU A 116 -5.09 -7.03 5.19
N LYS A 117 -5.82 -8.12 5.28
CA LYS A 117 -5.22 -9.45 5.43
C LYS A 117 -5.78 -10.41 4.40
N SER A 118 -4.92 -11.17 3.74
CA SER A 118 -5.35 -12.20 2.82
C SER A 118 -4.39 -13.38 2.94
N TYR A 119 -4.85 -14.55 2.56
CA TYR A 119 -4.02 -15.74 2.56
C TYR A 119 -4.41 -16.52 1.31
N ASP A 120 -3.42 -16.88 0.52
CA ASP A 120 -3.63 -17.56 -0.75
C ASP A 120 -2.90 -18.89 -0.74
N ALA A 121 -3.49 -19.92 -1.34
CA ALA A 121 -2.89 -21.25 -1.35
C ALA A 121 -2.43 -21.71 -2.71
N ASP A 122 -2.62 -20.84 -3.67
CA ASP A 122 -2.18 -21.09 -5.05
C ASP A 122 -0.68 -20.82 -5.10
N ALA A 123 -0.26 -19.85 -4.30
CA ALA A 123 1.16 -19.57 -4.08
C ALA A 123 1.77 -20.57 -3.07
N GLN A 124 1.11 -21.71 -2.91
CA GLN A 124 1.51 -22.77 -1.99
C GLN A 124 1.45 -22.34 -0.53
N GLY A 125 0.54 -21.41 -0.23
CA GLY A 125 0.29 -21.00 1.15
C GLY A 125 1.09 -19.78 1.60
N ARG A 126 0.64 -18.59 1.22
CA ARG A 126 1.33 -17.34 1.56
C ARG A 126 0.38 -16.29 2.09
N SER A 127 0.85 -15.47 3.02
CA SER A 127 0.07 -14.38 3.56
C SER A 127 0.41 -13.08 2.85
N PHE A 128 -0.57 -12.44 2.23
CA PHE A 128 -0.37 -11.17 1.56
C PHE A 128 -1.17 -10.14 2.34
N GLU A 129 -0.47 -9.27 3.04
CA GLU A 129 -1.11 -8.37 4.01
C GLU A 129 -0.55 -6.95 3.88
N LEU A 130 -1.41 -5.96 4.10
CA LEU A 130 -1.05 -4.54 3.95
C LEU A 130 -1.59 -3.73 5.12
N ALA A 131 -1.14 -2.50 5.27
CA ALA A 131 -1.63 -1.59 6.30
C ALA A 131 -1.70 -0.16 5.74
N LEU A 132 -2.58 0.65 6.30
CA LEU A 132 -2.73 2.05 5.89
C LEU A 132 -2.98 2.91 7.15
N ASP A 133 -2.02 3.75 7.50
CA ASP A 133 -2.10 4.55 8.73
C ASP A 133 -2.57 5.96 8.40
N GLY A 134 -3.17 6.65 9.36
CA GLY A 134 -3.56 8.04 9.16
C GLY A 134 -4.55 8.22 8.04
N ASN A 135 -5.33 7.19 7.76
CA ASN A 135 -6.26 7.23 6.65
C ASN A 135 -7.55 7.90 7.08
N HIS A 136 -8.12 8.67 6.16
CA HIS A 136 -9.41 9.33 6.39
C HIS A 136 -10.55 8.31 6.26
N ALA A 137 -10.71 7.49 7.28
CA ALA A 137 -11.78 6.49 7.31
C ALA A 137 -13.14 7.18 7.31
N ALA A 138 -13.17 8.41 7.81
CA ALA A 138 -14.39 9.22 7.81
C ALA A 138 -14.86 9.49 6.38
N THR A 139 -13.94 9.47 5.42
CA THR A 139 -14.27 9.69 4.01
C THR A 139 -13.75 8.53 3.16
N LEU A 140 -13.81 7.31 3.69
CA LEU A 140 -13.29 6.15 2.97
C LEU A 140 -14.03 5.96 1.65
N SER A 141 -13.37 5.34 0.69
CA SER A 141 -13.94 5.11 -0.63
C SER A 141 -13.35 3.82 -1.19
N ALA A 142 -14.04 3.22 -2.16
CA ALA A 142 -13.56 2.00 -2.80
C ALA A 142 -12.86 2.32 -4.14
N GLY A 143 -12.92 3.58 -4.54
CA GLY A 143 -12.38 4.00 -5.82
C GLY A 143 -10.87 4.19 -5.81
N ASN A 144 -10.24 3.95 -4.67
CA ASN A 144 -8.80 4.11 -4.53
C ASN A 144 -8.05 2.99 -5.27
N ILE A 145 -8.77 1.95 -5.63
CA ILE A 145 -8.19 0.82 -6.34
C ILE A 145 -8.22 1.19 -7.82
N VAL A 146 -7.10 1.03 -8.51
CA VAL A 146 -6.98 1.40 -9.93
C VAL A 146 -8.03 0.76 -10.86
N PHE A 147 -8.64 -0.34 -10.43
CA PHE A 147 -9.67 -1.00 -11.25
C PHE A 147 -10.96 -0.19 -11.29
N ALA A 148 -11.19 0.60 -10.23
CA ALA A 148 -12.39 1.42 -10.08
C ALA A 148 -13.67 0.60 -10.27
N ALA A 149 -14.76 1.28 -10.61
CA ALA A 149 -16.06 0.67 -10.90
C ALA A 149 -16.58 -0.31 -9.84
N ALA A 150 -16.23 -0.09 -8.58
CA ALA A 150 -16.69 -0.95 -7.50
C ALA A 150 -18.21 -0.84 -7.38
N THR A 151 -18.87 -1.99 -7.35
CA THR A 151 -20.33 -2.03 -7.27
C THR A 151 -20.77 -1.67 -5.84
N PRO A 152 -21.93 -0.98 -5.68
CA PRO A 152 -22.38 -0.68 -4.32
C PRO A 152 -23.02 -1.91 -3.66
N GLY A 153 -23.55 -1.72 -2.46
CA GLY A 153 -24.26 -2.77 -1.77
C GLY A 153 -25.30 -2.09 -0.92
CA CA B . 15.67 0.48 -0.96
CA CA C . 6.69 15.91 -4.75
CA CA D . 11.40 -1.39 -0.68
CA CA E . 2.37 14.41 -3.05
CA CA F . 7.12 -3.46 -0.07
CA CA G . -2.18 12.73 -1.41
N ALA A 1 20.21 8.84 -7.98
CA ALA A 1 18.84 9.43 -7.84
C ALA A 1 17.89 8.36 -7.38
N GLN A 2 16.85 8.76 -6.64
CA GLN A 2 15.88 7.85 -6.00
C GLN A 2 16.57 6.69 -5.27
N GLY A 3 15.84 5.62 -4.98
CA GLY A 3 16.40 4.53 -4.20
C GLY A 3 17.17 3.53 -5.02
N THR A 4 17.98 2.75 -4.33
CA THR A 4 18.81 1.71 -4.93
C THR A 4 18.71 0.49 -4.02
N ASP A 5 19.53 -0.54 -4.22
CA ASP A 5 19.52 -1.70 -3.34
C ASP A 5 20.08 -1.29 -1.98
N GLY A 6 19.59 -1.92 -0.92
CA GLY A 6 19.94 -1.50 0.43
C GLY A 6 18.84 -0.59 0.95
N ASN A 7 19.02 0.00 2.13
CA ASN A 7 17.96 0.81 2.74
C ASN A 7 18.14 2.29 2.38
N ASP A 8 17.06 2.95 1.99
CA ASP A 8 17.07 4.36 1.60
C ASP A 8 16.06 5.18 2.39
N VAL A 9 16.33 6.47 2.53
CA VAL A 9 15.37 7.40 3.09
C VAL A 9 15.23 8.49 2.04
N LEU A 10 14.06 8.58 1.44
CA LEU A 10 13.83 9.49 0.32
C LEU A 10 12.70 10.44 0.69
N ILE A 11 12.90 11.73 0.43
CA ILE A 11 11.89 12.74 0.73
C ILE A 11 11.75 13.64 -0.49
N GLY A 12 10.53 13.79 -0.97
CA GLY A 12 10.27 14.60 -2.14
C GLY A 12 10.01 16.07 -1.83
N SER A 13 9.68 16.80 -2.89
CA SER A 13 9.41 18.24 -2.81
C SER A 13 7.95 18.50 -3.19
N ASP A 14 7.55 19.77 -3.23
CA ASP A 14 6.15 20.12 -3.47
C ASP A 14 5.65 19.90 -4.91
N VAL A 15 6.55 19.69 -5.85
CA VAL A 15 6.15 19.44 -7.24
C VAL A 15 5.82 17.95 -7.39
N GLY A 16 5.17 17.59 -8.49
CA GLY A 16 4.85 16.18 -8.73
C GLY A 16 6.09 15.40 -9.08
N GLU A 17 6.24 14.21 -8.47
CA GLU A 17 7.47 13.42 -8.63
C GLU A 17 7.17 11.92 -8.74
N GLN A 18 8.14 11.17 -9.24
CA GLN A 18 8.07 9.71 -9.28
C GLN A 18 9.25 9.23 -8.45
N ILE A 19 8.96 8.49 -7.38
CA ILE A 19 9.99 8.05 -6.44
C ILE A 19 9.87 6.55 -6.21
N SER A 20 10.96 5.83 -6.38
CA SER A 20 10.99 4.40 -6.10
C SER A 20 12.04 4.11 -5.04
N GLY A 21 11.75 3.18 -4.14
CA GLY A 21 12.68 2.83 -3.09
C GLY A 21 13.56 1.64 -3.46
N GLY A 22 13.09 0.82 -4.39
CA GLY A 22 13.82 -0.36 -4.78
C GLY A 22 13.79 -1.44 -3.71
N ALA A 23 14.76 -2.35 -3.74
CA ALA A 23 14.84 -3.40 -2.73
C ALA A 23 15.27 -2.79 -1.40
N GLY A 24 15.20 -3.57 -0.33
CA GLY A 24 15.58 -3.10 0.99
C GLY A 24 14.42 -2.39 1.67
N ASP A 25 14.60 -2.06 2.94
CA ASP A 25 13.55 -1.41 3.73
C ASP A 25 13.73 0.08 3.59
N ASP A 26 12.75 0.77 3.04
CA ASP A 26 12.90 2.19 2.69
C ASP A 26 11.80 3.06 3.28
N ARG A 27 12.09 4.36 3.41
CA ARG A 27 11.03 5.35 3.63
C ARG A 27 10.97 6.14 2.35
N LEU A 28 9.78 6.30 1.82
CA LEU A 28 9.52 7.16 0.69
C LEU A 28 8.61 8.22 1.25
N ASP A 29 8.82 9.46 0.85
CA ASP A 29 7.96 10.56 1.28
C ASP A 29 7.81 11.44 0.05
N GLY A 30 6.59 11.80 -0.26
CA GLY A 30 6.29 12.52 -1.49
C GLY A 30 6.11 14.00 -1.32
N GLY A 31 5.76 14.43 -0.11
CA GLY A 31 5.45 15.84 0.11
C GLY A 31 4.20 16.25 -0.65
N ALA A 32 4.06 17.54 -0.94
CA ALA A 32 2.90 18.02 -1.69
C ALA A 32 3.01 17.64 -3.18
N GLY A 33 1.96 17.94 -3.93
CA GLY A 33 1.89 17.58 -5.34
C GLY A 33 1.47 16.15 -5.51
N ASP A 34 1.06 15.78 -6.70
CA ASP A 34 0.62 14.41 -6.97
C ASP A 34 1.88 13.58 -7.21
N ASP A 35 1.98 12.43 -6.57
CA ASP A 35 3.24 11.66 -6.62
C ASP A 35 3.03 10.17 -6.89
N LEU A 36 4.05 9.54 -7.46
CA LEU A 36 4.05 8.10 -7.70
C LEU A 36 5.09 7.49 -6.77
N LEU A 37 4.68 6.51 -5.97
CA LEU A 37 5.57 5.90 -4.97
C LEU A 37 5.66 4.38 -5.13
N ASP A 38 6.79 3.91 -5.61
CA ASP A 38 7.05 2.47 -5.76
C ASP A 38 7.84 1.95 -4.56
N GLY A 39 7.17 1.23 -3.67
CA GLY A 39 7.83 0.75 -2.46
C GLY A 39 8.99 -0.21 -2.74
N GLY A 40 8.79 -1.14 -3.66
CA GLY A 40 9.81 -2.11 -4.00
C GLY A 40 9.89 -3.22 -2.97
N ALA A 41 10.71 -4.23 -3.23
CA ALA A 41 10.88 -5.35 -2.31
C ALA A 41 11.32 -4.84 -0.93
N GLY A 42 11.00 -5.58 0.12
CA GLY A 42 11.27 -5.15 1.49
C GLY A 42 10.05 -4.47 2.07
N ARG A 43 10.07 -4.19 3.38
CA ARG A 43 8.93 -3.52 4.04
C ARG A 43 9.21 -2.04 4.00
N ASP A 44 8.23 -1.25 3.62
CA ASP A 44 8.45 0.16 3.36
C ASP A 44 7.43 1.04 4.04
N ARG A 45 7.77 2.32 4.15
CA ARG A 45 6.86 3.33 4.72
C ARG A 45 6.69 4.38 3.64
N LEU A 46 5.50 4.45 3.06
CA LEU A 46 5.24 5.33 1.93
C LEU A 46 4.38 6.50 2.38
N THR A 47 4.96 7.67 2.50
CA THR A 47 4.22 8.85 2.93
C THR A 47 3.81 9.64 1.69
N GLY A 48 2.53 9.70 1.41
CA GLY A 48 2.09 10.37 0.19
C GLY A 48 2.02 11.88 0.34
N GLY A 49 1.56 12.33 1.49
CA GLY A 49 1.40 13.76 1.72
C GLY A 49 0.20 14.30 0.97
N LEU A 50 0.14 15.61 0.84
CA LEU A 50 -0.94 16.28 0.11
C LEU A 50 -0.89 15.87 -1.35
N GLY A 51 -2.04 15.94 -2.01
CA GLY A 51 -2.14 15.59 -3.43
C GLY A 51 -2.59 14.15 -3.61
N ALA A 52 -2.98 13.81 -4.82
CA ALA A 52 -3.42 12.45 -5.15
C ALA A 52 -2.15 11.65 -5.40
N ASP A 53 -1.96 10.61 -4.63
CA ASP A 53 -0.74 9.81 -4.71
C ASP A 53 -1.08 8.39 -5.08
N THR A 54 -0.23 7.75 -5.85
CA THR A 54 -0.44 6.35 -6.19
C THR A 54 0.70 5.55 -5.58
N PHE A 55 0.33 4.52 -4.85
CA PHE A 55 1.27 3.68 -4.14
C PHE A 55 1.27 2.35 -4.88
N ARG A 56 2.43 1.95 -5.36
CA ARG A 56 2.49 0.89 -6.37
C ARG A 56 3.52 -0.19 -6.09
N PHE A 57 3.17 -1.41 -6.51
CA PHE A 57 4.07 -2.55 -6.38
C PHE A 57 5.16 -2.52 -7.46
N ALA A 58 6.31 -3.11 -7.16
CA ALA A 58 7.33 -3.36 -8.16
C ALA A 58 7.39 -4.87 -8.46
N LEU A 59 7.03 -5.68 -7.47
CA LEU A 59 7.01 -7.14 -7.59
C LEU A 59 5.69 -7.62 -7.00
N ARG A 60 5.27 -8.83 -7.27
CA ARG A 60 4.05 -9.37 -6.64
C ARG A 60 4.26 -9.65 -5.14
N GLU A 61 5.52 -9.66 -4.71
CA GLU A 61 5.89 -9.93 -3.32
C GLU A 61 6.24 -8.65 -2.57
N ASP A 62 5.92 -7.52 -3.18
CA ASP A 62 6.26 -6.20 -2.64
C ASP A 62 5.81 -5.98 -1.20
N SER A 63 4.64 -6.52 -0.86
CA SER A 63 4.10 -6.41 0.49
C SER A 63 3.40 -7.72 0.85
N HIS A 64 4.08 -8.56 1.62
CA HIS A 64 3.55 -9.88 1.96
C HIS A 64 3.88 -10.21 3.41
N ARG A 65 3.29 -11.28 3.94
CA ARG A 65 3.60 -11.75 5.30
C ARG A 65 3.75 -13.26 5.24
N SER A 66 4.58 -13.80 6.11
CA SER A 66 4.88 -15.22 6.13
C SER A 66 5.31 -15.55 7.55
N PRO A 67 5.48 -16.84 7.91
CA PRO A 67 5.99 -17.06 9.27
C PRO A 67 7.45 -16.64 9.46
N LEU A 68 8.13 -16.30 8.37
CA LEU A 68 9.51 -15.80 8.44
C LEU A 68 9.50 -14.33 8.88
N GLY A 69 8.33 -13.72 8.88
CA GLY A 69 8.19 -12.33 9.29
C GLY A 69 7.21 -11.56 8.45
N THR A 70 6.97 -10.33 8.84
CA THR A 70 6.08 -9.43 8.10
C THR A 70 6.92 -8.54 7.20
N PHE A 71 6.53 -8.45 5.94
CA PHE A 71 7.24 -7.65 4.95
C PHE A 71 6.22 -6.70 4.32
N SER A 72 5.14 -6.46 5.04
CA SER A 72 4.06 -5.60 4.57
C SER A 72 4.47 -4.14 4.59
N ASP A 73 3.88 -3.35 3.72
CA ASP A 73 4.15 -1.92 3.67
C ASP A 73 3.09 -1.16 4.46
N LEU A 74 3.47 0.02 4.92
CA LEU A 74 2.56 0.90 5.65
C LEU A 74 2.53 2.22 4.90
N ILE A 75 1.35 2.75 4.63
CA ILE A 75 1.22 3.99 3.89
C ILE A 75 0.77 5.05 4.89
N LEU A 76 1.25 6.25 4.70
CA LEU A 76 1.02 7.37 5.61
C LEU A 76 0.40 8.51 4.81
N ASP A 77 -0.36 9.35 5.48
CA ASP A 77 -1.02 10.54 4.88
C ASP A 77 -1.89 10.12 3.70
N PHE A 78 -2.63 9.05 3.91
CA PHE A 78 -3.48 8.48 2.88
C PHE A 78 -4.84 9.20 2.79
N ASP A 79 -5.13 9.69 1.60
CA ASP A 79 -6.40 10.37 1.31
C ASP A 79 -7.36 9.35 0.69
N PRO A 80 -8.37 8.87 1.44
CA PRO A 80 -9.25 7.86 0.85
C PRO A 80 -10.17 8.37 -0.26
N SER A 81 -10.16 9.67 -0.49
CA SER A 81 -10.97 10.28 -1.55
C SER A 81 -10.17 10.60 -2.80
N GLN A 82 -8.86 10.37 -2.76
CA GLN A 82 -7.96 10.77 -3.86
C GLN A 82 -6.84 9.78 -4.19
N ASP A 83 -6.26 9.16 -3.17
CA ASP A 83 -5.08 8.32 -3.36
C ASP A 83 -5.46 6.95 -3.94
N LYS A 84 -4.48 6.30 -4.57
CA LYS A 84 -4.71 5.01 -5.23
C LYS A 84 -3.69 3.97 -4.82
N ILE A 85 -4.08 2.71 -4.86
CA ILE A 85 -3.18 1.61 -4.50
C ILE A 85 -3.19 0.56 -5.61
N ASP A 86 -2.04 0.37 -6.25
CA ASP A 86 -1.88 -0.62 -7.30
C ASP A 86 -1.47 -1.95 -6.68
N VAL A 87 -2.36 -2.93 -6.77
CA VAL A 87 -2.08 -4.29 -6.30
C VAL A 87 -2.47 -5.25 -7.43
N SER A 88 -2.37 -4.75 -8.64
CA SER A 88 -2.74 -5.48 -9.86
C SER A 88 -1.87 -6.71 -10.12
N ALA A 89 -0.79 -6.85 -9.35
CA ALA A 89 0.11 -7.99 -9.45
C ALA A 89 -0.55 -9.29 -8.97
N LEU A 90 -1.64 -9.16 -8.23
CA LEU A 90 -2.32 -10.32 -7.64
C LEU A 90 -3.72 -10.43 -8.23
N GLY A 91 -4.49 -9.37 -8.05
CA GLY A 91 -5.89 -9.38 -8.42
C GLY A 91 -6.65 -10.15 -7.36
N PHE A 92 -7.97 -10.22 -7.49
CA PHE A 92 -8.80 -10.96 -6.53
C PHE A 92 -9.92 -11.66 -7.29
N ILE A 93 -10.20 -12.90 -6.92
CA ILE A 93 -11.15 -13.75 -7.62
C ILE A 93 -12.54 -13.67 -6.97
N GLY A 94 -12.62 -13.07 -5.80
CA GLY A 94 -13.88 -12.96 -5.09
C GLY A 94 -14.00 -11.71 -4.25
N LEU A 95 -15.23 -11.41 -3.83
CA LEU A 95 -15.57 -10.15 -3.17
C LEU A 95 -14.88 -9.89 -1.83
N GLY A 96 -14.53 -10.92 -1.08
CA GLY A 96 -13.89 -10.70 0.21
C GLY A 96 -14.14 -11.66 1.36
N ASN A 97 -13.34 -12.72 1.43
CA ASN A 97 -13.35 -13.67 2.56
C ASN A 97 -11.98 -13.68 3.23
N GLY A 98 -11.05 -12.87 2.73
CA GLY A 98 -9.69 -12.80 3.25
C GLY A 98 -8.76 -13.94 2.88
N TYR A 99 -9.31 -14.97 2.25
CA TYR A 99 -8.55 -16.17 1.88
C TYR A 99 -9.05 -16.63 0.53
N ALA A 100 -8.32 -17.56 -0.09
CA ALA A 100 -8.66 -18.10 -1.42
C ALA A 100 -8.79 -16.98 -2.46
N GLY A 101 -7.78 -16.13 -2.52
CA GLY A 101 -7.72 -15.10 -3.55
C GLY A 101 -8.73 -13.98 -3.36
N THR A 102 -9.14 -13.74 -2.12
CA THR A 102 -10.10 -12.67 -1.84
C THR A 102 -9.53 -11.78 -0.74
N LEU A 103 -10.14 -10.62 -0.54
CA LEU A 103 -9.61 -9.63 0.42
C LEU A 103 -10.38 -9.60 1.73
N ALA A 104 -9.84 -8.92 2.72
CA ALA A 104 -10.52 -8.62 3.96
C ALA A 104 -9.97 -7.27 4.38
N VAL A 105 -10.84 -6.44 4.94
CA VAL A 105 -10.46 -5.11 5.37
C VAL A 105 -10.89 -4.95 6.81
N SER A 106 -10.13 -4.20 7.58
CA SER A 106 -10.45 -3.95 8.98
C SER A 106 -9.91 -2.56 9.31
N LEU A 107 -10.36 -2.00 10.41
CA LEU A 107 -9.98 -0.65 10.82
C LEU A 107 -9.55 -0.68 12.27
N SER A 108 -8.89 0.36 12.72
CA SER A 108 -8.63 0.54 14.14
C SER A 108 -9.93 1.00 14.78
N ALA A 109 -9.98 1.07 16.09
CA ALA A 109 -11.20 1.47 16.81
C ALA A 109 -11.70 2.86 16.40
N ASP A 110 -10.81 3.74 15.96
CA ASP A 110 -11.16 5.12 15.65
C ASP A 110 -11.30 5.29 14.15
N GLY A 111 -11.07 4.21 13.41
CA GLY A 111 -11.06 4.27 11.96
C GLY A 111 -9.84 4.98 11.40
N LEU A 112 -8.94 5.40 12.29
CA LEU A 112 -7.77 6.20 11.88
C LEU A 112 -6.67 5.38 11.22
N ARG A 113 -6.81 4.06 11.25
CA ARG A 113 -5.86 3.16 10.61
C ARG A 113 -6.67 2.08 9.93
N THR A 114 -6.16 1.58 8.82
CA THR A 114 -6.84 0.55 8.04
C THR A 114 -5.86 -0.59 7.81
N TYR A 115 -6.35 -1.81 7.81
CA TYR A 115 -5.51 -2.97 7.56
C TYR A 115 -6.16 -3.79 6.47
N LEU A 116 -5.35 -4.29 5.55
CA LEU A 116 -5.82 -5.09 4.43
C LEU A 116 -5.16 -6.44 4.52
N LYS A 117 -5.94 -7.51 4.44
CA LYS A 117 -5.42 -8.86 4.53
C LYS A 117 -5.98 -9.73 3.42
N SER A 118 -5.11 -10.48 2.76
CA SER A 118 -5.54 -11.42 1.75
C SER A 118 -4.61 -12.61 1.85
N TYR A 119 -5.07 -13.77 1.41
CA TYR A 119 -4.25 -14.96 1.34
C TYR A 119 -4.58 -15.63 0.03
N ASP A 120 -3.70 -15.44 -0.94
CA ASP A 120 -3.85 -16.09 -2.23
C ASP A 120 -3.46 -17.52 -1.99
N ALA A 121 -4.30 -18.43 -2.44
CA ALA A 121 -4.07 -19.87 -2.28
C ALA A 121 -4.42 -20.53 -3.58
N ASP A 122 -4.53 -19.70 -4.59
CA ASP A 122 -4.95 -20.09 -5.92
C ASP A 122 -3.67 -20.38 -6.70
N ALA A 123 -2.62 -19.65 -6.35
CA ALA A 123 -1.32 -19.83 -6.98
C ALA A 123 -0.11 -19.67 -6.05
N GLN A 124 0.02 -18.54 -5.34
CA GLN A 124 1.23 -18.30 -4.55
C GLN A 124 1.24 -19.01 -3.21
N GLY A 125 0.07 -19.14 -2.61
CA GLY A 125 -0.02 -19.74 -1.28
C GLY A 125 0.64 -18.85 -0.23
N ARG A 126 0.45 -17.54 -0.36
CA ARG A 126 1.12 -16.57 0.53
C ARG A 126 0.12 -15.52 1.01
N SER A 127 0.39 -14.96 2.18
CA SER A 127 -0.42 -13.87 2.68
C SER A 127 0.10 -12.57 2.09
N PHE A 128 -0.80 -11.78 1.54
CA PHE A 128 -0.45 -10.47 0.99
C PHE A 128 -1.25 -9.46 1.77
N GLU A 129 -0.55 -8.69 2.60
CA GLU A 129 -1.21 -7.84 3.58
C GLU A 129 -0.53 -6.46 3.59
N LEU A 130 -1.32 -5.42 3.85
CA LEU A 130 -0.84 -4.03 3.84
C LEU A 130 -1.50 -3.29 4.99
N ALA A 131 -1.00 -2.10 5.30
CA ALA A 131 -1.62 -1.25 6.31
C ALA A 131 -1.61 0.21 5.85
N LEU A 132 -2.58 0.98 6.33
CA LEU A 132 -2.68 2.40 6.06
C LEU A 132 -2.78 3.08 7.41
N ASP A 133 -2.07 4.18 7.58
CA ASP A 133 -2.16 4.98 8.81
C ASP A 133 -2.55 6.42 8.45
N GLY A 134 -3.27 7.08 9.36
CA GLY A 134 -3.66 8.47 9.16
C GLY A 134 -4.91 8.60 8.32
N ASN A 135 -5.70 7.54 8.27
CA ASN A 135 -6.89 7.53 7.44
C ASN A 135 -7.97 8.48 7.93
N HIS A 136 -8.62 9.12 6.98
CA HIS A 136 -9.77 9.97 7.28
C HIS A 136 -10.96 9.07 7.47
N ALA A 137 -11.22 8.68 8.71
CA ALA A 137 -12.37 7.84 9.05
C ALA A 137 -13.65 8.57 8.65
N ALA A 138 -13.62 9.89 8.77
CA ALA A 138 -14.74 10.73 8.41
C ALA A 138 -15.08 10.62 6.91
N THR A 139 -14.10 10.30 6.08
CA THR A 139 -14.35 10.18 4.64
C THR A 139 -13.83 8.86 4.06
N LEU A 140 -13.88 7.79 4.84
CA LEU A 140 -13.31 6.52 4.40
C LEU A 140 -14.04 5.98 3.17
N SER A 141 -13.31 5.26 2.34
CA SER A 141 -13.84 4.73 1.08
C SER A 141 -13.07 3.47 0.72
N ALA A 142 -13.70 2.61 -0.08
CA ALA A 142 -13.08 1.36 -0.52
C ALA A 142 -12.61 1.46 -1.98
N GLY A 143 -12.88 2.59 -2.62
CA GLY A 143 -12.56 2.76 -4.04
C GLY A 143 -11.10 3.04 -4.36
N ASN A 144 -10.23 2.85 -3.37
CA ASN A 144 -8.80 3.14 -3.51
C ASN A 144 -8.07 2.17 -4.41
N ILE A 145 -8.65 0.99 -4.61
CA ILE A 145 -8.00 -0.03 -5.42
C ILE A 145 -7.98 0.35 -6.89
N VAL A 146 -6.89 0.01 -7.56
CA VAL A 146 -6.70 0.29 -8.98
C VAL A 146 -7.78 -0.37 -9.87
N PHE A 147 -8.43 -1.39 -9.33
CA PHE A 147 -9.48 -2.10 -10.08
C PHE A 147 -10.74 -1.28 -10.26
N ALA A 148 -10.90 -0.26 -9.41
CA ALA A 148 -12.10 0.59 -9.42
C ALA A 148 -13.36 -0.27 -9.28
N ALA A 149 -14.45 0.23 -9.84
CA ALA A 149 -15.75 -0.46 -9.89
C ALA A 149 -16.26 -0.90 -8.50
N ALA A 150 -15.96 -0.11 -7.48
CA ALA A 150 -16.42 -0.39 -6.12
C ALA A 150 -17.90 -0.01 -5.98
N THR A 151 -18.77 -0.87 -6.49
CA THR A 151 -20.20 -0.66 -6.46
C THR A 151 -20.76 -0.76 -5.04
N PRO A 152 -21.79 0.05 -4.71
CA PRO A 152 -22.43 -0.18 -3.41
C PRO A 152 -23.30 -1.43 -3.45
N GLY A 153 -23.88 -1.78 -2.31
CA GLY A 153 -24.80 -2.91 -2.21
C GLY A 153 -25.62 -2.65 -0.97
CA CA B . 16.34 0.76 -1.23
CA CA C . 5.98 15.73 -4.50
CA CA D . 11.75 -1.22 -0.58
CA CA E . 1.97 13.95 -2.60
CA CA F . 7.40 -3.04 -0.15
CA CA G . -2.29 11.85 -0.59
N ALA A 1 19.28 10.77 -6.25
CA ALA A 1 17.81 10.81 -6.48
C ALA A 1 17.26 9.40 -6.46
N GLN A 2 16.04 9.24 -5.96
CA GLN A 2 15.39 7.93 -5.73
C GLN A 2 16.30 6.96 -4.94
N GLY A 3 15.86 5.72 -4.80
CA GLY A 3 16.58 4.76 -3.98
C GLY A 3 17.48 3.81 -4.73
N THR A 4 18.12 2.94 -3.95
CA THR A 4 18.98 1.86 -4.45
C THR A 4 18.39 0.59 -3.85
N ASP A 5 18.98 -0.57 -4.07
CA ASP A 5 18.40 -1.82 -3.55
C ASP A 5 18.78 -2.10 -2.11
N GLY A 6 19.51 -1.16 -1.54
CA GLY A 6 19.80 -1.16 -0.11
C GLY A 6 18.67 -0.46 0.62
N ASN A 7 18.81 -0.18 1.91
CA ASN A 7 17.76 0.52 2.65
C ASN A 7 17.91 2.03 2.39
N ASP A 8 16.80 2.72 2.15
CA ASP A 8 16.82 4.16 1.86
C ASP A 8 15.84 4.92 2.72
N VAL A 9 16.14 6.20 2.98
CA VAL A 9 15.21 7.11 3.62
C VAL A 9 15.18 8.33 2.70
N LEU A 10 14.04 8.58 2.08
CA LEU A 10 13.91 9.64 1.08
C LEU A 10 12.70 10.50 1.37
N ILE A 11 12.83 11.80 1.17
CA ILE A 11 11.76 12.76 1.39
C ILE A 11 11.67 13.63 0.15
N GLY A 12 10.46 13.77 -0.38
CA GLY A 12 10.25 14.57 -1.58
C GLY A 12 10.02 16.04 -1.29
N SER A 13 9.75 16.79 -2.35
CA SER A 13 9.51 18.22 -2.28
C SER A 13 8.05 18.52 -2.66
N ASP A 14 7.68 19.79 -2.65
CA ASP A 14 6.28 20.18 -2.90
C ASP A 14 5.82 20.07 -4.35
N VAL A 15 6.75 19.89 -5.29
CA VAL A 15 6.39 19.73 -6.69
C VAL A 15 6.04 18.26 -6.96
N GLY A 16 5.46 17.98 -8.12
CA GLY A 16 5.15 16.60 -8.48
C GLY A 16 6.41 15.83 -8.78
N GLU A 17 6.50 14.59 -8.30
CA GLU A 17 7.73 13.78 -8.41
C GLU A 17 7.43 12.31 -8.67
N GLN A 18 8.45 11.58 -9.09
CA GLN A 18 8.38 10.14 -9.26
C GLN A 18 9.56 9.57 -8.47
N ILE A 19 9.26 8.82 -7.43
CA ILE A 19 10.28 8.30 -6.51
C ILE A 19 10.10 6.80 -6.35
N SER A 20 11.15 6.04 -6.63
CA SER A 20 11.11 4.59 -6.45
C SER A 20 12.07 4.18 -5.35
N GLY A 21 11.66 3.25 -4.51
CA GLY A 21 12.49 2.79 -3.41
C GLY A 21 13.33 1.58 -3.73
N GLY A 22 12.90 0.77 -4.68
CA GLY A 22 13.62 -0.46 -5.02
C GLY A 22 13.54 -1.49 -3.91
N ALA A 23 14.47 -2.44 -3.88
CA ALA A 23 14.50 -3.45 -2.84
C ALA A 23 14.94 -2.82 -1.51
N GLY A 24 15.01 -3.63 -0.46
CA GLY A 24 15.39 -3.13 0.86
C GLY A 24 14.21 -2.49 1.57
N ASP A 25 14.38 -2.24 2.86
CA ASP A 25 13.34 -1.64 3.70
C ASP A 25 13.51 -0.13 3.63
N ASP A 26 12.55 0.54 3.02
CA ASP A 26 12.68 1.96 2.74
C ASP A 26 11.63 2.82 3.40
N ARG A 27 11.90 4.12 3.44
CA ARG A 27 10.92 5.10 3.89
C ARG A 27 10.87 6.15 2.81
N LEU A 28 9.73 6.25 2.15
CA LEU A 28 9.52 7.20 1.07
C LEU A 28 8.52 8.22 1.57
N ASP A 29 8.74 9.47 1.24
CA ASP A 29 7.79 10.53 1.55
C ASP A 29 7.70 11.36 0.28
N GLY A 30 6.50 11.71 -0.12
CA GLY A 30 6.27 12.44 -1.34
C GLY A 30 6.08 13.92 -1.14
N GLY A 31 5.71 14.33 0.07
CA GLY A 31 5.40 15.73 0.32
C GLY A 31 4.18 16.18 -0.46
N ALA A 32 4.04 17.48 -0.66
CA ALA A 32 2.92 18.03 -1.43
C ALA A 32 3.11 17.73 -2.92
N GLY A 33 2.11 18.07 -3.72
CA GLY A 33 2.13 17.81 -5.15
C GLY A 33 1.70 16.39 -5.44
N ASP A 34 1.38 16.13 -6.70
CA ASP A 34 0.92 14.80 -7.12
C ASP A 34 2.16 13.93 -7.34
N ASP A 35 2.22 12.77 -6.71
CA ASP A 35 3.46 11.97 -6.73
C ASP A 35 3.25 10.49 -7.08
N LEU A 36 4.28 9.90 -7.67
CA LEU A 36 4.29 8.46 -7.96
C LEU A 36 5.32 7.84 -7.03
N LEU A 37 4.88 6.92 -6.17
CA LEU A 37 5.77 6.29 -5.19
C LEU A 37 5.77 4.76 -5.32
N ASP A 38 6.91 4.20 -5.67
CA ASP A 38 7.05 2.75 -5.84
C ASP A 38 7.80 2.17 -4.64
N GLY A 39 7.13 1.32 -3.87
CA GLY A 39 7.75 0.77 -2.67
C GLY A 39 8.85 -0.24 -2.94
N GLY A 40 8.59 -1.14 -3.88
CA GLY A 40 9.56 -2.18 -4.23
C GLY A 40 9.63 -3.27 -3.18
N ALA A 41 10.46 -4.28 -3.42
CA ALA A 41 10.62 -5.39 -2.48
C ALA A 41 11.08 -4.85 -1.10
N GLY A 42 10.77 -5.61 -0.06
CA GLY A 42 11.07 -5.18 1.30
C GLY A 42 9.85 -4.55 1.95
N ARG A 43 9.91 -4.25 3.24
CA ARG A 43 8.77 -3.66 3.97
C ARG A 43 9.00 -2.16 4.05
N ASP A 44 8.09 -1.41 3.47
CA ASP A 44 8.31 0.01 3.22
C ASP A 44 7.27 0.90 3.87
N ARG A 45 7.56 2.19 3.89
CA ARG A 45 6.64 3.20 4.41
C ARG A 45 6.54 4.22 3.30
N LEU A 46 5.33 4.62 2.95
CA LEU A 46 5.10 5.51 1.82
C LEU A 46 4.17 6.65 2.23
N THR A 47 4.71 7.81 2.53
CA THR A 47 3.88 8.95 2.89
C THR A 47 3.51 9.68 1.61
N GLY A 48 2.23 9.71 1.28
CA GLY A 48 1.81 10.37 0.06
C GLY A 48 1.66 11.86 0.27
N GLY A 49 1.09 12.24 1.40
CA GLY A 49 0.88 13.64 1.70
C GLY A 49 -0.18 14.25 0.82
N LEU A 50 -0.22 15.58 0.77
CA LEU A 50 -1.18 16.29 -0.06
C LEU A 50 -0.96 15.98 -1.53
N GLY A 51 -2.03 16.12 -2.30
CA GLY A 51 -2.01 15.84 -3.73
C GLY A 51 -2.48 14.43 -4.00
N ALA A 52 -2.81 14.13 -5.25
CA ALA A 52 -3.24 12.81 -5.65
C ALA A 52 -1.97 12.00 -5.88
N ASP A 53 -1.83 10.89 -5.18
CA ASP A 53 -0.62 10.10 -5.24
C ASP A 53 -0.96 8.70 -5.70
N THR A 54 -0.02 8.03 -6.35
CA THR A 54 -0.22 6.64 -6.72
C THR A 54 0.91 5.82 -6.12
N PHE A 55 0.56 4.66 -5.60
CA PHE A 55 1.50 3.79 -4.92
C PHE A 55 1.56 2.48 -5.68
N ARG A 56 2.75 2.02 -6.01
CA ARG A 56 2.90 0.91 -6.94
C ARG A 56 3.85 -0.21 -6.49
N PHE A 57 3.44 -1.44 -6.80
CA PHE A 57 4.23 -2.64 -6.55
C PHE A 57 5.41 -2.75 -7.54
N ALA A 58 6.39 -3.58 -7.20
CA ALA A 58 7.41 -4.01 -8.16
C ALA A 58 7.53 -5.55 -8.18
N LEU A 59 6.81 -6.23 -7.29
CA LEU A 59 6.89 -7.68 -7.15
C LEU A 59 5.60 -8.16 -6.50
N ARG A 60 5.32 -9.46 -6.50
CA ARG A 60 4.15 -9.96 -5.76
C ARG A 60 4.46 -10.06 -4.27
N GLU A 61 5.74 -10.16 -3.93
CA GLU A 61 6.18 -10.33 -2.53
C GLU A 61 6.60 -8.97 -1.98
N ASP A 62 6.15 -7.95 -2.69
CA ASP A 62 6.36 -6.55 -2.33
C ASP A 62 5.67 -6.23 -0.99
N SER A 63 4.53 -6.86 -0.76
CA SER A 63 3.77 -6.75 0.50
C SER A 63 3.13 -8.11 0.72
N HIS A 64 3.76 -8.91 1.58
CA HIS A 64 3.44 -10.32 1.75
C HIS A 64 3.86 -10.74 3.15
N ARG A 65 2.91 -11.11 4.00
CA ARG A 65 3.21 -11.46 5.39
C ARG A 65 3.16 -12.97 5.57
N SER A 66 4.24 -13.54 6.08
CA SER A 66 4.33 -14.97 6.30
C SER A 66 5.24 -15.21 7.51
N PRO A 67 5.16 -16.39 8.16
CA PRO A 67 6.08 -16.59 9.28
C PRO A 67 7.54 -16.78 8.84
N LEU A 68 7.74 -17.07 7.55
CA LEU A 68 9.07 -17.26 6.99
C LEU A 68 9.71 -15.91 6.67
N GLY A 69 8.92 -14.86 6.79
CA GLY A 69 9.39 -13.52 6.47
C GLY A 69 8.19 -12.63 6.23
N THR A 70 7.91 -11.75 7.18
CA THR A 70 6.75 -10.88 7.08
C THR A 70 7.15 -9.51 6.54
N PHE A 71 6.60 -9.17 5.39
CA PHE A 71 6.85 -7.87 4.78
C PHE A 71 5.48 -7.26 4.54
N SER A 72 5.34 -5.99 4.81
CA SER A 72 4.08 -5.31 4.59
C SER A 72 4.45 -3.89 4.37
N ASP A 73 3.71 -3.19 3.54
CA ASP A 73 3.95 -1.78 3.34
C ASP A 73 2.89 -1.01 4.09
N LEU A 74 3.26 0.18 4.52
CA LEU A 74 2.38 1.09 5.22
C LEU A 74 2.32 2.35 4.40
N ILE A 75 1.12 2.86 4.15
CA ILE A 75 0.98 4.13 3.44
C ILE A 75 0.56 5.09 4.51
N LEU A 76 1.05 6.30 4.43
CA LEU A 76 0.82 7.33 5.44
C LEU A 76 0.22 8.53 4.74
N ASP A 77 -0.61 9.28 5.44
CA ASP A 77 -1.29 10.47 4.91
C ASP A 77 -2.04 10.08 3.63
N PHE A 78 -2.77 8.98 3.75
CA PHE A 78 -3.48 8.41 2.63
C PHE A 78 -4.80 9.15 2.39
N ASP A 79 -5.02 9.55 1.16
CA ASP A 79 -6.25 10.22 0.75
C ASP A 79 -7.11 9.23 -0.04
N PRO A 80 -8.00 8.48 0.63
CA PRO A 80 -8.83 7.53 -0.12
C PRO A 80 -9.84 8.15 -1.09
N SER A 81 -9.90 9.48 -1.13
CA SER A 81 -10.74 10.20 -2.06
C SER A 81 -9.97 10.70 -3.28
N GLN A 82 -8.65 10.51 -3.29
CA GLN A 82 -7.78 11.07 -4.35
C GLN A 82 -6.67 10.14 -4.83
N ASP A 83 -6.15 9.33 -3.93
CA ASP A 83 -4.97 8.51 -4.22
C ASP A 83 -5.35 7.21 -4.95
N LYS A 84 -4.34 6.45 -5.35
CA LYS A 84 -4.55 5.20 -6.08
C LYS A 84 -3.50 4.17 -5.67
N ILE A 85 -3.88 2.89 -5.64
CA ILE A 85 -2.94 1.82 -5.28
C ILE A 85 -2.94 0.73 -6.36
N ASP A 86 -1.76 0.51 -6.93
CA ASP A 86 -1.55 -0.54 -7.91
C ASP A 86 -1.24 -1.83 -7.16
N VAL A 87 -2.04 -2.86 -7.40
CA VAL A 87 -1.86 -4.15 -6.70
C VAL A 87 -1.87 -5.33 -7.66
N SER A 88 -1.69 -5.06 -8.94
CA SER A 88 -1.82 -6.08 -9.99
C SER A 88 -0.93 -7.33 -9.78
N ALA A 89 0.29 -7.14 -9.30
CA ALA A 89 1.19 -8.28 -9.07
C ALA A 89 0.75 -9.15 -7.90
N LEU A 90 -0.02 -8.59 -6.98
CA LEU A 90 -0.48 -9.35 -5.82
C LEU A 90 -1.69 -10.15 -6.28
N GLY A 91 -2.69 -9.41 -6.75
CA GLY A 91 -3.93 -10.01 -7.22
C GLY A 91 -4.85 -10.37 -6.07
N PHE A 92 -6.14 -10.16 -6.26
CA PHE A 92 -7.16 -10.51 -5.27
C PHE A 92 -8.36 -10.86 -6.14
N ILE A 93 -9.28 -11.68 -5.65
CA ILE A 93 -10.42 -12.11 -6.46
C ILE A 93 -11.73 -12.22 -5.68
N GLY A 94 -11.65 -12.58 -4.41
CA GLY A 94 -12.85 -12.74 -3.60
C GLY A 94 -13.21 -11.47 -2.85
N LEU A 95 -14.39 -11.47 -2.25
CA LEU A 95 -14.91 -10.28 -1.58
C LEU A 95 -14.38 -10.07 -0.16
N GLY A 96 -15.15 -10.47 0.87
CA GLY A 96 -14.87 -10.04 2.23
C GLY A 96 -15.07 -11.02 3.38
N ASN A 97 -14.62 -12.27 3.26
CA ASN A 97 -14.75 -13.23 4.37
C ASN A 97 -13.39 -13.59 4.99
N GLY A 98 -12.32 -13.01 4.47
CA GLY A 98 -10.98 -13.24 4.99
C GLY A 98 -10.32 -14.56 4.66
N TYR A 99 -11.01 -15.43 3.92
CA TYR A 99 -10.48 -16.74 3.56
C TYR A 99 -10.78 -17.06 2.11
N ALA A 100 -10.03 -18.01 1.54
CA ALA A 100 -10.24 -18.49 0.18
C ALA A 100 -10.27 -17.36 -0.86
N GLY A 101 -9.27 -16.48 -0.80
CA GLY A 101 -9.15 -15.41 -1.77
C GLY A 101 -9.98 -14.19 -1.48
N THR A 102 -10.74 -14.21 -0.38
CA THR A 102 -11.57 -13.07 -0.01
C THR A 102 -10.83 -12.30 1.08
N LEU A 103 -11.17 -11.04 1.27
CA LEU A 103 -10.40 -10.17 2.15
C LEU A 103 -11.02 -10.00 3.52
N ALA A 104 -10.23 -9.50 4.46
CA ALA A 104 -10.73 -9.08 5.76
C ALA A 104 -10.12 -7.70 5.99
N VAL A 105 -10.97 -6.71 6.18
CA VAL A 105 -10.53 -5.35 6.42
C VAL A 105 -10.85 -5.04 7.88
N SER A 106 -9.96 -4.30 8.52
CA SER A 106 -10.17 -3.90 9.90
C SER A 106 -9.70 -2.48 10.02
N LEU A 107 -10.22 -1.77 11.02
CA LEU A 107 -9.96 -0.35 11.21
C LEU A 107 -9.65 -0.10 12.67
N SER A 108 -9.02 1.03 12.94
CA SER A 108 -8.85 1.50 14.31
C SER A 108 -10.19 2.10 14.74
N ALA A 109 -10.33 2.42 16.01
CA ALA A 109 -11.59 2.97 16.54
C ALA A 109 -11.99 4.33 15.94
N ASP A 110 -11.06 5.00 15.27
CA ASP A 110 -11.29 6.31 14.68
C ASP A 110 -11.21 6.18 13.15
N GLY A 111 -10.98 4.96 12.69
CA GLY A 111 -10.85 4.68 11.27
C GLY A 111 -9.59 5.25 10.64
N LEU A 112 -8.74 5.88 11.44
CA LEU A 112 -7.55 6.56 10.89
C LEU A 112 -6.48 5.57 10.48
N ARG A 113 -6.59 4.35 10.95
CA ARG A 113 -5.67 3.29 10.58
C ARG A 113 -6.49 2.18 9.98
N THR A 114 -5.96 1.53 8.97
CA THR A 114 -6.69 0.48 8.26
C THR A 114 -5.73 -0.67 8.02
N TYR A 115 -6.22 -1.89 8.12
CA TYR A 115 -5.37 -3.06 7.87
C TYR A 115 -6.11 -3.99 6.93
N LEU A 116 -5.38 -4.58 6.00
CA LEU A 116 -5.96 -5.46 5.00
C LEU A 116 -5.31 -6.83 5.13
N LYS A 117 -6.15 -7.85 5.24
CA LYS A 117 -5.70 -9.24 5.41
C LYS A 117 -6.34 -10.03 4.28
N SER A 118 -5.66 -11.06 3.81
CA SER A 118 -6.21 -11.99 2.83
C SER A 118 -5.66 -13.36 3.20
N TYR A 119 -6.27 -14.41 2.69
CA TYR A 119 -5.76 -15.76 2.86
C TYR A 119 -5.97 -16.47 1.54
N ASP A 120 -4.88 -16.68 0.85
CA ASP A 120 -4.89 -17.18 -0.52
C ASP A 120 -4.07 -18.47 -0.53
N ALA A 121 -4.55 -19.51 -1.23
CA ALA A 121 -3.83 -20.78 -1.25
C ALA A 121 -3.75 -21.42 -2.62
N ASP A 122 -4.13 -20.64 -3.61
CA ASP A 122 -4.16 -21.10 -5.00
C ASP A 122 -2.73 -21.24 -5.52
N ALA A 123 -1.87 -20.35 -5.05
CA ALA A 123 -0.48 -20.30 -5.49
C ALA A 123 0.48 -20.48 -4.32
N GLN A 124 0.68 -21.73 -3.90
CA GLN A 124 1.65 -22.09 -2.86
C GLN A 124 1.44 -21.33 -1.52
N GLY A 125 0.20 -20.99 -1.22
CA GLY A 125 -0.12 -20.33 0.04
C GLY A 125 0.39 -18.91 0.19
N ARG A 126 0.76 -18.27 -0.91
CA ARG A 126 1.27 -16.90 -0.85
C ARG A 126 0.09 -15.94 -0.71
N SER A 127 -0.03 -15.35 0.46
CA SER A 127 -1.13 -14.42 0.75
C SER A 127 -0.57 -13.02 0.88
N PHE A 128 -1.36 -12.03 0.49
CA PHE A 128 -0.87 -10.64 0.46
C PHE A 128 -1.66 -9.77 1.42
N GLU A 129 -0.93 -8.97 2.19
CA GLU A 129 -1.51 -8.21 3.29
C GLU A 129 -0.85 -6.84 3.35
N LEU A 130 -1.61 -5.81 3.72
CA LEU A 130 -1.13 -4.42 3.69
C LEU A 130 -1.67 -3.64 4.90
N ALA A 131 -1.20 -2.41 5.07
CA ALA A 131 -1.71 -1.52 6.11
C ALA A 131 -1.71 -0.06 5.60
N LEU A 132 -2.61 0.74 6.14
CA LEU A 132 -2.72 2.16 5.82
C LEU A 132 -2.81 2.93 7.13
N ASP A 133 -2.30 4.14 7.15
CA ASP A 133 -2.42 5.02 8.32
C ASP A 133 -2.61 6.45 7.82
N GLY A 134 -3.17 7.31 8.66
CA GLY A 134 -3.49 8.67 8.24
C GLY A 134 -4.65 8.65 7.27
N ASN A 135 -5.46 7.60 7.38
CA ASN A 135 -6.58 7.38 6.48
C ASN A 135 -7.76 8.30 6.78
N HIS A 136 -8.28 8.95 5.75
CA HIS A 136 -9.52 9.71 5.87
C HIS A 136 -10.70 8.77 5.88
N ALA A 137 -11.06 8.31 7.07
CA ALA A 137 -12.21 7.43 7.26
C ALA A 137 -13.48 8.14 6.78
N ALA A 138 -13.48 9.47 6.93
CA ALA A 138 -14.58 10.29 6.48
C ALA A 138 -14.81 10.13 4.97
N THR A 139 -13.76 9.79 4.24
CA THR A 139 -13.89 9.60 2.78
C THR A 139 -13.36 8.24 2.31
N LEU A 140 -13.46 7.21 3.15
CA LEU A 140 -12.91 5.90 2.79
C LEU A 140 -13.66 5.34 1.57
N SER A 141 -12.92 4.67 0.69
CA SER A 141 -13.50 4.16 -0.56
C SER A 141 -12.70 2.98 -1.11
N ALA A 142 -13.39 2.07 -1.79
CA ALA A 142 -12.74 0.92 -2.43
C ALA A 142 -12.18 1.33 -3.80
N GLY A 143 -12.55 2.53 -4.25
CA GLY A 143 -12.15 3.00 -5.57
C GLY A 143 -10.66 3.21 -5.75
N ASN A 144 -9.91 3.18 -4.67
CA ASN A 144 -8.45 3.35 -4.71
C ASN A 144 -7.78 2.16 -5.38
N ILE A 145 -8.42 1.01 -5.37
CA ILE A 145 -7.85 -0.21 -5.92
C ILE A 145 -7.85 -0.11 -7.45
N VAL A 146 -6.75 -0.51 -8.07
CA VAL A 146 -6.58 -0.41 -9.54
C VAL A 146 -7.68 -1.15 -10.34
N PHE A 147 -8.31 -2.15 -9.75
CA PHE A 147 -9.35 -2.91 -10.44
C PHE A 147 -10.59 -2.06 -10.72
N ALA A 148 -10.83 -1.06 -9.87
CA ALA A 148 -11.99 -0.17 -9.99
C ALA A 148 -13.31 -0.95 -10.13
N ALA A 149 -14.26 -0.33 -10.79
CA ALA A 149 -15.57 -0.93 -11.11
C ALA A 149 -16.32 -1.50 -9.89
N ALA A 150 -16.15 -0.87 -8.73
CA ALA A 150 -16.85 -1.30 -7.54
C ALA A 150 -18.35 -1.09 -7.74
N THR A 151 -19.15 -2.08 -7.38
CA THR A 151 -20.60 -2.00 -7.55
C THR A 151 -21.14 -1.00 -6.51
N PRO A 152 -22.17 -0.23 -6.86
CA PRO A 152 -22.69 0.70 -5.84
C PRO A 152 -23.48 -0.02 -4.75
N GLY A 153 -23.65 0.66 -3.62
CA GLY A 153 -24.40 0.13 -2.49
C GLY A 153 -24.39 1.21 -1.45
CA CA B . 15.84 0.74 -1.30
CA CA C . 6.10 15.86 -4.21
CA CA D . 11.62 -1.26 -0.77
CA CA E . 1.97 14.04 -2.62
CA CA F . 7.22 -3.15 -0.31
CA CA G . -2.42 11.92 -1.17
N ALA A 1 19.89 10.07 -6.96
CA ALA A 1 18.41 10.09 -7.11
C ALA A 1 17.87 8.70 -6.89
N GLN A 2 16.59 8.60 -6.50
CA GLN A 2 15.90 7.34 -6.13
C GLN A 2 16.68 6.49 -5.11
N GLY A 3 16.18 5.30 -4.81
CA GLY A 3 16.81 4.44 -3.83
C GLY A 3 17.70 3.39 -4.46
N THR A 4 18.53 2.78 -3.62
CA THR A 4 19.39 1.66 -4.02
C THR A 4 18.75 0.42 -3.36
N ASP A 5 19.35 -0.75 -3.49
CA ASP A 5 18.75 -1.96 -2.89
C ASP A 5 19.11 -2.12 -1.41
N GLY A 6 19.86 -1.15 -0.93
CA GLY A 6 20.11 -1.02 0.50
C GLY A 6 18.95 -0.27 1.13
N ASN A 7 19.04 0.10 2.40
CA ASN A 7 17.96 0.86 3.06
C ASN A 7 18.12 2.34 2.71
N ASP A 8 17.03 3.00 2.37
CA ASP A 8 17.05 4.42 1.97
C ASP A 8 16.02 5.24 2.76
N VAL A 9 16.28 6.53 2.87
CA VAL A 9 15.29 7.48 3.39
C VAL A 9 15.17 8.55 2.30
N LEU A 10 14.03 8.57 1.64
CA LEU A 10 13.81 9.47 0.51
C LEU A 10 12.65 10.38 0.86
N ILE A 11 12.83 11.68 0.68
CA ILE A 11 11.78 12.67 0.99
C ILE A 11 11.70 13.64 -0.19
N GLY A 12 10.49 13.85 -0.70
CA GLY A 12 10.30 14.71 -1.86
C GLY A 12 10.05 16.17 -1.52
N SER A 13 9.71 16.94 -2.54
CA SER A 13 9.44 18.37 -2.43
C SER A 13 8.00 18.68 -2.85
N ASP A 14 7.67 19.95 -2.99
CA ASP A 14 6.29 20.37 -3.31
C ASP A 14 5.84 20.02 -4.72
N VAL A 15 6.78 19.96 -5.64
CA VAL A 15 6.47 19.63 -7.05
C VAL A 15 6.07 18.16 -7.17
N GLY A 16 5.42 17.80 -8.28
CA GLY A 16 5.05 16.41 -8.50
C GLY A 16 6.28 15.59 -8.81
N GLU A 17 6.37 14.39 -8.25
CA GLU A 17 7.58 13.56 -8.33
C GLU A 17 7.26 12.08 -8.50
N GLN A 18 8.27 11.33 -8.95
CA GLN A 18 8.17 9.88 -9.07
C GLN A 18 9.36 9.32 -8.28
N ILE A 19 9.07 8.53 -7.25
CA ILE A 19 10.08 8.06 -6.31
C ILE A 19 10.02 6.55 -6.16
N SER A 20 11.13 5.87 -6.36
CA SER A 20 11.20 4.40 -6.22
C SER A 20 12.26 4.02 -5.18
N GLY A 21 11.89 3.13 -4.27
CA GLY A 21 12.79 2.75 -3.20
C GLY A 21 13.65 1.52 -3.46
N GLY A 22 13.20 0.64 -4.34
CA GLY A 22 13.96 -0.58 -4.60
C GLY A 22 13.87 -1.58 -3.45
N ALA A 23 14.81 -2.52 -3.37
CA ALA A 23 14.80 -3.49 -2.28
C ALA A 23 15.22 -2.81 -0.97
N GLY A 24 15.28 -3.57 0.11
CA GLY A 24 15.63 -3.02 1.41
C GLY A 24 14.45 -2.33 2.08
N ASP A 25 14.60 -2.00 3.34
CA ASP A 25 13.54 -1.35 4.12
C ASP A 25 13.71 0.15 3.99
N ASP A 26 12.77 0.81 3.32
CA ASP A 26 12.91 2.22 2.98
C ASP A 26 11.81 3.11 3.54
N ARG A 27 12.05 4.41 3.52
CA ARG A 27 10.99 5.41 3.72
C ARG A 27 10.94 6.19 2.42
N LEU A 28 9.75 6.42 1.91
CA LEU A 28 9.54 7.26 0.76
C LEU A 28 8.57 8.30 1.27
N ASP A 29 8.72 9.54 0.81
CA ASP A 29 7.82 10.61 1.21
C ASP A 29 7.68 11.51 0.00
N GLY A 30 6.46 11.89 -0.30
CA GLY A 30 6.16 12.68 -1.49
C GLY A 30 5.89 14.14 -1.19
N GLY A 31 5.48 14.45 0.03
CA GLY A 31 5.12 15.82 0.36
C GLY A 31 3.93 16.32 -0.46
N ALA A 32 3.89 17.62 -0.72
CA ALA A 32 2.81 18.20 -1.51
C ALA A 32 2.94 17.82 -3.01
N GLY A 33 1.90 18.13 -3.77
CA GLY A 33 1.87 17.80 -5.18
C GLY A 33 1.43 16.36 -5.39
N ASP A 34 1.10 16.00 -6.62
CA ASP A 34 0.67 14.65 -6.94
C ASP A 34 1.94 13.83 -7.15
N ASP A 35 2.05 12.67 -6.51
CA ASP A 35 3.29 11.90 -6.53
C ASP A 35 3.07 10.42 -6.83
N LEU A 36 4.08 9.78 -7.40
CA LEU A 36 4.05 8.35 -7.69
C LEU A 36 5.13 7.67 -6.84
N LEU A 37 4.73 6.75 -5.98
CA LEU A 37 5.69 6.11 -5.06
C LEU A 37 5.71 4.59 -5.25
N ASP A 38 6.90 4.03 -5.36
CA ASP A 38 7.10 2.57 -5.51
C ASP A 38 7.98 2.06 -4.37
N GLY A 39 7.39 1.29 -3.46
CA GLY A 39 8.12 0.82 -2.30
C GLY A 39 9.20 -0.22 -2.59
N GLY A 40 8.93 -1.11 -3.54
CA GLY A 40 9.85 -2.17 -3.86
C GLY A 40 9.88 -3.27 -2.80
N ALA A 41 10.73 -4.27 -2.99
CA ALA A 41 10.86 -5.37 -2.03
C ALA A 41 11.27 -4.83 -0.63
N GLY A 42 10.98 -5.61 0.40
CA GLY A 42 11.23 -5.19 1.77
C GLY A 42 10.02 -4.46 2.33
N ARG A 43 10.01 -4.15 3.62
CA ARG A 43 8.87 -3.43 4.22
C ARG A 43 9.19 -1.94 4.12
N ASP A 44 8.21 -1.15 3.72
CA ASP A 44 8.45 0.25 3.45
C ASP A 44 7.38 1.15 4.04
N ARG A 45 7.65 2.44 4.06
CA ARG A 45 6.71 3.45 4.56
C ARG A 45 6.55 4.45 3.43
N LEU A 46 5.39 4.48 2.80
CA LEU A 46 5.16 5.30 1.60
C LEU A 46 4.28 6.48 1.98
N THR A 47 4.88 7.63 2.27
CA THR A 47 4.10 8.80 2.68
C THR A 47 3.67 9.60 1.48
N GLY A 48 2.38 9.66 1.21
CA GLY A 48 1.90 10.39 0.05
C GLY A 48 1.70 11.86 0.32
N GLY A 49 1.14 12.18 1.48
CA GLY A 49 0.88 13.57 1.84
C GLY A 49 -0.25 14.13 1.01
N LEU A 50 -0.33 15.46 0.96
CA LEU A 50 -1.36 16.15 0.16
C LEU A 50 -1.22 15.83 -1.31
N GLY A 51 -2.32 15.95 -2.02
CA GLY A 51 -2.36 15.68 -3.45
C GLY A 51 -2.87 14.29 -3.75
N ALA A 52 -3.20 14.04 -5.01
CA ALA A 52 -3.67 12.74 -5.46
C ALA A 52 -2.45 11.92 -5.79
N ASP A 53 -2.14 10.96 -4.95
CA ASP A 53 -0.91 10.18 -5.08
C ASP A 53 -1.25 8.78 -5.51
N THR A 54 -0.33 8.10 -6.18
CA THR A 54 -0.53 6.69 -6.49
C THR A 54 0.65 5.90 -5.94
N PHE A 55 0.33 4.72 -5.44
CA PHE A 55 1.32 3.86 -4.82
C PHE A 55 1.39 2.57 -5.60
N ARG A 56 2.56 2.25 -6.12
CA ARG A 56 2.73 1.13 -7.04
C ARG A 56 3.57 0.04 -6.43
N PHE A 57 3.11 -1.19 -6.60
CA PHE A 57 3.83 -2.37 -6.12
C PHE A 57 4.80 -2.83 -7.22
N ALA A 58 5.90 -3.46 -6.85
CA ALA A 58 6.87 -3.95 -7.83
C ALA A 58 6.79 -5.47 -8.04
N LEU A 59 6.77 -6.22 -6.95
CA LEU A 59 6.79 -7.69 -6.99
C LEU A 59 5.71 -8.19 -6.05
N ARG A 60 5.33 -9.45 -6.12
CA ARG A 60 4.35 -9.98 -5.14
C ARG A 60 4.90 -9.94 -3.72
N GLU A 61 6.22 -9.91 -3.61
CA GLU A 61 6.92 -9.88 -2.32
C GLU A 61 7.09 -8.46 -1.79
N ASP A 62 6.44 -7.50 -2.44
CA ASP A 62 6.49 -6.11 -2.01
C ASP A 62 5.80 -5.93 -0.66
N SER A 63 4.79 -6.77 -0.40
CA SER A 63 4.07 -6.74 0.88
C SER A 63 3.60 -8.16 1.23
N HIS A 64 3.99 -8.66 2.40
CA HIS A 64 3.68 -10.04 2.81
C HIS A 64 3.70 -10.10 4.34
N ARG A 65 2.96 -11.02 4.96
CA ARG A 65 3.04 -11.19 6.42
C ARG A 65 3.19 -12.67 6.74
N SER A 66 3.85 -12.97 7.84
CA SER A 66 4.20 -14.34 8.18
C SER A 66 4.32 -14.46 9.70
N PRO A 67 4.39 -15.70 10.25
CA PRO A 67 4.60 -15.75 11.71
C PRO A 67 6.01 -15.33 12.12
N LEU A 68 6.90 -15.19 11.15
CA LEU A 68 8.28 -14.74 11.41
C LEU A 68 8.33 -13.22 11.53
N GLY A 69 7.20 -12.58 11.26
CA GLY A 69 7.11 -11.13 11.34
C GLY A 69 6.34 -10.55 10.18
N THR A 70 6.05 -9.26 10.26
CA THR A 70 5.36 -8.58 9.19
C THR A 70 6.38 -7.98 8.23
N PHE A 71 6.09 -8.06 6.94
CA PHE A 71 6.94 -7.51 5.91
C PHE A 71 6.03 -6.69 4.99
N SER A 72 4.87 -6.32 5.52
CA SER A 72 3.89 -5.54 4.77
C SER A 72 4.30 -4.08 4.82
N ASP A 73 3.92 -3.34 3.78
CA ASP A 73 4.20 -1.91 3.74
C ASP A 73 3.12 -1.18 4.49
N LEU A 74 3.42 0.04 4.89
CA LEU A 74 2.43 0.96 5.44
C LEU A 74 2.43 2.14 4.50
N ILE A 75 1.27 2.55 4.01
CA ILE A 75 1.18 3.76 3.22
C ILE A 75 0.75 4.77 4.26
N LEU A 76 1.32 5.95 4.18
CA LEU A 76 1.13 7.00 5.17
C LEU A 76 0.41 8.16 4.53
N ASP A 77 -0.47 8.79 5.30
CA ASP A 77 -1.24 9.96 4.87
C ASP A 77 -2.04 9.61 3.62
N PHE A 78 -2.68 8.45 3.69
CA PHE A 78 -3.44 7.94 2.57
C PHE A 78 -4.81 8.60 2.53
N ASP A 79 -5.12 9.21 1.40
CA ASP A 79 -6.40 9.87 1.16
C ASP A 79 -7.29 8.95 0.33
N PRO A 80 -8.21 8.20 0.96
CA PRO A 80 -9.07 7.33 0.14
C PRO A 80 -10.00 8.08 -0.83
N SER A 81 -10.12 9.39 -0.64
CA SER A 81 -10.90 10.24 -1.54
C SER A 81 -10.08 10.70 -2.78
N GLN A 82 -8.77 10.50 -2.77
CA GLN A 82 -7.89 11.07 -3.81
C GLN A 82 -6.85 10.08 -4.37
N ASP A 83 -6.32 9.24 -3.50
CA ASP A 83 -5.15 8.41 -3.81
C ASP A 83 -5.52 7.06 -4.45
N LYS A 84 -4.55 6.43 -5.10
CA LYS A 84 -4.76 5.16 -5.80
C LYS A 84 -3.71 4.12 -5.43
N ILE A 85 -4.05 2.85 -5.55
CA ILE A 85 -3.13 1.75 -5.25
C ILE A 85 -3.05 0.77 -6.42
N ASP A 86 -1.87 0.68 -7.02
CA ASP A 86 -1.60 -0.23 -8.14
C ASP A 86 -0.98 -1.53 -7.62
N VAL A 87 -1.77 -2.60 -7.67
CA VAL A 87 -1.33 -3.93 -7.25
C VAL A 87 -1.82 -4.93 -8.28
N SER A 88 -1.20 -6.11 -8.33
CA SER A 88 -1.63 -7.16 -9.26
C SER A 88 -1.25 -8.58 -8.84
N ALA A 89 0.05 -8.85 -8.75
CA ALA A 89 0.56 -10.22 -8.56
C ALA A 89 0.36 -10.83 -7.15
N LEU A 90 -0.50 -10.22 -6.35
CA LEU A 90 -0.82 -10.75 -5.02
C LEU A 90 -1.91 -11.80 -5.22
N GLY A 91 -2.71 -11.54 -6.24
CA GLY A 91 -3.69 -12.53 -6.70
C GLY A 91 -4.97 -12.69 -5.90
N PHE A 92 -5.43 -11.64 -5.23
CA PHE A 92 -6.69 -11.70 -4.49
C PHE A 92 -7.82 -11.95 -5.48
N ILE A 93 -8.72 -12.88 -5.17
CA ILE A 93 -9.71 -13.35 -6.14
C ILE A 93 -11.14 -13.52 -5.59
N GLY A 94 -11.28 -13.82 -4.31
CA GLY A 94 -12.61 -14.06 -3.77
C GLY A 94 -13.33 -12.84 -3.27
N LEU A 95 -14.65 -12.98 -3.11
CA LEU A 95 -15.55 -11.86 -2.79
C LEU A 95 -15.23 -11.07 -1.51
N GLY A 96 -14.76 -11.74 -0.46
CA GLY A 96 -14.40 -11.03 0.75
C GLY A 96 -14.78 -11.63 2.10
N ASN A 97 -14.09 -12.69 2.50
CA ASN A 97 -14.29 -13.31 3.82
C ASN A 97 -13.06 -13.11 4.70
N GLY A 98 -12.00 -12.52 4.13
CA GLY A 98 -10.77 -12.27 4.87
C GLY A 98 -9.80 -13.43 4.96
N TYR A 99 -10.17 -14.56 4.37
CA TYR A 99 -9.34 -15.76 4.41
C TYR A 99 -9.46 -16.47 3.07
N ALA A 100 -8.45 -17.27 2.71
CA ALA A 100 -8.42 -18.06 1.46
C ALA A 100 -8.56 -17.21 0.18
N GLY A 101 -7.73 -16.18 0.07
CA GLY A 101 -7.68 -15.40 -1.15
C GLY A 101 -8.82 -14.43 -1.31
N THR A 102 -9.50 -14.17 -0.19
CA THR A 102 -10.65 -13.27 -0.19
C THR A 102 -10.34 -12.17 0.82
N LEU A 103 -10.65 -10.93 0.49
CA LEU A 103 -10.21 -9.78 1.31
C LEU A 103 -11.17 -9.35 2.42
N ALA A 104 -10.61 -8.86 3.51
CA ALA A 104 -11.36 -8.18 4.56
C ALA A 104 -10.52 -6.99 5.00
N VAL A 105 -11.17 -5.99 5.57
CA VAL A 105 -10.53 -4.78 6.00
C VAL A 105 -10.89 -4.53 7.45
N SER A 106 -9.91 -4.18 8.27
CA SER A 106 -10.14 -3.86 9.68
C SER A 106 -9.46 -2.53 9.95
N LEU A 107 -9.90 -1.83 10.98
CA LEU A 107 -9.39 -0.50 11.28
C LEU A 107 -9.09 -0.37 12.76
N SER A 108 -8.36 0.68 13.12
CA SER A 108 -8.15 1.02 14.52
C SER A 108 -9.43 1.68 15.02
N ALA A 109 -9.52 1.92 16.32
CA ALA A 109 -10.72 2.50 16.93
C ALA A 109 -11.11 3.86 16.32
N ASP A 110 -10.13 4.65 15.91
CA ASP A 110 -10.38 5.98 15.40
C ASP A 110 -10.39 5.98 13.87
N GLY A 111 -10.19 4.81 13.31
CA GLY A 111 -10.09 4.67 11.87
C GLY A 111 -8.77 5.20 11.31
N LEU A 112 -7.88 5.62 12.20
CA LEU A 112 -6.62 6.25 11.80
C LEU A 112 -5.61 5.28 11.19
N ARG A 113 -5.81 3.99 11.43
CA ARG A 113 -4.97 2.95 10.82
C ARG A 113 -5.90 1.91 10.27
N THR A 114 -5.50 1.30 9.17
CA THR A 114 -6.31 0.33 8.46
C THR A 114 -5.43 -0.86 8.09
N TYR A 115 -5.98 -2.05 8.09
CA TYR A 115 -5.25 -3.25 7.71
C TYR A 115 -6.10 -4.03 6.74
N LEU A 116 -5.44 -4.69 5.79
CA LEU A 116 -6.13 -5.48 4.78
C LEU A 116 -5.59 -6.89 4.87
N LYS A 117 -6.49 -7.86 4.96
CA LYS A 117 -6.10 -9.26 5.15
C LYS A 117 -6.78 -10.15 4.12
N SER A 118 -6.01 -11.04 3.52
CA SER A 118 -6.54 -12.01 2.56
C SER A 118 -6.30 -13.45 3.01
N TYR A 119 -5.24 -13.65 3.78
CA TYR A 119 -4.82 -14.97 4.28
C TYR A 119 -4.90 -16.06 3.21
N ASP A 120 -4.23 -15.80 2.11
CA ASP A 120 -4.18 -16.72 0.98
C ASP A 120 -3.46 -18.00 1.40
N ALA A 121 -3.99 -19.14 1.00
CA ALA A 121 -3.35 -20.41 1.29
C ALA A 121 -3.61 -21.38 0.15
N ASP A 122 -4.09 -20.80 -0.93
CA ASP A 122 -4.68 -21.53 -2.05
C ASP A 122 -3.66 -22.12 -3.02
N ALA A 123 -2.41 -21.68 -2.90
CA ALA A 123 -1.33 -22.18 -3.75
C ALA A 123 -0.08 -22.57 -2.96
N GLN A 124 0.54 -21.58 -2.33
CA GLN A 124 1.80 -21.81 -1.61
C GLN A 124 1.61 -21.88 -0.10
N GLY A 125 0.39 -21.63 0.36
CA GLY A 125 0.13 -21.58 1.80
C GLY A 125 0.82 -20.39 2.44
N ARG A 126 0.94 -19.28 1.72
CA ARG A 126 1.64 -18.08 2.19
C ARG A 126 0.73 -16.91 1.82
N SER A 127 0.65 -15.91 2.68
CA SER A 127 -0.36 -14.85 2.54
C SER A 127 0.17 -13.43 2.34
N PHE A 128 -0.48 -12.70 1.47
CA PHE A 128 -0.19 -11.29 1.22
C PHE A 128 -1.20 -10.46 1.98
N GLU A 129 -0.70 -9.56 2.82
CA GLU A 129 -1.57 -8.74 3.66
C GLU A 129 -0.90 -7.37 3.73
N LEU A 130 -1.69 -6.32 3.90
CA LEU A 130 -1.18 -4.94 3.80
C LEU A 130 -1.63 -4.09 5.00
N ALA A 131 -1.03 -2.92 5.14
CA ALA A 131 -1.38 -2.00 6.21
C ALA A 131 -1.38 -0.57 5.66
N LEU A 132 -2.14 0.30 6.31
CA LEU A 132 -2.20 1.72 5.95
C LEU A 132 -2.17 2.48 7.27
N ASP A 133 -1.72 3.72 7.22
CA ASP A 133 -1.57 4.56 8.39
C ASP A 133 -1.90 6.00 7.98
N GLY A 134 -2.33 6.82 8.92
CA GLY A 134 -2.73 8.19 8.60
C GLY A 134 -3.98 8.17 7.73
N ASN A 135 -4.92 7.32 8.08
CA ASN A 135 -6.10 7.10 7.26
C ASN A 135 -7.28 8.00 7.59
N HIS A 136 -8.00 8.37 6.55
CA HIS A 136 -9.23 9.15 6.66
C HIS A 136 -10.42 8.24 6.48
N ALA A 137 -10.74 7.49 7.53
CA ALA A 137 -11.88 6.58 7.52
C ALA A 137 -13.18 7.38 7.37
N ALA A 138 -13.14 8.64 7.80
CA ALA A 138 -14.28 9.54 7.64
C ALA A 138 -14.62 9.77 6.16
N THR A 139 -13.63 9.60 5.30
CA THR A 139 -13.85 9.76 3.84
C THR A 139 -13.53 8.47 3.09
N LEU A 140 -13.76 7.33 3.73
CA LEU A 140 -13.42 6.02 3.13
C LEU A 140 -14.06 5.80 1.76
N SER A 141 -13.42 4.96 0.97
CA SER A 141 -13.89 4.61 -0.36
C SER A 141 -13.44 3.19 -0.65
N ALA A 142 -14.17 2.48 -1.49
CA ALA A 142 -13.81 1.11 -1.86
C ALA A 142 -12.96 1.13 -3.14
N GLY A 143 -12.99 2.27 -3.83
CA GLY A 143 -12.34 2.40 -5.13
C GLY A 143 -10.87 2.76 -5.08
N ASN A 144 -10.19 2.42 -3.99
CA ASN A 144 -8.77 2.76 -3.82
C ASN A 144 -7.91 2.02 -4.84
N ILE A 145 -8.32 0.80 -5.16
CA ILE A 145 -7.55 -0.04 -6.08
C ILE A 145 -7.67 0.41 -7.53
N VAL A 146 -6.59 0.23 -8.27
CA VAL A 146 -6.53 0.60 -9.69
C VAL A 146 -7.56 -0.18 -10.53
N PHE A 147 -8.05 -1.30 -10.00
CA PHE A 147 -9.05 -2.11 -10.70
C PHE A 147 -10.36 -1.36 -10.87
N ALA A 148 -10.61 -0.39 -9.97
CA ALA A 148 -11.85 0.39 -9.99
C ALA A 148 -13.07 -0.54 -10.01
N ALA A 149 -14.11 -0.06 -10.66
CA ALA A 149 -15.36 -0.81 -10.91
C ALA A 149 -16.11 -1.27 -9.65
N ALA A 150 -15.73 -0.76 -8.49
CA ALA A 150 -16.37 -1.11 -7.22
C ALA A 150 -17.70 -0.35 -7.02
N THR A 151 -18.58 -0.46 -8.01
CA THR A 151 -19.88 0.17 -7.98
C THR A 151 -20.88 -0.66 -7.16
N PRO A 152 -21.80 -0.01 -6.43
CA PRO A 152 -22.81 -0.82 -5.72
C PRO A 152 -23.88 -1.33 -6.69
N GLY A 153 -24.78 -2.18 -6.18
CA GLY A 153 -25.89 -2.70 -6.95
C GLY A 153 -26.89 -3.16 -5.93
CA CA B . 16.12 0.75 -0.93
CA CA C . 5.96 16.01 -4.26
CA CA D . 11.90 -1.22 -0.35
CA CA E . 1.78 14.10 -2.53
CA CA F . 7.48 -2.97 0.04
CA CA G . -2.57 11.86 -0.86
N ALA A 1 16.31 11.18 -7.28
CA ALA A 1 15.25 10.15 -7.12
C ALA A 1 15.87 8.76 -7.20
N GLN A 2 15.07 7.73 -6.92
CA GLN A 2 15.49 6.31 -6.91
C GLN A 2 16.50 5.97 -5.81
N GLY A 3 16.09 5.09 -4.91
CA GLY A 3 16.98 4.62 -3.85
C GLY A 3 17.74 3.40 -4.30
N THR A 4 18.68 2.97 -3.49
CA THR A 4 19.46 1.76 -3.75
C THR A 4 18.62 0.54 -3.35
N ASP A 5 19.19 -0.66 -3.43
CA ASP A 5 18.49 -1.85 -2.95
C ASP A 5 18.80 -2.12 -1.49
N GLY A 6 19.46 -1.15 -0.87
CA GLY A 6 19.71 -1.16 0.57
C GLY A 6 18.57 -0.47 1.28
N ASN A 7 18.81 0.07 2.46
CA ASN A 7 17.78 0.83 3.18
C ASN A 7 17.97 2.30 2.85
N ASP A 8 16.92 2.97 2.35
CA ASP A 8 17.03 4.36 1.91
C ASP A 8 15.91 5.22 2.48
N VAL A 9 16.18 6.52 2.58
CA VAL A 9 15.16 7.49 2.97
C VAL A 9 15.12 8.53 1.87
N LEU A 10 14.00 8.62 1.18
CA LEU A 10 13.84 9.57 0.07
C LEU A 10 12.67 10.49 0.39
N ILE A 11 12.93 11.79 0.30
CA ILE A 11 11.90 12.79 0.62
C ILE A 11 11.66 13.62 -0.63
N GLY A 12 10.42 13.66 -1.08
CA GLY A 12 10.08 14.41 -2.28
C GLY A 12 9.87 15.89 -2.04
N SER A 13 10.08 16.66 -3.08
CA SER A 13 9.87 18.10 -3.07
C SER A 13 8.41 18.41 -3.41
N ASP A 14 8.05 19.67 -3.47
CA ASP A 14 6.66 20.06 -3.71
C ASP A 14 6.18 19.93 -5.16
N VAL A 15 7.09 19.69 -6.09
CA VAL A 15 6.69 19.46 -7.49
C VAL A 15 6.34 17.99 -7.68
N GLY A 16 5.72 17.64 -8.79
CA GLY A 16 5.37 16.25 -9.04
C GLY A 16 6.60 15.41 -9.36
N GLU A 17 6.70 14.21 -8.77
CA GLU A 17 7.89 13.37 -8.91
C GLU A 17 7.53 11.89 -9.01
N GLN A 18 8.51 11.10 -9.46
CA GLN A 18 8.42 9.65 -9.44
C GLN A 18 9.56 9.17 -8.56
N ILE A 19 9.23 8.51 -7.46
CA ILE A 19 10.23 8.11 -6.47
C ILE A 19 10.10 6.61 -6.22
N SER A 20 11.19 5.88 -6.41
CA SER A 20 11.21 4.44 -6.18
C SER A 20 12.17 4.11 -5.06
N GLY A 21 11.80 3.15 -4.22
CA GLY A 21 12.63 2.76 -3.09
C GLY A 21 13.51 1.56 -3.36
N GLY A 22 13.10 0.71 -4.29
CA GLY A 22 13.86 -0.50 -4.58
C GLY A 22 13.70 -1.53 -3.47
N ALA A 23 14.61 -2.51 -3.41
CA ALA A 23 14.57 -3.50 -2.35
C ALA A 23 14.99 -2.85 -1.03
N GLY A 24 14.93 -3.61 0.06
CA GLY A 24 15.30 -3.09 1.37
C GLY A 24 14.18 -2.33 2.05
N ASP A 25 14.43 -1.96 3.30
CA ASP A 25 13.45 -1.24 4.13
C ASP A 25 13.61 0.25 3.87
N ASP A 26 12.62 0.86 3.25
CA ASP A 26 12.73 2.27 2.87
C ASP A 26 11.68 3.17 3.48
N ARG A 27 11.92 4.48 3.39
CA ARG A 27 10.91 5.49 3.68
C ARG A 27 10.83 6.32 2.42
N LEU A 28 9.62 6.48 1.91
CA LEU A 28 9.37 7.27 0.73
C LEU A 28 8.39 8.35 1.13
N ASP A 29 8.75 9.60 0.97
CA ASP A 29 7.82 10.70 1.19
C ASP A 29 7.67 11.37 -0.15
N GLY A 30 6.45 11.75 -0.50
CA GLY A 30 6.20 12.40 -1.77
C GLY A 30 6.23 13.91 -1.68
N GLY A 31 5.90 14.44 -0.52
CA GLY A 31 5.82 15.89 -0.36
C GLY A 31 4.56 16.38 -1.07
N ALA A 32 4.46 17.68 -1.34
CA ALA A 32 3.31 18.19 -2.06
C ALA A 32 3.42 17.81 -3.55
N GLY A 33 2.39 18.15 -4.31
CA GLY A 33 2.34 17.78 -5.72
C GLY A 33 1.87 16.35 -5.86
N ASP A 34 1.52 15.96 -7.08
CA ASP A 34 1.05 14.62 -7.34
C ASP A 34 2.27 13.74 -7.54
N ASP A 35 2.31 12.56 -6.93
CA ASP A 35 3.53 11.75 -6.95
C ASP A 35 3.30 10.27 -7.20
N LEU A 36 4.31 9.63 -7.76
CA LEU A 36 4.32 8.18 -7.97
C LEU A 36 5.32 7.62 -6.97
N LEU A 37 4.88 6.69 -6.13
CA LEU A 37 5.76 6.13 -5.10
C LEU A 37 5.82 4.60 -5.21
N ASP A 38 6.94 4.10 -5.69
CA ASP A 38 7.13 2.65 -5.90
C ASP A 38 7.92 2.09 -4.71
N GLY A 39 7.24 1.38 -3.82
CA GLY A 39 7.89 0.91 -2.60
C GLY A 39 9.01 -0.10 -2.83
N GLY A 40 8.80 -1.02 -3.75
CA GLY A 40 9.78 -2.05 -4.05
C GLY A 40 9.78 -3.14 -2.99
N ALA A 41 10.60 -4.17 -3.20
CA ALA A 41 10.68 -5.30 -2.26
C ALA A 41 11.02 -4.82 -0.84
N GLY A 42 10.63 -5.62 0.14
CA GLY A 42 10.84 -5.26 1.54
C GLY A 42 9.68 -4.43 2.05
N ARG A 43 9.62 -4.23 3.37
CA ARG A 43 8.55 -3.43 3.97
C ARG A 43 8.97 -1.97 3.86
N ASP A 44 8.02 -1.08 3.66
CA ASP A 44 8.32 0.32 3.41
C ASP A 44 7.31 1.21 4.13
N ARG A 45 7.60 2.50 4.17
CA ARG A 45 6.71 3.49 4.77
C ARG A 45 6.54 4.55 3.69
N LEU A 46 5.31 4.80 3.27
CA LEU A 46 5.06 5.67 2.11
C LEU A 46 4.16 6.86 2.45
N THR A 47 4.76 8.00 2.71
CA THR A 47 4.02 9.23 3.05
C THR A 47 3.63 9.99 1.79
N GLY A 48 2.36 9.93 1.40
CA GLY A 48 1.95 10.59 0.17
C GLY A 48 1.92 12.10 0.28
N GLY A 49 1.41 12.59 1.40
CA GLY A 49 1.31 14.02 1.62
C GLY A 49 0.24 14.64 0.73
N LEU A 50 0.29 15.95 0.58
CA LEU A 50 -0.66 16.69 -0.26
C LEU A 50 -0.57 16.26 -1.71
N GLY A 51 -1.66 16.44 -2.42
CA GLY A 51 -1.75 16.05 -3.82
C GLY A 51 -2.27 14.62 -3.94
N ALA A 52 -2.61 14.23 -5.15
CA ALA A 52 -3.08 12.88 -5.43
C ALA A 52 -1.83 12.03 -5.65
N ASP A 53 -1.73 10.93 -4.94
CA ASP A 53 -0.54 10.10 -4.99
C ASP A 53 -0.91 8.71 -5.41
N THR A 54 -0.01 8.04 -6.11
CA THR A 54 -0.24 6.64 -6.47
C THR A 54 0.89 5.82 -5.87
N PHE A 55 0.50 4.84 -5.07
CA PHE A 55 1.45 3.99 -4.37
C PHE A 55 1.51 2.68 -5.14
N ARG A 56 2.71 2.23 -5.46
CA ARG A 56 2.89 1.13 -6.40
C ARG A 56 3.68 -0.06 -5.91
N PHE A 57 3.26 -1.22 -6.38
CA PHE A 57 4.01 -2.45 -6.21
C PHE A 57 5.09 -2.49 -7.30
N ALA A 58 6.11 -3.30 -7.07
CA ALA A 58 7.08 -3.66 -8.10
C ALA A 58 7.17 -5.20 -8.21
N LEU A 59 6.77 -5.89 -7.14
CA LEU A 59 6.77 -7.36 -7.08
C LEU A 59 5.45 -7.78 -6.45
N ARG A 60 5.16 -9.08 -6.43
CA ARG A 60 4.03 -9.57 -5.63
C ARG A 60 4.46 -9.65 -4.16
N GLU A 61 5.76 -9.81 -3.93
CA GLU A 61 6.32 -9.87 -2.57
C GLU A 61 6.52 -8.46 -2.00
N ASP A 62 6.03 -7.46 -2.72
CA ASP A 62 6.16 -6.06 -2.30
C ASP A 62 5.37 -5.79 -1.02
N SER A 63 4.29 -6.55 -0.83
CA SER A 63 3.43 -6.41 0.34
C SER A 63 2.88 -7.79 0.78
N HIS A 64 3.47 -8.35 1.83
CA HIS A 64 3.09 -9.68 2.31
C HIS A 64 3.33 -9.74 3.82
N ARG A 65 2.58 -10.55 4.57
CA ARG A 65 2.84 -10.70 6.01
C ARG A 65 2.84 -12.18 6.35
N SER A 66 3.66 -12.55 7.32
CA SER A 66 3.86 -13.94 7.68
C SER A 66 3.87 -14.03 9.20
N PRO A 67 3.74 -15.24 9.78
CA PRO A 67 3.86 -15.27 11.25
C PRO A 67 5.29 -14.98 11.73
N LEU A 68 6.25 -14.97 10.80
CA LEU A 68 7.64 -14.61 11.11
C LEU A 68 7.80 -13.09 11.24
N GLY A 69 6.76 -12.35 10.86
CA GLY A 69 6.81 -10.89 10.91
C GLY A 69 6.19 -10.26 9.68
N THR A 70 6.07 -8.95 9.70
CA THR A 70 5.52 -8.22 8.56
C THR A 70 6.62 -7.99 7.52
N PHE A 71 6.24 -8.07 6.25
CA PHE A 71 7.14 -7.75 5.15
C PHE A 71 6.31 -6.88 4.20
N SER A 72 5.29 -6.24 4.78
CA SER A 72 4.35 -5.43 4.01
C SER A 72 4.49 -3.97 4.38
N ASP A 73 4.02 -3.12 3.47
CA ASP A 73 4.18 -1.70 3.58
C ASP A 73 3.09 -1.05 4.40
N LEU A 74 3.43 0.10 4.96
CA LEU A 74 2.49 0.94 5.67
C LEU A 74 2.44 2.23 4.87
N ILE A 75 1.28 2.60 4.40
CA ILE A 75 1.14 3.86 3.68
C ILE A 75 0.79 4.84 4.78
N LEU A 76 1.30 6.05 4.68
CA LEU A 76 1.17 7.06 5.70
C LEU A 76 0.52 8.29 5.09
N ASP A 77 -0.31 8.97 5.88
CA ASP A 77 -1.01 10.19 5.44
C ASP A 77 -1.78 9.89 4.15
N PHE A 78 -2.44 8.74 4.15
CA PHE A 78 -3.16 8.28 2.98
C PHE A 78 -4.47 9.05 2.84
N ASP A 79 -4.71 9.57 1.64
CA ASP A 79 -5.94 10.29 1.33
C ASP A 79 -6.88 9.38 0.54
N PRO A 80 -7.80 8.67 1.19
CA PRO A 80 -8.75 7.86 0.40
C PRO A 80 -9.76 8.69 -0.41
N SER A 81 -9.61 10.00 -0.39
CA SER A 81 -10.43 10.89 -1.20
C SER A 81 -9.70 11.24 -2.51
N GLN A 82 -8.40 10.93 -2.60
CA GLN A 82 -7.57 11.35 -3.74
C GLN A 82 -6.54 10.32 -4.24
N ASP A 83 -5.98 9.56 -3.31
CA ASP A 83 -4.83 8.70 -3.61
C ASP A 83 -5.24 7.35 -4.18
N LYS A 84 -4.33 6.72 -4.92
CA LYS A 84 -4.58 5.44 -5.59
C LYS A 84 -3.56 4.40 -5.13
N ILE A 85 -3.93 3.13 -5.11
CA ILE A 85 -3.01 2.05 -4.76
C ILE A 85 -2.99 0.99 -5.86
N ASP A 86 -1.84 0.81 -6.49
CA ASP A 86 -1.65 -0.22 -7.51
C ASP A 86 -1.35 -1.52 -6.78
N VAL A 87 -2.17 -2.54 -7.01
CA VAL A 87 -1.97 -3.87 -6.38
C VAL A 87 -2.17 -4.98 -7.42
N SER A 88 -1.90 -4.65 -8.67
CA SER A 88 -2.15 -5.56 -9.78
C SER A 88 -1.36 -6.88 -9.72
N ALA A 89 -0.21 -6.88 -9.06
CA ALA A 89 0.59 -8.10 -8.92
C ALA A 89 -0.01 -9.07 -7.89
N LEU A 90 -0.95 -8.58 -7.09
CA LEU A 90 -1.59 -9.39 -6.05
C LEU A 90 -2.91 -9.88 -6.62
N GLY A 91 -3.54 -9.01 -7.40
CA GLY A 91 -4.67 -9.40 -8.21
C GLY A 91 -5.94 -9.84 -7.49
N PHE A 92 -6.26 -9.21 -6.37
CA PHE A 92 -7.47 -9.57 -5.61
C PHE A 92 -8.73 -9.46 -6.46
N ILE A 93 -9.53 -10.50 -6.45
CA ILE A 93 -10.75 -10.57 -7.26
C ILE A 93 -11.97 -10.07 -6.48
N GLY A 94 -11.79 -9.82 -5.19
CA GLY A 94 -12.88 -9.32 -4.36
C GLY A 94 -12.35 -8.54 -3.19
N LEU A 95 -13.21 -7.74 -2.57
CA LEU A 95 -12.78 -6.83 -1.49
C LEU A 95 -13.46 -7.06 -0.14
N GLY A 96 -14.34 -8.06 -0.07
CA GLY A 96 -15.11 -8.27 1.16
C GLY A 96 -15.11 -9.66 1.81
N ASN A 97 -14.95 -10.72 1.04
CA ASN A 97 -15.12 -12.08 1.59
C ASN A 97 -13.94 -12.58 2.44
N GLY A 98 -12.75 -12.06 2.18
CA GLY A 98 -11.58 -12.40 2.99
C GLY A 98 -10.93 -13.76 2.81
N TYR A 99 -11.22 -14.45 1.72
CA TYR A 99 -10.62 -15.77 1.44
C TYR A 99 -10.45 -15.94 -0.05
N ALA A 100 -9.58 -16.86 -0.47
CA ALA A 100 -9.41 -17.23 -1.88
C ALA A 100 -9.20 -16.02 -2.82
N GLY A 101 -8.25 -15.16 -2.48
CA GLY A 101 -7.94 -14.03 -3.34
C GLY A 101 -8.91 -12.87 -3.20
N THR A 102 -9.68 -12.83 -2.12
CA THR A 102 -10.57 -11.71 -1.85
C THR A 102 -10.15 -11.12 -0.51
N LEU A 103 -10.22 -9.81 -0.38
CA LEU A 103 -9.78 -9.16 0.84
C LEU A 103 -10.87 -9.12 1.89
N ALA A 104 -10.42 -8.90 3.12
CA ALA A 104 -11.28 -8.53 4.24
C ALA A 104 -10.52 -7.35 4.82
N VAL A 105 -11.22 -6.49 5.55
CA VAL A 105 -10.62 -5.28 6.10
C VAL A 105 -10.84 -5.26 7.62
N SER A 106 -9.92 -4.63 8.33
CA SER A 106 -9.98 -4.52 9.78
C SER A 106 -9.38 -3.17 10.14
N LEU A 107 -9.63 -2.69 11.35
CA LEU A 107 -9.15 -1.39 11.79
C LEU A 107 -8.46 -1.53 13.14
N SER A 108 -7.62 -0.57 13.46
CA SER A 108 -7.06 -0.46 14.81
C SER A 108 -8.18 0.15 15.65
N ALA A 109 -8.09 0.01 16.96
CA ALA A 109 -9.12 0.49 17.88
C ALA A 109 -9.17 2.02 18.02
N ASP A 110 -8.51 2.74 17.13
CA ASP A 110 -8.49 4.20 17.15
C ASP A 110 -9.20 4.68 15.88
N GLY A 111 -9.48 3.75 14.98
CA GLY A 111 -10.10 4.09 13.70
C GLY A 111 -9.15 4.80 12.76
N LEU A 112 -7.89 4.93 13.17
CA LEU A 112 -6.90 5.71 12.41
C LEU A 112 -6.05 4.84 11.51
N ARG A 113 -6.04 3.55 11.79
CA ARG A 113 -5.20 2.61 11.08
C ARG A 113 -6.06 1.50 10.50
N THR A 114 -5.66 0.99 9.35
CA THR A 114 -6.45 0.01 8.62
C THR A 114 -5.55 -1.11 8.13
N TYR A 115 -6.01 -2.34 8.23
CA TYR A 115 -5.23 -3.50 7.78
C TYR A 115 -6.12 -4.38 6.92
N LEU A 116 -5.55 -4.96 5.88
CA LEU A 116 -6.31 -5.77 4.92
C LEU A 116 -5.66 -7.13 4.76
N LYS A 117 -6.47 -8.17 4.54
CA LYS A 117 -5.96 -9.55 4.43
C LYS A 117 -6.69 -10.34 3.34
N SER A 118 -5.94 -10.99 2.45
CA SER A 118 -6.53 -11.83 1.38
C SER A 118 -6.59 -13.30 1.80
N TYR A 119 -5.87 -13.61 2.87
CA TYR A 119 -5.79 -14.96 3.50
C TYR A 119 -5.04 -16.01 2.68
N ASP A 120 -5.48 -16.23 1.44
CA ASP A 120 -4.76 -17.06 0.46
C ASP A 120 -4.34 -18.43 1.01
N ALA A 121 -5.27 -19.00 1.75
CA ALA A 121 -5.09 -20.29 2.42
C ALA A 121 -5.06 -21.46 1.46
N ASP A 122 -5.24 -21.09 0.23
CA ASP A 122 -5.22 -21.96 -0.94
C ASP A 122 -3.82 -22.49 -1.13
N ALA A 123 -2.84 -21.67 -0.77
CA ALA A 123 -1.43 -22.02 -0.89
C ALA A 123 -0.67 -21.71 0.40
N GLN A 124 -0.69 -22.67 1.33
CA GLN A 124 0.06 -22.60 2.60
C GLN A 124 -0.28 -21.39 3.49
N GLY A 125 -1.39 -20.70 3.23
CA GLY A 125 -1.74 -19.54 4.03
C GLY A 125 -0.78 -18.39 3.83
N ARG A 126 -0.27 -18.25 2.62
CA ARG A 126 0.65 -17.16 2.30
C ARG A 126 -0.15 -15.91 1.99
N SER A 127 -0.64 -15.30 3.05
CA SER A 127 -1.52 -14.15 2.96
C SER A 127 -0.85 -12.88 2.46
N PHE A 128 -1.34 -12.35 1.36
CA PHE A 128 -1.00 -11.01 0.94
C PHE A 128 -1.81 -10.11 1.86
N GLU A 129 -1.15 -9.15 2.48
CA GLU A 129 -1.78 -8.28 3.47
C GLU A 129 -1.17 -6.90 3.31
N LEU A 130 -1.93 -5.86 3.62
CA LEU A 130 -1.48 -4.47 3.46
C LEU A 130 -1.85 -3.67 4.70
N ALA A 131 -1.22 -2.50 4.89
CA ALA A 131 -1.50 -1.65 6.04
C ALA A 131 -1.56 -0.16 5.64
N LEU A 132 -2.44 0.58 6.30
CA LEU A 132 -2.57 2.02 6.10
C LEU A 132 -2.57 2.67 7.48
N ASP A 133 -1.79 3.72 7.65
CA ASP A 133 -1.80 4.51 8.89
C ASP A 133 -2.17 5.93 8.49
N GLY A 134 -2.93 6.62 9.34
CA GLY A 134 -3.36 7.97 9.01
C GLY A 134 -4.42 7.95 7.94
N ASN A 135 -5.19 6.86 7.91
CA ASN A 135 -6.23 6.69 6.92
C ASN A 135 -7.46 7.51 7.31
N HIS A 136 -7.90 8.37 6.41
CA HIS A 136 -9.10 9.18 6.65
C HIS A 136 -10.34 8.33 6.47
N ALA A 137 -10.72 7.63 7.53
CA ALA A 137 -11.95 6.84 7.54
C ALA A 137 -13.15 7.77 7.32
N ALA A 138 -12.98 9.03 7.71
CA ALA A 138 -14.00 10.05 7.51
C ALA A 138 -14.28 10.26 6.01
N THR A 139 -13.30 9.99 5.17
CA THR A 139 -13.48 10.12 3.70
C THR A 139 -13.14 8.83 2.97
N LEU A 140 -13.41 7.68 3.60
CA LEU A 140 -13.01 6.40 3.01
C LEU A 140 -13.69 6.12 1.66
N SER A 141 -12.98 5.38 0.82
CA SER A 141 -13.50 4.94 -0.48
C SER A 141 -12.75 3.69 -0.87
N ALA A 142 -13.43 2.79 -1.56
CA ALA A 142 -12.82 1.53 -2.01
C ALA A 142 -12.38 1.63 -3.48
N GLY A 143 -12.76 2.72 -4.14
CA GLY A 143 -12.43 2.90 -5.54
C GLY A 143 -10.97 3.25 -5.78
N ASN A 144 -10.24 3.46 -4.69
CA ASN A 144 -8.83 3.84 -4.75
C ASN A 144 -7.94 2.64 -5.07
N ILE A 145 -8.52 1.45 -4.96
CA ILE A 145 -7.80 0.23 -5.26
C ILE A 145 -7.85 0.11 -6.77
N VAL A 146 -6.78 -0.40 -7.39
CA VAL A 146 -6.65 -0.44 -8.85
C VAL A 146 -7.84 -1.07 -9.60
N PHE A 147 -8.57 -1.97 -8.97
CA PHE A 147 -9.70 -2.64 -9.60
C PHE A 147 -10.90 -1.73 -9.83
N ALA A 148 -11.00 -0.68 -9.01
CA ALA A 148 -12.11 0.28 -9.08
C ALA A 148 -13.48 -0.45 -9.01
N ALA A 149 -14.48 0.19 -9.58
CA ALA A 149 -15.86 -0.33 -9.70
C ALA A 149 -16.60 -0.63 -8.37
N ALA A 150 -15.95 -0.38 -7.25
CA ALA A 150 -16.53 -0.63 -5.94
C ALA A 150 -17.57 0.45 -5.56
N THR A 151 -18.79 0.23 -6.00
CA THR A 151 -19.90 1.14 -5.68
C THR A 151 -20.23 1.03 -4.19
N PRO A 152 -20.66 2.14 -3.54
CA PRO A 152 -21.08 1.97 -2.15
C PRO A 152 -22.41 1.24 -2.06
N GLY A 153 -22.74 0.75 -0.87
CA GLY A 153 -23.98 0.04 -0.62
C GLY A 153 -23.96 -0.31 0.84
CA CA B . 16.07 0.68 -0.93
CA CA C . 6.36 15.76 -4.80
CA CA D . 11.62 -1.19 -0.42
CA CA E . 2.20 14.13 -2.88
CA CA F . 7.20 -2.82 -0.29
CA CA G . -2.17 12.29 -0.96
N ALA A 1 17.82 11.24 -6.66
CA ALA A 1 16.39 10.82 -6.58
C ALA A 1 16.30 9.32 -6.68
N GLN A 2 15.26 8.74 -6.06
CA GLN A 2 15.06 7.28 -5.96
C GLN A 2 16.16 6.62 -5.09
N GLY A 3 15.88 5.44 -4.59
CA GLY A 3 16.79 4.75 -3.69
C GLY A 3 17.68 3.73 -4.36
N THR A 4 18.31 2.91 -3.53
CA THR A 4 19.16 1.80 -3.98
C THR A 4 18.58 0.56 -3.29
N ASP A 5 19.21 -0.60 -3.41
CA ASP A 5 18.64 -1.82 -2.82
C ASP A 5 19.00 -2.00 -1.35
N GLY A 6 19.68 -1.00 -0.81
CA GLY A 6 19.94 -0.91 0.61
C GLY A 6 18.76 -0.25 1.30
N ASN A 7 18.88 0.11 2.57
CA ASN A 7 17.78 0.81 3.26
C ASN A 7 17.93 2.31 3.00
N ASP A 8 16.85 2.96 2.58
CA ASP A 8 16.89 4.38 2.22
C ASP A 8 15.83 5.21 2.93
N VAL A 9 16.09 6.51 3.04
CA VAL A 9 15.08 7.47 3.47
C VAL A 9 15.06 8.50 2.35
N LEU A 10 13.92 8.61 1.69
CA LEU A 10 13.77 9.46 0.51
C LEU A 10 12.68 10.47 0.75
N ILE A 11 12.92 11.73 0.41
CA ILE A 11 11.93 12.78 0.61
C ILE A 11 11.81 13.56 -0.70
N GLY A 12 10.60 13.67 -1.21
CA GLY A 12 10.37 14.35 -2.47
C GLY A 12 10.18 15.84 -2.30
N SER A 13 10.44 16.57 -3.39
CA SER A 13 10.28 18.01 -3.45
C SER A 13 8.83 18.36 -3.76
N ASP A 14 8.52 19.64 -3.87
CA ASP A 14 7.15 20.09 -4.10
C ASP A 14 6.60 19.85 -5.49
N VAL A 15 7.45 19.55 -6.46
CA VAL A 15 6.99 19.25 -7.82
C VAL A 15 6.57 17.79 -7.92
N GLY A 16 5.90 17.41 -9.00
CA GLY A 16 5.52 16.02 -9.19
C GLY A 16 6.72 15.17 -9.50
N GLU A 17 6.79 13.99 -8.90
CA GLU A 17 7.97 13.11 -9.01
C GLU A 17 7.55 11.64 -9.07
N GLN A 18 8.49 10.79 -9.43
CA GLN A 18 8.32 9.35 -9.33
C GLN A 18 9.47 8.93 -8.43
N ILE A 19 9.16 8.21 -7.37
CA ILE A 19 10.16 7.83 -6.38
C ILE A 19 10.06 6.33 -6.15
N SER A 20 11.15 5.62 -6.38
CA SER A 20 11.19 4.19 -6.15
C SER A 20 12.11 3.91 -4.97
N GLY A 21 11.69 3.00 -4.10
CA GLY A 21 12.50 2.65 -2.95
C GLY A 21 13.43 1.49 -3.25
N GLY A 22 13.08 0.66 -4.22
CA GLY A 22 13.87 -0.52 -4.53
C GLY A 22 13.75 -1.56 -3.43
N ALA A 23 14.70 -2.48 -3.35
CA ALA A 23 14.70 -3.48 -2.28
C ALA A 23 15.11 -2.80 -0.97
N GLY A 24 15.16 -3.57 0.11
CA GLY A 24 15.49 -3.02 1.41
C GLY A 24 14.29 -2.36 2.07
N ASP A 25 14.45 -2.03 3.34
CA ASP A 25 13.37 -1.43 4.13
C ASP A 25 13.52 0.09 4.06
N ASP A 26 12.57 0.75 3.42
CA ASP A 26 12.72 2.18 3.11
C ASP A 26 11.63 3.07 3.66
N ARG A 27 11.86 4.37 3.62
CA ARG A 27 10.81 5.37 3.85
C ARG A 27 10.81 6.26 2.63
N LEU A 28 9.66 6.47 2.05
CA LEU A 28 9.50 7.33 0.89
C LEU A 28 8.49 8.39 1.29
N ASP A 29 8.84 9.65 1.14
CA ASP A 29 7.91 10.75 1.35
C ASP A 29 7.84 11.45 0.02
N GLY A 30 6.65 11.79 -0.44
CA GLY A 30 6.47 12.41 -1.74
C GLY A 30 6.47 13.92 -1.70
N GLY A 31 6.11 14.48 -0.56
CA GLY A 31 6.00 15.93 -0.43
C GLY A 31 4.79 16.44 -1.20
N ALA A 32 4.78 17.72 -1.53
CA ALA A 32 3.68 18.29 -2.30
C ALA A 32 3.79 17.83 -3.76
N GLY A 33 2.77 18.16 -4.54
CA GLY A 33 2.71 17.75 -5.93
C GLY A 33 2.17 16.34 -6.04
N ASP A 34 1.79 15.96 -7.25
CA ASP A 34 1.23 14.63 -7.50
C ASP A 34 2.41 13.69 -7.71
N ASP A 35 2.47 12.59 -6.97
CA ASP A 35 3.66 11.74 -6.97
C ASP A 35 3.36 10.26 -7.17
N LEU A 36 4.32 9.55 -7.73
CA LEU A 36 4.24 8.09 -7.85
C LEU A 36 5.24 7.52 -6.86
N LEU A 37 4.81 6.56 -6.05
CA LEU A 37 5.66 5.99 -5.01
C LEU A 37 5.68 4.47 -5.13
N ASP A 38 6.84 3.92 -5.47
CA ASP A 38 7.02 2.47 -5.65
C ASP A 38 7.80 1.89 -4.48
N GLY A 39 7.14 1.12 -3.62
CA GLY A 39 7.78 0.62 -2.40
C GLY A 39 8.88 -0.41 -2.65
N GLY A 40 8.61 -1.36 -3.52
CA GLY A 40 9.56 -2.42 -3.82
C GLY A 40 9.59 -3.48 -2.74
N ALA A 41 10.52 -4.43 -2.86
CA ALA A 41 10.69 -5.48 -1.86
C ALA A 41 11.09 -4.86 -0.51
N GLY A 42 10.92 -5.62 0.56
CA GLY A 42 11.18 -5.12 1.91
C GLY A 42 9.93 -4.44 2.44
N ARG A 43 9.94 -4.00 3.70
CA ARG A 43 8.79 -3.31 4.28
C ARG A 43 9.08 -1.82 4.26
N ASP A 44 8.10 -1.05 3.80
CA ASP A 44 8.34 0.34 3.48
C ASP A 44 7.25 1.23 4.06
N ARG A 45 7.52 2.52 4.08
CA ARG A 45 6.56 3.52 4.57
C ARG A 45 6.42 4.53 3.44
N LEU A 46 5.21 4.76 2.96
CA LEU A 46 4.98 5.60 1.78
C LEU A 46 4.10 6.79 2.15
N THR A 47 4.71 7.92 2.47
CA THR A 47 3.98 9.13 2.83
C THR A 47 3.66 9.93 1.58
N GLY A 48 2.39 10.00 1.20
CA GLY A 48 2.05 10.69 -0.04
C GLY A 48 2.05 12.19 0.11
N GLY A 49 1.52 12.67 1.22
CA GLY A 49 1.42 14.11 1.46
C GLY A 49 0.38 14.74 0.55
N LEU A 50 0.46 16.05 0.39
CA LEU A 50 -0.47 16.79 -0.46
C LEU A 50 -0.37 16.34 -1.91
N GLY A 51 -1.45 16.55 -2.64
CA GLY A 51 -1.53 16.14 -4.04
C GLY A 51 -2.10 14.74 -4.17
N ALA A 52 -2.44 14.37 -5.40
CA ALA A 52 -2.96 13.04 -5.69
C ALA A 52 -1.74 12.14 -5.89
N ASP A 53 -1.67 11.07 -5.13
CA ASP A 53 -0.50 10.21 -5.14
C ASP A 53 -0.85 8.81 -5.57
N THR A 54 0.00 8.22 -6.39
CA THR A 54 -0.21 6.85 -6.85
C THR A 54 0.80 5.94 -6.18
N PHE A 55 0.32 5.19 -5.20
CA PHE A 55 1.15 4.25 -4.49
C PHE A 55 1.10 2.98 -5.31
N ARG A 56 2.25 2.48 -5.72
CA ARG A 56 2.29 1.42 -6.71
C ARG A 56 3.20 0.28 -6.30
N PHE A 57 2.85 -0.90 -6.78
CA PHE A 57 3.70 -2.07 -6.62
C PHE A 57 4.85 -2.00 -7.62
N ALA A 58 5.92 -2.72 -7.33
CA ALA A 58 6.99 -2.94 -8.29
C ALA A 58 7.18 -4.45 -8.47
N LEU A 59 7.10 -5.16 -7.35
CA LEU A 59 7.17 -6.62 -7.32
C LEU A 59 5.94 -7.11 -6.56
N ARG A 60 5.70 -8.41 -6.57
CA ARG A 60 4.64 -9.00 -5.72
C ARG A 60 5.08 -8.93 -4.25
N GLU A 61 6.36 -8.68 -4.05
CA GLU A 61 6.95 -8.60 -2.71
C GLU A 61 6.70 -7.23 -2.09
N ASP A 62 5.96 -6.37 -2.79
CA ASP A 62 5.70 -5.04 -2.28
C ASP A 62 4.89 -5.08 -1.01
N SER A 63 4.00 -6.07 -0.87
CA SER A 63 3.25 -6.25 0.36
C SER A 63 2.87 -7.71 0.59
N HIS A 64 3.73 -8.41 1.32
CA HIS A 64 3.58 -9.84 1.56
C HIS A 64 4.05 -10.12 2.99
N ARG A 65 3.53 -11.15 3.65
CA ARG A 65 3.94 -11.48 5.02
C ARG A 65 4.37 -12.94 5.14
N SER A 66 5.35 -13.18 6.01
CA SER A 66 5.94 -14.49 6.19
C SER A 66 6.43 -14.55 7.63
N PRO A 67 6.54 -15.75 8.24
CA PRO A 67 7.12 -15.75 9.59
C PRO A 67 8.61 -15.38 9.59
N LEU A 68 9.24 -15.42 8.43
CA LEU A 68 10.64 -15.03 8.28
C LEU A 68 10.79 -13.51 8.24
N GLY A 69 9.66 -12.81 8.20
CA GLY A 69 9.66 -11.37 8.15
C GLY A 69 8.50 -10.84 7.34
N THR A 70 8.07 -9.63 7.67
CA THR A 70 6.97 -9.00 6.95
C THR A 70 7.55 -7.99 5.96
N PHE A 71 6.91 -7.89 4.81
CA PHE A 71 7.33 -6.97 3.77
C PHE A 71 6.14 -6.08 3.41
N SER A 72 5.09 -6.16 4.23
CA SER A 72 3.89 -5.36 4.01
C SER A 72 4.22 -3.90 4.23
N ASP A 73 3.71 -3.05 3.37
CA ASP A 73 4.01 -1.63 3.46
C ASP A 73 2.91 -0.90 4.19
N LEU A 74 3.26 0.25 4.73
CA LEU A 74 2.30 1.14 5.37
C LEU A 74 2.28 2.38 4.53
N ILE A 75 1.11 2.78 4.07
CA ILE A 75 0.98 4.05 3.37
C ILE A 75 0.62 5.01 4.47
N LEU A 76 1.12 6.22 4.36
CA LEU A 76 0.99 7.23 5.39
C LEU A 76 0.33 8.46 4.81
N ASP A 77 -0.53 9.07 5.61
CA ASP A 77 -1.25 10.30 5.23
C ASP A 77 -2.00 10.08 3.92
N PHE A 78 -2.74 8.99 3.88
CA PHE A 78 -3.47 8.58 2.70
C PHE A 78 -4.74 9.40 2.50
N ASP A 79 -4.89 9.93 1.30
CA ASP A 79 -6.09 10.70 0.94
C ASP A 79 -7.01 9.84 0.07
N PRO A 80 -7.99 9.14 0.64
CA PRO A 80 -8.86 8.31 -0.21
C PRO A 80 -9.69 9.09 -1.23
N SER A 81 -9.80 10.39 -1.04
CA SER A 81 -10.52 11.26 -1.97
C SER A 81 -9.67 11.65 -3.20
N GLN A 82 -8.38 11.36 -3.17
CA GLN A 82 -7.46 11.83 -4.23
C GLN A 82 -6.44 10.77 -4.68
N ASP A 83 -5.94 9.99 -3.74
CA ASP A 83 -4.84 9.06 -3.98
C ASP A 83 -5.32 7.73 -4.55
N LYS A 84 -4.38 6.97 -5.14
CA LYS A 84 -4.67 5.69 -5.76
C LYS A 84 -3.70 4.63 -5.25
N ILE A 85 -4.17 3.40 -5.08
CA ILE A 85 -3.32 2.29 -4.64
C ILE A 85 -3.38 1.15 -5.67
N ASP A 86 -2.29 0.90 -6.36
CA ASP A 86 -2.22 -0.20 -7.33
C ASP A 86 -1.67 -1.45 -6.66
N VAL A 87 -2.42 -2.55 -6.73
CA VAL A 87 -2.04 -3.82 -6.09
C VAL A 87 -2.06 -5.01 -7.07
N SER A 88 -1.98 -4.71 -8.35
CA SER A 88 -2.12 -5.74 -9.40
C SER A 88 -1.11 -6.89 -9.31
N ALA A 89 0.08 -6.64 -8.79
CA ALA A 89 1.09 -7.71 -8.69
C ALA A 89 0.82 -8.69 -7.54
N LEU A 90 -0.08 -8.32 -6.65
CA LEU A 90 -0.45 -9.19 -5.54
C LEU A 90 -1.56 -10.08 -6.07
N GLY A 91 -2.56 -9.42 -6.63
CA GLY A 91 -3.65 -10.09 -7.29
C GLY A 91 -4.71 -10.63 -6.35
N PHE A 92 -5.89 -10.05 -6.39
CA PHE A 92 -7.03 -10.50 -5.60
C PHE A 92 -8.15 -10.72 -6.59
N ILE A 93 -8.82 -11.86 -6.48
CA ILE A 93 -9.79 -12.29 -7.50
C ILE A 93 -11.24 -12.34 -6.99
N GLY A 94 -11.41 -12.38 -5.67
CA GLY A 94 -12.75 -12.44 -5.10
C GLY A 94 -13.16 -11.19 -4.36
N LEU A 95 -14.47 -11.00 -4.23
CA LEU A 95 -15.05 -9.79 -3.65
C LEU A 95 -14.64 -9.50 -2.20
N GLY A 96 -14.40 -10.53 -1.40
CA GLY A 96 -13.99 -10.30 -0.03
C GLY A 96 -14.49 -11.24 1.06
N ASN A 97 -13.79 -12.36 1.26
CA ASN A 97 -14.08 -13.29 2.36
C ASN A 97 -12.87 -13.40 3.30
N GLY A 98 -11.79 -12.71 2.94
CA GLY A 98 -10.57 -12.72 3.75
C GLY A 98 -9.63 -13.90 3.55
N TYR A 99 -10.02 -14.83 2.69
CA TYR A 99 -9.21 -16.02 2.44
C TYR A 99 -9.25 -16.37 0.96
N ALA A 100 -8.21 -17.06 0.50
CA ALA A 100 -8.12 -17.59 -0.87
C ALA A 100 -8.28 -16.52 -1.96
N GLY A 101 -7.52 -15.44 -1.85
CA GLY A 101 -7.49 -14.44 -2.90
C GLY A 101 -8.65 -13.48 -2.82
N THR A 102 -9.23 -13.38 -1.65
CA THR A 102 -10.37 -12.49 -1.41
C THR A 102 -10.03 -11.70 -0.16
N LEU A 103 -10.34 -10.41 -0.13
CA LEU A 103 -9.87 -9.55 0.96
C LEU A 103 -10.77 -9.46 2.18
N ALA A 104 -10.18 -9.08 3.30
CA ALA A 104 -10.89 -8.70 4.51
C ALA A 104 -10.16 -7.46 5.01
N VAL A 105 -10.87 -6.63 5.77
CA VAL A 105 -10.32 -5.39 6.27
C VAL A 105 -10.56 -5.32 7.77
N SER A 106 -9.71 -4.60 8.48
CA SER A 106 -9.85 -4.40 9.92
C SER A 106 -9.27 -3.02 10.20
N LEU A 107 -9.61 -2.46 11.35
CA LEU A 107 -9.20 -1.10 11.72
C LEU A 107 -8.59 -1.10 13.11
N SER A 108 -7.87 -0.05 13.44
CA SER A 108 -7.40 0.17 14.80
C SER A 108 -8.57 0.69 15.63
N ALA A 109 -8.39 0.74 16.94
CA ALA A 109 -9.45 1.18 17.86
C ALA A 109 -9.85 2.66 17.71
N ASP A 110 -9.09 3.43 16.94
CA ASP A 110 -9.37 4.85 16.75
C ASP A 110 -9.73 5.10 15.29
N GLY A 111 -9.76 4.02 14.51
CA GLY A 111 -10.08 4.10 13.09
C GLY A 111 -9.00 4.79 12.27
N LEU A 112 -7.89 5.14 12.89
CA LEU A 112 -6.85 5.92 12.19
C LEU A 112 -5.91 5.03 11.38
N ARG A 113 -5.98 3.73 11.62
CA ARG A 113 -5.14 2.77 10.91
C ARG A 113 -6.02 1.67 10.35
N THR A 114 -5.61 1.11 9.24
CA THR A 114 -6.38 0.10 8.51
C THR A 114 -5.46 -1.02 8.13
N TYR A 115 -5.94 -2.26 8.19
CA TYR A 115 -5.14 -3.42 7.81
C TYR A 115 -5.95 -4.28 6.87
N LEU A 116 -5.28 -4.87 5.88
CA LEU A 116 -5.94 -5.69 4.85
C LEU A 116 -5.28 -7.05 4.78
N LYS A 117 -6.07 -8.09 4.56
CA LYS A 117 -5.56 -9.46 4.46
C LYS A 117 -6.32 -10.26 3.41
N SER A 118 -5.59 -11.01 2.59
CA SER A 118 -6.22 -11.84 1.54
C SER A 118 -6.03 -13.36 1.76
N TYR A 119 -4.94 -13.73 2.42
CA TYR A 119 -4.60 -15.14 2.69
C TYR A 119 -4.72 -16.01 1.44
N ASP A 120 -4.01 -15.56 0.42
CA ASP A 120 -4.06 -16.10 -0.93
C ASP A 120 -3.61 -17.55 -1.07
N ALA A 121 -4.24 -18.26 -1.99
CA ALA A 121 -3.90 -19.66 -2.26
C ALA A 121 -3.92 -19.90 -3.76
N ASP A 122 -3.93 -18.80 -4.47
CA ASP A 122 -4.13 -18.76 -5.92
C ASP A 122 -2.95 -19.35 -6.68
N ALA A 123 -1.77 -19.23 -6.10
CA ALA A 123 -0.54 -19.73 -6.74
C ALA A 123 0.56 -20.15 -5.75
N GLN A 124 0.64 -19.50 -4.60
CA GLN A 124 1.77 -19.73 -3.68
C GLN A 124 1.37 -20.14 -2.26
N GLY A 125 0.10 -19.99 -1.90
CA GLY A 125 -0.36 -20.41 -0.58
C GLY A 125 0.22 -19.59 0.57
N ARG A 126 0.55 -18.32 0.30
CA ARG A 126 1.13 -17.43 1.30
C ARG A 126 0.43 -16.10 1.12
N SER A 127 0.32 -15.33 2.18
CA SER A 127 -0.56 -14.16 2.18
C SER A 127 0.08 -12.83 1.80
N PHE A 128 -0.62 -12.13 0.91
CA PHE A 128 -0.36 -10.73 0.66
C PHE A 128 -1.25 -10.00 1.67
N GLU A 129 -0.66 -9.07 2.39
CA GLU A 129 -1.37 -8.34 3.44
C GLU A 129 -0.81 -6.92 3.42
N LEU A 130 -1.64 -5.93 3.70
CA LEU A 130 -1.24 -4.52 3.59
C LEU A 130 -1.64 -3.76 4.86
N ALA A 131 -1.17 -2.53 4.99
CA ALA A 131 -1.55 -1.67 6.09
C ALA A 131 -1.57 -0.20 5.63
N LEU A 132 -2.36 0.61 6.30
CA LEU A 132 -2.47 2.04 6.03
C LEU A 132 -2.49 2.73 7.38
N ASP A 133 -1.77 3.83 7.51
CA ASP A 133 -1.76 4.64 8.74
C ASP A 133 -2.11 6.07 8.34
N GLY A 134 -2.78 6.81 9.19
CA GLY A 134 -3.18 8.18 8.85
C GLY A 134 -4.34 8.16 7.90
N ASN A 135 -5.36 7.38 8.24
CA ASN A 135 -6.53 7.19 7.38
C ASN A 135 -7.60 8.25 7.59
N HIS A 136 -8.00 8.89 6.51
CA HIS A 136 -9.20 9.72 6.50
C HIS A 136 -10.39 8.79 6.31
N ALA A 137 -10.68 8.00 7.33
CA ALA A 137 -11.79 7.06 7.32
C ALA A 137 -13.11 7.80 7.16
N ALA A 138 -13.13 9.05 7.61
CA ALA A 138 -14.30 9.91 7.47
C ALA A 138 -14.64 10.15 5.99
N THR A 139 -13.64 10.04 5.12
CA THR A 139 -13.85 10.24 3.68
C THR A 139 -13.41 9.02 2.87
N LEU A 140 -13.48 7.82 3.46
CA LEU A 140 -13.02 6.61 2.78
C LEU A 140 -13.77 6.34 1.47
N SER A 141 -13.13 5.60 0.58
CA SER A 141 -13.72 5.27 -0.72
C SER A 141 -13.22 3.91 -1.18
N ALA A 142 -13.99 3.25 -2.02
CA ALA A 142 -13.57 1.99 -2.62
C ALA A 142 -12.95 2.24 -4.00
N GLY A 143 -13.09 3.47 -4.48
CA GLY A 143 -12.64 3.81 -5.82
C GLY A 143 -11.14 4.01 -5.93
N ASN A 144 -10.47 4.22 -4.80
CA ASN A 144 -9.03 4.45 -4.79
C ASN A 144 -8.23 3.15 -4.96
N ILE A 145 -8.92 2.02 -5.02
CA ILE A 145 -8.26 0.72 -5.21
C ILE A 145 -8.15 0.50 -6.72
N VAL A 146 -7.14 -0.26 -7.16
CA VAL A 146 -6.88 -0.51 -8.59
C VAL A 146 -8.10 -0.98 -9.40
N PHE A 147 -9.04 -1.65 -8.76
CA PHE A 147 -10.20 -2.20 -9.45
C PHE A 147 -11.14 -1.12 -10.00
N ALA A 148 -11.19 0.03 -9.30
CA ALA A 148 -12.07 1.14 -9.67
C ALA A 148 -13.52 0.64 -9.84
N ALA A 149 -14.27 1.36 -10.66
CA ALA A 149 -15.66 1.02 -11.02
C ALA A 149 -16.58 0.74 -9.82
N ALA A 150 -16.34 1.44 -8.72
CA ALA A 150 -17.12 1.26 -7.50
C ALA A 150 -18.49 1.95 -7.60
N THR A 151 -19.37 1.37 -8.38
CA THR A 151 -20.73 1.88 -8.55
C THR A 151 -21.52 1.67 -7.24
N PRO A 152 -22.41 2.60 -6.88
CA PRO A 152 -23.21 2.33 -5.69
C PRO A 152 -24.29 1.28 -5.96
N GLY A 153 -24.90 0.78 -4.90
CA GLY A 153 -25.95 -0.21 -5.00
C GLY A 153 -26.41 -0.45 -3.58
CA CA B . 16.00 0.78 -0.81
CA CA C . 6.66 15.68 -4.92
CA CA D . 11.74 -1.21 -0.38
CA CA E . 2.39 14.18 -3.01
CA CA F . 7.33 -3.20 0.22
CA CA G . -2.13 12.48 -1.15
N ALA A 1 18.34 11.41 -6.42
CA ALA A 1 16.91 11.15 -6.80
C ALA A 1 16.64 9.68 -6.70
N GLN A 2 15.42 9.31 -6.30
CA GLN A 2 15.00 7.92 -6.01
C GLN A 2 15.96 7.17 -5.08
N GLY A 3 15.71 5.89 -4.88
CA GLY A 3 16.53 5.07 -3.99
C GLY A 3 17.32 4.04 -4.76
N THR A 4 18.03 3.20 -4.03
CA THR A 4 18.85 2.13 -4.58
C THR A 4 18.54 0.87 -3.78
N ASP A 5 19.15 -0.25 -4.08
CA ASP A 5 18.92 -1.45 -3.28
C ASP A 5 19.72 -1.32 -1.99
N GLY A 6 19.02 -1.50 -0.88
CA GLY A 6 19.58 -1.20 0.44
C GLY A 6 18.55 -0.34 1.13
N ASN A 7 18.81 0.13 2.34
CA ASN A 7 17.82 0.93 3.07
C ASN A 7 17.98 2.40 2.73
N ASP A 8 16.90 3.05 2.32
CA ASP A 8 16.92 4.47 1.95
C ASP A 8 15.93 5.28 2.78
N VAL A 9 16.23 6.57 2.94
CA VAL A 9 15.29 7.52 3.52
C VAL A 9 15.17 8.61 2.46
N LEU A 10 13.99 8.71 1.86
CA LEU A 10 13.77 9.61 0.73
C LEU A 10 12.66 10.58 1.07
N ILE A 11 12.85 11.85 0.77
CA ILE A 11 11.83 12.87 1.06
C ILE A 11 11.62 13.69 -0.20
N GLY A 12 10.39 13.76 -0.67
CA GLY A 12 10.06 14.48 -1.88
C GLY A 12 9.74 15.94 -1.64
N SER A 13 9.84 16.72 -2.71
CA SER A 13 9.54 18.15 -2.69
C SER A 13 8.04 18.39 -2.94
N ASP A 14 7.63 19.64 -2.96
CA ASP A 14 6.22 19.99 -3.15
C ASP A 14 5.77 19.89 -4.60
N VAL A 15 6.71 19.72 -5.52
CA VAL A 15 6.39 19.54 -6.93
C VAL A 15 6.03 18.07 -7.17
N GLY A 16 5.44 17.76 -8.32
CA GLY A 16 5.11 16.39 -8.63
C GLY A 16 6.36 15.59 -8.95
N GLU A 17 6.45 14.37 -8.47
CA GLU A 17 7.67 13.55 -8.60
C GLU A 17 7.35 12.07 -8.81
N GLN A 18 8.37 11.32 -9.19
CA GLN A 18 8.30 9.87 -9.31
C GLN A 18 9.47 9.34 -8.49
N ILE A 19 9.18 8.61 -7.41
CA ILE A 19 10.21 8.17 -6.48
C ILE A 19 10.08 6.66 -6.24
N SER A 20 11.10 5.91 -6.62
CA SER A 20 11.12 4.48 -6.42
C SER A 20 12.04 4.11 -5.27
N GLY A 21 11.61 3.19 -4.42
CA GLY A 21 12.40 2.81 -3.26
C GLY A 21 13.36 1.64 -3.49
N GLY A 22 13.01 0.75 -4.41
CA GLY A 22 13.85 -0.42 -4.66
C GLY A 22 13.79 -1.45 -3.54
N ALA A 23 14.72 -2.38 -3.53
CA ALA A 23 14.79 -3.38 -2.47
C ALA A 23 15.26 -2.72 -1.17
N GLY A 24 15.15 -3.45 -0.06
CA GLY A 24 15.56 -2.95 1.24
C GLY A 24 14.41 -2.26 1.96
N ASP A 25 14.60 -2.02 3.24
CA ASP A 25 13.59 -1.38 4.08
C ASP A 25 13.72 0.12 3.89
N ASP A 26 12.72 0.75 3.29
CA ASP A 26 12.83 2.16 2.94
C ASP A 26 11.77 3.01 3.63
N ARG A 27 12.00 4.32 3.65
CA ARG A 27 10.98 5.28 4.06
C ARG A 27 10.94 6.32 2.96
N LEU A 28 9.77 6.53 2.40
CA LEU A 28 9.59 7.47 1.30
C LEU A 28 8.54 8.46 1.72
N ASP A 29 8.83 9.74 1.56
CA ASP A 29 7.83 10.78 1.73
C ASP A 29 7.70 11.43 0.37
N GLY A 30 6.47 11.70 -0.05
CA GLY A 30 6.23 12.28 -1.36
C GLY A 30 6.10 13.79 -1.32
N GLY A 31 5.67 14.32 -0.17
CA GLY A 31 5.44 15.75 -0.05
C GLY A 31 4.19 16.17 -0.81
N ALA A 32 4.02 17.47 -1.02
CA ALA A 32 2.87 17.96 -1.78
C ALA A 32 3.05 17.63 -3.26
N GLY A 33 2.04 17.96 -4.05
CA GLY A 33 2.04 17.65 -5.47
C GLY A 33 1.63 16.21 -5.69
N ASP A 34 1.28 15.88 -6.91
CA ASP A 34 0.86 14.52 -7.25
C ASP A 34 2.11 13.68 -7.41
N ASP A 35 2.17 12.52 -6.79
CA ASP A 35 3.41 11.73 -6.79
C ASP A 35 3.21 10.25 -7.12
N LEU A 36 4.23 9.66 -7.71
CA LEU A 36 4.24 8.23 -8.03
C LEU A 36 5.27 7.59 -7.12
N LEU A 37 4.88 6.56 -6.37
CA LEU A 37 5.78 5.92 -5.41
C LEU A 37 5.81 4.40 -5.58
N ASP A 38 7.01 3.83 -5.64
CA ASP A 38 7.18 2.38 -5.75
C ASP A 38 7.82 1.84 -4.46
N GLY A 39 7.20 0.85 -3.82
CA GLY A 39 7.72 0.34 -2.57
C GLY A 39 8.89 -0.61 -2.71
N GLY A 40 8.73 -1.64 -3.53
CA GLY A 40 9.76 -2.64 -3.73
C GLY A 40 9.81 -3.66 -2.62
N ALA A 41 10.76 -4.58 -2.71
CA ALA A 41 10.97 -5.60 -1.69
C ALA A 41 11.39 -4.92 -0.37
N GLY A 42 11.22 -5.64 0.73
CA GLY A 42 11.49 -5.08 2.06
C GLY A 42 10.25 -4.39 2.57
N ARG A 43 10.21 -4.02 3.86
CA ARG A 43 9.04 -3.34 4.42
C ARG A 43 9.27 -1.85 4.29
N ASP A 44 8.27 -1.14 3.81
CA ASP A 44 8.43 0.26 3.44
C ASP A 44 7.35 1.13 4.07
N ARG A 45 7.62 2.42 4.12
CA ARG A 45 6.68 3.40 4.66
C ARG A 45 6.56 4.44 3.56
N LEU A 46 5.36 4.68 3.07
CA LEU A 46 5.15 5.55 1.91
C LEU A 46 4.16 6.67 2.24
N THR A 47 4.67 7.86 2.53
CA THR A 47 3.82 8.99 2.87
C THR A 47 3.42 9.73 1.60
N GLY A 48 2.15 9.69 1.24
CA GLY A 48 1.72 10.35 0.02
C GLY A 48 1.59 11.84 0.21
N GLY A 49 1.01 12.23 1.34
CA GLY A 49 0.81 13.64 1.63
C GLY A 49 -0.25 14.24 0.72
N LEU A 50 -0.24 15.56 0.63
CA LEU A 50 -1.18 16.28 -0.24
C LEU A 50 -1.01 15.89 -1.69
N GLY A 51 -2.08 16.03 -2.45
CA GLY A 51 -2.09 15.68 -3.87
C GLY A 51 -2.55 14.25 -4.06
N ALA A 52 -2.84 13.90 -5.30
CA ALA A 52 -3.25 12.54 -5.65
C ALA A 52 -1.97 11.73 -5.81
N ASP A 53 -1.89 10.60 -5.14
CA ASP A 53 -0.66 9.81 -5.15
C ASP A 53 -0.98 8.40 -5.57
N THR A 54 -0.05 7.77 -6.29
CA THR A 54 -0.23 6.37 -6.67
C THR A 54 0.88 5.55 -6.05
N PHE A 55 0.47 4.47 -5.40
CA PHE A 55 1.39 3.58 -4.70
C PHE A 55 1.38 2.28 -5.47
N ARG A 56 2.48 2.01 -6.15
CA ARG A 56 2.53 0.89 -7.11
C ARG A 56 3.45 -0.21 -6.64
N PHE A 57 3.09 -1.44 -6.96
CA PHE A 57 3.94 -2.57 -6.68
C PHE A 57 5.10 -2.54 -7.66
N ALA A 58 6.28 -2.94 -7.21
CA ALA A 58 7.41 -3.15 -8.11
C ALA A 58 7.56 -4.67 -8.27
N LEU A 59 7.36 -5.39 -7.18
CA LEU A 59 7.36 -6.85 -7.17
C LEU A 59 6.08 -7.29 -6.48
N ARG A 60 5.69 -8.53 -6.71
CA ARG A 60 4.53 -9.11 -6.00
C ARG A 60 4.80 -9.20 -4.50
N GLU A 61 6.07 -9.21 -4.14
CA GLU A 61 6.50 -9.39 -2.76
C GLU A 61 6.44 -8.09 -1.96
N ASP A 62 6.00 -7.02 -2.59
CA ASP A 62 5.96 -5.70 -1.95
C ASP A 62 5.06 -5.67 -0.72
N SER A 63 4.00 -6.49 -0.73
CA SER A 63 3.00 -6.53 0.34
C SER A 63 2.93 -7.89 1.03
N HIS A 64 4.02 -8.63 0.92
CA HIS A 64 4.04 -10.03 1.38
C HIS A 64 4.46 -10.15 2.84
N ARG A 65 3.90 -11.12 3.55
CA ARG A 65 4.29 -11.41 4.94
C ARG A 65 4.60 -12.89 5.08
N SER A 66 5.39 -13.22 6.10
CA SER A 66 5.81 -14.60 6.33
C SER A 66 5.99 -14.77 7.84
N PRO A 67 6.08 -16.01 8.35
CA PRO A 67 6.36 -16.11 9.79
C PRO A 67 7.78 -15.66 10.15
N LEU A 68 8.63 -15.55 9.14
CA LEU A 68 10.01 -15.09 9.33
C LEU A 68 10.06 -13.56 9.38
N GLY A 69 8.90 -12.93 9.20
CA GLY A 69 8.81 -11.48 9.26
C GLY A 69 7.82 -10.92 8.27
N THR A 70 7.25 -9.78 8.61
CA THR A 70 6.34 -9.07 7.73
C THR A 70 7.16 -8.15 6.83
N PHE A 71 6.93 -8.19 5.52
CA PHE A 71 7.66 -7.35 4.57
C PHE A 71 6.67 -6.46 3.83
N SER A 72 5.45 -6.41 4.36
CA SER A 72 4.40 -5.60 3.78
C SER A 72 4.68 -4.13 4.06
N ASP A 73 3.93 -3.25 3.41
CA ASP A 73 4.17 -1.82 3.53
C ASP A 73 3.07 -1.09 4.26
N LEU A 74 3.42 0.07 4.78
CA LEU A 74 2.47 0.97 5.43
C LEU A 74 2.43 2.21 4.57
N ILE A 75 1.24 2.67 4.24
CA ILE A 75 1.08 3.91 3.49
C ILE A 75 0.64 4.92 4.52
N LEU A 76 1.10 6.15 4.36
CA LEU A 76 0.86 7.23 5.31
C LEU A 76 0.21 8.41 4.61
N ASP A 77 -0.60 9.16 5.36
CA ASP A 77 -1.29 10.37 4.86
C ASP A 77 -2.08 10.03 3.60
N PHE A 78 -2.86 8.97 3.71
CA PHE A 78 -3.62 8.45 2.59
C PHE A 78 -4.94 9.19 2.38
N ASP A 79 -5.18 9.62 1.16
CA ASP A 79 -6.41 10.30 0.78
C ASP A 79 -7.32 9.32 0.04
N PRO A 80 -8.34 8.74 0.71
CA PRO A 80 -9.18 7.75 0.01
C PRO A 80 -10.05 8.31 -1.11
N SER A 81 -10.08 9.62 -1.24
CA SER A 81 -10.85 10.27 -2.31
C SER A 81 -9.99 10.57 -3.54
N GLN A 82 -8.68 10.41 -3.41
CA GLN A 82 -7.74 10.84 -4.47
C GLN A 82 -6.62 9.84 -4.79
N ASP A 83 -6.15 9.13 -3.79
CA ASP A 83 -4.97 8.27 -3.95
C ASP A 83 -5.33 6.92 -4.55
N LYS A 84 -4.36 6.27 -5.16
CA LYS A 84 -4.56 5.00 -5.87
C LYS A 84 -3.57 3.94 -5.40
N ILE A 85 -4.02 2.70 -5.33
CA ILE A 85 -3.17 1.58 -4.94
C ILE A 85 -3.19 0.52 -6.04
N ASP A 86 -2.04 0.35 -6.68
CA ASP A 86 -1.88 -0.61 -7.77
C ASP A 86 -1.29 -1.90 -7.24
N VAL A 87 -2.11 -2.94 -7.18
CA VAL A 87 -1.72 -4.25 -6.66
C VAL A 87 -2.18 -5.36 -7.61
N SER A 88 -2.19 -5.03 -8.90
CA SER A 88 -2.67 -5.95 -9.94
C SER A 88 -1.90 -7.28 -10.01
N ALA A 89 -0.68 -7.31 -9.50
CA ALA A 89 0.14 -8.52 -9.54
C ALA A 89 -0.39 -9.65 -8.63
N LEU A 90 -1.21 -9.30 -7.65
CA LEU A 90 -1.69 -10.29 -6.69
C LEU A 90 -2.98 -10.92 -7.23
N GLY A 91 -3.79 -10.06 -7.79
CA GLY A 91 -5.06 -10.46 -8.40
C GLY A 91 -6.22 -10.40 -7.42
N PHE A 92 -7.27 -9.69 -7.80
CA PHE A 92 -8.45 -9.52 -6.98
C PHE A 92 -9.65 -9.68 -7.90
N ILE A 93 -10.74 -10.26 -7.41
CA ILE A 93 -11.94 -10.43 -8.23
C ILE A 93 -13.27 -10.46 -7.43
N GLY A 94 -13.21 -10.71 -6.12
CA GLY A 94 -14.43 -10.86 -5.35
C GLY A 94 -14.76 -9.72 -4.39
N LEU A 95 -16.01 -9.72 -3.93
CA LEU A 95 -16.55 -8.63 -3.11
C LEU A 95 -15.89 -8.39 -1.75
N GLY A 96 -15.44 -9.44 -1.07
CA GLY A 96 -14.84 -9.26 0.24
C GLY A 96 -15.06 -10.33 1.29
N ASN A 97 -14.32 -11.43 1.19
CA ASN A 97 -14.35 -12.50 2.20
C ASN A 97 -13.00 -12.60 2.93
N GLY A 98 -12.02 -11.84 2.46
CA GLY A 98 -10.69 -11.86 3.03
C GLY A 98 -9.77 -12.97 2.53
N TYR A 99 -10.31 -13.81 1.65
CA TYR A 99 -9.56 -14.93 1.09
C TYR A 99 -9.82 -15.03 -0.39
N ALA A 100 -8.89 -15.62 -1.12
CA ALA A 100 -9.01 -15.88 -2.55
C ALA A 100 -9.28 -14.64 -3.41
N GLY A 101 -8.52 -13.58 -3.19
CA GLY A 101 -8.62 -12.40 -4.04
C GLY A 101 -9.84 -11.56 -3.71
N THR A 102 -10.23 -11.61 -2.44
CA THR A 102 -11.37 -10.84 -1.96
C THR A 102 -10.90 -10.21 -0.67
N LEU A 103 -11.30 -8.97 -0.41
CA LEU A 103 -10.72 -8.22 0.71
C LEU A 103 -11.43 -8.37 2.06
N ALA A 104 -10.65 -8.21 3.12
CA ALA A 104 -11.20 -8.06 4.47
C ALA A 104 -10.43 -6.89 5.05
N VAL A 105 -11.08 -6.15 5.94
CA VAL A 105 -10.50 -4.94 6.50
C VAL A 105 -10.66 -4.97 8.03
N SER A 106 -9.72 -4.33 8.71
CA SER A 106 -9.76 -4.21 10.16
C SER A 106 -9.22 -2.82 10.48
N LEU A 107 -9.56 -2.28 11.63
CA LEU A 107 -9.14 -0.94 12.02
C LEU A 107 -8.52 -0.97 13.39
N SER A 108 -7.73 0.05 13.69
CA SER A 108 -7.25 0.29 15.04
C SER A 108 -8.43 0.84 15.83
N ALA A 109 -8.35 0.82 17.16
CA ALA A 109 -9.44 1.26 18.02
C ALA A 109 -9.74 2.77 17.92
N ASP A 110 -8.92 3.51 17.18
CA ASP A 110 -9.08 4.95 17.01
C ASP A 110 -9.48 5.24 15.56
N GLY A 111 -9.57 4.19 14.76
CA GLY A 111 -9.90 4.33 13.35
C GLY A 111 -8.79 4.96 12.53
N LEU A 112 -7.67 5.28 13.16
CA LEU A 112 -6.60 6.03 12.48
C LEU A 112 -5.72 5.13 11.64
N ARG A 113 -5.75 3.85 11.94
CA ARG A 113 -4.93 2.86 11.22
C ARG A 113 -5.83 1.77 10.69
N THR A 114 -5.46 1.23 9.54
CA THR A 114 -6.29 0.28 8.81
C THR A 114 -5.42 -0.88 8.35
N TYR A 115 -5.95 -2.09 8.39
CA TYR A 115 -5.21 -3.28 7.99
C TYR A 115 -6.08 -4.06 7.03
N LEU A 116 -5.49 -4.60 5.98
CA LEU A 116 -6.26 -5.32 4.95
C LEU A 116 -5.67 -6.70 4.68
N LYS A 117 -6.55 -7.65 4.40
CA LYS A 117 -6.15 -9.04 4.10
C LYS A 117 -6.83 -9.40 2.78
N SER A 118 -6.26 -10.34 2.03
CA SER A 118 -6.88 -10.77 0.77
C SER A 118 -6.61 -12.23 0.38
N TYR A 119 -5.44 -12.75 0.74
CA TYR A 119 -5.05 -14.14 0.43
C TYR A 119 -5.24 -14.41 -1.07
N ASP A 120 -4.67 -13.50 -1.86
CA ASP A 120 -4.87 -13.43 -3.30
C ASP A 120 -4.53 -14.70 -4.08
N ALA A 121 -5.55 -15.30 -4.70
CA ALA A 121 -5.37 -16.56 -5.41
C ALA A 121 -5.70 -16.48 -6.88
N ASP A 122 -5.93 -15.28 -7.33
CA ASP A 122 -6.30 -15.04 -8.73
C ASP A 122 -5.06 -15.04 -9.62
N ALA A 123 -3.96 -14.49 -9.14
CA ALA A 123 -2.71 -14.43 -9.91
C ALA A 123 -1.48 -14.94 -9.14
N GLN A 124 -1.63 -15.28 -7.86
CA GLN A 124 -0.49 -15.72 -7.05
C GLN A 124 -0.68 -17.02 -6.27
N GLY A 125 -1.79 -17.13 -5.57
CA GLY A 125 -2.03 -18.28 -4.71
C GLY A 125 -1.20 -18.17 -3.44
N ARG A 126 -1.00 -16.94 -2.98
CA ARG A 126 -0.16 -16.67 -1.81
C ARG A 126 -0.85 -15.61 -0.97
N SER A 127 -0.48 -15.50 0.29
CA SER A 127 -1.10 -14.50 1.16
C SER A 127 -0.31 -13.21 1.13
N PHE A 128 -1.04 -12.11 1.14
CA PHE A 128 -0.47 -10.78 1.16
C PHE A 128 -1.33 -9.97 2.10
N GLU A 129 -0.74 -8.96 2.72
CA GLU A 129 -1.46 -8.09 3.64
C GLU A 129 -0.98 -6.67 3.44
N LEU A 130 -1.84 -5.70 3.69
CA LEU A 130 -1.48 -4.29 3.55
C LEU A 130 -1.85 -3.58 4.84
N ALA A 131 -1.25 -2.42 5.06
CA ALA A 131 -1.56 -1.61 6.22
C ALA A 131 -1.50 -0.15 5.81
N LEU A 132 -2.31 0.67 6.45
CA LEU A 132 -2.38 2.10 6.18
C LEU A 132 -2.39 2.77 7.54
N ASP A 133 -1.67 3.86 7.69
CA ASP A 133 -1.66 4.65 8.93
C ASP A 133 -1.99 6.08 8.54
N GLY A 134 -2.61 6.85 9.42
CA GLY A 134 -2.97 8.22 9.09
C GLY A 134 -4.13 8.26 8.11
N ASN A 135 -5.15 7.47 8.41
CA ASN A 135 -6.29 7.32 7.51
C ASN A 135 -7.39 8.33 7.74
N HIS A 136 -7.90 8.87 6.65
CA HIS A 136 -9.14 9.64 6.67
C HIS A 136 -10.29 8.64 6.55
N ALA A 137 -10.42 7.79 7.58
CA ALA A 137 -11.46 6.77 7.60
C ALA A 137 -12.85 7.41 7.59
N ALA A 138 -12.92 8.64 8.08
CA ALA A 138 -14.17 9.42 8.07
C ALA A 138 -14.64 9.68 6.64
N THR A 139 -13.73 9.67 5.67
CA THR A 139 -14.08 9.90 4.26
C THR A 139 -13.67 8.72 3.39
N LEU A 140 -13.65 7.51 3.95
CA LEU A 140 -13.21 6.33 3.22
C LEU A 140 -14.03 6.10 1.95
N SER A 141 -13.39 5.51 0.95
CA SER A 141 -14.01 5.22 -0.33
C SER A 141 -13.25 4.04 -0.93
N ALA A 142 -13.91 3.28 -1.80
CA ALA A 142 -13.31 2.12 -2.44
C ALA A 142 -12.62 2.51 -3.76
N GLY A 143 -12.62 3.80 -4.08
CA GLY A 143 -12.06 4.28 -5.34
C GLY A 143 -10.57 4.04 -5.54
N ASN A 144 -9.86 3.71 -4.46
CA ASN A 144 -8.41 3.50 -4.52
C ASN A 144 -8.00 2.29 -5.36
N ILE A 145 -8.92 1.35 -5.52
CA ILE A 145 -8.60 0.06 -6.12
C ILE A 145 -8.37 0.19 -7.63
N VAL A 146 -7.20 -0.26 -8.10
CA VAL A 146 -6.82 -0.18 -9.52
C VAL A 146 -7.78 -0.93 -10.45
N PHE A 147 -8.43 -1.95 -9.94
CA PHE A 147 -9.39 -2.75 -10.72
C PHE A 147 -10.67 -1.96 -11.00
N ALA A 148 -10.91 -0.92 -10.21
CA ALA A 148 -12.11 -0.07 -10.32
C ALA A 148 -13.38 -0.93 -10.21
N ALA A 149 -14.48 -0.40 -10.76
CA ALA A 149 -15.78 -1.07 -10.77
C ALA A 149 -16.26 -1.49 -9.36
N ALA A 150 -15.86 -0.73 -8.36
CA ALA A 150 -16.21 -1.03 -6.98
C ALA A 150 -17.74 -0.88 -6.79
N THR A 151 -18.28 -1.63 -5.85
CA THR A 151 -19.71 -1.59 -5.55
C THR A 151 -20.06 -0.19 -4.99
N PRO A 152 -21.24 0.36 -5.34
CA PRO A 152 -21.59 1.68 -4.82
C PRO A 152 -22.09 1.64 -3.37
N GLY A 153 -22.35 2.81 -2.81
CA GLY A 153 -22.91 2.93 -1.49
C GLY A 153 -23.54 4.31 -1.45
CA CA B . 16.04 0.96 -1.10
CA CA C . 6.09 15.69 -4.40
CA CA D . 11.74 -1.22 -0.45
CA CA E . 1.91 13.91 -2.79
CA CA F . 7.47 -3.47 0.31
CA CA G . -2.50 11.90 -1.15
N ALA A 1 14.10 11.98 -6.75
CA ALA A 1 14.86 11.12 -5.82
C ALA A 1 14.47 9.66 -6.02
N GLN A 2 15.40 8.75 -5.79
CA GLN A 2 15.15 7.32 -5.99
C GLN A 2 16.15 6.59 -5.12
N GLY A 3 15.87 5.34 -4.77
CA GLY A 3 16.73 4.59 -3.88
C GLY A 3 17.50 3.49 -4.57
N THR A 4 18.11 2.64 -3.76
CA THR A 4 18.86 1.47 -4.22
C THR A 4 18.24 0.26 -3.53
N ASP A 5 18.78 -0.94 -3.69
CA ASP A 5 18.16 -2.13 -3.09
C ASP A 5 18.54 -2.30 -1.62
N GLY A 6 19.28 -1.34 -1.12
CA GLY A 6 19.57 -1.24 0.30
C GLY A 6 18.44 -0.50 1.01
N ASN A 7 18.65 -0.08 2.25
CA ASN A 7 17.61 0.68 2.95
C ASN A 7 17.78 2.16 2.62
N ASP A 8 16.69 2.85 2.28
CA ASP A 8 16.75 4.26 1.89
C ASP A 8 15.75 5.10 2.68
N VAL A 9 16.09 6.35 2.92
CA VAL A 9 15.16 7.33 3.50
C VAL A 9 15.15 8.49 2.53
N LEU A 10 14.03 8.70 1.85
CA LEU A 10 13.94 9.72 0.81
C LEU A 10 12.86 10.75 1.13
N ILE A 11 13.10 11.97 0.69
CA ILE A 11 12.16 13.08 0.87
C ILE A 11 11.91 13.66 -0.52
N GLY A 12 10.65 13.88 -0.87
CA GLY A 12 10.33 14.43 -2.17
C GLY A 12 10.37 15.96 -2.15
N SER A 13 10.14 16.54 -3.31
CA SER A 13 10.13 18.00 -3.48
C SER A 13 8.73 18.42 -3.92
N ASP A 14 8.50 19.71 -4.09
CA ASP A 14 7.17 20.22 -4.41
C ASP A 14 6.69 19.91 -5.83
N VAL A 15 7.62 19.60 -6.72
CA VAL A 15 7.25 19.25 -8.10
C VAL A 15 6.77 17.81 -8.15
N GLY A 16 6.14 17.42 -9.26
CA GLY A 16 5.70 16.05 -9.41
C GLY A 16 6.90 15.14 -9.63
N GLU A 17 6.90 13.98 -9.01
CA GLU A 17 8.05 13.07 -9.06
C GLU A 17 7.64 11.61 -9.17
N GLN A 18 8.57 10.79 -9.64
CA GLN A 18 8.41 9.35 -9.67
C GLN A 18 9.53 8.81 -8.79
N ILE A 19 9.16 8.30 -7.62
CA ILE A 19 10.13 7.89 -6.61
C ILE A 19 10.02 6.39 -6.41
N SER A 20 11.14 5.70 -6.57
CA SER A 20 11.16 4.25 -6.39
C SER A 20 12.06 3.87 -5.23
N GLY A 21 11.57 3.00 -4.37
CA GLY A 21 12.33 2.56 -3.21
C GLY A 21 13.14 1.31 -3.48
N GLY A 22 12.67 0.46 -4.38
CA GLY A 22 13.37 -0.79 -4.68
C GLY A 22 13.28 -1.76 -3.51
N ALA A 23 14.21 -2.71 -3.44
CA ALA A 23 14.24 -3.65 -2.33
C ALA A 23 14.71 -2.94 -1.05
N GLY A 24 14.80 -3.67 0.04
CA GLY A 24 15.21 -3.09 1.31
C GLY A 24 14.07 -2.36 1.99
N ASP A 25 14.28 -2.01 3.25
CA ASP A 25 13.28 -1.34 4.07
C ASP A 25 13.43 0.17 3.87
N ASP A 26 12.44 0.80 3.28
CA ASP A 26 12.54 2.21 2.92
C ASP A 26 11.52 3.09 3.61
N ARG A 27 11.80 4.39 3.61
CA ARG A 27 10.82 5.39 4.03
C ARG A 27 10.79 6.40 2.90
N LEU A 28 9.65 6.51 2.26
CA LEU A 28 9.49 7.38 1.11
C LEU A 28 8.56 8.50 1.48
N ASP A 29 8.78 9.67 0.90
CA ASP A 29 7.92 10.81 1.07
C ASP A 29 7.90 11.50 -0.28
N GLY A 30 6.73 11.94 -0.71
CA GLY A 30 6.55 12.57 -2.00
C GLY A 30 6.48 14.08 -1.90
N GLY A 31 6.14 14.59 -0.72
CA GLY A 31 5.96 16.02 -0.54
C GLY A 31 4.78 16.54 -1.35
N ALA A 32 4.78 17.83 -1.67
CA ALA A 32 3.70 18.41 -2.46
C ALA A 32 3.79 17.96 -3.93
N GLY A 33 2.78 18.31 -4.71
CA GLY A 33 2.72 17.91 -6.11
C GLY A 33 2.21 16.49 -6.23
N ASP A 34 1.85 16.09 -7.44
CA ASP A 34 1.31 14.75 -7.66
C ASP A 34 2.49 13.79 -7.82
N ASP A 35 2.47 12.65 -7.13
CA ASP A 35 3.66 11.78 -7.10
C ASP A 35 3.35 10.30 -7.29
N LEU A 36 4.35 9.56 -7.77
CA LEU A 36 4.26 8.12 -7.89
C LEU A 36 5.27 7.55 -6.91
N LEU A 37 4.86 6.61 -6.07
CA LEU A 37 5.74 6.03 -5.07
C LEU A 37 5.75 4.50 -5.18
N ASP A 38 6.85 3.95 -5.69
CA ASP A 38 6.98 2.50 -5.90
C ASP A 38 7.70 1.89 -4.67
N GLY A 39 6.99 1.16 -3.84
CA GLY A 39 7.56 0.66 -2.60
C GLY A 39 8.64 -0.40 -2.76
N GLY A 40 8.38 -1.40 -3.58
CA GLY A 40 9.31 -2.49 -3.81
C GLY A 40 9.30 -3.51 -2.69
N ALA A 41 10.18 -4.50 -2.77
CA ALA A 41 10.28 -5.53 -1.73
C ALA A 41 10.73 -4.90 -0.40
N GLY A 42 10.52 -5.62 0.69
CA GLY A 42 10.85 -5.12 2.02
C GLY A 42 9.67 -4.37 2.62
N ARG A 43 9.72 -4.08 3.91
CA ARG A 43 8.62 -3.36 4.58
C ARG A 43 8.92 -1.87 4.42
N ASP A 44 7.96 -1.14 3.89
CA ASP A 44 8.18 0.26 3.53
C ASP A 44 7.13 1.16 4.14
N ARG A 45 7.43 2.44 4.17
CA ARG A 45 6.50 3.46 4.69
C ARG A 45 6.43 4.47 3.58
N LEU A 46 5.25 4.75 3.08
CA LEU A 46 5.08 5.60 1.90
C LEU A 46 4.20 6.79 2.24
N THR A 47 4.77 7.99 2.19
CA THR A 47 4.04 9.21 2.53
C THR A 47 3.76 9.99 1.26
N GLY A 48 2.50 10.19 0.93
CA GLY A 48 2.18 10.86 -0.33
C GLY A 48 2.27 12.37 -0.24
N GLY A 49 1.84 12.93 0.87
CA GLY A 49 1.81 14.37 1.03
C GLY A 49 0.64 14.98 0.26
N LEU A 50 0.67 16.29 0.10
CA LEU A 50 -0.36 16.99 -0.67
C LEU A 50 -0.30 16.57 -2.13
N GLY A 51 -1.42 16.72 -2.82
CA GLY A 51 -1.50 16.34 -4.22
C GLY A 51 -2.05 14.92 -4.35
N ALA A 52 -2.40 14.53 -5.57
CA ALA A 52 -2.92 13.20 -5.85
C ALA A 52 -1.71 12.29 -6.01
N ASP A 53 -1.66 11.21 -5.26
CA ASP A 53 -0.50 10.33 -5.26
C ASP A 53 -0.90 8.92 -5.57
N THR A 54 -0.05 8.18 -6.25
CA THR A 54 -0.30 6.76 -6.48
C THR A 54 0.79 5.97 -5.80
N PHE A 55 0.36 4.96 -5.06
CA PHE A 55 1.27 4.11 -4.31
C PHE A 55 1.28 2.79 -5.05
N ARG A 56 2.46 2.34 -5.42
CA ARG A 56 2.59 1.29 -6.41
C ARG A 56 3.45 0.12 -5.98
N PHE A 57 3.09 -1.03 -6.51
CA PHE A 57 3.88 -2.24 -6.38
C PHE A 57 5.08 -2.17 -7.31
N ALA A 58 6.05 -3.04 -7.09
CA ALA A 58 7.12 -3.28 -8.06
C ALA A 58 7.34 -4.80 -8.21
N LEU A 59 7.05 -5.55 -7.16
CA LEU A 59 7.18 -7.01 -7.17
C LEU A 59 5.99 -7.57 -6.38
N ARG A 60 5.65 -8.84 -6.55
CA ARG A 60 4.55 -9.45 -5.77
C ARG A 60 4.87 -9.49 -4.26
N GLU A 61 6.14 -9.43 -3.92
CA GLU A 61 6.57 -9.46 -2.52
C GLU A 61 6.50 -8.08 -1.86
N ASP A 62 5.87 -7.13 -2.55
CA ASP A 62 5.77 -5.76 -2.05
C ASP A 62 5.07 -5.65 -0.72
N SER A 63 4.01 -6.42 -0.54
CA SER A 63 3.23 -6.39 0.71
C SER A 63 2.81 -7.81 1.06
N HIS A 64 3.57 -8.41 1.96
CA HIS A 64 3.43 -9.82 2.27
C HIS A 64 3.77 -10.01 3.75
N ARG A 65 3.39 -11.12 4.35
CA ARG A 65 3.84 -11.44 5.72
C ARG A 65 4.24 -12.91 5.76
N SER A 66 5.04 -13.29 6.73
CA SER A 66 5.56 -14.64 6.84
C SER A 66 5.87 -14.86 8.33
N PRO A 67 6.17 -16.10 8.76
CA PRO A 67 6.52 -16.20 10.19
C PRO A 67 7.88 -15.58 10.54
N LEU A 68 8.65 -15.18 9.52
CA LEU A 68 9.93 -14.51 9.74
C LEU A 68 9.70 -13.04 10.06
N GLY A 69 8.46 -12.59 9.94
CA GLY A 69 8.11 -11.22 10.24
C GLY A 69 7.18 -10.63 9.21
N THR A 70 6.72 -9.42 9.46
CA THR A 70 5.87 -8.72 8.51
C THR A 70 6.75 -8.06 7.46
N PHE A 71 6.27 -7.99 6.23
CA PHE A 71 6.96 -7.29 5.13
C PHE A 71 5.91 -6.42 4.44
N SER A 72 4.79 -6.21 5.12
CA SER A 72 3.69 -5.41 4.57
C SER A 72 4.05 -3.95 4.68
N ASP A 73 3.54 -3.14 3.75
CA ASP A 73 3.82 -1.71 3.74
C ASP A 73 2.76 -0.93 4.51
N LEU A 74 3.12 0.29 4.86
CA LEU A 74 2.24 1.21 5.56
C LEU A 74 2.17 2.50 4.76
N ILE A 75 0.98 3.02 4.51
CA ILE A 75 0.81 4.26 3.75
C ILE A 75 0.37 5.37 4.69
N LEU A 76 0.93 6.54 4.43
CA LEU A 76 0.72 7.76 5.21
C LEU A 76 0.27 8.86 4.24
N ASP A 77 -0.42 9.86 4.78
CA ASP A 77 -0.88 11.04 4.02
C ASP A 77 -1.72 10.63 2.80
N PHE A 78 -2.49 9.57 2.98
CA PHE A 78 -3.38 9.08 1.94
C PHE A 78 -4.67 9.87 1.97
N ASP A 79 -4.99 10.47 0.83
CA ASP A 79 -6.21 11.24 0.65
C ASP A 79 -7.19 10.33 -0.09
N PRO A 80 -8.28 9.86 0.55
CA PRO A 80 -9.08 8.84 -0.14
C PRO A 80 -9.85 9.33 -1.37
N SER A 81 -10.03 10.64 -1.49
CA SER A 81 -10.74 11.22 -2.62
C SER A 81 -9.81 11.47 -3.82
N GLN A 82 -8.50 11.38 -3.61
CA GLN A 82 -7.53 11.78 -4.64
C GLN A 82 -6.39 10.79 -4.90
N ASP A 83 -5.93 10.12 -3.86
CA ASP A 83 -4.80 9.20 -3.99
C ASP A 83 -5.30 7.82 -4.43
N LYS A 84 -4.40 6.99 -4.96
CA LYS A 84 -4.79 5.65 -5.43
C LYS A 84 -3.72 4.61 -5.09
N ILE A 85 -4.11 3.34 -5.03
CA ILE A 85 -3.16 2.26 -4.75
C ILE A 85 -3.19 1.21 -5.88
N ASP A 86 -2.05 0.99 -6.52
CA ASP A 86 -1.92 -0.02 -7.56
C ASP A 86 -1.37 -1.30 -6.92
N VAL A 87 -2.12 -2.39 -7.05
CA VAL A 87 -1.77 -3.67 -6.41
C VAL A 87 -1.80 -4.84 -7.41
N SER A 88 -1.59 -4.54 -8.68
CA SER A 88 -1.68 -5.57 -9.74
C SER A 88 -0.75 -6.77 -9.54
N ALA A 89 0.45 -6.57 -9.01
CA ALA A 89 1.37 -7.70 -8.79
C ALA A 89 0.93 -8.63 -7.64
N LEU A 90 0.06 -8.15 -6.78
CA LEU A 90 -0.44 -8.97 -5.67
C LEU A 90 -1.62 -9.73 -6.23
N GLY A 91 -2.26 -9.10 -7.20
CA GLY A 91 -3.25 -9.78 -8.03
C GLY A 91 -4.62 -9.97 -7.42
N PHE A 92 -5.04 -9.05 -6.56
CA PHE A 92 -6.37 -9.14 -5.97
C PHE A 92 -7.38 -9.02 -7.11
N ILE A 93 -8.31 -9.97 -7.18
CA ILE A 93 -9.24 -10.06 -8.31
C ILE A 93 -10.70 -10.08 -7.87
N GLY A 94 -10.98 -10.52 -6.65
CA GLY A 94 -12.36 -10.53 -6.18
C GLY A 94 -12.66 -9.33 -5.33
N LEU A 95 -13.92 -8.91 -5.33
CA LEU A 95 -14.34 -7.69 -4.63
C LEU A 95 -14.15 -7.76 -3.12
N GLY A 96 -14.21 -8.94 -2.53
CA GLY A 96 -13.99 -9.06 -1.10
C GLY A 96 -14.67 -10.20 -0.36
N ASN A 97 -14.20 -11.42 -0.56
CA ASN A 97 -14.68 -12.56 0.23
C ASN A 97 -13.68 -12.82 1.35
N GLY A 98 -12.58 -12.09 1.33
CA GLY A 98 -11.54 -12.21 2.35
C GLY A 98 -10.63 -13.42 2.23
N TYR A 99 -10.74 -14.18 1.14
CA TYR A 99 -9.89 -15.36 0.93
C TYR A 99 -9.50 -15.50 -0.53
N ALA A 100 -8.36 -16.16 -0.76
CA ALA A 100 -7.92 -16.56 -2.10
C ALA A 100 -7.96 -15.43 -3.15
N GLY A 101 -7.25 -14.34 -2.88
CA GLY A 101 -7.15 -13.27 -3.87
C GLY A 101 -8.31 -12.30 -3.81
N THR A 102 -9.03 -12.30 -2.70
CA THR A 102 -10.14 -11.39 -2.49
C THR A 102 -9.92 -10.83 -1.09
N LEU A 103 -10.26 -9.57 -0.86
CA LEU A 103 -9.84 -8.88 0.36
C LEU A 103 -10.83 -8.85 1.51
N ALA A 104 -10.27 -8.69 2.71
CA ALA A 104 -11.01 -8.39 3.92
C ALA A 104 -10.24 -7.24 4.57
N VAL A 105 -10.92 -6.46 5.41
CA VAL A 105 -10.33 -5.30 6.08
C VAL A 105 -10.56 -5.43 7.59
N SER A 106 -9.66 -4.87 8.37
CA SER A 106 -9.72 -4.93 9.83
C SER A 106 -9.01 -3.68 10.37
N LEU A 107 -9.13 -3.44 11.66
CA LEU A 107 -8.54 -2.26 12.31
C LEU A 107 -7.76 -2.68 13.54
N SER A 108 -6.91 -1.80 14.03
CA SER A 108 -6.25 -1.99 15.33
C SER A 108 -7.28 -1.69 16.40
N ALA A 109 -6.96 -2.00 17.66
CA ALA A 109 -7.91 -1.81 18.77
C ALA A 109 -8.42 -0.37 18.89
N ASP A 110 -7.56 0.60 18.58
CA ASP A 110 -7.91 2.00 18.76
C ASP A 110 -8.34 2.63 17.44
N GLY A 111 -8.38 1.82 16.39
CA GLY A 111 -8.67 2.34 15.06
C GLY A 111 -7.49 3.09 14.46
N LEU A 112 -6.40 3.17 15.21
CA LEU A 112 -5.22 3.94 14.80
C LEU A 112 -4.44 3.34 13.64
N ARG A 113 -4.80 2.15 13.21
CA ARG A 113 -4.23 1.53 12.01
C ARG A 113 -5.27 0.64 11.38
N THR A 114 -5.18 0.49 10.07
CA THR A 114 -6.10 -0.34 9.30
C THR A 114 -5.25 -1.42 8.65
N TYR A 115 -5.77 -2.63 8.52
CA TYR A 115 -5.04 -3.72 7.90
C TYR A 115 -5.93 -4.41 6.89
N LEU A 116 -5.34 -4.93 5.83
CA LEU A 116 -6.08 -5.66 4.81
C LEU A 116 -5.40 -6.99 4.58
N LYS A 117 -6.16 -8.03 4.29
CA LYS A 117 -5.61 -9.35 4.04
C LYS A 117 -6.32 -10.00 2.87
N SER A 118 -5.55 -10.67 2.00
CA SER A 118 -6.10 -11.36 0.84
C SER A 118 -6.26 -12.85 1.11
N TYR A 119 -5.57 -13.31 2.15
CA TYR A 119 -5.67 -14.68 2.67
C TYR A 119 -5.52 -15.76 1.59
N ASP A 120 -4.56 -15.54 0.72
CA ASP A 120 -4.22 -16.48 -0.33
C ASP A 120 -3.55 -17.70 0.31
N ALA A 121 -3.71 -18.86 -0.29
CA ALA A 121 -3.07 -20.07 0.20
C ALA A 121 -2.55 -20.85 -0.99
N ASP A 122 -2.54 -20.14 -2.10
CA ASP A 122 -2.30 -20.68 -3.43
C ASP A 122 -0.93 -21.34 -3.55
N ALA A 123 0.02 -20.82 -2.81
CA ALA A 123 1.37 -21.37 -2.78
C ALA A 123 1.84 -21.48 -1.33
N GLN A 124 1.75 -22.69 -0.78
CA GLN A 124 2.21 -22.99 0.58
C GLN A 124 1.66 -22.05 1.66
N GLY A 125 0.42 -21.59 1.49
CA GLY A 125 -0.21 -20.73 2.48
C GLY A 125 0.37 -19.32 2.56
N ARG A 126 1.18 -18.93 1.58
CA ARG A 126 1.76 -17.60 1.57
C ARG A 126 0.69 -16.60 1.13
N SER A 127 0.47 -15.56 1.94
CA SER A 127 -0.58 -14.58 1.67
C SER A 127 -0.11 -13.12 1.71
N PHE A 128 -0.80 -12.29 0.95
CA PHE A 128 -0.53 -10.86 0.92
C PHE A 128 -1.32 -10.16 2.03
N GLU A 129 -0.68 -9.18 2.66
CA GLU A 129 -1.33 -8.37 3.70
C GLU A 129 -0.80 -6.94 3.55
N LEU A 130 -1.65 -5.96 3.82
CA LEU A 130 -1.32 -4.55 3.69
C LEU A 130 -1.69 -3.81 4.97
N ALA A 131 -1.19 -2.60 5.13
CA ALA A 131 -1.54 -1.77 6.27
C ALA A 131 -1.65 -0.30 5.84
N LEU A 132 -2.50 0.42 6.55
CA LEU A 132 -2.68 1.86 6.35
C LEU A 132 -2.64 2.42 7.74
N ASP A 133 -2.18 3.65 7.91
CA ASP A 133 -2.14 4.24 9.25
C ASP A 133 -3.46 4.95 9.55
N GLY A 134 -3.56 5.54 10.73
CA GLY A 134 -4.79 6.19 11.18
C GLY A 134 -4.94 7.57 10.62
N ASN A 135 -4.90 7.65 9.30
CA ASN A 135 -5.04 8.89 8.57
C ASN A 135 -6.41 8.78 7.91
N HIS A 136 -6.69 9.64 6.92
CA HIS A 136 -7.93 9.53 6.16
C HIS A 136 -7.94 8.25 5.29
N ALA A 137 -6.82 7.52 5.33
CA ALA A 137 -6.71 6.21 4.71
C ALA A 137 -7.73 5.23 5.30
N ALA A 138 -8.13 5.45 6.55
CA ALA A 138 -9.08 4.59 7.22
C ALA A 138 -10.49 4.70 6.61
N THR A 139 -10.74 5.77 5.87
CA THR A 139 -12.03 6.01 5.23
C THR A 139 -11.90 5.91 3.71
N LEU A 140 -11.05 5.01 3.26
CA LEU A 140 -10.82 4.82 1.82
C LEU A 140 -12.08 4.35 1.08
N SER A 141 -12.16 4.73 -0.19
CA SER A 141 -13.25 4.33 -1.05
C SER A 141 -12.78 3.14 -1.88
N ALA A 142 -13.71 2.33 -2.37
CA ALA A 142 -13.34 1.22 -3.25
C ALA A 142 -12.81 1.75 -4.59
N GLY A 143 -13.12 3.00 -4.87
CA GLY A 143 -12.68 3.64 -6.10
C GLY A 143 -11.20 3.98 -6.15
N ASN A 144 -10.54 4.10 -5.01
CA ASN A 144 -9.11 4.46 -4.99
C ASN A 144 -8.20 3.23 -5.04
N ILE A 145 -8.70 2.15 -5.63
CA ILE A 145 -7.93 0.91 -5.74
C ILE A 145 -7.89 0.56 -7.23
N VAL A 146 -6.93 -0.26 -7.63
CA VAL A 146 -6.73 -0.65 -9.04
C VAL A 146 -7.97 -1.33 -9.68
N PHE A 147 -8.90 -1.80 -8.86
CA PHE A 147 -10.13 -2.44 -9.36
C PHE A 147 -10.94 -1.51 -10.25
N ALA A 148 -10.93 -0.22 -9.91
CA ALA A 148 -11.74 0.79 -10.59
C ALA A 148 -13.23 0.36 -10.60
N ALA A 149 -14.01 0.97 -11.50
CA ALA A 149 -15.46 0.70 -11.71
C ALA A 149 -16.40 1.01 -10.52
N ALA A 150 -15.89 0.96 -9.30
CA ALA A 150 -16.66 1.25 -8.10
C ALA A 150 -17.03 2.73 -8.02
N THR A 151 -17.97 3.03 -7.15
CA THR A 151 -18.41 4.41 -6.91
C THR A 151 -17.24 5.26 -6.39
N PRO A 152 -17.19 6.55 -6.79
CA PRO A 152 -16.12 7.40 -6.25
C PRO A 152 -16.38 7.76 -4.78
N GLY A 153 -15.43 8.44 -4.17
CA GLY A 153 -15.55 8.89 -2.79
C GLY A 153 -14.58 10.03 -2.64
CA CA B . 15.68 0.63 -1.02
CA CA C . 6.58 15.76 -5.13
CA CA D . 11.41 -1.25 -0.40
CA CA E . 2.40 14.37 -3.24
CA CA F . 7.10 -3.05 0.23
CA CA G . -2.03 12.72 -1.24
N ALA A 1 18.20 10.65 -7.72
CA ALA A 1 16.74 10.42 -7.49
C ALA A 1 16.48 8.93 -7.34
N GLN A 2 15.40 8.59 -6.65
CA GLN A 2 15.03 7.20 -6.32
C GLN A 2 16.08 6.53 -5.40
N GLY A 3 15.70 5.42 -4.78
CA GLY A 3 16.57 4.75 -3.82
C GLY A 3 17.43 3.65 -4.44
N THR A 4 18.40 3.20 -3.67
CA THR A 4 19.28 2.09 -4.07
C THR A 4 18.69 0.83 -3.42
N ASP A 5 19.34 -0.31 -3.54
CA ASP A 5 18.82 -1.56 -2.95
C ASP A 5 19.20 -1.71 -1.48
N GLY A 6 19.85 -0.68 -0.97
CA GLY A 6 20.12 -0.57 0.46
C GLY A 6 18.91 0.06 1.14
N ASN A 7 19.06 0.51 2.38
CA ASN A 7 17.95 1.18 3.08
C ASN A 7 18.03 2.67 2.75
N ASP A 8 16.94 3.28 2.34
CA ASP A 8 16.92 4.69 1.94
C ASP A 8 15.88 5.48 2.74
N VAL A 9 16.15 6.75 2.93
CA VAL A 9 15.18 7.68 3.51
C VAL A 9 15.12 8.86 2.56
N LEU A 10 14.03 8.95 1.80
CA LEU A 10 13.89 9.98 0.78
C LEU A 10 12.65 10.82 1.03
N ILE A 11 12.74 12.11 0.74
CA ILE A 11 11.61 13.02 0.88
C ILE A 11 11.52 13.81 -0.43
N GLY A 12 10.35 13.78 -1.05
CA GLY A 12 10.16 14.46 -2.31
C GLY A 12 9.89 15.95 -2.17
N SER A 13 10.14 16.66 -3.24
CA SER A 13 9.93 18.11 -3.31
C SER A 13 8.46 18.41 -3.61
N ASP A 14 8.12 19.68 -3.72
CA ASP A 14 6.73 20.10 -3.93
C ASP A 14 6.17 19.84 -5.33
N VAL A 15 7.03 19.55 -6.29
CA VAL A 15 6.57 19.25 -7.65
C VAL A 15 6.22 17.76 -7.73
N GLY A 16 5.55 17.36 -8.80
CA GLY A 16 5.20 15.96 -8.97
C GLY A 16 6.42 15.12 -9.29
N GLU A 17 6.53 13.95 -8.66
CA GLU A 17 7.71 13.09 -8.81
C GLU A 17 7.32 11.62 -8.86
N GLN A 18 8.24 10.80 -9.35
CA GLN A 18 8.10 9.35 -9.32
C GLN A 18 9.29 8.85 -8.50
N ILE A 19 9.02 8.21 -7.38
CA ILE A 19 10.08 7.78 -6.46
C ILE A 19 9.94 6.30 -6.17
N SER A 20 10.95 5.54 -6.54
CA SER A 20 10.98 4.11 -6.29
C SER A 20 12.01 3.82 -5.20
N GLY A 21 11.70 2.89 -4.31
CA GLY A 21 12.58 2.60 -3.20
C GLY A 21 13.54 1.45 -3.45
N GLY A 22 13.20 0.54 -4.35
CA GLY A 22 14.02 -0.63 -4.59
C GLY A 22 13.98 -1.60 -3.43
N ALA A 23 14.96 -2.46 -3.31
CA ALA A 23 15.03 -3.40 -2.18
C ALA A 23 15.39 -2.64 -0.90
N GLY A 24 15.46 -3.36 0.21
CA GLY A 24 15.77 -2.73 1.49
C GLY A 24 14.54 -2.12 2.12
N ASP A 25 14.64 -1.77 3.39
CA ASP A 25 13.55 -1.18 4.15
C ASP A 25 13.67 0.33 4.02
N ASP A 26 12.72 0.95 3.34
CA ASP A 26 12.83 2.38 2.98
C ASP A 26 11.75 3.26 3.58
N ARG A 27 11.99 4.56 3.55
CA ARG A 27 10.96 5.56 3.82
C ARG A 27 10.95 6.44 2.59
N LEU A 28 9.79 6.57 1.99
CA LEU A 28 9.62 7.39 0.80
C LEU A 28 8.51 8.37 1.10
N ASP A 29 8.85 9.64 1.18
CA ASP A 29 7.84 10.67 1.36
C ASP A 29 7.73 11.36 0.01
N GLY A 30 6.50 11.64 -0.44
CA GLY A 30 6.29 12.26 -1.73
C GLY A 30 6.26 13.77 -1.63
N GLY A 31 5.87 14.28 -0.47
CA GLY A 31 5.75 15.72 -0.29
C GLY A 31 4.52 16.25 -1.03
N ALA A 32 4.50 17.54 -1.31
CA ALA A 32 3.39 18.12 -2.06
C ALA A 32 3.49 17.72 -3.53
N GLY A 33 2.46 18.05 -4.29
CA GLY A 33 2.39 17.68 -5.69
C GLY A 33 1.88 16.26 -5.82
N ASP A 34 1.50 15.86 -7.02
CA ASP A 34 0.97 14.53 -7.24
C ASP A 34 2.15 13.58 -7.45
N ASP A 35 2.20 12.47 -6.74
CA ASP A 35 3.40 11.62 -6.76
C ASP A 35 3.11 10.14 -6.98
N LEU A 36 4.10 9.45 -7.52
CA LEU A 36 4.05 8.01 -7.73
C LEU A 36 5.09 7.38 -6.82
N LEU A 37 4.70 6.41 -6.01
CA LEU A 37 5.61 5.80 -5.05
C LEU A 37 5.64 4.27 -5.20
N ASP A 38 6.82 3.72 -5.45
CA ASP A 38 7.01 2.27 -5.61
C ASP A 38 7.83 1.72 -4.44
N GLY A 39 7.22 0.89 -3.59
CA GLY A 39 7.93 0.42 -2.41
C GLY A 39 9.13 -0.48 -2.66
N GLY A 40 8.96 -1.47 -3.52
CA GLY A 40 10.01 -2.43 -3.80
C GLY A 40 10.11 -3.48 -2.70
N ALA A 41 11.03 -4.41 -2.85
CA ALA A 41 11.22 -5.46 -1.85
C ALA A 41 11.54 -4.83 -0.48
N GLY A 42 11.21 -5.54 0.59
CA GLY A 42 11.39 -5.03 1.94
C GLY A 42 10.12 -4.34 2.42
N ARG A 43 10.09 -4.03 3.71
CA ARG A 43 8.94 -3.35 4.35
C ARG A 43 9.25 -1.87 4.33
N ASP A 44 8.33 -1.09 3.80
CA ASP A 44 8.58 0.31 3.53
C ASP A 44 7.51 1.21 4.15
N ARG A 45 7.77 2.51 4.15
CA ARG A 45 6.80 3.50 4.64
C ARG A 45 6.63 4.52 3.52
N LEU A 46 5.43 4.58 2.96
CA LEU A 46 5.17 5.42 1.80
C LEU A 46 4.23 6.57 2.18
N THR A 47 4.79 7.74 2.37
CA THR A 47 4.02 8.92 2.78
C THR A 47 3.63 9.73 1.57
N GLY A 48 2.34 9.78 1.25
CA GLY A 48 1.94 10.50 0.03
C GLY A 48 1.99 12.00 0.18
N GLY A 49 1.53 12.50 1.32
CA GLY A 49 1.47 13.93 1.55
C GLY A 49 0.34 14.57 0.76
N LEU A 50 0.39 15.89 0.62
CA LEU A 50 -0.60 16.63 -0.16
C LEU A 50 -0.55 16.22 -1.62
N GLY A 51 -1.67 16.40 -2.31
CA GLY A 51 -1.78 16.02 -3.71
C GLY A 51 -2.28 14.60 -3.85
N ALA A 52 -2.64 14.22 -5.07
CA ALA A 52 -3.11 12.88 -5.36
C ALA A 52 -1.89 11.97 -5.47
N ASP A 53 -1.90 10.84 -4.82
CA ASP A 53 -0.73 9.96 -4.82
C ASP A 53 -1.12 8.55 -5.17
N THR A 54 -0.26 7.87 -5.90
CA THR A 54 -0.50 6.47 -6.23
C THR A 54 0.64 5.63 -5.68
N PHE A 55 0.27 4.57 -5.00
CA PHE A 55 1.22 3.69 -4.35
C PHE A 55 1.13 2.38 -5.09
N ARG A 56 2.23 1.99 -5.73
CA ARG A 56 2.19 0.88 -6.69
C ARG A 56 3.23 -0.19 -6.37
N PHE A 57 2.89 -1.41 -6.74
CA PHE A 57 3.79 -2.54 -6.59
C PHE A 57 4.98 -2.40 -7.55
N ALA A 58 6.11 -2.95 -7.14
CA ALA A 58 7.25 -3.13 -8.04
C ALA A 58 7.47 -4.64 -8.21
N LEU A 59 7.11 -5.40 -7.18
CA LEU A 59 7.19 -6.86 -7.19
C LEU A 59 5.84 -7.32 -6.67
N ARG A 60 5.46 -8.57 -6.87
CA ARG A 60 4.20 -9.06 -6.28
C ARG A 60 4.35 -9.21 -4.76
N GLU A 61 5.58 -9.28 -4.30
CA GLU A 61 5.89 -9.53 -2.89
C GLU A 61 6.12 -8.23 -2.13
N ASP A 62 5.77 -7.13 -2.78
CA ASP A 62 5.97 -5.79 -2.22
C ASP A 62 5.27 -5.58 -0.88
N SER A 63 4.14 -6.25 -0.69
CA SER A 63 3.37 -6.18 0.55
C SER A 63 3.00 -7.61 0.97
N HIS A 64 3.90 -8.26 1.69
CA HIS A 64 3.78 -9.67 1.98
C HIS A 64 4.22 -9.99 3.41
N ARG A 65 3.61 -10.99 4.03
CA ARG A 65 4.00 -11.45 5.37
C ARG A 65 4.42 -12.91 5.26
N SER A 66 5.25 -13.34 6.20
CA SER A 66 5.74 -14.71 6.24
C SER A 66 5.97 -14.99 7.72
N PRO A 67 5.93 -16.27 8.15
CA PRO A 67 6.29 -16.47 9.57
C PRO A 67 7.76 -16.15 9.84
N LEU A 68 8.55 -16.04 8.78
CA LEU A 68 9.98 -15.71 8.88
C LEU A 68 10.22 -14.19 8.93
N GLY A 69 9.15 -13.40 8.86
CA GLY A 69 9.27 -11.95 8.89
C GLY A 69 8.26 -11.28 8.00
N THR A 70 8.06 -9.98 8.17
CA THR A 70 7.07 -9.25 7.39
C THR A 70 7.73 -8.21 6.48
N PHE A 71 7.17 -8.08 5.29
CA PHE A 71 7.68 -7.18 4.27
C PHE A 71 6.53 -6.26 3.84
N SER A 72 5.47 -6.29 4.63
CA SER A 72 4.29 -5.48 4.37
C SER A 72 4.63 -4.01 4.53
N ASP A 73 4.10 -3.18 3.64
CA ASP A 73 4.35 -1.74 3.70
C ASP A 73 3.28 -1.04 4.50
N LEU A 74 3.63 0.14 4.98
CA LEU A 74 2.69 1.03 5.65
C LEU A 74 2.56 2.24 4.75
N ILE A 75 1.36 2.68 4.48
CA ILE A 75 1.15 3.87 3.68
C ILE A 75 0.66 4.93 4.66
N LEU A 76 1.15 6.13 4.45
CA LEU A 76 0.94 7.25 5.38
C LEU A 76 0.41 8.45 4.61
N ASP A 77 -0.28 9.34 5.31
CA ASP A 77 -0.90 10.55 4.73
C ASP A 77 -1.84 10.17 3.59
N PHE A 78 -2.55 9.05 3.79
CA PHE A 78 -3.45 8.54 2.77
C PHE A 78 -4.76 9.32 2.78
N ASP A 79 -5.02 9.97 1.67
CA ASP A 79 -6.25 10.76 1.49
C ASP A 79 -7.41 9.80 1.23
N PRO A 80 -8.60 10.11 1.74
CA PRO A 80 -9.68 9.12 1.62
C PRO A 80 -10.31 9.00 0.25
N SER A 81 -10.05 9.94 -0.65
CA SER A 81 -10.66 9.94 -1.97
C SER A 81 -9.78 10.54 -3.06
N GLN A 82 -8.49 10.67 -2.78
CA GLN A 82 -7.54 11.27 -3.73
C GLN A 82 -6.29 10.41 -3.91
N ASP A 83 -6.12 9.39 -3.08
CA ASP A 83 -4.95 8.54 -3.15
C ASP A 83 -5.39 7.16 -3.58
N LYS A 84 -4.51 6.44 -4.27
CA LYS A 84 -4.88 5.17 -4.92
C LYS A 84 -3.82 4.09 -4.71
N ILE A 85 -4.26 2.85 -4.59
CA ILE A 85 -3.35 1.73 -4.36
C ILE A 85 -3.44 0.75 -5.54
N ASP A 86 -2.30 0.45 -6.15
CA ASP A 86 -2.25 -0.45 -7.30
C ASP A 86 -1.54 -1.76 -6.94
N VAL A 87 -2.29 -2.85 -6.96
CA VAL A 87 -1.79 -4.18 -6.59
C VAL A 87 -2.10 -5.20 -7.69
N SER A 88 -2.01 -4.76 -8.94
CA SER A 88 -2.32 -5.61 -10.10
C SER A 88 -1.45 -6.87 -10.24
N ALA A 89 -0.34 -6.92 -9.52
CA ALA A 89 0.58 -8.06 -9.59
C ALA A 89 0.08 -9.28 -8.82
N LEU A 90 -1.04 -9.14 -8.12
CA LEU A 90 -1.60 -10.26 -7.34
C LEU A 90 -2.80 -10.84 -8.06
N GLY A 91 -3.84 -10.03 -8.13
CA GLY A 91 -5.13 -10.48 -8.63
C GLY A 91 -5.86 -11.14 -7.47
N PHE A 92 -7.17 -11.25 -7.54
CA PHE A 92 -7.95 -11.81 -6.43
C PHE A 92 -9.10 -12.64 -6.99
N ILE A 93 -9.66 -13.52 -6.17
CA ILE A 93 -10.73 -14.42 -6.60
C ILE A 93 -12.05 -14.10 -5.86
N GLY A 94 -11.99 -13.28 -4.83
CA GLY A 94 -13.18 -12.91 -4.09
C GLY A 94 -13.00 -11.65 -3.27
N LEU A 95 -14.05 -11.22 -2.58
CA LEU A 95 -14.03 -9.93 -1.88
C LEU A 95 -14.35 -9.99 -0.37
N GLY A 96 -14.60 -11.18 0.17
CA GLY A 96 -15.16 -11.27 1.52
C GLY A 96 -14.41 -11.90 2.69
N ASN A 97 -13.54 -12.90 2.49
CA ASN A 97 -13.01 -13.64 3.64
C ASN A 97 -11.71 -13.07 4.21
N GLY A 98 -10.91 -12.43 3.38
CA GLY A 98 -9.60 -11.94 3.81
C GLY A 98 -8.54 -13.01 3.74
N TYR A 99 -8.97 -14.19 3.29
CA TYR A 99 -8.10 -15.35 3.18
C TYR A 99 -8.47 -16.04 1.88
N ALA A 100 -7.60 -16.90 1.39
CA ALA A 100 -7.80 -17.66 0.16
C ALA A 100 -8.01 -16.76 -1.07
N GLY A 101 -7.20 -15.70 -1.15
CA GLY A 101 -7.22 -14.83 -2.31
C GLY A 101 -8.44 -13.95 -2.38
N THR A 102 -9.10 -13.74 -1.25
CA THR A 102 -10.27 -12.89 -1.19
C THR A 102 -9.98 -11.76 -0.24
N LEU A 103 -10.47 -10.57 -0.54
CA LEU A 103 -10.15 -9.41 0.29
C LEU A 103 -10.93 -9.35 1.60
N ALA A 104 -10.39 -8.58 2.54
CA ALA A 104 -11.10 -8.09 3.72
C ALA A 104 -10.34 -6.88 4.21
N VAL A 105 -10.99 -6.06 5.03
CA VAL A 105 -10.39 -4.85 5.59
C VAL A 105 -10.63 -4.88 7.10
N SER A 106 -9.76 -4.22 7.85
CA SER A 106 -9.88 -4.14 9.31
C SER A 106 -9.35 -2.79 9.75
N LEU A 107 -9.70 -2.38 10.95
CA LEU A 107 -9.24 -1.10 11.50
C LEU A 107 -8.59 -1.35 12.85
N SER A 108 -7.77 -0.41 13.29
CA SER A 108 -7.14 -0.49 14.59
C SER A 108 -8.11 -0.06 15.68
N ALA A 109 -7.75 -0.33 16.93
CA ALA A 109 -8.58 0.00 18.08
C ALA A 109 -8.66 1.52 18.38
N ASP A 110 -7.94 2.34 17.63
CA ASP A 110 -7.96 3.79 17.84
C ASP A 110 -8.54 4.44 16.59
N GLY A 111 -8.91 3.60 15.62
CA GLY A 111 -9.48 4.08 14.37
C GLY A 111 -8.51 4.85 13.50
N LEU A 112 -7.24 4.88 13.87
CA LEU A 112 -6.26 5.71 13.16
C LEU A 112 -5.53 4.96 12.04
N ARG A 113 -5.70 3.65 12.04
CA ARG A 113 -4.90 2.76 11.20
C ARG A 113 -5.81 1.75 10.55
N THR A 114 -5.41 1.25 9.40
CA THR A 114 -6.22 0.34 8.59
C THR A 114 -5.36 -0.83 8.15
N TYR A 115 -5.96 -2.00 8.01
CA TYR A 115 -5.25 -3.18 7.56
C TYR A 115 -6.07 -3.84 6.47
N LEU A 116 -5.41 -4.42 5.49
CA LEU A 116 -6.08 -5.07 4.38
C LEU A 116 -5.49 -6.47 4.25
N LYS A 117 -6.30 -7.44 3.88
CA LYS A 117 -5.83 -8.83 3.73
C LYS A 117 -6.28 -9.45 2.43
N SER A 118 -5.58 -10.50 2.04
CA SER A 118 -5.95 -11.36 0.91
C SER A 118 -5.53 -12.78 1.27
N TYR A 119 -4.35 -12.89 1.87
CA TYR A 119 -3.82 -14.13 2.45
C TYR A 119 -4.05 -15.39 1.60
N ASP A 120 -3.46 -15.40 0.42
CA ASP A 120 -3.63 -16.47 -0.56
C ASP A 120 -3.08 -17.77 0.02
N ALA A 121 -3.85 -18.85 -0.05
CA ALA A 121 -3.42 -20.15 0.48
C ALA A 121 -3.91 -21.28 -0.39
N ASP A 122 -4.37 -20.90 -1.56
CA ASP A 122 -5.03 -21.79 -2.51
C ASP A 122 -4.03 -22.69 -3.23
N ALA A 123 -2.85 -22.13 -3.46
CA ALA A 123 -1.78 -22.83 -4.17
C ALA A 123 -0.43 -22.16 -3.90
N GLN A 124 -0.43 -20.84 -3.82
CA GLN A 124 0.81 -20.08 -3.64
C GLN A 124 1.25 -19.97 -2.19
N GLY A 125 0.30 -20.03 -1.26
CA GLY A 125 0.63 -19.97 0.16
C GLY A 125 1.34 -18.68 0.55
N ARG A 126 0.90 -17.57 -0.01
CA ARG A 126 1.55 -16.27 0.22
C ARG A 126 0.61 -15.32 0.93
N SER A 127 0.97 -14.97 2.16
CA SER A 127 0.16 -14.04 2.91
C SER A 127 0.36 -12.62 2.44
N PHE A 128 -0.54 -12.18 1.60
CA PHE A 128 -0.50 -10.81 1.09
C PHE A 128 -1.40 -9.97 1.98
N GLU A 129 -0.80 -8.97 2.61
CA GLU A 129 -1.52 -8.07 3.51
C GLU A 129 -0.88 -6.70 3.37
N LEU A 130 -1.66 -5.66 3.63
CA LEU A 130 -1.20 -4.28 3.59
C LEU A 130 -1.58 -3.60 4.89
N ALA A 131 -0.92 -2.50 5.20
CA ALA A 131 -1.25 -1.70 6.36
C ALA A 131 -1.22 -0.24 5.94
N LEU A 132 -2.07 0.55 6.57
CA LEU A 132 -2.12 1.98 6.35
C LEU A 132 -2.10 2.55 7.75
N ASP A 133 -1.50 3.72 7.96
CA ASP A 133 -1.46 4.35 9.29
C ASP A 133 -1.57 5.86 9.07
N GLY A 134 -2.06 6.59 10.07
CA GLY A 134 -2.28 8.02 9.92
C GLY A 134 -3.40 8.25 8.92
N ASN A 135 -4.49 7.51 9.08
CA ASN A 135 -5.55 7.50 8.08
C ASN A 135 -6.76 8.36 8.38
N HIS A 136 -7.36 8.87 7.32
CA HIS A 136 -8.65 9.54 7.37
C HIS A 136 -9.77 8.49 7.33
N ALA A 137 -9.62 7.45 8.15
CA ALA A 137 -10.55 6.33 8.18
C ALA A 137 -11.97 6.80 8.55
N ALA A 138 -12.04 7.85 9.36
CA ALA A 138 -13.33 8.41 9.78
C ALA A 138 -14.13 8.95 8.58
N THR A 139 -13.44 9.26 7.49
CA THR A 139 -14.10 9.80 6.28
C THR A 139 -13.70 9.00 5.04
N LEU A 140 -13.41 7.71 5.21
CA LEU A 140 -12.93 6.87 4.10
C LEU A 140 -13.97 6.74 2.98
N SER A 141 -13.50 6.34 1.80
CA SER A 141 -14.36 6.11 0.64
C SER A 141 -13.82 4.91 -0.13
N ALA A 142 -14.66 4.33 -0.98
CA ALA A 142 -14.30 3.16 -1.76
C ALA A 142 -13.79 3.57 -3.16
N GLY A 143 -13.25 2.61 -3.89
CA GLY A 143 -12.84 2.85 -5.27
C GLY A 143 -11.40 3.29 -5.45
N ASN A 144 -10.67 3.50 -4.36
CA ASN A 144 -9.27 3.93 -4.40
C ASN A 144 -8.27 2.81 -4.76
N ILE A 145 -8.65 1.98 -5.73
CA ILE A 145 -7.83 0.83 -6.14
C ILE A 145 -7.80 0.70 -7.66
N VAL A 146 -6.81 -0.01 -8.17
CA VAL A 146 -6.59 -0.16 -9.61
C VAL A 146 -7.75 -0.81 -10.38
N PHE A 147 -8.58 -1.58 -9.70
CA PHE A 147 -9.64 -2.33 -10.37
C PHE A 147 -10.88 -1.50 -10.68
N ALA A 148 -11.06 -0.43 -9.91
CA ALA A 148 -12.28 0.41 -9.95
C ALA A 148 -13.53 -0.47 -9.72
N ALA A 149 -14.70 0.07 -10.04
CA ALA A 149 -15.99 -0.64 -9.96
C ALA A 149 -16.28 -1.36 -8.61
N ALA A 150 -15.65 -0.91 -7.53
CA ALA A 150 -15.81 -1.56 -6.24
C ALA A 150 -17.14 -1.19 -5.57
N THR A 151 -18.11 -2.07 -5.71
CA THR A 151 -19.39 -1.91 -5.02
C THR A 151 -19.12 -2.11 -3.53
N PRO A 152 -19.84 -1.39 -2.65
CA PRO A 152 -19.60 -1.67 -1.23
C PRO A 152 -20.20 -3.02 -0.83
N GLY A 153 -19.77 -3.53 0.31
CA GLY A 153 -20.25 -4.79 0.83
C GLY A 153 -19.55 -4.96 2.16
CA CA B . 16.11 0.97 -0.93
CA CA C . 6.37 15.64 -4.76
CA CA D . 11.92 -1.17 -0.36
CA CA E . 2.11 14.03 -2.86
CA CA F . 7.52 -3.03 0.03
CA CA G . -2.22 12.29 -0.86
N ALA A 1 13.06 10.93 -5.59
CA ALA A 1 13.59 10.31 -6.83
C ALA A 1 13.66 8.80 -6.68
N GLN A 2 14.31 8.11 -7.61
CA GLN A 2 14.45 6.67 -7.53
C GLN A 2 15.32 6.25 -6.34
N GLY A 3 15.14 5.01 -5.90
CA GLY A 3 15.95 4.44 -4.84
C GLY A 3 16.84 3.36 -5.40
N THR A 4 17.57 2.67 -4.55
CA THR A 4 18.49 1.60 -4.97
C THR A 4 18.28 0.40 -4.06
N ASP A 5 18.99 -0.69 -4.29
CA ASP A 5 18.86 -1.86 -3.43
C ASP A 5 19.63 -1.57 -2.14
N GLY A 6 19.09 -2.05 -1.03
CA GLY A 6 19.58 -1.65 0.28
C GLY A 6 18.53 -0.74 0.88
N ASN A 7 18.77 -0.14 2.04
CA ASN A 7 17.75 0.69 2.67
C ASN A 7 17.88 2.15 2.24
N ASP A 8 16.77 2.80 1.92
CA ASP A 8 16.77 4.21 1.48
C ASP A 8 15.86 5.05 2.37
N VAL A 9 16.22 6.31 2.52
CA VAL A 9 15.37 7.29 3.20
C VAL A 9 15.29 8.47 2.24
N LEU A 10 14.15 8.60 1.56
CA LEU A 10 13.97 9.63 0.55
C LEU A 10 12.80 10.53 0.90
N ILE A 11 12.99 11.83 0.71
CA ILE A 11 11.95 12.81 0.98
C ILE A 11 11.78 13.63 -0.29
N GLY A 12 10.56 13.69 -0.81
CA GLY A 12 10.30 14.40 -2.04
C GLY A 12 10.13 15.88 -1.83
N SER A 13 10.34 16.62 -2.92
CA SER A 13 10.17 18.07 -2.94
C SER A 13 8.73 18.42 -3.27
N ASP A 14 8.41 19.70 -3.33
CA ASP A 14 7.03 20.15 -3.57
C ASP A 14 6.53 19.99 -4.99
N VAL A 15 7.42 19.71 -5.93
CA VAL A 15 7.01 19.47 -7.32
C VAL A 15 6.60 18.02 -7.48
N GLY A 16 5.97 17.69 -8.60
CA GLY A 16 5.58 16.30 -8.85
C GLY A 16 6.80 15.45 -9.15
N GLU A 17 6.85 14.24 -8.61
CA GLU A 17 8.04 13.38 -8.74
C GLU A 17 7.67 11.91 -8.91
N GLN A 18 8.63 11.14 -9.39
CA GLN A 18 8.52 9.68 -9.43
C GLN A 18 9.54 9.19 -8.42
N ILE A 19 9.07 8.43 -7.44
CA ILE A 19 9.87 8.00 -6.30
C ILE A 19 9.76 6.49 -6.20
N SER A 20 10.87 5.82 -5.93
CA SER A 20 10.83 4.37 -5.77
C SER A 20 11.73 3.95 -4.63
N GLY A 21 11.45 2.80 -4.05
CA GLY A 21 12.27 2.27 -2.98
C GLY A 21 13.15 1.12 -3.41
N GLY A 22 12.65 0.29 -4.32
CA GLY A 22 13.41 -0.88 -4.74
C GLY A 22 13.44 -1.91 -3.62
N ALA A 23 14.43 -2.79 -3.60
CA ALA A 23 14.55 -3.76 -2.53
C ALA A 23 14.97 -3.06 -1.24
N GLY A 24 14.85 -3.76 -0.13
CA GLY A 24 15.25 -3.22 1.16
C GLY A 24 14.13 -2.47 1.86
N ASP A 25 14.37 -2.11 3.10
CA ASP A 25 13.40 -1.38 3.92
C ASP A 25 13.58 0.10 3.62
N ASP A 26 12.55 0.74 3.10
CA ASP A 26 12.66 2.14 2.68
C ASP A 26 11.64 3.03 3.35
N ARG A 27 11.97 4.32 3.43
CA ARG A 27 11.03 5.33 3.91
C ARG A 27 10.95 6.35 2.81
N LEU A 28 9.78 6.51 2.25
CA LEU A 28 9.57 7.37 1.10
C LEU A 28 8.53 8.42 1.45
N ASP A 29 8.87 9.67 1.31
CA ASP A 29 7.90 10.76 1.50
C ASP A 29 7.79 11.45 0.15
N GLY A 30 6.58 11.81 -0.23
CA GLY A 30 6.35 12.48 -1.50
C GLY A 30 6.29 13.99 -1.39
N GLY A 31 5.87 14.48 -0.25
CA GLY A 31 5.71 15.91 -0.06
C GLY A 31 4.56 16.44 -0.89
N ALA A 32 4.55 17.73 -1.18
CA ALA A 32 3.51 18.33 -2.00
C ALA A 32 3.70 17.90 -3.47
N GLY A 33 2.73 18.26 -4.30
CA GLY A 33 2.75 17.88 -5.70
C GLY A 33 2.24 16.46 -5.85
N ASP A 34 1.90 16.07 -7.06
CA ASP A 34 1.37 14.74 -7.33
C ASP A 34 2.56 13.80 -7.48
N ASP A 35 2.53 12.65 -6.82
CA ASP A 35 3.71 11.78 -6.80
C ASP A 35 3.39 10.32 -7.09
N LEU A 36 4.36 9.63 -7.70
CA LEU A 36 4.26 8.20 -7.97
C LEU A 36 5.21 7.53 -7.01
N LEU A 37 4.75 6.52 -6.27
CA LEU A 37 5.59 5.86 -5.27
C LEU A 37 5.58 4.32 -5.40
N ASP A 38 6.68 3.76 -5.88
CA ASP A 38 6.83 2.30 -6.01
C ASP A 38 7.66 1.74 -4.85
N GLY A 39 7.01 1.09 -3.89
CA GLY A 39 7.72 0.61 -2.70
C GLY A 39 8.80 -0.43 -2.94
N GLY A 40 8.52 -1.42 -3.77
CA GLY A 40 9.49 -2.47 -4.03
C GLY A 40 9.55 -3.49 -2.91
N ALA A 41 10.32 -4.53 -3.08
CA ALA A 41 10.45 -5.59 -2.07
C ALA A 41 10.90 -5.01 -0.71
N GLY A 42 10.52 -5.69 0.37
CA GLY A 42 10.83 -5.22 1.71
C GLY A 42 9.70 -4.36 2.26
N ARG A 43 9.67 -4.16 3.57
CA ARG A 43 8.61 -3.36 4.20
C ARG A 43 8.98 -1.90 4.04
N ASP A 44 8.01 -1.09 3.63
CA ASP A 44 8.28 0.30 3.32
C ASP A 44 7.27 1.19 4.02
N ARG A 45 7.57 2.48 4.06
CA ARG A 45 6.69 3.47 4.67
C ARG A 45 6.53 4.53 3.61
N LEU A 46 5.30 4.79 3.18
CA LEU A 46 5.05 5.64 2.01
C LEU A 46 4.11 6.80 2.37
N THR A 47 4.70 7.96 2.62
CA THR A 47 3.92 9.15 2.96
C THR A 47 3.61 9.93 1.68
N GLY A 48 2.35 9.96 1.28
CA GLY A 48 2.01 10.63 0.03
C GLY A 48 2.07 12.15 0.11
N GLY A 49 1.57 12.69 1.21
CA GLY A 49 1.51 14.12 1.39
C GLY A 49 0.39 14.73 0.59
N LEU A 50 0.44 16.05 0.44
CA LEU A 50 -0.55 16.78 -0.35
C LEU A 50 -0.45 16.38 -1.81
N GLY A 51 -1.53 16.60 -2.54
CA GLY A 51 -1.58 16.24 -3.95
C GLY A 51 -2.06 14.82 -4.14
N ALA A 52 -2.34 14.45 -5.37
CA ALA A 52 -2.81 13.12 -5.71
C ALA A 52 -1.59 12.21 -5.75
N ASP A 53 -1.65 11.06 -5.09
CA ASP A 53 -0.50 10.17 -5.02
C ASP A 53 -0.90 8.77 -5.39
N THR A 54 -0.05 8.07 -6.13
CA THR A 54 -0.33 6.68 -6.47
C THR A 54 0.77 5.81 -5.89
N PHE A 55 0.35 4.82 -5.12
CA PHE A 55 1.25 3.90 -4.46
C PHE A 55 1.15 2.61 -5.23
N ARG A 56 2.27 2.13 -5.74
CA ARG A 56 2.25 1.04 -6.72
C ARG A 56 3.09 -0.17 -6.33
N PHE A 57 2.60 -1.33 -6.70
CA PHE A 57 3.34 -2.57 -6.54
C PHE A 57 4.52 -2.61 -7.52
N ALA A 58 5.54 -3.38 -7.18
CA ALA A 58 6.61 -3.72 -8.12
C ALA A 58 6.82 -5.25 -8.17
N LEU A 59 6.41 -5.94 -7.12
CA LEU A 59 6.53 -7.41 -7.02
C LEU A 59 5.21 -7.95 -6.48
N ARG A 60 4.98 -9.26 -6.57
CA ARG A 60 3.82 -9.86 -5.92
C ARG A 60 4.03 -9.86 -4.39
N GLU A 61 5.29 -9.94 -3.96
CA GLU A 61 5.64 -10.03 -2.53
C GLU A 61 6.03 -8.66 -1.99
N ASP A 62 5.65 -7.64 -2.72
CA ASP A 62 5.98 -6.25 -2.38
C ASP A 62 5.51 -5.91 -0.96
N SER A 63 4.35 -6.43 -0.60
CA SER A 63 3.83 -6.33 0.77
C SER A 63 3.28 -7.71 1.10
N HIS A 64 3.85 -8.35 2.12
CA HIS A 64 3.49 -9.73 2.44
C HIS A 64 3.75 -9.96 3.93
N ARG A 65 3.11 -10.95 4.55
CA ARG A 65 3.34 -11.25 5.96
C ARG A 65 3.56 -12.74 6.19
N SER A 66 4.19 -13.06 7.31
CA SER A 66 4.46 -14.44 7.69
C SER A 66 4.48 -14.47 9.21
N PRO A 67 4.39 -15.65 9.85
CA PRO A 67 4.50 -15.61 11.31
C PRO A 67 5.91 -15.26 11.79
N LEU A 68 6.88 -15.31 10.89
CA LEU A 68 8.27 -14.98 11.21
C LEU A 68 8.51 -13.47 11.10
N GLY A 69 7.48 -12.73 10.70
CA GLY A 69 7.59 -11.28 10.60
C GLY A 69 6.78 -10.71 9.46
N THR A 70 6.53 -9.41 9.54
CA THR A 70 5.77 -8.71 8.52
C THR A 70 6.73 -8.04 7.55
N PHE A 71 6.36 -8.03 6.27
CA PHE A 71 7.12 -7.37 5.23
C PHE A 71 6.14 -6.43 4.51
N SER A 72 5.03 -6.17 5.18
CA SER A 72 3.96 -5.31 4.67
C SER A 72 4.38 -3.86 4.71
N ASP A 73 3.90 -3.10 3.75
CA ASP A 73 4.14 -1.66 3.71
C ASP A 73 3.11 -0.95 4.54
N LEU A 74 3.44 0.28 4.94
CA LEU A 74 2.52 1.17 5.66
C LEU A 74 2.39 2.43 4.82
N ILE A 75 1.18 2.81 4.46
CA ILE A 75 0.96 4.03 3.67
C ILE A 75 0.40 5.09 4.60
N LEU A 76 0.85 6.32 4.38
CA LEU A 76 0.55 7.47 5.23
C LEU A 76 0.02 8.62 4.37
N ASP A 77 -0.70 9.54 5.01
CA ASP A 77 -1.28 10.74 4.37
C ASP A 77 -2.18 10.36 3.19
N PHE A 78 -2.94 9.29 3.38
CA PHE A 78 -3.82 8.80 2.33
C PHE A 78 -5.13 9.57 2.28
N ASP A 79 -5.34 10.21 1.14
CA ASP A 79 -6.52 11.05 0.89
C ASP A 79 -7.77 10.19 0.66
N PRO A 80 -8.97 10.73 0.95
CA PRO A 80 -10.15 9.88 0.80
C PRO A 80 -10.60 9.61 -0.63
N SER A 81 -10.15 10.40 -1.59
CA SER A 81 -10.59 10.24 -2.98
C SER A 81 -9.57 10.74 -4.01
N GLN A 82 -8.34 11.02 -3.58
CA GLN A 82 -7.32 11.58 -4.49
C GLN A 82 -6.09 10.69 -4.57
N ASP A 83 -6.01 9.67 -3.75
CA ASP A 83 -4.84 8.80 -3.74
C ASP A 83 -5.26 7.41 -4.22
N LYS A 84 -4.34 6.72 -4.88
CA LYS A 84 -4.63 5.42 -5.50
C LYS A 84 -3.67 4.35 -5.01
N ILE A 85 -4.17 3.13 -4.82
CA ILE A 85 -3.34 1.99 -4.45
C ILE A 85 -3.44 0.96 -5.57
N ASP A 86 -2.38 0.84 -6.35
CA ASP A 86 -2.31 -0.14 -7.43
C ASP A 86 -1.58 -1.36 -6.90
N VAL A 87 -2.34 -2.43 -6.76
CA VAL A 87 -1.85 -3.69 -6.17
C VAL A 87 -2.37 -4.87 -7.00
N SER A 88 -2.56 -4.65 -8.28
CA SER A 88 -3.14 -5.66 -9.17
C SER A 88 -2.34 -6.97 -9.23
N ALA A 89 -1.03 -6.89 -9.11
CA ALA A 89 -0.17 -8.07 -9.27
C ALA A 89 -0.07 -8.96 -8.04
N LEU A 90 -0.74 -8.63 -6.95
CA LEU A 90 -0.73 -9.51 -5.77
C LEU A 90 -1.68 -10.65 -6.11
N GLY A 91 -2.87 -10.24 -6.50
CA GLY A 91 -3.91 -11.17 -6.87
C GLY A 91 -4.62 -11.76 -5.64
N PHE A 92 -5.92 -12.01 -5.77
CA PHE A 92 -6.72 -12.56 -4.68
C PHE A 92 -7.78 -13.44 -5.32
N ILE A 93 -8.34 -14.38 -4.56
CA ILE A 93 -9.31 -15.34 -5.08
C ILE A 93 -10.70 -15.12 -4.47
N GLY A 94 -10.81 -14.23 -3.49
CA GLY A 94 -12.10 -13.96 -2.88
C GLY A 94 -12.13 -12.61 -2.20
N LEU A 95 -13.32 -12.14 -1.87
CA LEU A 95 -13.51 -10.77 -1.34
C LEU A 95 -13.89 -10.66 0.14
N GLY A 96 -14.06 -11.78 0.83
CA GLY A 96 -14.52 -11.71 2.21
C GLY A 96 -14.30 -12.93 3.10
N ASN A 97 -13.09 -13.05 3.63
CA ASN A 97 -12.78 -14.08 4.65
C ASN A 97 -11.41 -13.79 5.30
N GLY A 98 -10.45 -13.37 4.49
CA GLY A 98 -9.15 -12.96 5.00
C GLY A 98 -8.11 -14.05 5.09
N TYR A 99 -8.46 -15.23 4.61
CA TYR A 99 -7.57 -16.38 4.62
C TYR A 99 -7.69 -17.09 3.28
N ALA A 100 -6.73 -17.94 2.96
CA ALA A 100 -6.73 -18.74 1.73
C ALA A 100 -6.86 -17.88 0.45
N GLY A 101 -6.22 -16.72 0.47
CA GLY A 101 -6.20 -15.86 -0.70
C GLY A 101 -7.42 -14.99 -0.85
N THR A 102 -8.31 -15.02 0.12
CA THR A 102 -9.52 -14.19 0.08
C THR A 102 -9.27 -12.99 0.97
N LEU A 103 -9.75 -11.83 0.56
CA LEU A 103 -9.49 -10.60 1.31
C LEU A 103 -10.37 -10.41 2.54
N ALA A 104 -9.89 -9.55 3.43
CA ALA A 104 -10.66 -9.01 4.55
C ALA A 104 -9.99 -7.67 4.87
N VAL A 105 -10.73 -6.77 5.49
CA VAL A 105 -10.21 -5.45 5.82
C VAL A 105 -10.65 -5.09 7.25
N SER A 106 -9.90 -4.22 7.89
CA SER A 106 -10.28 -3.61 9.16
C SER A 106 -9.78 -2.18 9.02
N LEU A 107 -10.51 -1.19 9.52
CA LEU A 107 -10.16 0.22 9.26
C LEU A 107 -9.83 1.08 10.47
N SER A 108 -9.02 2.10 10.22
CA SER A 108 -8.62 3.13 11.19
C SER A 108 -9.73 4.09 11.64
N ALA A 109 -10.91 3.58 11.95
CA ALA A 109 -12.04 4.44 12.33
C ALA A 109 -11.69 5.29 13.56
N ASP A 110 -11.15 4.64 14.58
CA ASP A 110 -10.75 5.31 15.82
C ASP A 110 -9.24 5.52 15.84
N GLY A 111 -8.65 5.65 14.66
CA GLY A 111 -7.20 5.77 14.55
C GLY A 111 -6.51 4.43 14.69
N LEU A 112 -7.29 3.36 14.55
CA LEU A 112 -6.82 1.99 14.76
C LEU A 112 -5.75 1.50 13.79
N ARG A 113 -5.70 2.12 12.61
CA ARG A 113 -4.85 1.79 11.44
C ARG A 113 -5.67 0.83 10.59
N THR A 114 -5.49 0.93 9.30
CA THR A 114 -6.25 0.14 8.34
C THR A 114 -5.37 -1.02 7.92
N TYR A 115 -5.93 -2.21 7.89
CA TYR A 115 -5.19 -3.39 7.49
C TYR A 115 -5.99 -4.15 6.47
N LEU A 116 -5.30 -4.72 5.50
CA LEU A 116 -5.91 -5.58 4.50
C LEU A 116 -5.20 -6.90 4.69
N LYS A 117 -5.93 -7.99 4.71
CA LYS A 117 -5.36 -9.32 4.94
C LYS A 117 -5.86 -10.31 3.91
N SER A 118 -5.08 -11.34 3.64
CA SER A 118 -5.48 -12.40 2.71
C SER A 118 -5.04 -13.82 3.10
N TYR A 119 -4.07 -13.89 4.01
CA TYR A 119 -3.45 -15.16 4.46
C TYR A 119 -3.46 -16.36 3.49
N ASP A 120 -2.91 -16.16 2.30
CA ASP A 120 -2.72 -17.24 1.33
C ASP A 120 -1.53 -18.08 1.74
N ALA A 121 -1.72 -19.39 1.66
CA ALA A 121 -0.66 -20.37 1.91
C ALA A 121 -0.96 -21.49 0.92
N ASP A 122 -1.50 -21.07 -0.22
CA ASP A 122 -2.13 -21.95 -1.18
C ASP A 122 -1.42 -21.83 -2.54
N ALA A 123 -2.06 -21.16 -3.49
CA ALA A 123 -1.50 -21.01 -4.83
C ALA A 123 -0.28 -20.08 -4.83
N GLN A 124 -0.25 -19.11 -3.93
CA GLN A 124 0.85 -18.17 -3.89
C GLN A 124 1.89 -18.58 -2.85
N GLY A 125 1.43 -19.19 -1.78
CA GLY A 125 2.31 -19.59 -0.69
C GLY A 125 2.79 -18.40 0.10
N ARG A 126 2.13 -17.27 -0.11
CA ARG A 126 2.51 -15.99 0.48
C ARG A 126 1.28 -15.17 0.76
N SER A 127 1.07 -14.76 2.01
CA SER A 127 -0.03 -13.86 2.29
C SER A 127 0.35 -12.49 1.75
N PHE A 128 -0.52 -11.89 0.95
CA PHE A 128 -0.27 -10.55 0.41
C PHE A 128 -1.17 -9.60 1.17
N GLU A 129 -0.55 -8.87 2.09
CA GLU A 129 -1.31 -8.09 3.06
C GLU A 129 -0.72 -6.68 3.16
N LEU A 130 -1.54 -5.69 3.46
CA LEU A 130 -1.11 -4.29 3.50
C LEU A 130 -1.54 -3.60 4.79
N ALA A 131 -0.94 -2.45 5.07
CA ALA A 131 -1.31 -1.62 6.20
C ALA A 131 -1.33 -0.16 5.76
N LEU A 132 -2.20 0.63 6.35
CA LEU A 132 -2.28 2.06 6.07
C LEU A 132 -2.48 2.70 7.45
N ASP A 133 -1.83 3.81 7.73
CA ASP A 133 -1.92 4.45 9.05
C ASP A 133 -2.45 5.88 8.90
N GLY A 134 -3.17 6.37 9.90
CA GLY A 134 -3.61 7.77 9.91
C GLY A 134 -4.45 8.19 8.71
N ASN A 135 -5.33 7.30 8.28
CA ASN A 135 -6.10 7.55 7.06
C ASN A 135 -7.41 8.25 7.34
N HIS A 136 -8.01 8.78 6.28
CA HIS A 136 -9.36 9.30 6.30
C HIS A 136 -10.36 8.14 6.24
N ALA A 137 -10.24 7.20 7.17
CA ALA A 137 -11.06 5.98 7.18
C ALA A 137 -12.55 6.30 7.22
N ALA A 138 -12.90 7.43 7.84
CA ALA A 138 -14.29 7.85 7.95
C ALA A 138 -14.89 8.29 6.60
N THR A 139 -14.04 8.73 5.66
CA THR A 139 -14.56 9.27 4.38
C THR A 139 -13.97 8.65 3.12
N LEU A 140 -13.01 7.74 3.24
CA LEU A 140 -12.42 7.11 2.06
C LEU A 140 -13.35 6.03 1.51
N SER A 141 -13.11 5.65 0.25
CA SER A 141 -13.89 4.59 -0.37
C SER A 141 -12.97 3.52 -0.92
N ALA A 142 -13.50 2.34 -1.18
CA ALA A 142 -12.72 1.24 -1.73
C ALA A 142 -12.29 1.53 -3.18
N GLY A 143 -12.89 2.54 -3.79
CA GLY A 143 -12.57 2.89 -5.16
C GLY A 143 -11.13 3.36 -5.34
N ASN A 144 -10.49 3.75 -4.24
CA ASN A 144 -9.10 4.16 -4.28
C ASN A 144 -8.16 2.96 -4.48
N ILE A 145 -8.69 1.76 -4.29
CA ILE A 145 -7.92 0.53 -4.49
C ILE A 145 -8.27 0.06 -5.88
N VAL A 146 -7.29 -0.43 -6.63
CA VAL A 146 -7.52 -0.89 -8.01
C VAL A 146 -8.65 -1.94 -8.12
N PHE A 147 -8.82 -2.78 -7.11
CA PHE A 147 -9.84 -3.82 -7.12
C PHE A 147 -11.26 -3.29 -6.85
N ALA A 148 -11.35 -2.17 -6.14
CA ALA A 148 -12.62 -1.57 -5.73
C ALA A 148 -13.52 -2.60 -4.99
N ALA A 149 -14.83 -2.33 -5.01
CA ALA A 149 -15.90 -3.21 -4.50
C ALA A 149 -15.93 -3.60 -2.99
N ALA A 150 -14.79 -3.59 -2.31
CA ALA A 150 -14.71 -4.04 -0.93
C ALA A 150 -15.60 -3.24 0.04
N THR A 151 -16.31 -3.97 0.88
CA THR A 151 -17.14 -3.41 1.94
C THR A 151 -16.23 -3.12 3.15
N PRO A 152 -16.58 -2.13 3.99
CA PRO A 152 -15.72 -1.94 5.17
C PRO A 152 -15.89 -3.06 6.21
N GLY A 153 -14.95 -3.13 7.15
CA GLY A 153 -14.96 -4.11 8.21
C GLY A 153 -14.05 -3.60 9.30
CA CA B . 15.98 0.58 -1.25
CA CA C . 6.58 15.76 -4.58
CA CA D . 11.40 -1.43 -0.53
CA CA E . 2.29 14.20 -2.91
CA CA F . 7.10 -2.94 -0.17
CA CA G . -2.20 12.48 -1.15
N ALA A 1 17.23 10.96 -8.64
CA ALA A 1 15.88 10.66 -8.10
C ALA A 1 15.71 9.15 -8.03
N GLN A 2 14.69 8.70 -7.28
CA GLN A 2 14.41 7.28 -7.02
C GLN A 2 15.52 6.64 -6.16
N GLY A 3 15.21 5.50 -5.54
CA GLY A 3 16.15 4.84 -4.64
C GLY A 3 17.00 3.79 -5.33
N THR A 4 17.65 2.97 -4.52
CA THR A 4 18.49 1.88 -5.01
C THR A 4 18.06 0.64 -4.21
N ASP A 5 18.72 -0.50 -4.42
CA ASP A 5 18.29 -1.74 -3.75
C ASP A 5 18.80 -1.90 -2.33
N GLY A 6 19.50 -0.88 -1.87
CA GLY A 6 19.91 -0.78 -0.48
C GLY A 6 18.80 -0.11 0.31
N ASN A 7 19.01 0.19 1.58
CA ASN A 7 17.99 0.88 2.37
C ASN A 7 18.05 2.38 2.06
N ASP A 8 16.90 2.99 1.81
CA ASP A 8 16.84 4.41 1.43
C ASP A 8 15.90 5.21 2.32
N VAL A 9 16.20 6.49 2.51
CA VAL A 9 15.29 7.41 3.18
C VAL A 9 15.20 8.62 2.25
N LEU A 10 14.10 8.74 1.54
CA LEU A 10 13.92 9.81 0.55
C LEU A 10 12.69 10.63 0.90
N ILE A 11 12.81 11.95 0.77
CA ILE A 11 11.71 12.87 1.08
C ILE A 11 11.53 13.83 -0.08
N GLY A 12 10.33 13.91 -0.62
CA GLY A 12 10.04 14.78 -1.74
C GLY A 12 9.62 16.18 -1.34
N SER A 13 9.45 17.03 -2.35
CA SER A 13 9.07 18.43 -2.18
C SER A 13 7.63 18.62 -2.67
N ASP A 14 7.20 19.86 -2.78
CA ASP A 14 5.82 20.20 -3.14
C ASP A 14 5.51 19.97 -4.62
N VAL A 15 6.54 19.86 -5.43
CA VAL A 15 6.37 19.59 -6.86
C VAL A 15 5.98 18.13 -7.07
N GLY A 16 5.44 17.80 -8.24
CA GLY A 16 5.07 16.41 -8.51
C GLY A 16 6.32 15.59 -8.79
N GLU A 17 6.39 14.40 -8.21
CA GLU A 17 7.59 13.56 -8.29
C GLU A 17 7.27 12.09 -8.50
N GLN A 18 8.28 11.34 -8.90
CA GLN A 18 8.17 9.90 -9.09
C GLN A 18 9.33 9.25 -8.33
N ILE A 19 9.03 8.47 -7.31
CA ILE A 19 10.05 7.87 -6.46
C ILE A 19 9.81 6.38 -6.27
N SER A 20 10.74 5.58 -6.77
CA SER A 20 10.66 4.13 -6.59
C SER A 20 11.61 3.74 -5.48
N GLY A 21 11.18 2.82 -4.61
CA GLY A 21 12.01 2.41 -3.49
C GLY A 21 12.95 1.25 -3.78
N GLY A 22 12.57 0.36 -4.68
CA GLY A 22 13.40 -0.81 -4.97
C GLY A 22 13.46 -1.78 -3.80
N ALA A 23 14.44 -2.67 -3.80
CA ALA A 23 14.61 -3.60 -2.68
C ALA A 23 15.11 -2.85 -1.44
N GLY A 24 15.29 -3.57 -0.34
CA GLY A 24 15.71 -2.96 0.91
C GLY A 24 14.55 -2.32 1.64
N ASP A 25 14.76 -1.99 2.90
CA ASP A 25 13.73 -1.37 3.73
C ASP A 25 13.85 0.12 3.51
N ASP A 26 12.76 0.78 3.13
CA ASP A 26 12.83 2.18 2.72
C ASP A 26 11.77 3.07 3.35
N ARG A 27 12.04 4.37 3.32
CA ARG A 27 11.03 5.38 3.63
C ARG A 27 10.97 6.30 2.42
N LEU A 28 9.79 6.39 1.84
CA LEU A 28 9.59 7.23 0.65
C LEU A 28 8.50 8.23 0.95
N ASP A 29 8.88 9.48 1.16
CA ASP A 29 7.91 10.53 1.43
C ASP A 29 7.74 11.33 0.16
N GLY A 30 6.50 11.60 -0.20
CA GLY A 30 6.18 12.33 -1.43
C GLY A 30 5.97 13.82 -1.21
N GLY A 31 5.55 14.19 -0.01
CA GLY A 31 5.29 15.59 0.28
C GLY A 31 4.03 16.08 -0.44
N ALA A 32 3.89 17.38 -0.61
CA ALA A 32 2.72 17.92 -1.31
C ALA A 32 2.84 17.67 -2.82
N GLY A 33 1.78 18.02 -3.55
CA GLY A 33 1.73 17.77 -4.98
C GLY A 33 1.32 16.34 -5.23
N ASP A 34 1.00 16.01 -6.48
CA ASP A 34 0.61 14.66 -6.81
C ASP A 34 1.88 13.85 -7.03
N ASP A 35 1.93 12.62 -6.55
CA ASP A 35 3.17 11.84 -6.57
C ASP A 35 2.97 10.36 -6.92
N LEU A 36 4.00 9.77 -7.51
CA LEU A 36 4.00 8.34 -7.87
C LEU A 36 5.04 7.66 -6.97
N LEU A 37 4.64 6.62 -6.27
CA LEU A 37 5.53 5.94 -5.32
C LEU A 37 5.50 4.41 -5.49
N ASP A 38 6.67 3.78 -5.51
CA ASP A 38 6.76 2.30 -5.57
C ASP A 38 7.45 1.80 -4.30
N GLY A 39 6.95 0.71 -3.74
CA GLY A 39 7.56 0.18 -2.52
C GLY A 39 8.75 -0.75 -2.76
N GLY A 40 8.50 -1.79 -3.54
CA GLY A 40 9.52 -2.79 -3.81
C GLY A 40 9.62 -3.80 -2.68
N ALA A 41 10.56 -4.73 -2.80
CA ALA A 41 10.78 -5.73 -1.75
C ALA A 41 11.21 -5.04 -0.46
N GLY A 42 11.12 -5.75 0.66
CA GLY A 42 11.45 -5.19 1.97
C GLY A 42 10.25 -4.46 2.55
N ARG A 43 10.34 -4.04 3.81
CA ARG A 43 9.23 -3.32 4.46
C ARG A 43 9.44 -1.85 4.18
N ASP A 44 8.40 -1.18 3.73
CA ASP A 44 8.51 0.20 3.30
C ASP A 44 7.48 1.07 3.96
N ARG A 45 7.81 2.33 4.17
CA ARG A 45 6.91 3.29 4.78
C ARG A 45 6.79 4.42 3.80
N LEU A 46 5.62 4.56 3.21
CA LEU A 46 5.41 5.50 2.12
C LEU A 46 4.48 6.61 2.55
N THR A 47 4.93 7.85 2.52
CA THR A 47 4.09 8.98 2.97
C THR A 47 3.60 9.74 1.75
N GLY A 48 2.31 9.68 1.49
CA GLY A 48 1.79 10.35 0.30
C GLY A 48 1.67 11.85 0.48
N GLY A 49 1.17 12.26 1.63
CA GLY A 49 1.01 13.67 1.91
C GLY A 49 -0.15 14.26 1.14
N LEU A 50 -0.18 15.58 1.06
CA LEU A 50 -1.21 16.30 0.32
C LEU A 50 -1.10 15.96 -1.17
N GLY A 51 -2.21 16.11 -1.88
CA GLY A 51 -2.25 15.79 -3.29
C GLY A 51 -2.71 14.35 -3.49
N ALA A 52 -3.03 13.99 -4.71
CA ALA A 52 -3.45 12.65 -5.04
C ALA A 52 -2.18 11.83 -5.26
N ASP A 53 -2.08 10.69 -4.62
CA ASP A 53 -0.87 9.88 -4.67
C ASP A 53 -1.22 8.49 -5.12
N THR A 54 -0.33 7.86 -5.87
CA THR A 54 -0.54 6.48 -6.30
C THR A 54 0.63 5.65 -5.81
N PHE A 55 0.29 4.50 -5.23
CA PHE A 55 1.27 3.62 -4.63
C PHE A 55 1.17 2.33 -5.40
N ARG A 56 2.30 1.80 -5.84
CA ARG A 56 2.29 0.61 -6.71
C ARG A 56 3.26 -0.45 -6.25
N PHE A 57 2.91 -1.70 -6.49
CA PHE A 57 3.81 -2.82 -6.27
C PHE A 57 4.94 -2.73 -7.29
N ALA A 58 6.06 -3.36 -6.98
CA ALA A 58 7.11 -3.58 -7.98
C ALA A 58 7.12 -5.07 -8.32
N LEU A 59 6.91 -5.88 -7.29
CA LEU A 59 6.89 -7.34 -7.44
C LEU A 59 5.86 -7.91 -6.46
N ARG A 60 5.57 -9.21 -6.59
CA ARG A 60 4.66 -9.90 -5.67
C ARG A 60 5.18 -9.83 -4.22
N GLU A 61 6.50 -9.81 -4.09
CA GLU A 61 7.17 -9.77 -2.79
C GLU A 61 7.11 -8.40 -2.09
N ASP A 62 6.35 -7.47 -2.65
CA ASP A 62 6.26 -6.13 -2.08
C ASP A 62 5.72 -6.10 -0.66
N SER A 63 4.77 -6.97 -0.33
CA SER A 63 4.15 -6.95 0.99
C SER A 63 3.71 -8.35 1.43
N HIS A 64 4.47 -8.96 2.32
CA HIS A 64 4.16 -10.30 2.79
C HIS A 64 4.69 -10.50 4.21
N ARG A 65 4.16 -11.50 4.90
CA ARG A 65 4.66 -11.88 6.23
C ARG A 65 5.56 -13.08 6.04
N SER A 66 6.53 -13.27 6.92
CA SER A 66 7.51 -14.35 6.80
C SER A 66 7.93 -14.71 8.21
N PRO A 67 8.46 -15.93 8.44
CA PRO A 67 8.98 -16.16 9.80
C PRO A 67 10.21 -15.30 10.10
N LEU A 68 10.81 -14.71 9.07
CA LEU A 68 11.94 -13.78 9.24
C LEU A 68 11.46 -12.42 9.74
N GLY A 69 10.14 -12.26 9.81
CA GLY A 69 9.54 -11.02 10.23
C GLY A 69 8.53 -10.57 9.19
N THR A 70 7.74 -9.56 9.50
CA THR A 70 6.77 -9.05 8.53
C THR A 70 7.46 -8.05 7.62
N PHE A 71 7.15 -8.11 6.33
CA PHE A 71 7.71 -7.18 5.35
C PHE A 71 6.54 -6.39 4.77
N SER A 72 5.49 -6.29 5.57
CA SER A 72 4.30 -5.53 5.21
C SER A 72 4.64 -4.05 5.09
N ASP A 73 3.99 -3.38 4.15
CA ASP A 73 4.21 -1.96 3.92
C ASP A 73 3.16 -1.15 4.66
N LEU A 74 3.56 0.04 5.08
CA LEU A 74 2.68 0.96 5.80
C LEU A 74 2.61 2.22 4.96
N ILE A 75 1.43 2.73 4.71
CA ILE A 75 1.30 3.99 3.97
C ILE A 75 0.83 5.01 4.98
N LEU A 76 1.39 6.20 4.87
CA LEU A 76 1.16 7.29 5.82
C LEU A 76 0.57 8.47 5.05
N ASP A 77 -0.22 9.28 5.75
CA ASP A 77 -0.89 10.46 5.16
C ASP A 77 -1.71 10.02 3.94
N PHE A 78 -2.39 8.90 4.12
CA PHE A 78 -3.15 8.30 3.02
C PHE A 78 -4.59 8.78 2.99
N ASP A 79 -5.00 9.28 1.84
CA ASP A 79 -6.36 9.79 1.62
C ASP A 79 -7.20 8.69 0.98
N PRO A 80 -8.06 8.02 1.76
CA PRO A 80 -8.81 6.91 1.13
C PRO A 80 -9.83 7.33 0.07
N SER A 81 -10.11 8.63 0.00
CA SER A 81 -11.03 9.16 -1.00
C SER A 81 -10.35 9.54 -2.32
N GLN A 82 -9.02 9.68 -2.30
CA GLN A 82 -8.31 10.24 -3.48
C GLN A 82 -7.07 9.44 -3.91
N ASP A 83 -6.34 8.88 -2.95
CA ASP A 83 -5.10 8.17 -3.25
C ASP A 83 -5.45 6.76 -3.78
N LYS A 84 -4.52 6.14 -4.49
CA LYS A 84 -4.75 4.82 -5.11
C LYS A 84 -3.66 3.82 -4.75
N ILE A 85 -4.05 2.56 -4.54
CA ILE A 85 -3.12 1.48 -4.20
C ILE A 85 -3.22 0.34 -5.21
N ASP A 86 -2.18 0.17 -6.02
CA ASP A 86 -2.12 -0.93 -6.98
C ASP A 86 -1.35 -2.09 -6.37
N VAL A 87 -2.06 -3.19 -6.16
CA VAL A 87 -1.52 -4.41 -5.54
C VAL A 87 -2.03 -5.64 -6.29
N SER A 88 -2.26 -5.49 -7.59
CA SER A 88 -2.83 -6.57 -8.39
C SER A 88 -1.91 -7.80 -8.48
N ALA A 89 -0.60 -7.57 -8.56
CA ALA A 89 0.36 -8.66 -8.76
C ALA A 89 0.52 -9.64 -7.59
N LEU A 90 -0.03 -9.31 -6.42
CA LEU A 90 0.07 -10.23 -5.29
C LEU A 90 -0.75 -11.45 -5.66
N GLY A 91 -1.94 -11.15 -6.15
CA GLY A 91 -2.87 -12.18 -6.57
C GLY A 91 -3.61 -12.78 -5.40
N PHE A 92 -4.84 -13.24 -5.63
CA PHE A 92 -5.69 -13.80 -4.59
C PHE A 92 -6.48 -14.95 -5.23
N ILE A 93 -7.00 -15.86 -4.42
CA ILE A 93 -7.61 -17.10 -4.94
C ILE A 93 -9.13 -17.14 -4.76
N GLY A 94 -9.69 -16.17 -4.05
CA GLY A 94 -11.13 -16.16 -3.81
C GLY A 94 -11.75 -14.78 -3.70
N LEU A 95 -13.07 -14.77 -3.58
CA LEU A 95 -13.87 -13.55 -3.69
C LEU A 95 -13.71 -12.50 -2.59
N GLY A 96 -13.29 -12.90 -1.40
CA GLY A 96 -13.12 -11.92 -0.32
C GLY A 96 -13.62 -12.32 1.05
N ASN A 97 -12.94 -13.28 1.67
CA ASN A 97 -13.28 -13.72 3.02
C ASN A 97 -12.26 -13.14 4.02
N GLY A 98 -11.19 -12.56 3.49
CA GLY A 98 -10.12 -12.00 4.31
C GLY A 98 -9.15 -13.03 4.86
N TYR A 99 -9.41 -14.29 4.57
CA TYR A 99 -8.59 -15.41 5.03
C TYR A 99 -8.37 -16.37 3.88
N ALA A 100 -7.35 -17.22 4.01
CA ALA A 100 -7.03 -18.25 3.01
C ALA A 100 -6.81 -17.71 1.60
N GLY A 101 -6.17 -16.55 1.49
CA GLY A 101 -5.81 -16.01 0.20
C GLY A 101 -6.92 -15.24 -0.46
N THR A 102 -7.78 -14.63 0.33
CA THR A 102 -8.92 -13.87 -0.20
C THR A 102 -8.91 -12.53 0.51
N LEU A 103 -9.35 -11.46 -0.14
CA LEU A 103 -9.14 -10.12 0.39
C LEU A 103 -10.28 -9.51 1.23
N ALA A 104 -9.89 -8.80 2.28
CA ALA A 104 -10.81 -7.98 3.05
C ALA A 104 -10.01 -6.78 3.53
N VAL A 105 -10.69 -5.71 3.89
CA VAL A 105 -10.04 -4.53 4.43
C VAL A 105 -10.72 -4.27 5.76
N SER A 106 -9.97 -3.83 6.76
CA SER A 106 -10.49 -3.67 8.11
C SER A 106 -9.98 -2.37 8.70
N LEU A 107 -10.74 -1.79 9.61
CA LEU A 107 -10.35 -0.53 10.26
C LEU A 107 -9.93 -0.79 11.69
N SER A 108 -9.13 0.11 12.24
CA SER A 108 -8.75 0.04 13.64
C SER A 108 -9.93 0.50 14.49
N ALA A 109 -9.82 0.29 15.80
CA ALA A 109 -10.88 0.66 16.74
C ALA A 109 -11.18 2.16 16.82
N ASP A 110 -10.34 3.00 16.22
CA ASP A 110 -10.54 4.45 16.23
C ASP A 110 -10.73 4.93 14.79
N GLY A 111 -10.70 4.00 13.85
CA GLY A 111 -10.85 4.32 12.44
C GLY A 111 -9.66 5.06 11.85
N LEU A 112 -8.64 5.29 12.64
CA LEU A 112 -7.51 6.12 12.19
C LEU A 112 -6.45 5.32 11.47
N ARG A 113 -6.60 4.01 11.44
CA ARG A 113 -5.67 3.11 10.77
C ARG A 113 -6.50 2.08 10.03
N THR A 114 -5.93 1.50 9.00
CA THR A 114 -6.62 0.51 8.18
C THR A 114 -5.67 -0.64 7.92
N TYR A 115 -6.18 -1.86 7.81
CA TYR A 115 -5.35 -3.03 7.54
C TYR A 115 -5.98 -3.85 6.43
N LEU A 116 -5.15 -4.28 5.48
CA LEU A 116 -5.62 -5.12 4.38
C LEU A 116 -5.20 -6.54 4.73
N LYS A 117 -6.12 -7.49 4.61
CA LYS A 117 -5.85 -8.86 5.04
C LYS A 117 -6.12 -9.86 3.94
N SER A 118 -5.33 -10.93 3.95
CA SER A 118 -5.49 -12.06 3.02
C SER A 118 -5.36 -13.38 3.78
N TYR A 119 -4.49 -13.36 4.78
CA TYR A 119 -4.20 -14.53 5.62
C TYR A 119 -4.07 -15.84 4.84
N ASP A 120 -3.21 -15.80 3.83
CA ASP A 120 -2.87 -16.97 3.01
C ASP A 120 -2.35 -18.05 3.96
N ALA A 121 -2.82 -19.29 3.77
CA ALA A 121 -2.58 -20.34 4.75
C ALA A 121 -2.39 -21.71 4.11
N ASP A 122 -1.63 -21.76 3.03
CA ASP A 122 -1.35 -23.02 2.32
C ASP A 122 -0.76 -24.09 3.25
N ALA A 123 0.09 -23.65 4.17
CA ALA A 123 0.71 -24.53 5.15
C ALA A 123 1.23 -23.77 6.37
N GLN A 124 1.80 -22.59 6.15
CA GLN A 124 2.51 -21.85 7.21
C GLN A 124 1.85 -20.56 7.69
N GLY A 125 0.72 -20.16 7.11
CA GLY A 125 0.05 -18.95 7.57
C GLY A 125 0.87 -17.68 7.37
N ARG A 126 1.56 -17.60 6.25
CA ARG A 126 2.40 -16.43 5.92
C ARG A 126 1.66 -15.80 4.76
N SER A 127 1.39 -14.50 4.84
CA SER A 127 0.38 -13.90 3.98
C SER A 127 0.68 -12.53 3.42
N PHE A 128 -0.10 -12.14 2.43
CA PHE A 128 -0.10 -10.78 1.90
C PHE A 128 -0.90 -9.88 2.84
N GLU A 129 -0.23 -8.97 3.53
CA GLU A 129 -0.93 -8.01 4.41
C GLU A 129 -0.27 -6.64 4.26
N LEU A 130 -1.08 -5.59 4.34
CA LEU A 130 -0.63 -4.20 4.23
C LEU A 130 -1.33 -3.41 5.32
N ALA A 131 -0.81 -2.24 5.66
CA ALA A 131 -1.45 -1.37 6.64
C ALA A 131 -1.39 0.07 6.15
N LEU A 132 -2.33 0.87 6.63
CA LEU A 132 -2.40 2.29 6.30
C LEU A 132 -2.54 2.98 7.64
N ASP A 133 -1.87 4.11 7.82
CA ASP A 133 -1.97 4.88 9.06
C ASP A 133 -2.31 6.33 8.74
N GLY A 134 -3.03 7.00 9.65
CA GLY A 134 -3.38 8.40 9.44
C GLY A 134 -4.52 8.52 8.46
N ASN A 135 -5.52 7.66 8.63
CA ASN A 135 -6.60 7.57 7.65
C ASN A 135 -7.84 8.37 8.02
N HIS A 136 -8.52 8.81 6.98
CA HIS A 136 -9.77 9.56 7.12
C HIS A 136 -10.96 8.60 7.16
N ALA A 137 -11.36 8.21 8.35
CA ALA A 137 -12.57 7.42 8.53
C ALA A 137 -13.79 8.23 8.08
N ALA A 138 -13.66 9.55 8.15
CA ALA A 138 -14.70 10.46 7.70
C ALA A 138 -14.97 10.25 6.19
N THR A 139 -13.96 9.77 5.47
CA THR A 139 -14.11 9.49 4.04
C THR A 139 -13.71 8.04 3.74
N LEU A 140 -14.08 7.12 4.63
CA LEU A 140 -13.69 5.72 4.47
C LEU A 140 -14.19 5.17 3.13
N SER A 141 -13.34 4.41 2.47
CA SER A 141 -13.64 3.85 1.17
C SER A 141 -12.71 2.69 0.91
N ALA A 142 -13.18 1.71 0.13
CA ALA A 142 -12.36 0.58 -0.28
C ALA A 142 -12.02 0.73 -1.77
N GLY A 143 -12.49 1.81 -2.38
CA GLY A 143 -12.31 2.03 -3.81
C GLY A 143 -10.90 2.44 -4.19
N ASN A 144 -10.12 2.82 -3.19
CA ASN A 144 -8.73 3.20 -3.42
C ASN A 144 -7.86 1.97 -3.72
N ILE A 145 -8.34 0.79 -3.37
CA ILE A 145 -7.64 -0.45 -3.71
C ILE A 145 -7.94 -0.70 -5.18
N VAL A 146 -6.96 -1.16 -5.95
CA VAL A 146 -7.17 -1.44 -7.38
C VAL A 146 -8.31 -2.44 -7.64
N PHE A 147 -8.52 -3.37 -6.72
CA PHE A 147 -9.60 -4.34 -6.83
C PHE A 147 -10.96 -3.70 -6.55
N ALA A 148 -10.94 -2.69 -5.69
CA ALA A 148 -12.12 -1.95 -5.22
C ALA A 148 -13.14 -2.84 -4.48
N ALA A 149 -14.11 -2.17 -3.85
CA ALA A 149 -15.22 -2.83 -3.15
C ALA A 149 -14.87 -3.98 -2.17
N ALA A 150 -13.67 -3.95 -1.60
CA ALA A 150 -13.28 -4.97 -0.63
C ALA A 150 -14.22 -4.87 0.58
N THR A 151 -14.61 -6.02 1.11
CA THR A 151 -15.53 -6.06 2.25
C THR A 151 -14.88 -5.42 3.48
N PRO A 152 -15.65 -4.63 4.27
CA PRO A 152 -15.07 -3.99 5.47
C PRO A 152 -14.92 -4.98 6.63
N GLY A 153 -14.31 -4.51 7.71
CA GLY A 153 -14.11 -5.31 8.90
C GLY A 153 -13.44 -4.42 9.92
CA CA B . 15.75 0.81 -1.46
CA CA C . 5.87 15.84 -4.23
CA CA D . 11.72 -1.33 -0.59
CA CA E . 1.75 13.95 -2.47
CA CA F . 7.51 -3.34 0.34
CA CA G . -2.58 11.93 -0.58
N ALA A 1 13.18 12.01 -6.19
CA ALA A 1 12.96 11.11 -7.36
C ALA A 1 13.81 9.85 -7.24
N GLN A 2 13.27 8.73 -7.72
CA GLN A 2 13.88 7.38 -7.66
C GLN A 2 14.49 7.02 -6.28
N GLY A 3 15.40 6.04 -6.26
CA GLY A 3 16.01 5.56 -5.03
C GLY A 3 17.03 4.51 -5.43
N THR A 4 17.50 3.70 -4.49
CA THR A 4 18.50 2.67 -4.78
C THR A 4 18.25 1.45 -3.89
N ASP A 5 18.99 0.36 -4.05
CA ASP A 5 18.82 -0.80 -3.19
C ASP A 5 19.58 -0.56 -1.88
N GLY A 6 19.00 -1.03 -0.77
CA GLY A 6 19.53 -0.74 0.55
C GLY A 6 18.43 -0.06 1.35
N ASN A 7 18.67 0.36 2.58
CA ASN A 7 17.63 1.03 3.36
C ASN A 7 17.73 2.54 3.12
N ASP A 8 16.70 3.13 2.52
CA ASP A 8 16.76 4.53 2.11
C ASP A 8 15.82 5.40 2.93
N VAL A 9 16.11 6.69 2.96
CA VAL A 9 15.16 7.70 3.41
C VAL A 9 15.06 8.64 2.23
N LEU A 10 13.90 8.68 1.60
CA LEU A 10 13.69 9.45 0.38
C LEU A 10 12.62 10.48 0.62
N ILE A 11 12.87 11.72 0.24
CA ILE A 11 11.91 12.82 0.44
C ILE A 11 11.76 13.54 -0.90
N GLY A 12 10.53 13.71 -1.34
CA GLY A 12 10.28 14.36 -2.61
C GLY A 12 10.19 15.87 -2.52
N SER A 13 10.42 16.52 -3.65
CA SER A 13 10.29 17.96 -3.76
C SER A 13 8.81 18.32 -3.96
N ASP A 14 8.50 19.60 -4.05
CA ASP A 14 7.12 20.05 -4.22
C ASP A 14 6.57 19.80 -5.62
N VAL A 15 7.46 19.56 -6.56
CA VAL A 15 7.05 19.23 -7.93
C VAL A 15 6.62 17.78 -8.02
N GLY A 16 5.96 17.40 -9.10
CA GLY A 16 5.55 16.01 -9.28
C GLY A 16 6.74 15.14 -9.61
N GLU A 17 6.79 13.94 -9.05
CA GLU A 17 7.95 13.05 -9.21
C GLU A 17 7.54 11.58 -9.29
N GLN A 18 8.50 10.75 -9.69
CA GLN A 18 8.38 9.31 -9.57
C GLN A 18 9.48 8.89 -8.60
N ILE A 19 9.09 8.27 -7.50
CA ILE A 19 10.02 7.91 -6.42
C ILE A 19 9.86 6.40 -6.22
N SER A 20 10.98 5.70 -6.15
CA SER A 20 10.96 4.25 -5.99
C SER A 20 11.97 3.86 -4.95
N GLY A 21 11.53 3.08 -3.97
CA GLY A 21 12.42 2.70 -2.88
C GLY A 21 13.34 1.56 -3.24
N GLY A 22 12.96 0.77 -4.24
CA GLY A 22 13.75 -0.39 -4.61
C GLY A 22 13.79 -1.41 -3.49
N ALA A 23 14.83 -2.23 -3.45
CA ALA A 23 14.97 -3.22 -2.39
C ALA A 23 15.35 -2.51 -1.08
N GLY A 24 15.22 -3.24 0.02
CA GLY A 24 15.54 -2.72 1.34
C GLY A 24 14.33 -2.07 1.98
N ASP A 25 14.46 -1.76 3.26
CA ASP A 25 13.37 -1.17 4.03
C ASP A 25 13.52 0.34 3.95
N ASP A 26 12.57 0.99 3.29
CA ASP A 26 12.69 2.41 2.98
C ASP A 26 11.58 3.25 3.59
N ARG A 27 11.83 4.54 3.78
CA ARG A 27 10.76 5.50 4.05
C ARG A 27 10.75 6.43 2.87
N LEU A 28 9.61 6.53 2.22
CA LEU A 28 9.44 7.41 1.08
C LEU A 28 8.52 8.53 1.54
N ASP A 29 8.78 9.73 1.08
CA ASP A 29 7.85 10.83 1.23
C ASP A 29 7.79 11.46 -0.14
N GLY A 30 6.59 11.78 -0.59
CA GLY A 30 6.41 12.38 -1.90
C GLY A 30 6.45 13.88 -1.82
N GLY A 31 6.17 14.43 -0.65
CA GLY A 31 6.07 15.87 -0.50
C GLY A 31 4.86 16.38 -1.24
N ALA A 32 4.83 17.66 -1.55
CA ALA A 32 3.72 18.24 -2.30
C ALA A 32 3.78 17.80 -3.77
N GLY A 33 2.75 18.14 -4.52
CA GLY A 33 2.65 17.74 -5.91
C GLY A 33 2.13 16.33 -6.02
N ASP A 34 1.72 15.95 -7.23
CA ASP A 34 1.19 14.61 -7.46
C ASP A 34 2.39 13.70 -7.68
N ASP A 35 2.41 12.54 -7.02
CA ASP A 35 3.60 11.68 -7.05
C ASP A 35 3.31 10.21 -7.28
N LEU A 36 4.29 9.52 -7.85
CA LEU A 36 4.24 8.07 -8.03
C LEU A 36 5.19 7.52 -6.99
N LEU A 37 4.73 6.59 -6.16
CA LEU A 37 5.56 6.02 -5.09
C LEU A 37 5.58 4.50 -5.16
N ASP A 38 6.70 3.95 -5.59
CA ASP A 38 6.86 2.51 -5.74
C ASP A 38 7.65 1.97 -4.54
N GLY A 39 7.05 1.08 -3.75
CA GLY A 39 7.71 0.60 -2.54
C GLY A 39 8.94 -0.27 -2.78
N GLY A 40 8.79 -1.26 -3.65
CA GLY A 40 9.86 -2.21 -3.91
C GLY A 40 9.93 -3.27 -2.84
N ALA A 41 10.82 -4.24 -2.99
CA ALA A 41 10.99 -5.29 -2.01
C ALA A 41 11.35 -4.69 -0.64
N GLY A 42 11.01 -5.40 0.43
CA GLY A 42 11.24 -4.91 1.78
C GLY A 42 10.00 -4.23 2.33
N ARG A 43 9.98 -3.95 3.63
CA ARG A 43 8.84 -3.30 4.28
C ARG A 43 9.09 -1.80 4.21
N ASP A 44 8.15 -1.08 3.62
CA ASP A 44 8.34 0.33 3.34
C ASP A 44 7.26 1.18 3.96
N ARG A 45 7.57 2.45 4.17
CA ARG A 45 6.61 3.39 4.74
C ARG A 45 6.47 4.52 3.74
N LEU A 46 5.36 4.54 3.03
CA LEU A 46 5.15 5.44 1.90
C LEU A 46 4.26 6.60 2.32
N THR A 47 4.81 7.79 2.37
CA THR A 47 4.07 8.98 2.76
C THR A 47 3.74 9.76 1.49
N GLY A 48 2.47 9.95 1.20
CA GLY A 48 2.12 10.62 -0.05
C GLY A 48 2.19 12.13 0.06
N GLY A 49 1.75 12.64 1.20
CA GLY A 49 1.71 14.08 1.40
C GLY A 49 0.59 14.70 0.55
N LEU A 50 0.66 16.01 0.37
CA LEU A 50 -0.33 16.73 -0.42
C LEU A 50 -0.28 16.30 -1.88
N GLY A 51 -1.39 16.51 -2.57
CA GLY A 51 -1.51 16.12 -3.98
C GLY A 51 -2.06 14.72 -4.10
N ALA A 52 -2.44 14.33 -5.30
CA ALA A 52 -2.95 13.00 -5.59
C ALA A 52 -1.73 12.09 -5.77
N ASP A 53 -1.69 10.98 -5.06
CA ASP A 53 -0.53 10.11 -5.08
C ASP A 53 -0.94 8.71 -5.46
N THR A 54 -0.12 8.04 -6.26
CA THR A 54 -0.38 6.65 -6.62
C THR A 54 0.71 5.80 -5.98
N PHE A 55 0.28 4.90 -5.11
CA PHE A 55 1.18 4.03 -4.37
C PHE A 55 1.18 2.71 -5.10
N ARG A 56 2.35 2.21 -5.42
CA ARG A 56 2.47 1.07 -6.32
C ARG A 56 3.36 -0.05 -5.85
N PHE A 57 3.02 -1.23 -6.33
CA PHE A 57 3.88 -2.38 -6.20
C PHE A 57 4.98 -2.25 -7.27
N ALA A 58 6.11 -2.90 -7.06
CA ALA A 58 7.12 -3.06 -8.09
C ALA A 58 7.41 -4.56 -8.27
N LEU A 59 6.78 -5.38 -7.44
CA LEU A 59 6.95 -6.83 -7.44
C LEU A 59 5.71 -7.38 -6.74
N ARG A 60 5.40 -8.67 -6.88
CA ARG A 60 4.27 -9.25 -6.13
C ARG A 60 4.62 -9.32 -4.63
N GLU A 61 5.90 -9.41 -4.33
CA GLU A 61 6.39 -9.61 -2.97
C GLU A 61 6.60 -8.28 -2.25
N ASP A 62 6.12 -7.22 -2.87
CA ASP A 62 6.25 -5.86 -2.35
C ASP A 62 5.58 -5.68 -0.99
N SER A 63 4.46 -6.36 -0.77
CA SER A 63 3.73 -6.26 0.49
C SER A 63 3.10 -7.61 0.84
N HIS A 64 3.71 -8.28 1.80
CA HIS A 64 3.34 -9.66 2.16
C HIS A 64 3.54 -9.84 3.67
N ARG A 65 2.87 -10.78 4.31
CA ARG A 65 3.10 -11.06 5.74
C ARG A 65 3.32 -12.54 5.97
N SER A 66 4.34 -12.85 6.74
CA SER A 66 4.73 -14.23 7.06
C SER A 66 4.74 -14.34 8.59
N PRO A 67 4.55 -15.54 9.15
CA PRO A 67 4.72 -15.60 10.62
C PRO A 67 6.17 -15.37 11.05
N LEU A 68 7.11 -15.47 10.11
CA LEU A 68 8.53 -15.19 10.39
C LEU A 68 8.78 -13.68 10.43
N GLY A 69 7.79 -12.89 10.02
CA GLY A 69 7.92 -11.45 10.03
C GLY A 69 7.04 -10.80 8.98
N THR A 70 6.61 -9.59 9.25
CA THR A 70 5.78 -8.85 8.30
C THR A 70 6.68 -8.13 7.32
N PHE A 71 6.28 -8.09 6.06
CA PHE A 71 6.99 -7.35 5.02
C PHE A 71 6.00 -6.39 4.38
N SER A 72 4.85 -6.23 5.02
CA SER A 72 3.79 -5.40 4.46
C SER A 72 4.16 -3.94 4.56
N ASP A 73 3.79 -3.19 3.55
CA ASP A 73 4.05 -1.76 3.52
C ASP A 73 2.97 -1.05 4.31
N LEU A 74 3.31 0.13 4.79
CA LEU A 74 2.39 0.99 5.52
C LEU A 74 2.33 2.26 4.72
N ILE A 75 1.14 2.72 4.39
CA ILE A 75 0.99 4.00 3.69
C ILE A 75 0.59 4.99 4.76
N LEU A 76 1.13 6.19 4.64
CA LEU A 76 0.99 7.27 5.61
C LEU A 76 0.41 8.47 4.88
N ASP A 77 -0.40 9.25 5.57
CA ASP A 77 -0.99 10.49 5.04
C ASP A 77 -1.71 10.24 3.71
N PHE A 78 -2.46 9.16 3.70
CA PHE A 78 -3.23 8.75 2.53
C PHE A 78 -4.52 9.56 2.46
N ASP A 79 -4.78 10.13 1.30
CA ASP A 79 -5.99 10.91 1.06
C ASP A 79 -7.03 10.03 0.36
N PRO A 80 -8.06 9.56 1.06
CA PRO A 80 -9.02 8.65 0.41
C PRO A 80 -9.96 9.33 -0.60
N SER A 81 -9.75 10.62 -0.84
CA SER A 81 -10.53 11.37 -1.82
C SER A 81 -9.74 11.57 -3.11
N GLN A 82 -8.45 11.22 -3.11
CA GLN A 82 -7.55 11.50 -4.25
C GLN A 82 -6.50 10.44 -4.54
N ASP A 83 -5.97 9.82 -3.50
CA ASP A 83 -4.85 8.89 -3.67
C ASP A 83 -5.33 7.52 -4.15
N LYS A 84 -4.47 6.78 -4.84
CA LYS A 84 -4.85 5.49 -5.44
C LYS A 84 -3.79 4.45 -5.10
N ILE A 85 -4.19 3.18 -5.00
CA ILE A 85 -3.26 2.08 -4.69
C ILE A 85 -3.33 1.03 -5.80
N ASP A 86 -2.21 0.78 -6.47
CA ASP A 86 -2.15 -0.25 -7.51
C ASP A 86 -1.74 -1.56 -6.86
N VAL A 87 -2.51 -2.61 -7.12
CA VAL A 87 -2.26 -3.93 -6.50
C VAL A 87 -2.31 -5.06 -7.52
N SER A 88 -2.11 -4.72 -8.79
CA SER A 88 -2.24 -5.69 -9.89
C SER A 88 -1.36 -6.94 -9.75
N ALA A 89 -0.13 -6.78 -9.28
CA ALA A 89 0.78 -7.94 -9.14
C ALA A 89 0.41 -8.85 -7.97
N LEU A 90 -0.47 -8.39 -7.09
CA LEU A 90 -0.87 -9.18 -5.92
C LEU A 90 -2.04 -10.03 -6.39
N GLY A 91 -2.81 -9.44 -7.30
CA GLY A 91 -3.82 -10.19 -8.02
C GLY A 91 -5.04 -10.65 -7.24
N PHE A 92 -5.51 -9.82 -6.32
CA PHE A 92 -6.71 -10.14 -5.54
C PHE A 92 -7.88 -10.35 -6.52
N ILE A 93 -8.66 -11.40 -6.32
CA ILE A 93 -9.67 -11.80 -7.31
C ILE A 93 -11.10 -11.92 -6.74
N GLY A 94 -11.23 -12.10 -5.44
CA GLY A 94 -12.55 -12.25 -4.84
C GLY A 94 -13.04 -11.04 -4.07
N LEU A 95 -14.35 -10.96 -3.90
CA LEU A 95 -15.01 -9.78 -3.31
C LEU A 95 -14.58 -9.42 -1.88
N GLY A 96 -14.33 -10.39 -1.02
CA GLY A 96 -13.84 -10.07 0.32
C GLY A 96 -14.22 -10.91 1.52
N ASN A 97 -13.69 -12.12 1.61
CA ASN A 97 -13.82 -12.95 2.81
C ASN A 97 -12.55 -12.79 3.65
N GLY A 98 -11.53 -12.18 3.06
CA GLY A 98 -10.25 -11.96 3.73
C GLY A 98 -9.30 -13.13 3.66
N TYR A 99 -9.71 -14.18 2.99
CA TYR A 99 -8.90 -15.38 2.84
C TYR A 99 -9.08 -15.91 1.43
N ALA A 100 -8.12 -16.70 0.97
CA ALA A 100 -8.16 -17.38 -0.34
C ALA A 100 -8.39 -16.42 -1.52
N GLY A 101 -7.60 -15.35 -1.58
CA GLY A 101 -7.62 -14.47 -2.74
C GLY A 101 -8.72 -13.44 -2.73
N THR A 102 -9.38 -13.31 -1.59
CA THR A 102 -10.50 -12.39 -1.45
C THR A 102 -10.14 -11.35 -0.39
N LEU A 103 -10.31 -10.07 -0.67
CA LEU A 103 -9.77 -9.02 0.21
C LEU A 103 -10.73 -8.46 1.26
N ALA A 104 -10.34 -8.50 2.52
CA ALA A 104 -11.10 -7.87 3.60
C ALA A 104 -10.24 -6.82 4.28
N VAL A 105 -10.87 -5.98 5.08
CA VAL A 105 -10.20 -4.88 5.76
C VAL A 105 -10.49 -4.99 7.26
N SER A 106 -9.57 -4.49 8.08
CA SER A 106 -9.72 -4.51 9.53
C SER A 106 -9.14 -3.21 10.06
N LEU A 107 -9.50 -2.84 11.28
CA LEU A 107 -9.00 -1.60 11.89
C LEU A 107 -8.38 -1.90 13.23
N SER A 108 -7.51 -1.02 13.68
CA SER A 108 -6.94 -1.09 15.02
C SER A 108 -8.02 -0.62 15.98
N ALA A 109 -7.89 -0.98 17.25
CA ALA A 109 -8.89 -0.64 18.27
C ALA A 109 -8.98 0.87 18.56
N ASP A 110 -8.05 1.65 18.02
CA ASP A 110 -8.02 3.10 18.24
C ASP A 110 -8.37 3.80 16.92
N GLY A 111 -8.64 2.99 15.90
CA GLY A 111 -8.95 3.52 14.58
C GLY A 111 -7.78 4.20 13.89
N LEU A 112 -6.61 4.18 14.51
CA LEU A 112 -5.45 4.93 13.98
C LEU A 112 -4.72 4.18 12.89
N ARG A 113 -5.00 2.89 12.79
CA ARG A 113 -4.35 2.03 11.80
C ARG A 113 -5.37 1.14 11.15
N THR A 114 -5.08 0.72 9.94
CA THR A 114 -5.98 -0.11 9.14
C THR A 114 -5.14 -1.23 8.56
N TYR A 115 -5.74 -2.39 8.35
CA TYR A 115 -5.04 -3.54 7.82
C TYR A 115 -5.86 -4.14 6.71
N LEU A 116 -5.21 -4.66 5.68
CA LEU A 116 -5.90 -5.28 4.54
C LEU A 116 -5.33 -6.68 4.42
N LYS A 117 -6.20 -7.67 4.27
CA LYS A 117 -5.77 -9.07 4.21
C LYS A 117 -6.54 -9.85 3.16
N SER A 118 -5.81 -10.59 2.34
CA SER A 118 -6.41 -11.44 1.31
C SER A 118 -6.05 -12.91 1.51
N TYR A 119 -4.90 -13.14 2.13
CA TYR A 119 -4.39 -14.48 2.45
C TYR A 119 -4.54 -15.47 1.29
N ASP A 120 -4.01 -15.04 0.16
CA ASP A 120 -4.05 -15.78 -1.09
C ASP A 120 -3.16 -17.02 -1.05
N ALA A 121 -3.44 -17.98 -1.91
CA ALA A 121 -2.55 -19.13 -2.08
C ALA A 121 -2.48 -19.43 -3.58
N ASP A 122 -3.01 -18.48 -4.32
CA ASP A 122 -3.22 -18.62 -5.75
C ASP A 122 -1.93 -18.39 -6.51
N ALA A 123 -1.19 -17.39 -6.05
CA ALA A 123 0.08 -17.02 -6.67
C ALA A 123 1.21 -17.91 -6.17
N GLN A 124 1.16 -19.19 -6.50
CA GLN A 124 2.18 -20.18 -6.08
C GLN A 124 2.21 -20.31 -4.55
N GLY A 125 1.03 -20.25 -3.96
CA GLY A 125 0.90 -20.40 -2.52
C GLY A 125 1.50 -19.26 -1.73
N ARG A 126 1.51 -18.06 -2.31
CA ARG A 126 2.04 -16.89 -1.63
C ARG A 126 0.89 -15.93 -1.37
N SER A 127 0.83 -15.39 -0.17
CA SER A 127 -0.22 -14.47 0.25
C SER A 127 0.29 -13.04 0.23
N PHE A 128 -0.59 -12.09 0.02
CA PHE A 128 -0.24 -10.68 0.03
C PHE A 128 -1.16 -9.95 1.00
N GLU A 129 -0.59 -9.03 1.76
CA GLU A 129 -1.32 -8.33 2.81
C GLU A 129 -0.75 -6.91 2.92
N LEU A 130 -1.57 -5.96 3.34
CA LEU A 130 -1.18 -4.54 3.40
C LEU A 130 -1.57 -3.92 4.74
N ALA A 131 -1.08 -2.72 5.01
CA ALA A 131 -1.45 -1.97 6.21
C ALA A 131 -1.42 -0.48 5.88
N LEU A 132 -2.10 0.30 6.70
CA LEU A 132 -2.17 1.76 6.55
C LEU A 132 -2.03 2.32 7.97
N ASP A 133 -1.29 3.40 8.14
CA ASP A 133 -1.10 4.03 9.44
C ASP A 133 -1.37 5.51 9.27
N GLY A 134 -1.94 6.16 10.27
CA GLY A 134 -2.16 7.60 10.18
C GLY A 134 -2.98 7.99 8.97
N ASN A 135 -4.11 7.31 8.79
CA ASN A 135 -4.96 7.52 7.63
C ASN A 135 -6.22 8.27 8.04
N HIS A 136 -6.89 8.86 7.06
CA HIS A 136 -8.21 9.47 7.26
C HIS A 136 -9.26 8.37 7.33
N ALA A 137 -9.21 7.57 8.38
CA ALA A 137 -10.14 6.47 8.59
C ALA A 137 -11.57 7.00 8.69
N ALA A 138 -11.71 8.22 9.19
CA ALA A 138 -13.01 8.87 9.32
C ALA A 138 -13.68 9.05 7.95
N THR A 139 -12.89 9.14 6.88
CA THR A 139 -13.43 9.32 5.54
C THR A 139 -12.91 8.26 4.57
N LEU A 140 -12.55 7.09 5.07
CA LEU A 140 -11.94 6.06 4.22
C LEU A 140 -12.93 5.56 3.15
N SER A 141 -12.37 5.06 2.05
CA SER A 141 -13.17 4.49 0.98
C SER A 141 -12.34 3.41 0.29
N ALA A 142 -13.01 2.33 -0.11
CA ALA A 142 -12.32 1.20 -0.77
C ALA A 142 -12.18 1.42 -2.27
N GLY A 143 -12.77 2.50 -2.77
CA GLY A 143 -12.73 2.79 -4.20
C GLY A 143 -11.34 3.13 -4.73
N ASN A 144 -10.40 3.35 -3.83
CA ASN A 144 -9.04 3.72 -4.20
C ASN A 144 -8.16 2.50 -4.47
N ILE A 145 -8.69 1.31 -4.20
CA ILE A 145 -8.02 0.08 -4.60
C ILE A 145 -8.28 0.04 -6.10
N VAL A 146 -7.34 -0.45 -6.90
CA VAL A 146 -7.49 -0.45 -8.37
C VAL A 146 -8.79 -1.11 -8.84
N PHE A 147 -9.28 -2.12 -8.13
CA PHE A 147 -10.51 -2.82 -8.51
C PHE A 147 -11.79 -2.03 -8.20
N ALA A 148 -11.75 -1.25 -7.11
CA ALA A 148 -12.90 -0.47 -6.65
C ALA A 148 -14.17 -1.34 -6.52
N ALA A 149 -15.32 -0.69 -6.67
CA ALA A 149 -16.65 -1.35 -6.69
C ALA A 149 -16.99 -2.23 -5.48
N ALA A 150 -16.42 -1.94 -4.32
CA ALA A 150 -16.72 -2.68 -3.10
C ALA A 150 -18.14 -2.36 -2.61
N THR A 151 -19.07 -3.26 -2.90
CA THR A 151 -20.47 -3.09 -2.51
C THR A 151 -20.60 -3.44 -1.01
N PRO A 152 -21.53 -2.78 -0.28
CA PRO A 152 -21.69 -3.17 1.13
C PRO A 152 -22.44 -4.49 1.28
N GLY A 153 -22.58 -4.96 2.51
CA GLY A 153 -23.34 -6.15 2.80
C GLY A 153 -24.14 -5.89 4.05
CA CA B . 16.18 1.24 -0.96
CA CA C . 6.64 15.64 -5.03
CA CA D . 11.72 -1.06 -0.46
CA CA E . 2.46 14.12 -3.06
CA CA F . 7.42 -2.89 -0.05
CA CA G . -1.99 12.47 -1.10
N ALA A 1 12.91 11.97 -6.49
CA ALA A 1 12.68 11.05 -7.66
C ALA A 1 13.60 9.83 -7.55
N GLN A 2 13.15 8.70 -8.09
CA GLN A 2 13.84 7.39 -8.03
C GLN A 2 14.37 7.02 -6.63
N GLY A 3 15.31 6.08 -6.58
CA GLY A 3 15.90 5.64 -5.33
C GLY A 3 17.06 4.72 -5.68
N THR A 4 17.50 3.90 -4.72
CA THR A 4 18.60 2.96 -4.93
C THR A 4 18.35 1.75 -4.03
N ASP A 5 19.13 0.70 -4.13
CA ASP A 5 18.95 -0.46 -3.24
C ASP A 5 19.65 -0.17 -1.92
N GLY A 6 19.09 -0.73 -0.83
CA GLY A 6 19.54 -0.41 0.51
C GLY A 6 18.39 0.24 1.24
N ASN A 7 18.57 0.69 2.48
CA ASN A 7 17.47 1.31 3.23
C ASN A 7 17.49 2.81 2.99
N ASP A 8 16.55 3.30 2.19
CA ASP A 8 16.55 4.71 1.77
C ASP A 8 15.65 5.54 2.66
N VAL A 9 15.95 6.83 2.75
CA VAL A 9 15.04 7.80 3.35
C VAL A 9 14.92 8.92 2.32
N LEU A 10 13.81 8.94 1.61
CA LEU A 10 13.63 9.86 0.48
C LEU A 10 12.41 10.72 0.68
N ILE A 11 12.54 11.99 0.32
CA ILE A 11 11.44 12.94 0.37
C ILE A 11 11.40 13.61 -0.99
N GLY A 12 10.25 13.59 -1.63
CA GLY A 12 10.11 14.17 -2.95
C GLY A 12 10.03 15.67 -2.94
N SER A 13 10.36 16.26 -4.08
CA SER A 13 10.26 17.70 -4.28
C SER A 13 8.78 18.04 -4.51
N ASP A 14 8.45 19.32 -4.61
CA ASP A 14 7.06 19.74 -4.79
C ASP A 14 6.56 19.52 -6.22
N VAL A 15 7.47 19.20 -7.12
CA VAL A 15 7.09 18.87 -8.50
C VAL A 15 6.59 17.42 -8.55
N GLY A 16 5.95 17.04 -9.64
CA GLY A 16 5.48 15.66 -9.79
C GLY A 16 6.64 14.73 -10.06
N GLU A 17 6.63 13.55 -9.47
CA GLU A 17 7.75 12.61 -9.57
C GLU A 17 7.33 11.14 -9.57
N GLN A 18 8.24 10.28 -9.99
CA GLN A 18 8.17 8.86 -9.69
C GLN A 18 9.29 8.65 -8.69
N ILE A 19 8.96 8.09 -7.53
CA ILE A 19 9.93 7.86 -6.47
C ILE A 19 9.84 6.39 -6.16
N SER A 20 10.94 5.69 -6.32
CA SER A 20 10.96 4.25 -6.14
C SER A 20 11.94 3.91 -5.04
N GLY A 21 11.61 2.93 -4.22
CA GLY A 21 12.51 2.55 -3.15
C GLY A 21 13.38 1.36 -3.51
N GLY A 22 12.94 0.58 -4.47
CA GLY A 22 13.71 -0.60 -4.85
C GLY A 22 13.79 -1.59 -3.69
N ALA A 23 14.90 -2.32 -3.60
CA ALA A 23 15.09 -3.25 -2.51
C ALA A 23 15.44 -2.49 -1.23
N GLY A 24 15.29 -3.17 -0.11
CA GLY A 24 15.58 -2.60 1.20
C GLY A 24 14.34 -2.00 1.85
N ASP A 25 14.47 -1.70 3.13
CA ASP A 25 13.37 -1.16 3.93
C ASP A 25 13.44 0.37 3.86
N ASP A 26 12.59 0.97 3.03
CA ASP A 26 12.70 2.39 2.73
C ASP A 26 11.62 3.23 3.39
N ARG A 27 11.85 4.54 3.41
CA ARG A 27 10.81 5.50 3.78
C ARG A 27 10.74 6.45 2.61
N LEU A 28 9.55 6.58 2.04
CA LEU A 28 9.34 7.41 0.86
C LEU A 28 8.28 8.45 1.17
N ASP A 29 8.51 9.68 0.73
CA ASP A 29 7.53 10.75 0.86
C ASP A 29 7.45 11.39 -0.50
N GLY A 30 6.24 11.74 -0.93
CA GLY A 30 6.06 12.35 -2.23
C GLY A 30 6.22 13.85 -2.19
N GLY A 31 5.97 14.45 -1.02
CA GLY A 31 5.94 15.91 -0.95
C GLY A 31 4.73 16.41 -1.72
N ALA A 32 4.75 17.68 -2.15
CA ALA A 32 3.64 18.18 -2.95
C ALA A 32 3.74 17.66 -4.40
N GLY A 33 2.75 18.00 -5.20
CA GLY A 33 2.69 17.50 -6.57
C GLY A 33 2.16 16.09 -6.59
N ASP A 34 1.82 15.60 -7.77
CA ASP A 34 1.28 14.25 -7.90
C ASP A 34 2.46 13.30 -7.97
N ASP A 35 2.39 12.16 -7.30
CA ASP A 35 3.55 11.27 -7.21
C ASP A 35 3.22 9.79 -7.33
N LEU A 36 4.15 9.06 -7.91
CA LEU A 36 4.10 7.61 -7.94
C LEU A 36 5.08 7.16 -6.87
N LEU A 37 4.63 6.37 -5.92
CA LEU A 37 5.51 5.86 -4.86
C LEU A 37 5.60 4.36 -5.02
N ASP A 38 6.74 3.90 -5.49
CA ASP A 38 6.95 2.49 -5.85
C ASP A 38 7.81 1.82 -4.78
N GLY A 39 7.17 1.17 -3.82
CA GLY A 39 7.89 0.64 -2.66
C GLY A 39 9.02 -0.34 -2.94
N GLY A 40 8.75 -1.36 -3.75
CA GLY A 40 9.75 -2.37 -4.04
C GLY A 40 9.88 -3.39 -2.92
N ALA A 41 10.76 -4.37 -3.10
CA ALA A 41 10.97 -5.40 -2.10
C ALA A 41 11.35 -4.78 -0.74
N GLY A 42 10.97 -5.46 0.34
CA GLY A 42 11.21 -4.95 1.68
C GLY A 42 9.98 -4.23 2.20
N ARG A 43 9.91 -4.00 3.50
CA ARG A 43 8.77 -3.31 4.11
C ARG A 43 9.08 -1.83 4.09
N ASP A 44 8.18 -1.05 3.54
CA ASP A 44 8.43 0.36 3.28
C ASP A 44 7.38 1.21 3.95
N ARG A 45 7.69 2.49 4.15
CA ARG A 45 6.76 3.45 4.76
C ARG A 45 6.52 4.55 3.75
N LEU A 46 5.31 4.64 3.22
CA LEU A 46 5.00 5.57 2.13
C LEU A 46 4.11 6.71 2.61
N THR A 47 4.45 7.93 2.21
CA THR A 47 3.66 9.12 2.56
C THR A 47 3.39 9.89 1.29
N GLY A 48 2.13 10.20 1.00
CA GLY A 48 1.80 10.86 -0.25
C GLY A 48 1.98 12.37 -0.25
N GLY A 49 1.56 13.01 0.83
CA GLY A 49 1.60 14.45 0.89
C GLY A 49 0.50 15.05 0.02
N LEU A 50 0.61 16.34 -0.28
CA LEU A 50 -0.36 17.02 -1.13
C LEU A 50 -0.31 16.48 -2.55
N GLY A 51 -1.37 16.70 -3.30
CA GLY A 51 -1.49 16.20 -4.67
C GLY A 51 -2.07 14.80 -4.66
N ALA A 52 -2.34 14.23 -5.83
CA ALA A 52 -2.86 12.88 -5.94
C ALA A 52 -1.64 11.94 -5.95
N ASP A 53 -1.70 10.86 -5.18
CA ASP A 53 -0.55 9.98 -5.05
C ASP A 53 -0.96 8.54 -5.19
N THR A 54 -0.14 7.73 -5.83
CA THR A 54 -0.40 6.29 -5.88
C THR A 54 0.66 5.51 -5.12
N PHE A 55 0.19 4.74 -4.16
CA PHE A 55 1.04 3.88 -3.35
C PHE A 55 1.05 2.58 -4.14
N ARG A 56 2.12 2.38 -4.88
CA ARG A 56 2.12 1.45 -5.99
C ARG A 56 3.14 0.33 -5.85
N PHE A 57 2.78 -0.81 -6.43
CA PHE A 57 3.67 -1.95 -6.51
C PHE A 57 4.87 -1.64 -7.42
N ALA A 58 5.95 -2.37 -7.19
CA ALA A 58 7.09 -2.39 -8.11
C ALA A 58 7.44 -3.85 -8.42
N LEU A 59 7.15 -4.73 -7.47
CA LEU A 59 7.42 -6.16 -7.60
C LEU A 59 6.30 -6.90 -6.87
N ARG A 60 6.04 -8.15 -7.22
CA ARG A 60 5.00 -8.94 -6.54
C ARG A 60 5.30 -9.15 -5.05
N GLU A 61 6.56 -9.07 -4.69
CA GLU A 61 7.01 -9.31 -3.30
C GLU A 61 6.96 -8.04 -2.46
N ASP A 62 6.32 -7.01 -2.99
CA ASP A 62 6.26 -5.70 -2.32
C ASP A 62 5.71 -5.72 -0.89
N SER A 63 4.67 -6.49 -0.65
CA SER A 63 4.01 -6.53 0.65
C SER A 63 3.44 -7.91 0.90
N HIS A 64 4.07 -8.68 1.78
CA HIS A 64 3.69 -10.07 2.01
C HIS A 64 4.04 -10.48 3.45
N ARG A 65 3.61 -11.67 3.85
CA ARG A 65 3.98 -12.23 5.16
C ARG A 65 5.04 -13.31 4.94
N SER A 66 5.80 -13.63 5.97
CA SER A 66 6.83 -14.66 5.86
C SER A 66 6.98 -15.25 7.25
N PRO A 67 7.45 -16.50 7.38
CA PRO A 67 7.70 -16.97 8.75
C PRO A 67 8.87 -16.21 9.41
N LEU A 68 9.65 -15.50 8.60
CA LEU A 68 10.76 -14.68 9.09
C LEU A 68 10.28 -13.31 9.60
N GLY A 69 8.98 -13.07 9.52
CA GLY A 69 8.41 -11.80 9.95
C GLY A 69 7.56 -11.22 8.85
N THR A 70 6.84 -10.15 9.14
CA THR A 70 6.00 -9.52 8.13
C THR A 70 6.85 -8.60 7.26
N PHE A 71 6.48 -8.47 5.99
CA PHE A 71 7.15 -7.56 5.06
C PHE A 71 6.06 -6.67 4.48
N SER A 72 4.98 -6.55 5.22
CA SER A 72 3.84 -5.72 4.85
C SER A 72 4.26 -4.26 4.80
N ASP A 73 3.79 -3.53 3.80
CA ASP A 73 4.10 -2.10 3.69
C ASP A 73 3.16 -1.30 4.56
N LEU A 74 3.63 -0.11 4.93
CA LEU A 74 2.88 0.81 5.76
C LEU A 74 2.69 2.11 5.00
N ILE A 75 1.47 2.60 4.92
CA ILE A 75 1.20 3.89 4.32
C ILE A 75 0.85 4.83 5.48
N LEU A 76 1.21 6.09 5.36
CA LEU A 76 0.84 7.10 6.36
C LEU A 76 -0.58 7.53 6.03
N ASP A 77 -1.19 8.29 6.92
CA ASP A 77 -2.53 8.85 6.67
C ASP A 77 -2.47 9.65 5.38
N PHE A 78 -3.50 9.52 4.54
CA PHE A 78 -3.46 10.16 3.23
C PHE A 78 -4.81 10.73 2.79
N ASP A 79 -4.90 11.17 1.53
CA ASP A 79 -6.12 11.80 0.99
C ASP A 79 -6.94 10.78 0.17
N PRO A 80 -7.88 10.05 0.79
CA PRO A 80 -8.57 9.01 0.00
C PRO A 80 -9.58 9.52 -1.02
N SER A 81 -9.72 10.84 -1.14
CA SER A 81 -10.55 11.44 -2.17
C SER A 81 -9.75 11.66 -3.46
N GLN A 82 -8.43 11.46 -3.39
CA GLN A 82 -7.53 11.73 -4.52
C GLN A 82 -6.47 10.65 -4.73
N ASP A 83 -6.03 10.03 -3.65
CA ASP A 83 -4.93 9.08 -3.69
C ASP A 83 -5.41 7.68 -4.05
N LYS A 84 -4.47 6.76 -4.22
CA LYS A 84 -4.73 5.44 -4.79
C LYS A 84 -3.80 4.40 -4.18
N ILE A 85 -4.29 3.18 -4.02
CA ILE A 85 -3.45 2.05 -3.60
C ILE A 85 -3.48 1.05 -4.77
N ASP A 86 -2.35 0.87 -5.43
CA ASP A 86 -2.25 0.00 -6.59
C ASP A 86 -1.43 -1.24 -6.25
N VAL A 87 -2.11 -2.37 -6.21
CA VAL A 87 -1.50 -3.66 -5.82
C VAL A 87 -1.71 -4.74 -6.88
N SER A 88 -1.97 -4.32 -8.11
CA SER A 88 -2.30 -5.26 -9.19
C SER A 88 -1.23 -6.34 -9.43
N ALA A 89 0.04 -5.97 -9.38
CA ALA A 89 1.12 -6.92 -9.71
C ALA A 89 1.43 -7.95 -8.62
N LEU A 90 0.79 -7.87 -7.46
CA LEU A 90 1.01 -8.88 -6.42
C LEU A 90 0.26 -10.11 -6.88
N GLY A 91 -0.94 -9.83 -7.35
CA GLY A 91 -1.81 -10.85 -7.91
C GLY A 91 -2.87 -11.32 -6.93
N PHE A 92 -4.10 -11.44 -7.42
CA PHE A 92 -5.24 -11.88 -6.62
C PHE A 92 -6.14 -12.65 -7.59
N ILE A 93 -7.06 -13.45 -7.07
CA ILE A 93 -7.89 -14.33 -7.92
C ILE A 93 -9.40 -14.03 -7.80
N GLY A 94 -9.80 -13.25 -6.81
CA GLY A 94 -11.21 -12.93 -6.63
C GLY A 94 -11.47 -11.52 -6.16
N LEU A 95 -12.71 -11.10 -6.29
CA LEU A 95 -13.11 -9.70 -6.04
C LEU A 95 -12.92 -9.21 -4.61
N GLY A 96 -13.19 -10.04 -3.62
CA GLY A 96 -13.09 -9.58 -2.25
C GLY A 96 -13.87 -10.32 -1.18
N ASN A 97 -13.22 -11.26 -0.50
CA ASN A 97 -13.82 -11.98 0.63
C ASN A 97 -12.81 -12.10 1.78
N GLY A 98 -11.60 -11.57 1.57
CA GLY A 98 -10.55 -11.57 2.58
C GLY A 98 -9.75 -12.84 2.75
N TYR A 99 -10.09 -13.88 2.01
CA TYR A 99 -9.42 -15.17 2.12
C TYR A 99 -9.23 -15.81 0.76
N ALA A 100 -8.19 -16.64 0.65
CA ALA A 100 -7.90 -17.43 -0.56
C ALA A 100 -7.78 -16.59 -1.83
N GLY A 101 -7.00 -15.52 -1.78
CA GLY A 101 -6.73 -14.73 -2.97
C GLY A 101 -7.80 -13.70 -3.27
N THR A 102 -8.57 -13.35 -2.26
CA THR A 102 -9.62 -12.35 -2.41
C THR A 102 -9.40 -11.34 -1.29
N LEU A 103 -9.56 -10.06 -1.57
CA LEU A 103 -9.18 -9.02 -0.60
C LEU A 103 -10.27 -8.59 0.39
N ALA A 104 -9.85 -7.93 1.45
CA ALA A 104 -10.75 -7.31 2.42
C ALA A 104 -9.97 -6.16 3.04
N VAL A 105 -10.70 -5.27 3.70
CA VAL A 105 -10.12 -4.15 4.41
C VAL A 105 -10.59 -4.28 5.86
N SER A 106 -9.81 -3.77 6.80
CA SER A 106 -10.16 -3.80 8.21
C SER A 106 -9.61 -2.55 8.86
N LEU A 107 -10.12 -2.21 10.02
CA LEU A 107 -9.67 -1.03 10.77
C LEU A 107 -9.41 -1.44 12.20
N SER A 108 -8.66 -0.63 12.92
CA SER A 108 -8.51 -0.82 14.36
C SER A 108 -9.79 -0.28 15.00
N ALA A 109 -9.99 -0.58 16.28
CA ALA A 109 -11.21 -0.20 16.99
C ALA A 109 -11.39 1.33 17.14
N ASP A 110 -10.33 2.08 16.83
CA ASP A 110 -10.31 3.53 17.00
C ASP A 110 -10.07 4.18 15.65
N GLY A 111 -10.01 3.37 14.60
CA GLY A 111 -9.79 3.88 13.25
C GLY A 111 -8.39 4.39 12.99
N LEU A 112 -7.49 4.24 13.96
CA LEU A 112 -6.12 4.80 13.83
C LEU A 112 -5.20 3.96 12.95
N ARG A 113 -5.66 2.78 12.54
CA ARG A 113 -4.90 1.91 11.65
C ARG A 113 -5.86 1.27 10.66
N THR A 114 -5.39 1.04 9.45
CA THR A 114 -6.17 0.38 8.40
C THR A 114 -5.35 -0.79 7.87
N TYR A 115 -6.01 -1.89 7.56
CA TYR A 115 -5.33 -3.10 7.14
C TYR A 115 -5.93 -3.63 5.85
N LEU A 116 -5.12 -4.31 5.05
CA LEU A 116 -5.60 -4.97 3.83
C LEU A 116 -5.14 -6.41 3.91
N LYS A 117 -6.03 -7.36 3.59
CA LYS A 117 -5.72 -8.78 3.74
C LYS A 117 -6.34 -9.64 2.64
N SER A 118 -5.57 -10.59 2.12
CA SER A 118 -6.04 -11.53 1.10
C SER A 118 -6.12 -12.98 1.62
N TYR A 119 -5.43 -13.22 2.73
CA TYR A 119 -5.18 -14.56 3.30
C TYR A 119 -5.04 -15.67 2.27
N ASP A 120 -4.05 -15.50 1.42
CA ASP A 120 -3.66 -16.50 0.44
C ASP A 120 -3.19 -17.71 1.25
N ALA A 121 -3.61 -18.91 0.87
CA ALA A 121 -3.35 -20.09 1.69
C ALA A 121 -2.50 -21.11 0.96
N ASP A 122 -1.90 -20.64 -0.12
CA ASP A 122 -1.09 -21.47 -1.01
C ASP A 122 0.12 -22.05 -0.28
N ALA A 123 0.65 -21.26 0.65
CA ALA A 123 1.80 -21.69 1.45
C ALA A 123 1.67 -21.15 2.87
N GLN A 124 1.30 -22.03 3.79
CA GLN A 124 1.23 -21.74 5.24
C GLN A 124 0.45 -20.46 5.62
N GLY A 125 -0.51 -20.05 4.80
CA GLY A 125 -1.26 -18.84 5.07
C GLY A 125 -0.43 -17.57 5.01
N ARG A 126 0.69 -17.59 4.29
CA ARG A 126 1.50 -16.39 4.12
C ARG A 126 0.81 -15.68 2.97
N SER A 127 0.57 -14.38 3.13
CA SER A 127 -0.32 -13.68 2.23
C SER A 127 0.11 -12.25 1.93
N PHE A 128 -0.41 -11.70 0.84
CA PHE A 128 -0.25 -10.28 0.53
C PHE A 128 -1.10 -9.50 1.53
N GLU A 129 -0.43 -8.84 2.48
CA GLU A 129 -1.13 -8.04 3.48
C GLU A 129 -0.39 -6.73 3.66
N LEU A 130 -1.14 -5.69 4.04
CA LEU A 130 -0.59 -4.36 4.31
C LEU A 130 -1.16 -3.90 5.64
N ALA A 131 -0.43 -3.04 6.32
CA ALA A 131 -0.86 -2.48 7.60
C ALA A 131 -0.45 -1.02 7.61
N LEU A 132 -1.40 -0.14 7.40
CA LEU A 132 -1.15 1.28 7.26
C LEU A 132 -1.84 2.04 8.39
N ASP A 133 -1.59 3.33 8.46
CA ASP A 133 -2.17 4.19 9.49
C ASP A 133 -3.65 4.49 9.20
N GLY A 134 -4.19 5.50 9.84
CA GLY A 134 -5.59 5.86 9.67
C GLY A 134 -5.82 6.58 8.35
N ASN A 135 -7.02 7.12 8.18
CA ASN A 135 -7.36 7.80 6.94
C ASN A 135 -8.57 8.71 7.12
N HIS A 136 -8.75 9.62 6.18
CA HIS A 136 -9.93 10.49 6.17
C HIS A 136 -11.14 9.72 5.66
N ALA A 137 -11.75 8.95 6.54
CA ALA A 137 -12.97 8.22 6.21
C ALA A 137 -14.07 9.21 5.81
N ALA A 138 -13.98 10.41 6.36
CA ALA A 138 -14.90 11.50 6.02
C ALA A 138 -14.82 11.86 4.52
N THR A 139 -13.68 11.56 3.89
CA THR A 139 -13.51 11.83 2.45
C THR A 139 -13.17 10.57 1.66
N LEU A 140 -13.59 9.40 2.14
CA LEU A 140 -13.25 8.15 1.47
C LEU A 140 -13.90 8.05 0.09
N SER A 141 -13.34 7.19 -0.76
CA SER A 141 -13.93 6.91 -2.05
C SER A 141 -13.78 5.41 -2.33
N ALA A 142 -14.75 4.84 -3.04
CA ALA A 142 -14.73 3.41 -3.32
C ALA A 142 -13.63 3.02 -4.32
N GLY A 143 -13.06 4.03 -4.96
CA GLY A 143 -12.04 3.79 -5.98
C GLY A 143 -10.62 3.72 -5.44
N ASN A 144 -10.47 3.69 -4.12
CA ASN A 144 -9.14 3.71 -3.50
C ASN A 144 -8.23 2.57 -3.93
N ILE A 145 -8.73 1.36 -3.95
CA ILE A 145 -7.89 0.20 -4.33
C ILE A 145 -8.00 0.00 -5.84
N VAL A 146 -7.04 -0.72 -6.41
CA VAL A 146 -6.98 -0.93 -7.87
C VAL A 146 -8.23 -1.61 -8.45
N PHE A 147 -8.93 -2.39 -7.65
CA PHE A 147 -10.13 -3.10 -8.09
C PHE A 147 -11.40 -2.28 -7.90
N ALA A 148 -11.24 -1.15 -7.22
CA ALA A 148 -12.33 -0.27 -6.81
C ALA A 148 -13.32 -1.06 -5.93
N ALA A 149 -14.55 -0.56 -5.85
CA ALA A 149 -15.63 -1.16 -5.04
C ALA A 149 -15.25 -1.33 -3.56
N ALA A 150 -14.35 -0.50 -3.05
CA ALA A 150 -13.96 -0.57 -1.65
C ALA A 150 -15.16 -0.18 -0.78
N THR A 151 -15.44 -1.00 0.21
CA THR A 151 -16.56 -0.76 1.13
C THR A 151 -16.22 0.44 2.03
N PRO A 152 -17.24 1.24 2.41
CA PRO A 152 -16.93 2.30 3.37
C PRO A 152 -16.69 1.72 4.77
N GLY A 153 -16.16 2.54 5.67
CA GLY A 153 -15.91 2.15 7.03
C GLY A 153 -15.40 3.40 7.72
CA CA B . 16.17 1.27 -1.23
CA CA C . 6.56 15.35 -5.50
CA CA D . 11.71 -1.18 -0.64
CA CA E . 2.40 14.15 -3.47
CA CA F . 7.33 -2.83 -0.20
CA CA G . -2.21 12.92 -1.51
#